data_9P8Z
#
_entry.id   9P8Z
#
_cell.length_a   87.547
_cell.length_b   109.121
_cell.length_c   122.548
_cell.angle_alpha   89.11
_cell.angle_beta   88.12
_cell.angle_gamma   77.95
#
_symmetry.space_group_name_H-M   'P 1'
#
loop_
_entity.id
_entity.type
_entity.pdbx_description
1 polymer 'GTP cyclohydrolase 1'
2 non-polymer 'ZINC ION'
3 non-polymer 'CHLORIDE ION'
4 water water
#
_entity_poly.entity_id   1
_entity_poly.type   'polypeptide(L)'
_entity_poly.pdbx_seq_one_letter_code
;MAHHHHHHMGTLEAQTQGPGSMSQLDSRSASARIRVFDQQRAEAAVRELLYAIGEDPDRDGLVATPSRVARSYREMFAGL
YTDPDSVLNTMFDEDHDELVLVKEIPMYSTCEHHLVAFHGVAHVGYIPGDDGRVTGLSKIARLVDLYAKRPQVQERLTSQ
IADALMKKLDPRGVIVVIEAEHLCMAMRGVRKPGSVTTTSAVRGLFKTNAASRAEALDLILRK
;
_entity_poly.pdbx_strand_id   A,B,C,D,E,F,G,H,I,J,K,L,M,N,O,P,Q,R,S,T
#
loop_
_chem_comp.id
_chem_comp.type
_chem_comp.name
_chem_comp.formula
CL non-polymer 'CHLORIDE ION' 'Cl -1'
ZN non-polymer 'ZINC ION' 'Zn 2'
#
# COMPACT_ATOMS: atom_id res chain seq x y z
N ARG A 35 9.02 -86.96 -33.48
CA ARG A 35 8.45 -85.64 -33.21
C ARG A 35 9.02 -84.60 -34.17
N VAL A 36 9.12 -85.00 -35.45
CA VAL A 36 9.63 -84.08 -36.47
C VAL A 36 8.73 -82.86 -36.64
N PHE A 37 9.34 -81.77 -37.12
CA PHE A 37 8.59 -80.59 -37.54
C PHE A 37 8.44 -80.62 -39.06
N ASP A 38 7.20 -80.72 -39.53
CA ASP A 38 6.90 -80.77 -40.96
C ASP A 38 6.50 -79.36 -41.38
N GLN A 39 7.49 -78.57 -41.80
CA GLN A 39 7.23 -77.17 -42.12
C GLN A 39 6.24 -77.05 -43.28
N GLN A 40 6.43 -77.84 -44.34
CA GLN A 40 5.54 -77.75 -45.49
C GLN A 40 4.10 -78.07 -45.09
N ARG A 41 3.92 -79.07 -44.23
CA ARG A 41 2.59 -79.40 -43.74
C ARG A 41 2.00 -78.26 -42.92
N ALA A 42 2.83 -77.60 -42.09
CA ALA A 42 2.34 -76.49 -41.29
C ALA A 42 1.92 -75.32 -42.17
N GLU A 43 2.72 -74.99 -43.19
CA GLU A 43 2.37 -73.88 -44.07
C GLU A 43 1.05 -74.15 -44.79
N ALA A 44 0.85 -75.38 -45.25
CA ALA A 44 -0.40 -75.73 -45.91
C ALA A 44 -1.57 -75.54 -44.96
N ALA A 45 -1.42 -75.95 -43.70
CA ALA A 45 -2.48 -75.77 -42.73
C ALA A 45 -2.79 -74.30 -42.50
N VAL A 46 -1.76 -73.45 -42.44
CA VAL A 46 -1.99 -72.03 -42.19
C VAL A 46 -2.74 -71.41 -43.36
N ARG A 47 -2.38 -71.79 -44.59
CA ARG A 47 -3.10 -71.26 -45.74
C ARG A 47 -4.55 -71.71 -45.72
N GLU A 48 -4.80 -72.97 -45.35
CA GLU A 48 -6.18 -73.45 -45.21
C GLU A 48 -6.92 -72.67 -44.14
N LEU A 49 -6.22 -72.33 -43.06
CA LEU A 49 -6.82 -71.56 -41.98
C LEU A 49 -7.24 -70.18 -42.47
N LEU A 50 -6.40 -69.56 -43.32
CA LEU A 50 -6.74 -68.25 -43.85
C LEU A 50 -8.00 -68.33 -44.72
N TYR A 51 -8.10 -69.38 -45.53
CA TYR A 51 -9.34 -69.59 -46.30
C TYR A 51 -10.53 -69.78 -45.37
N ALA A 52 -10.33 -70.53 -44.29
CA ALA A 52 -11.44 -70.85 -43.39
C ALA A 52 -12.03 -69.61 -42.74
N ILE A 53 -11.19 -68.65 -42.34
CA ILE A 53 -11.70 -67.45 -41.69
C ILE A 53 -12.27 -66.44 -42.67
N GLY A 54 -12.21 -66.71 -43.97
CA GLY A 54 -12.74 -65.82 -44.97
C GLY A 54 -11.74 -64.91 -45.63
N GLU A 55 -10.47 -64.99 -45.25
CA GLU A 55 -9.47 -64.12 -45.85
C GLU A 55 -9.07 -64.64 -47.23
N ASP A 56 -8.33 -63.78 -47.96
CA ASP A 56 -7.75 -64.13 -49.24
C ASP A 56 -6.26 -64.37 -49.02
N PRO A 57 -5.77 -65.62 -49.03
CA PRO A 57 -4.35 -65.83 -48.75
C PRO A 57 -3.43 -65.16 -49.75
N ASP A 58 -3.93 -64.84 -50.95
CA ASP A 58 -3.09 -64.28 -51.99
C ASP A 58 -2.92 -62.76 -51.91
N ARG A 59 -3.66 -62.07 -51.05
CA ARG A 59 -3.43 -60.64 -50.92
C ARG A 59 -2.05 -60.39 -50.31
N ASP A 60 -1.52 -59.19 -50.54
CA ASP A 60 -0.11 -58.97 -50.28
C ASP A 60 0.20 -59.02 -48.79
N GLY A 61 -0.79 -58.71 -47.95
CA GLY A 61 -0.59 -58.77 -46.52
C GLY A 61 -0.56 -60.16 -45.93
N LEU A 62 -0.95 -61.18 -46.70
CA LEU A 62 -0.96 -62.55 -46.22
C LEU A 62 -0.16 -63.50 -47.10
N VAL A 63 0.44 -63.01 -48.18
CA VAL A 63 1.17 -63.92 -49.08
C VAL A 63 2.25 -64.66 -48.31
N ALA A 64 3.04 -63.94 -47.52
CA ALA A 64 4.12 -64.53 -46.76
C ALA A 64 3.69 -65.06 -45.40
N THR A 65 2.42 -64.90 -45.03
CA THR A 65 2.00 -65.24 -43.68
C THR A 65 2.13 -66.73 -43.40
N PRO A 66 1.69 -67.64 -44.27
CA PRO A 66 1.85 -69.08 -43.96
C PRO A 66 3.29 -69.48 -43.70
N SER A 67 4.24 -68.92 -44.45
CA SER A 67 5.64 -69.27 -44.23
C SER A 67 6.16 -68.65 -42.94
N ARG A 68 5.74 -67.41 -42.65
CA ARG A 68 6.16 -66.73 -41.42
C ARG A 68 5.58 -67.42 -40.19
N VAL A 69 4.34 -67.89 -40.28
CA VAL A 69 3.72 -68.58 -39.15
C VAL A 69 4.39 -69.92 -38.92
N ALA A 70 4.71 -70.65 -39.99
CA ALA A 70 5.41 -71.91 -39.83
C ALA A 70 6.79 -71.70 -39.21
N ARG A 71 7.52 -70.67 -39.65
CA ARG A 71 8.82 -70.39 -39.08
C ARG A 71 8.71 -70.02 -37.61
N SER A 72 7.73 -69.19 -37.27
CA SER A 72 7.55 -68.81 -35.87
C SER A 72 7.19 -70.02 -35.03
N TYR A 73 6.41 -70.94 -35.60
CA TYR A 73 6.02 -72.14 -34.87
C TYR A 73 7.22 -73.03 -34.56
N ARG A 74 8.23 -73.05 -35.41
CA ARG A 74 9.42 -73.87 -35.16
C ARG A 74 10.09 -73.35 -33.88
N GLU A 75 10.17 -72.03 -33.69
CA GLU A 75 10.72 -71.45 -32.47
C GLU A 75 9.75 -71.48 -31.29
N MET A 76 8.45 -71.30 -31.56
CA MET A 76 7.44 -71.28 -30.50
C MET A 76 7.22 -72.66 -29.87
N PHE A 77 7.49 -73.73 -30.61
CA PHE A 77 7.37 -75.09 -30.08
C PHE A 77 8.73 -75.80 -30.08
N ALA A 78 9.80 -75.01 -29.92
CA ALA A 78 11.14 -75.57 -29.93
C ALA A 78 11.36 -76.56 -28.78
N GLY A 79 10.59 -76.44 -27.70
CA GLY A 79 10.77 -77.36 -26.58
C GLY A 79 10.44 -78.80 -26.92
N LEU A 80 9.57 -79.02 -27.89
CA LEU A 80 9.22 -80.38 -28.28
C LEU A 80 10.35 -81.10 -29.00
N TYR A 81 11.34 -80.38 -29.53
CA TYR A 81 12.35 -81.00 -30.37
C TYR A 81 13.68 -81.21 -29.66
N THR A 82 13.91 -80.55 -28.52
CA THR A 82 15.11 -80.74 -27.72
C THR A 82 14.70 -81.00 -26.28
N ASP A 83 15.40 -81.90 -25.61
CA ASP A 83 15.08 -82.26 -24.22
C ASP A 83 15.42 -81.12 -23.27
N PRO A 84 14.45 -80.55 -22.55
CA PRO A 84 14.78 -79.45 -21.62
C PRO A 84 15.75 -79.84 -20.53
N ASP A 85 15.69 -81.08 -20.03
CA ASP A 85 16.49 -81.46 -18.86
C ASP A 85 17.98 -81.48 -19.17
N SER A 86 18.35 -81.75 -20.43
CA SER A 86 19.75 -81.90 -20.78
C SER A 86 20.50 -80.57 -20.80
N VAL A 87 19.78 -79.44 -20.75
CA VAL A 87 20.46 -78.15 -20.85
C VAL A 87 21.29 -77.88 -19.59
N LEU A 88 20.85 -78.38 -18.43
CA LEU A 88 21.57 -78.12 -17.19
C LEU A 88 22.95 -78.75 -17.22
N ASN A 89 23.92 -78.03 -16.66
CA ASN A 89 25.31 -78.47 -16.56
C ASN A 89 25.61 -78.84 -15.10
N THR A 90 26.80 -79.40 -14.90
CA THR A 90 27.21 -79.92 -13.60
C THR A 90 28.22 -78.96 -12.98
N MET A 91 27.89 -78.46 -11.80
CA MET A 91 28.73 -77.55 -11.04
C MET A 91 28.44 -77.77 -9.57
N PHE A 92 29.37 -77.36 -8.71
CA PHE A 92 29.20 -77.58 -7.29
C PHE A 92 29.51 -76.31 -6.52
N ASP A 93 28.66 -75.98 -5.55
CA ASP A 93 28.87 -74.87 -4.63
C ASP A 93 29.37 -75.44 -3.31
N GLU A 94 30.68 -75.28 -3.05
CA GLU A 94 31.30 -75.81 -1.84
C GLU A 94 31.27 -74.84 -0.67
N ASP A 95 30.92 -73.57 -0.90
CA ASP A 95 30.95 -72.60 0.19
C ASP A 95 29.65 -72.58 1.00
N HIS A 96 28.51 -72.45 0.32
CA HIS A 96 27.25 -72.15 0.96
C HIS A 96 26.19 -73.18 0.55
N ASP A 97 25.18 -73.31 1.41
CA ASP A 97 24.03 -74.17 1.14
C ASP A 97 22.70 -73.44 1.23
N GLU A 98 22.70 -72.11 1.29
CA GLU A 98 21.45 -71.39 1.42
C GLU A 98 20.77 -71.30 0.06
N LEU A 99 19.57 -70.72 0.04
CA LEU A 99 18.78 -70.69 -1.17
C LEU A 99 19.46 -69.96 -2.31
N VAL A 100 19.41 -70.57 -3.49
CA VAL A 100 19.77 -69.96 -4.76
C VAL A 100 18.47 -69.54 -5.42
N LEU A 101 18.28 -68.25 -5.64
CA LEU A 101 17.03 -67.75 -6.19
C LEU A 101 17.30 -67.10 -7.54
N VAL A 102 16.51 -67.49 -8.53
CA VAL A 102 16.61 -66.98 -9.89
C VAL A 102 15.25 -66.40 -10.23
N LYS A 103 15.22 -65.12 -10.60
CA LYS A 103 13.95 -64.41 -10.72
C LYS A 103 13.85 -63.70 -12.06
N GLU A 104 12.61 -63.37 -12.41
CA GLU A 104 12.29 -62.63 -13.63
C GLU A 104 12.85 -63.37 -14.86
N ILE A 105 12.71 -64.69 -14.86
CA ILE A 105 13.09 -65.49 -16.02
C ILE A 105 12.07 -65.27 -17.12
N PRO A 106 12.47 -64.80 -18.30
CA PRO A 106 11.49 -64.64 -19.39
C PRO A 106 10.76 -65.94 -19.66
N MET A 107 9.45 -65.85 -19.80
CA MET A 107 8.59 -67.02 -19.98
C MET A 107 7.58 -66.68 -21.07
N TYR A 108 7.68 -67.37 -22.21
CA TYR A 108 6.69 -67.24 -23.28
C TYR A 108 6.19 -68.63 -23.63
N SER A 109 4.88 -68.84 -23.52
CA SER A 109 4.30 -70.15 -23.73
C SER A 109 2.99 -70.00 -24.53
N THR A 110 2.38 -71.13 -24.85
CA THR A 110 1.16 -71.15 -25.63
C THR A 110 0.17 -72.09 -24.98
N CYS A 111 -1.05 -71.60 -24.77
CA CYS A 111 -2.13 -72.45 -24.28
C CYS A 111 -2.39 -73.57 -25.28
N GLU A 112 -2.44 -74.80 -24.77
CA GLU A 112 -2.66 -75.95 -25.66
C GLU A 112 -4.10 -76.04 -26.14
N HIS A 113 -5.05 -75.46 -25.39
CA HIS A 113 -6.46 -75.58 -25.75
C HIS A 113 -6.84 -74.65 -26.88
N HIS A 114 -6.26 -73.44 -26.94
CA HIS A 114 -6.64 -72.44 -27.91
C HIS A 114 -5.49 -71.97 -28.79
N LEU A 115 -4.29 -72.47 -28.57
CA LEU A 115 -3.11 -72.04 -29.31
C LEU A 115 -2.97 -70.53 -29.26
N VAL A 116 -3.18 -69.96 -28.07
CA VAL A 116 -3.04 -68.53 -27.83
C VAL A 116 -1.97 -68.34 -26.76
N ALA A 117 -1.14 -67.33 -26.95
CA ALA A 117 0.00 -67.12 -26.07
C ALA A 117 -0.45 -66.66 -24.68
N PHE A 118 0.26 -67.13 -23.65
CA PHE A 118 0.26 -66.52 -22.33
C PHE A 118 1.71 -66.30 -21.94
N HIS A 119 2.03 -65.08 -21.48
CA HIS A 119 3.41 -64.66 -21.30
C HIS A 119 3.61 -63.96 -19.97
N GLY A 120 4.80 -64.15 -19.40
CA GLY A 120 5.14 -63.54 -18.12
C GLY A 120 6.55 -63.84 -17.68
N VAL A 121 6.72 -64.18 -16.41
CA VAL A 121 8.03 -64.48 -15.84
C VAL A 121 7.95 -65.74 -14.98
N ALA A 122 9.11 -66.34 -14.74
CA ALA A 122 9.24 -67.49 -13.86
C ALA A 122 10.28 -67.24 -12.79
N HIS A 123 10.06 -67.84 -11.62
CA HIS A 123 10.96 -67.70 -10.48
C HIS A 123 11.31 -69.08 -9.97
N VAL A 124 12.61 -69.39 -9.91
CA VAL A 124 13.09 -70.71 -9.51
C VAL A 124 13.99 -70.55 -8.30
N GLY A 125 13.70 -71.27 -7.23
CA GLY A 125 14.56 -71.27 -6.07
C GLY A 125 14.87 -72.68 -5.60
N TYR A 126 16.14 -73.01 -5.40
CA TYR A 126 16.51 -74.35 -4.96
C TYR A 126 17.56 -74.29 -3.87
N ILE A 127 17.47 -75.26 -2.95
CA ILE A 127 18.40 -75.43 -1.83
C ILE A 127 19.37 -76.54 -2.20
N PRO A 128 20.67 -76.25 -2.37
CA PRO A 128 21.62 -77.32 -2.72
C PRO A 128 21.67 -78.39 -1.64
N GLY A 129 21.90 -79.62 -2.07
CA GLY A 129 22.06 -80.73 -1.15
C GLY A 129 23.42 -80.69 -0.47
N ASP A 130 23.72 -81.78 0.25
CA ASP A 130 25.03 -81.89 0.89
C ASP A 130 26.14 -81.87 -0.15
N ASP A 131 25.92 -82.53 -1.27
CA ASP A 131 26.86 -82.54 -2.39
C ASP A 131 27.07 -81.15 -2.98
N GLY A 132 26.17 -80.22 -2.73
CA GLY A 132 26.31 -78.88 -3.24
C GLY A 132 26.01 -78.69 -4.70
N ARG A 133 25.33 -79.64 -5.35
CA ARG A 133 25.10 -79.53 -6.78
C ARG A 133 24.27 -78.28 -7.11
N VAL A 134 24.73 -77.52 -8.11
CA VAL A 134 24.07 -76.30 -8.58
C VAL A 134 24.17 -76.27 -10.10
N THR A 135 23.60 -75.23 -10.70
CA THR A 135 23.64 -75.06 -12.15
C THR A 135 23.62 -73.58 -12.47
N GLY A 136 23.97 -73.25 -13.72
CA GLY A 136 24.04 -71.86 -14.13
C GLY A 136 22.66 -71.22 -14.22
N LEU A 137 22.63 -69.90 -14.00
CA LEU A 137 21.35 -69.19 -14.12
C LEU A 137 20.81 -69.28 -15.54
N SER A 138 21.69 -69.10 -16.54
CA SER A 138 21.24 -69.19 -17.93
C SER A 138 20.69 -70.58 -18.24
N LYS A 139 21.25 -71.62 -17.62
CA LYS A 139 20.73 -72.96 -17.85
C LYS A 139 19.34 -73.14 -17.23
N ILE A 140 19.12 -72.56 -16.04
CA ILE A 140 17.77 -72.59 -15.49
C ILE A 140 16.82 -71.84 -16.41
N ALA A 141 17.28 -70.72 -16.96
CA ALA A 141 16.46 -69.96 -17.90
C ALA A 141 16.15 -70.80 -19.14
N ARG A 142 17.14 -71.56 -19.62
CA ARG A 142 16.93 -72.41 -20.79
C ARG A 142 15.98 -73.56 -20.51
N LEU A 143 16.06 -74.15 -19.32
CA LEU A 143 15.12 -75.21 -18.96
C LEU A 143 13.70 -74.68 -18.90
N VAL A 144 13.51 -73.52 -18.26
CA VAL A 144 12.19 -72.91 -18.20
C VAL A 144 11.68 -72.62 -19.61
N ASP A 145 12.57 -72.11 -20.47
CA ASP A 145 12.14 -71.74 -21.81
C ASP A 145 11.62 -72.94 -22.59
N LEU A 146 12.32 -74.08 -22.51
CA LEU A 146 11.93 -75.21 -23.36
C LEU A 146 10.66 -75.89 -22.86
N TYR A 147 10.49 -76.03 -21.55
CA TYR A 147 9.21 -76.53 -21.06
C TYR A 147 8.09 -75.55 -21.42
N ALA A 148 8.39 -74.26 -21.44
CA ALA A 148 7.40 -73.26 -21.79
C ALA A 148 7.12 -73.22 -23.29
N LYS A 149 8.11 -73.60 -24.11
CA LYS A 149 7.98 -73.54 -25.57
C LYS A 149 7.28 -74.80 -26.08
N ARG A 150 6.07 -75.00 -25.59
CA ARG A 150 5.28 -76.18 -25.94
C ARG A 150 3.82 -75.82 -25.84
N PRO A 151 2.93 -76.60 -26.44
CA PRO A 151 1.51 -76.51 -26.06
C PRO A 151 1.38 -76.89 -24.59
N GLN A 152 0.96 -75.92 -23.79
CA GLN A 152 1.08 -76.04 -22.34
C GLN A 152 -0.17 -75.55 -21.65
N VAL A 153 -0.29 -75.96 -20.38
CA VAL A 153 -1.14 -75.31 -19.40
C VAL A 153 -0.19 -74.87 -18.29
N GLN A 154 -0.37 -73.64 -17.80
CA GLN A 154 0.65 -73.02 -16.95
C GLN A 154 1.00 -73.95 -15.76
N GLU A 155 -0.01 -74.59 -15.19
CA GLU A 155 0.16 -75.42 -13.97
C GLU A 155 1.00 -76.66 -14.29
N ARG A 156 0.84 -77.28 -15.45
CA ARG A 156 1.76 -78.35 -15.80
C ARG A 156 3.18 -77.81 -15.98
N LEU A 157 3.29 -76.64 -16.59
CA LEU A 157 4.59 -76.03 -16.83
C LEU A 157 5.34 -75.80 -15.52
N THR A 158 4.64 -75.31 -14.50
CA THR A 158 5.27 -75.07 -13.21
C THR A 158 5.75 -76.38 -12.60
N SER A 159 4.91 -77.41 -12.64
CA SER A 159 5.27 -78.69 -12.04
C SER A 159 6.41 -79.37 -12.79
N GLN A 160 6.40 -79.29 -14.11
CA GLN A 160 7.47 -79.93 -14.88
C GLN A 160 8.82 -79.29 -14.61
N ILE A 161 8.86 -77.97 -14.49
CA ILE A 161 10.12 -77.28 -14.19
C ILE A 161 10.66 -77.74 -12.85
N ALA A 162 9.77 -77.81 -11.84
CA ALA A 162 10.21 -78.23 -10.51
C ALA A 162 10.72 -79.66 -10.54
N ASP A 163 10.03 -80.54 -11.27
CA ASP A 163 10.43 -81.95 -11.33
C ASP A 163 11.81 -82.10 -11.98
N ALA A 164 12.05 -81.35 -13.06
CA ALA A 164 13.32 -81.48 -13.76
C ALA A 164 14.49 -81.06 -12.87
N LEU A 165 14.33 -79.97 -12.13
CA LEU A 165 15.36 -79.53 -11.22
C LEU A 165 15.59 -80.53 -10.09
N MET A 166 14.51 -81.13 -9.59
CA MET A 166 14.63 -82.12 -8.53
C MET A 166 15.51 -83.28 -8.96
N LYS A 167 15.28 -83.80 -10.18
CA LYS A 167 16.02 -84.96 -10.66
C LYS A 167 17.50 -84.63 -10.88
N LYS A 168 17.79 -83.48 -11.46
CA LYS A 168 19.14 -83.23 -11.97
C LYS A 168 20.08 -82.75 -10.88
N LEU A 169 19.59 -81.88 -9.98
CA LEU A 169 20.42 -81.30 -8.95
C LEU A 169 20.42 -82.11 -7.65
N ASP A 170 19.48 -83.05 -7.50
CA ASP A 170 19.26 -83.75 -6.24
C ASP A 170 19.29 -82.74 -5.09
N PRO A 171 18.49 -81.68 -5.17
CA PRO A 171 18.51 -80.67 -4.11
C PRO A 171 17.65 -81.09 -2.92
N ARG A 172 17.80 -80.36 -1.82
CA ARG A 172 16.94 -80.57 -0.67
C ARG A 172 15.53 -80.06 -0.95
N GLY A 173 15.40 -78.96 -1.70
CA GLY A 173 14.10 -78.41 -2.02
C GLY A 173 14.12 -77.57 -3.27
N VAL A 174 12.93 -77.43 -3.86
CA VAL A 174 12.72 -76.61 -5.06
C VAL A 174 11.40 -75.87 -4.93
N ILE A 175 11.38 -74.64 -5.43
CA ILE A 175 10.15 -73.85 -5.50
C ILE A 175 10.13 -73.13 -6.85
N VAL A 176 9.00 -73.19 -7.55
CA VAL A 176 8.83 -72.52 -8.83
C VAL A 176 7.52 -71.75 -8.82
N VAL A 177 7.56 -70.50 -9.27
CA VAL A 177 6.40 -69.64 -9.35
C VAL A 177 6.36 -68.99 -10.73
N ILE A 178 5.21 -69.04 -11.39
CA ILE A 178 5.04 -68.43 -12.70
C ILE A 178 3.93 -67.40 -12.60
N GLU A 179 4.21 -66.18 -13.07
CA GLU A 179 3.23 -65.10 -13.13
C GLU A 179 3.07 -64.69 -14.59
N ALA A 180 1.95 -65.08 -15.21
CA ALA A 180 1.75 -64.88 -16.64
C ALA A 180 0.39 -64.28 -16.92
N GLU A 181 0.31 -63.56 -18.04
CA GLU A 181 -0.93 -62.96 -18.51
C GLU A 181 -1.56 -63.86 -19.56
N HIS A 182 -2.80 -64.29 -19.32
CA HIS A 182 -3.53 -65.14 -20.24
C HIS A 182 -4.44 -64.28 -21.11
N LEU A 183 -4.46 -64.58 -22.40
CA LEU A 183 -5.19 -63.77 -23.36
C LEU A 183 -6.42 -64.48 -23.92
N CYS A 184 -6.62 -65.76 -23.65
CA CYS A 184 -7.68 -66.50 -24.32
C CYS A 184 -9.04 -65.84 -24.07
N MET A 185 -9.36 -65.59 -22.80
CA MET A 185 -10.67 -65.02 -22.47
C MET A 185 -10.68 -63.51 -22.56
N ALA A 186 -9.55 -62.84 -22.35
CA ALA A 186 -9.50 -61.40 -22.58
C ALA A 186 -9.83 -61.08 -24.03
N MET A 187 -9.37 -61.94 -24.96
CA MET A 187 -9.72 -61.80 -26.36
C MET A 187 -11.22 -61.91 -26.56
N ARG A 188 -11.88 -62.81 -25.83
CA ARG A 188 -13.32 -62.99 -25.96
C ARG A 188 -14.10 -62.08 -25.01
N GLY A 189 -13.55 -60.92 -24.69
CA GLY A 189 -14.13 -60.03 -23.71
C GLY A 189 -14.84 -60.69 -22.56
N VAL A 190 -14.23 -61.71 -21.96
CA VAL A 190 -14.80 -62.38 -20.80
C VAL A 190 -14.10 -61.99 -19.51
N ARG A 191 -12.82 -61.64 -19.57
CA ARG A 191 -12.06 -61.25 -18.40
C ARG A 191 -11.41 -59.90 -18.65
N LYS A 192 -11.06 -59.22 -17.57
CA LYS A 192 -10.42 -57.92 -17.69
C LYS A 192 -9.03 -58.09 -18.30
N PRO A 193 -8.65 -57.23 -19.24
CA PRO A 193 -7.28 -57.29 -19.78
C PRO A 193 -6.27 -56.99 -18.69
N GLY A 194 -5.12 -57.66 -18.78
CA GLY A 194 -4.04 -57.44 -17.85
C GLY A 194 -4.04 -58.35 -16.64
N SER A 195 -5.06 -59.17 -16.45
CA SER A 195 -5.11 -60.05 -15.30
C SER A 195 -3.92 -61.01 -15.33
N VAL A 196 -3.38 -61.30 -14.15
CA VAL A 196 -2.18 -62.12 -14.01
C VAL A 196 -2.56 -63.38 -13.25
N THR A 197 -2.31 -64.54 -13.86
CA THR A 197 -2.48 -65.83 -13.22
C THR A 197 -1.17 -66.24 -12.56
N THR A 198 -1.23 -66.69 -11.31
CA THR A 198 -0.06 -67.12 -10.56
C THR A 198 -0.18 -68.59 -10.19
N THR A 199 0.87 -69.35 -10.47
CA THR A 199 0.93 -70.77 -10.15
C THR A 199 2.23 -71.04 -9.40
N SER A 200 2.21 -72.07 -8.55
CA SER A 200 3.36 -72.41 -7.74
C SER A 200 3.51 -73.92 -7.67
N ALA A 201 4.75 -74.37 -7.50
CA ALA A 201 5.07 -75.77 -7.30
C ALA A 201 6.18 -75.86 -6.27
N VAL A 202 6.01 -76.73 -5.27
CA VAL A 202 6.99 -76.89 -4.20
C VAL A 202 7.36 -78.37 -4.10
N ARG A 203 8.65 -78.62 -3.90
CA ARG A 203 9.17 -79.98 -3.86
C ARG A 203 10.12 -80.10 -2.68
N GLY A 204 10.23 -81.31 -2.15
CA GLY A 204 11.22 -81.55 -1.11
C GLY A 204 11.00 -80.67 0.10
N LEU A 205 12.07 -79.94 0.47
CA LEU A 205 12.07 -79.21 1.74
C LEU A 205 11.01 -78.13 1.76
N PHE A 206 10.78 -77.45 0.64
CA PHE A 206 9.77 -76.40 0.62
C PHE A 206 8.37 -76.97 0.84
N LYS A 207 8.12 -78.22 0.46
CA LYS A 207 6.79 -78.77 0.69
C LYS A 207 6.63 -79.24 2.14
N THR A 208 7.69 -79.76 2.75
CA THR A 208 7.58 -80.32 4.09
C THR A 208 7.66 -79.26 5.18
N ASN A 209 8.37 -78.17 4.93
CA ASN A 209 8.55 -77.09 5.90
C ASN A 209 7.73 -75.91 5.41
N ALA A 210 6.75 -75.48 6.20
CA ALA A 210 5.90 -74.36 5.81
C ALA A 210 6.64 -73.04 5.93
N ALA A 211 7.52 -72.91 6.92
CA ALA A 211 8.30 -71.69 7.05
C ALA A 211 9.23 -71.48 5.86
N SER A 212 9.89 -72.54 5.40
CA SER A 212 10.79 -72.40 4.26
C SER A 212 10.04 -71.97 3.02
N ARG A 213 8.86 -72.56 2.79
CA ARG A 213 8.02 -72.16 1.66
C ARG A 213 7.54 -70.72 1.82
N ALA A 214 7.17 -70.32 3.04
CA ALA A 214 6.67 -68.97 3.25
C ALA A 214 7.75 -67.93 2.97
N GLU A 215 8.98 -68.19 3.43
CA GLU A 215 10.09 -67.26 3.20
C GLU A 215 10.41 -67.15 1.72
N ALA A 216 10.51 -68.29 1.04
CA ALA A 216 10.82 -68.26 -0.39
C ALA A 216 9.74 -67.53 -1.17
N LEU A 217 8.48 -67.79 -0.84
CA LEU A 217 7.38 -67.12 -1.53
C LEU A 217 7.44 -65.61 -1.33
N ASP A 218 7.72 -65.18 -0.11
CA ASP A 218 7.82 -63.74 0.16
C ASP A 218 8.92 -63.09 -0.68
N LEU A 219 10.07 -63.75 -0.79
CA LEU A 219 11.17 -63.18 -1.56
C LEU A 219 10.80 -63.06 -3.03
N ILE A 220 10.07 -64.05 -3.55
CA ILE A 220 9.72 -64.05 -4.98
C ILE A 220 8.74 -62.93 -5.29
N LEU A 221 7.74 -62.71 -4.44
CA LEU A 221 6.76 -61.67 -4.74
C LEU A 221 7.34 -60.28 -4.51
N ARG A 222 8.24 -60.12 -3.55
CA ARG A 222 8.90 -58.84 -3.36
C ARG A 222 9.63 -58.43 -4.63
N LYS A 223 9.44 -57.18 -5.05
CA LYS A 223 10.03 -56.69 -6.29
C LYS A 223 11.55 -56.72 -6.23
N ARG B 35 40.81 -72.54 -28.60
CA ARG B 35 41.75 -72.84 -27.53
C ARG B 35 41.22 -73.97 -26.65
N VAL B 36 42.09 -74.53 -25.80
CA VAL B 36 41.70 -75.55 -24.83
C VAL B 36 42.36 -75.24 -23.50
N PHE B 37 41.75 -75.72 -22.42
CA PHE B 37 42.14 -75.43 -21.05
C PHE B 37 42.93 -76.62 -20.50
N ASP B 38 44.16 -76.36 -20.07
CA ASP B 38 44.99 -77.40 -19.45
C ASP B 38 44.73 -77.39 -17.95
N GLN B 39 43.94 -78.36 -17.49
CA GLN B 39 43.57 -78.38 -16.07
C GLN B 39 44.77 -78.69 -15.19
N GLN B 40 45.55 -79.72 -15.54
CA GLN B 40 46.66 -80.11 -14.68
C GLN B 40 47.67 -78.98 -14.55
N ARG B 41 47.93 -78.26 -15.63
CA ARG B 41 48.84 -77.12 -15.58
C ARG B 41 48.30 -76.03 -14.66
N ALA B 42 46.99 -75.76 -14.74
CA ALA B 42 46.39 -74.74 -13.88
C ALA B 42 46.48 -75.14 -12.41
N GLU B 43 46.16 -76.40 -12.10
CA GLU B 43 46.18 -76.84 -10.71
C GLU B 43 47.59 -76.76 -10.13
N ALA B 44 48.60 -77.14 -10.92
CA ALA B 44 49.99 -77.04 -10.47
C ALA B 44 50.36 -75.60 -10.18
N ALA B 45 49.89 -74.68 -11.03
CA ALA B 45 50.17 -73.27 -10.80
C ALA B 45 49.57 -72.80 -9.48
N VAL B 46 48.36 -73.25 -9.17
CA VAL B 46 47.72 -72.83 -7.93
C VAL B 46 48.45 -73.38 -6.72
N ARG B 47 48.90 -74.64 -6.79
CA ARG B 47 49.66 -75.20 -5.68
C ARG B 47 50.95 -74.44 -5.46
N GLU B 48 51.63 -74.06 -6.56
CA GLU B 48 52.82 -73.21 -6.44
C GLU B 48 52.47 -71.86 -5.84
N LEU B 49 51.31 -71.31 -6.20
CA LEU B 49 50.91 -70.03 -5.66
C LEU B 49 50.68 -70.11 -4.15
N LEU B 50 50.07 -71.19 -3.68
CA LEU B 50 49.83 -71.36 -2.25
C LEU B 50 51.14 -71.49 -1.48
N TYR B 51 52.11 -72.24 -2.03
CA TYR B 51 53.43 -72.31 -1.40
C TYR B 51 54.08 -70.93 -1.37
N ALA B 52 53.96 -70.18 -2.47
CA ALA B 52 54.64 -68.90 -2.56
C ALA B 52 54.13 -67.92 -1.50
N ILE B 53 52.82 -67.89 -1.27
CA ILE B 53 52.24 -66.95 -0.31
C ILE B 53 52.43 -67.38 1.13
N GLY B 54 53.05 -68.54 1.38
CA GLY B 54 53.33 -68.98 2.72
C GLY B 54 52.32 -69.94 3.32
N GLU B 55 51.25 -70.27 2.60
CA GLU B 55 50.26 -71.20 3.09
C GLU B 55 50.75 -72.64 2.93
N ASP B 56 50.04 -73.56 3.55
CA ASP B 56 50.33 -74.98 3.41
C ASP B 56 49.28 -75.61 2.49
N PRO B 57 49.61 -75.95 1.25
CA PRO B 57 48.58 -76.51 0.36
C PRO B 57 47.98 -77.81 0.88
N ASP B 58 48.66 -78.50 1.79
CA ASP B 58 48.19 -79.78 2.29
C ASP B 58 47.17 -79.67 3.42
N ARG B 59 46.96 -78.48 3.99
CA ARG B 59 45.96 -78.35 5.04
C ARG B 59 44.56 -78.57 4.48
N ASP B 60 43.61 -78.83 5.39
CA ASP B 60 42.32 -79.34 4.95
C ASP B 60 41.55 -78.32 4.13
N GLY B 61 41.68 -77.04 4.46
CA GLY B 61 40.96 -76.03 3.71
C GLY B 61 41.49 -75.82 2.31
N LEU B 62 42.74 -76.18 2.05
CA LEU B 62 43.39 -75.90 0.78
C LEU B 62 43.73 -77.15 -0.02
N VAL B 63 43.40 -78.34 0.47
CA VAL B 63 43.76 -79.56 -0.25
C VAL B 63 43.00 -79.62 -1.58
N ALA B 64 41.77 -79.14 -1.60
CA ALA B 64 40.94 -79.14 -2.80
C ALA B 64 40.91 -77.79 -3.50
N THR B 65 41.64 -76.81 -2.98
CA THR B 65 41.59 -75.46 -3.53
C THR B 65 42.15 -75.42 -4.95
N PRO B 66 43.29 -76.06 -5.22
CA PRO B 66 43.82 -76.00 -6.60
C PRO B 66 42.85 -76.51 -7.66
N SER B 67 42.11 -77.58 -7.36
CA SER B 67 41.14 -78.08 -8.33
C SER B 67 39.93 -77.16 -8.44
N ARG B 68 39.47 -76.63 -7.30
CA ARG B 68 38.32 -75.73 -7.32
C ARG B 68 38.64 -74.45 -8.07
N VAL B 69 39.86 -73.95 -7.93
CA VAL B 69 40.26 -72.74 -8.65
C VAL B 69 40.33 -73.00 -10.15
N ALA B 70 40.84 -74.17 -10.55
CA ALA B 70 40.90 -74.51 -11.97
C ALA B 70 39.51 -74.58 -12.57
N ARG B 71 38.54 -75.17 -11.87
CA ARG B 71 37.18 -75.20 -12.39
C ARG B 71 36.61 -73.79 -12.49
N SER B 72 36.91 -72.93 -11.51
CA SER B 72 36.43 -71.54 -11.59
C SER B 72 37.03 -70.82 -12.78
N TYR B 73 38.31 -71.06 -13.08
CA TYR B 73 38.92 -70.46 -14.25
C TYR B 73 38.31 -70.99 -15.54
N ARG B 74 37.84 -72.24 -15.53
CA ARG B 74 37.27 -72.81 -16.75
C ARG B 74 36.01 -72.05 -17.16
N GLU B 75 35.15 -71.72 -16.19
CA GLU B 75 33.95 -70.93 -16.47
C GLU B 75 34.27 -69.45 -16.64
N MET B 76 35.27 -68.96 -15.90
CA MET B 76 35.63 -67.55 -15.92
C MET B 76 36.28 -67.15 -17.24
N PHE B 77 36.95 -68.07 -17.92
CA PHE B 77 37.57 -67.76 -19.19
C PHE B 77 36.98 -68.62 -20.32
N ALA B 78 35.69 -68.96 -20.18
CA ALA B 78 35.02 -69.78 -21.19
C ALA B 78 34.99 -69.11 -22.56
N GLY B 79 35.06 -67.78 -22.61
CA GLY B 79 35.04 -67.11 -23.90
C GLY B 79 36.23 -67.43 -24.77
N LEU B 80 37.36 -67.76 -24.16
CA LEU B 80 38.55 -68.12 -24.93
C LEU B 80 38.38 -69.47 -25.61
N TYR B 81 37.44 -70.28 -25.15
CA TYR B 81 37.26 -71.66 -25.61
C TYR B 81 36.09 -71.82 -26.56
N THR B 82 35.22 -70.82 -26.64
CA THR B 82 34.08 -70.84 -27.56
C THR B 82 34.13 -69.57 -28.40
N ASP B 83 33.85 -69.72 -29.69
CA ASP B 83 33.85 -68.56 -30.57
C ASP B 83 32.63 -67.70 -30.29
N PRO B 84 32.79 -66.45 -29.84
CA PRO B 84 31.61 -65.61 -29.60
C PRO B 84 30.78 -65.39 -30.85
N ASP B 85 31.42 -65.32 -32.01
CA ASP B 85 30.73 -64.96 -33.25
C ASP B 85 29.77 -66.05 -33.72
N SER B 86 30.07 -67.31 -33.43
CA SER B 86 29.27 -68.42 -33.94
C SER B 86 27.93 -68.59 -33.23
N VAL B 87 27.74 -67.98 -32.06
CA VAL B 87 26.53 -68.21 -31.29
C VAL B 87 25.31 -67.58 -31.93
N LEU B 88 25.46 -66.45 -32.61
CA LEU B 88 24.33 -65.71 -33.15
C LEU B 88 23.61 -66.57 -34.20
N ASN B 89 22.28 -66.53 -34.17
CA ASN B 89 21.44 -67.26 -35.12
C ASN B 89 20.82 -66.29 -36.12
N THR B 90 20.20 -66.85 -37.15
CA THR B 90 19.66 -66.06 -38.27
C THR B 90 18.14 -66.02 -38.20
N MET B 91 17.58 -64.81 -38.16
CA MET B 91 16.14 -64.59 -38.10
C MET B 91 15.83 -63.25 -38.76
N PHE B 92 14.57 -63.05 -39.10
CA PHE B 92 14.16 -61.87 -39.83
C PHE B 92 12.97 -61.21 -39.15
N ASP B 93 13.04 -59.88 -39.01
CA ASP B 93 11.97 -59.10 -38.39
C ASP B 93 11.14 -58.50 -39.53
N GLU B 94 9.96 -59.06 -39.76
CA GLU B 94 9.12 -58.64 -40.88
C GLU B 94 8.15 -57.53 -40.53
N ASP B 95 7.90 -57.27 -39.24
CA ASP B 95 6.91 -56.26 -38.87
C ASP B 95 7.50 -54.86 -38.76
N HIS B 96 8.61 -54.72 -38.03
CA HIS B 96 9.07 -53.42 -37.58
C HIS B 96 10.51 -53.20 -38.03
N ASP B 97 10.89 -51.92 -38.11
CA ASP B 97 12.27 -51.53 -38.39
C ASP B 97 12.84 -50.61 -37.32
N GLU B 98 12.14 -50.45 -36.20
CA GLU B 98 12.58 -49.55 -35.13
C GLU B 98 13.65 -50.22 -34.28
N LEU B 99 14.18 -49.46 -33.32
CA LEU B 99 15.27 -49.94 -32.50
C LEU B 99 14.88 -51.19 -31.73
N VAL B 100 15.76 -52.18 -31.74
CA VAL B 100 15.68 -53.35 -30.87
C VAL B 100 16.63 -53.06 -29.72
N LEU B 101 16.11 -52.98 -28.50
CA LEU B 101 16.90 -52.59 -27.34
C LEU B 101 16.95 -53.73 -26.33
N VAL B 102 18.16 -54.04 -25.88
CA VAL B 102 18.41 -55.12 -24.94
C VAL B 102 19.11 -54.52 -23.73
N LYS B 103 18.54 -54.71 -22.54
CA LYS B 103 19.04 -54.05 -21.34
C LYS B 103 19.23 -55.06 -20.23
N GLU B 104 20.08 -54.68 -19.28
CA GLU B 104 20.38 -55.48 -18.11
C GLU B 104 20.87 -56.87 -18.52
N ILE B 105 21.70 -56.93 -19.55
CA ILE B 105 22.33 -58.19 -19.93
C ILE B 105 23.41 -58.52 -18.91
N PRO B 106 23.38 -59.69 -18.26
CA PRO B 106 24.45 -60.00 -17.30
C PRO B 106 25.81 -59.90 -17.97
N MET B 107 26.74 -59.24 -17.29
CA MET B 107 28.10 -59.02 -17.79
C MET B 107 29.04 -59.28 -16.62
N TYR B 108 29.78 -60.38 -16.68
CA TYR B 108 30.77 -60.71 -15.67
C TYR B 108 32.09 -60.95 -16.38
N SER B 109 33.12 -60.20 -15.99
CA SER B 109 34.41 -60.26 -16.65
C SER B 109 35.51 -60.22 -15.61
N THR B 110 36.76 -60.28 -16.07
CA THR B 110 37.93 -60.31 -15.23
C THR B 110 38.93 -59.29 -15.77
N CYS B 111 39.41 -58.40 -14.90
CA CYS B 111 40.46 -57.48 -15.30
C CYS B 111 41.72 -58.25 -15.67
N GLU B 112 42.28 -57.94 -16.83
CA GLU B 112 43.46 -58.66 -17.28
C GLU B 112 44.71 -58.25 -16.50
N HIS B 113 44.72 -57.05 -15.92
CA HIS B 113 45.91 -56.56 -15.23
C HIS B 113 46.06 -57.17 -13.85
N HIS B 114 44.95 -57.44 -13.15
CA HIS B 114 44.99 -57.92 -11.78
C HIS B 114 44.28 -59.25 -11.57
N LEU B 115 43.64 -59.81 -12.60
CA LEU B 115 42.86 -61.04 -12.48
C LEU B 115 41.82 -60.91 -11.36
N VAL B 116 41.19 -59.75 -11.29
CA VAL B 116 40.13 -59.46 -10.32
C VAL B 116 38.86 -59.13 -11.08
N ALA B 117 37.73 -59.62 -10.60
CA ALA B 117 36.48 -59.46 -11.33
C ALA B 117 36.00 -58.02 -11.33
N PHE B 118 35.40 -57.62 -12.44
CA PHE B 118 34.53 -56.44 -12.50
C PHE B 118 33.23 -56.87 -13.16
N HIS B 119 32.10 -56.56 -12.51
CA HIS B 119 30.81 -57.12 -12.88
C HIS B 119 29.74 -56.04 -12.93
N GLY B 120 28.78 -56.23 -13.83
CA GLY B 120 27.69 -55.29 -13.98
C GLY B 120 26.67 -55.74 -15.02
N VAL B 121 26.25 -54.82 -15.89
CA VAL B 121 25.28 -55.14 -16.92
C VAL B 121 25.75 -54.54 -18.24
N ALA B 122 25.20 -55.07 -19.34
CA ALA B 122 25.45 -54.54 -20.66
C ALA B 122 24.13 -54.23 -21.34
N HIS B 123 24.16 -53.21 -22.20
CA HIS B 123 22.99 -52.78 -22.94
C HIS B 123 23.35 -52.71 -24.41
N VAL B 124 22.62 -53.44 -25.25
CA VAL B 124 22.88 -53.51 -26.67
C VAL B 124 21.62 -53.07 -27.40
N GLY B 125 21.76 -52.06 -28.26
CA GLY B 125 20.65 -51.62 -29.08
C GLY B 125 21.08 -51.53 -30.53
N TYR B 126 20.32 -52.13 -31.43
CA TYR B 126 20.66 -52.11 -32.85
C TYR B 126 19.43 -51.84 -33.70
N ILE B 127 19.66 -51.16 -34.81
CA ILE B 127 18.65 -50.84 -35.81
C ILE B 127 18.79 -51.85 -36.94
N PRO B 128 17.79 -52.71 -37.19
CA PRO B 128 17.94 -53.71 -38.24
C PRO B 128 18.18 -53.04 -39.59
N GLY B 129 18.94 -53.73 -40.43
CA GLY B 129 19.26 -53.20 -41.74
C GLY B 129 18.07 -53.29 -42.69
N ASP B 130 18.37 -53.00 -43.95
CA ASP B 130 17.34 -53.09 -44.98
C ASP B 130 16.79 -54.50 -45.09
N ASP B 131 17.67 -55.50 -44.98
CA ASP B 131 17.23 -56.90 -45.01
C ASP B 131 16.38 -57.29 -43.81
N GLY B 132 16.35 -56.47 -42.76
CA GLY B 132 15.56 -56.78 -41.59
C GLY B 132 16.19 -57.79 -40.66
N ARG B 133 17.48 -58.08 -40.83
CA ARG B 133 18.13 -59.10 -40.03
C ARG B 133 18.11 -58.75 -38.56
N VAL B 134 17.75 -59.73 -37.73
CA VAL B 134 17.76 -59.62 -36.28
C VAL B 134 18.24 -60.96 -35.71
N THR B 135 18.37 -61.02 -34.39
CA THR B 135 18.81 -62.24 -33.72
C THR B 135 18.25 -62.27 -32.31
N GLY B 136 18.28 -63.45 -31.69
CA GLY B 136 17.66 -63.62 -30.40
C GLY B 136 18.36 -62.89 -29.27
N LEU B 137 17.56 -62.52 -28.26
CA LEU B 137 18.12 -61.87 -27.08
C LEU B 137 19.10 -62.78 -26.35
N SER B 138 18.73 -64.06 -26.18
CA SER B 138 19.65 -64.99 -25.55
C SER B 138 20.95 -65.07 -26.34
N LYS B 139 20.88 -64.83 -27.65
CA LYS B 139 22.07 -64.88 -28.49
C LYS B 139 22.98 -63.67 -28.23
N ILE B 140 22.39 -62.48 -28.08
CA ILE B 140 23.20 -61.33 -27.67
C ILE B 140 23.78 -61.56 -26.28
N ALA B 141 23.00 -62.18 -25.39
CA ALA B 141 23.50 -62.44 -24.05
C ALA B 141 24.71 -63.38 -24.10
N ARG B 142 24.67 -64.39 -24.96
CA ARG B 142 25.79 -65.31 -25.04
C ARG B 142 27.00 -64.63 -25.69
N LEU B 143 26.77 -63.77 -26.69
CA LEU B 143 27.88 -63.03 -27.29
C LEU B 143 28.54 -62.10 -26.27
N VAL B 144 27.73 -61.39 -25.49
CA VAL B 144 28.28 -60.55 -24.43
C VAL B 144 29.03 -61.41 -23.43
N ASP B 145 28.46 -62.56 -23.05
CA ASP B 145 29.09 -63.40 -22.05
C ASP B 145 30.44 -63.93 -22.53
N LEU B 146 30.52 -64.33 -23.80
CA LEU B 146 31.73 -64.97 -24.29
C LEU B 146 32.87 -63.96 -24.45
N TYR B 147 32.58 -62.76 -24.95
CA TYR B 147 33.61 -61.72 -24.96
C TYR B 147 33.99 -61.30 -23.54
N ALA B 148 33.03 -61.29 -22.63
CA ALA B 148 33.29 -60.85 -21.26
C ALA B 148 34.05 -61.91 -20.46
N LYS B 149 33.88 -63.18 -20.79
CA LYS B 149 34.51 -64.27 -20.04
C LYS B 149 35.94 -64.48 -20.55
N ARG B 150 36.75 -63.44 -20.43
CA ARG B 150 38.13 -63.43 -20.89
C ARG B 150 38.91 -62.46 -20.01
N PRO B 151 40.24 -62.52 -20.06
CA PRO B 151 41.04 -61.40 -19.53
C PRO B 151 40.74 -60.15 -20.34
N GLN B 152 40.15 -59.14 -19.69
CA GLN B 152 39.54 -58.03 -20.42
C GLN B 152 39.83 -56.70 -19.74
N VAL B 153 39.68 -55.63 -20.53
CA VAL B 153 39.54 -54.26 -20.04
C VAL B 153 38.22 -53.73 -20.60
N GLN B 154 37.46 -53.02 -19.76
CA GLN B 154 36.06 -52.75 -20.08
C GLN B 154 35.91 -52.08 -21.45
N GLU B 155 36.78 -51.14 -21.78
CA GLU B 155 36.66 -50.44 -23.07
C GLU B 155 36.86 -51.40 -24.24
N ARG B 156 37.84 -52.30 -24.16
CA ARG B 156 38.02 -53.26 -25.24
C ARG B 156 36.79 -54.16 -25.35
N LEU B 157 36.22 -54.56 -24.21
CA LEU B 157 35.06 -55.44 -24.22
C LEU B 157 33.89 -54.80 -24.93
N THR B 158 33.65 -53.51 -24.68
CA THR B 158 32.54 -52.83 -25.33
C THR B 158 32.74 -52.75 -26.83
N SER B 159 33.97 -52.43 -27.27
CA SER B 159 34.24 -52.30 -28.69
C SER B 159 34.09 -53.65 -29.40
N GLN B 160 34.53 -54.73 -28.76
CA GLN B 160 34.46 -56.04 -29.39
C GLN B 160 33.02 -56.47 -29.62
N ILE B 161 32.13 -56.22 -28.64
CA ILE B 161 30.73 -56.58 -28.81
C ILE B 161 30.11 -55.78 -29.96
N ALA B 162 30.37 -54.48 -29.99
CA ALA B 162 29.77 -53.65 -31.04
C ALA B 162 30.23 -54.09 -32.43
N ASP B 163 31.53 -54.38 -32.56
CA ASP B 163 32.06 -54.77 -33.86
C ASP B 163 31.48 -56.10 -34.33
N ALA B 164 31.34 -57.06 -33.42
CA ALA B 164 30.80 -58.36 -33.81
C ALA B 164 29.36 -58.23 -34.29
N LEU B 165 28.56 -57.41 -33.59
CA LEU B 165 27.17 -57.20 -34.00
C LEU B 165 27.10 -56.55 -35.38
N MET B 166 27.98 -55.59 -35.63
CA MET B 166 28.02 -54.95 -36.94
C MET B 166 28.29 -55.97 -38.05
N LYS B 167 29.25 -56.88 -37.82
CA LYS B 167 29.65 -57.83 -38.86
C LYS B 167 28.53 -58.81 -39.20
N LYS B 168 27.87 -59.34 -38.19
CA LYS B 168 26.99 -60.49 -38.38
C LYS B 168 25.58 -60.09 -38.80
N LEU B 169 25.07 -58.99 -38.24
CA LEU B 169 23.67 -58.62 -38.40
C LEU B 169 23.38 -57.71 -39.59
N ASP B 170 24.37 -57.11 -40.23
CA ASP B 170 24.15 -56.06 -41.22
C ASP B 170 23.16 -55.03 -40.66
N PRO B 171 23.43 -54.45 -39.51
CA PRO B 171 22.56 -53.38 -39.04
C PRO B 171 22.96 -52.02 -39.63
N ARG B 172 22.04 -51.05 -39.51
CA ARG B 172 22.38 -49.68 -39.87
C ARG B 172 23.29 -49.06 -38.81
N GLY B 173 23.04 -49.37 -37.54
CA GLY B 173 23.83 -48.84 -36.44
C GLY B 173 23.76 -49.76 -35.25
N VAL B 174 24.77 -49.67 -34.39
CA VAL B 174 24.83 -50.46 -33.17
C VAL B 174 25.37 -49.57 -32.06
N ILE B 175 24.84 -49.77 -30.84
CA ILE B 175 25.32 -49.06 -29.66
C ILE B 175 25.38 -50.04 -28.50
N VAL B 176 26.47 -50.00 -27.73
CA VAL B 176 26.71 -50.88 -26.61
C VAL B 176 27.14 -50.04 -25.41
N VAL B 177 26.55 -50.31 -24.25
CA VAL B 177 26.89 -49.63 -23.01
C VAL B 177 27.09 -50.68 -21.92
N ILE B 178 28.20 -50.57 -21.19
CA ILE B 178 28.51 -51.48 -20.08
C ILE B 178 28.65 -50.62 -18.81
N GLU B 179 27.93 -51.01 -17.78
CA GLU B 179 27.96 -50.37 -16.46
C GLU B 179 28.42 -51.41 -15.45
N ALA B 180 29.68 -51.30 -15.00
CA ALA B 180 30.26 -52.33 -14.16
C ALA B 180 30.95 -51.75 -12.92
N GLU B 181 31.02 -52.57 -11.88
CA GLU B 181 31.71 -52.26 -10.64
C GLU B 181 33.09 -52.93 -10.64
N HIS B 182 34.14 -52.14 -10.48
CA HIS B 182 35.50 -52.64 -10.43
C HIS B 182 35.99 -52.76 -8.99
N LEU B 183 36.68 -53.87 -8.70
CA LEU B 183 37.16 -54.16 -7.36
C LEU B 183 38.67 -54.06 -7.22
N CYS B 184 39.40 -53.82 -8.31
CA CYS B 184 40.85 -53.90 -8.25
C CYS B 184 41.42 -52.96 -7.20
N MET B 185 40.98 -51.70 -7.21
CA MET B 185 41.54 -50.72 -6.29
C MET B 185 40.87 -50.80 -4.92
N ALA B 186 39.62 -51.25 -4.88
CA ALA B 186 38.96 -51.50 -3.60
C ALA B 186 39.68 -52.57 -2.81
N MET B 187 40.19 -53.59 -3.50
CA MET B 187 40.94 -54.66 -2.83
C MET B 187 42.17 -54.11 -2.13
N ARG B 188 42.87 -53.16 -2.76
CA ARG B 188 44.05 -52.54 -2.18
C ARG B 188 43.72 -51.33 -1.33
N GLY B 189 42.57 -51.33 -0.67
CA GLY B 189 42.13 -50.21 0.12
C GLY B 189 42.50 -48.84 -0.42
N VAL B 190 42.20 -48.58 -1.69
CA VAL B 190 42.37 -47.25 -2.26
C VAL B 190 41.03 -46.57 -2.52
N ARG B 191 40.00 -47.33 -2.84
CA ARG B 191 38.71 -46.77 -3.23
C ARG B 191 37.59 -47.38 -2.43
N LYS B 192 36.49 -46.64 -2.30
CA LYS B 192 35.28 -47.20 -1.74
C LYS B 192 34.70 -48.21 -2.72
N PRO B 193 34.25 -49.36 -2.25
CA PRO B 193 33.54 -50.28 -3.15
C PRO B 193 32.23 -49.70 -3.64
N GLY B 194 31.82 -50.14 -4.83
CA GLY B 194 30.57 -49.73 -5.44
C GLY B 194 30.66 -48.65 -6.51
N SER B 195 31.84 -48.09 -6.75
CA SER B 195 31.96 -47.13 -7.85
C SER B 195 31.65 -47.85 -9.16
N VAL B 196 30.95 -47.16 -10.06
CA VAL B 196 30.50 -47.78 -11.31
C VAL B 196 31.16 -47.07 -12.49
N THR B 197 31.87 -47.86 -13.30
CA THR B 197 32.44 -47.39 -14.56
C THR B 197 31.45 -47.61 -15.70
N THR B 198 31.29 -46.60 -16.55
CA THR B 198 30.41 -46.68 -17.70
C THR B 198 31.23 -46.49 -18.97
N THR B 199 31.04 -47.38 -19.94
CA THR B 199 31.70 -47.29 -21.23
C THR B 199 30.67 -47.46 -22.33
N SER B 200 30.93 -46.85 -23.48
CA SER B 200 30.01 -46.92 -24.61
C SER B 200 30.80 -47.06 -25.90
N ALA B 201 30.17 -47.70 -26.89
CA ALA B 201 30.73 -47.84 -28.22
C ALA B 201 29.60 -47.67 -29.22
N VAL B 202 29.82 -46.85 -30.24
CA VAL B 202 28.81 -46.58 -31.25
C VAL B 202 29.40 -46.85 -32.63
N ARG B 203 28.63 -47.53 -33.47
CA ARG B 203 29.06 -47.93 -34.81
C ARG B 203 27.93 -47.63 -35.77
N GLY B 204 28.30 -47.39 -37.03
CA GLY B 204 27.29 -47.16 -38.05
C GLY B 204 26.47 -45.91 -37.76
N LEU B 205 25.15 -46.06 -37.75
CA LEU B 205 24.27 -44.89 -37.66
C LEU B 205 24.42 -44.11 -36.37
N PHE B 206 24.56 -44.82 -35.24
CA PHE B 206 24.68 -44.12 -33.96
C PHE B 206 25.96 -43.27 -33.90
N LYS B 207 26.99 -43.66 -34.66
CA LYS B 207 28.23 -42.90 -34.74
C LYS B 207 28.10 -41.70 -35.68
N THR B 208 27.31 -41.82 -36.75
CA THR B 208 27.19 -40.72 -37.70
C THR B 208 26.14 -39.69 -37.27
N ASN B 209 25.11 -40.13 -36.55
CA ASN B 209 24.00 -39.26 -36.15
C ASN B 209 24.11 -38.96 -34.67
N ALA B 210 24.25 -37.68 -34.31
CA ALA B 210 24.33 -37.30 -32.91
C ALA B 210 22.96 -37.35 -32.23
N ALA B 211 21.90 -36.99 -32.96
CA ALA B 211 20.56 -37.05 -32.39
C ALA B 211 20.17 -38.48 -32.04
N SER B 212 20.46 -39.43 -32.93
CA SER B 212 20.08 -40.82 -32.68
C SER B 212 20.81 -41.39 -31.48
N ARG B 213 22.11 -41.11 -31.36
CA ARG B 213 22.84 -41.58 -30.19
C ARG B 213 22.31 -40.93 -28.92
N ALA B 214 21.98 -39.64 -28.97
CA ALA B 214 21.57 -38.93 -27.77
C ALA B 214 20.29 -39.52 -27.17
N GLU B 215 19.29 -39.79 -28.01
CA GLU B 215 18.07 -40.40 -27.51
C GLU B 215 18.35 -41.80 -26.99
N ALA B 216 19.12 -42.59 -27.75
CA ALA B 216 19.41 -43.96 -27.33
C ALA B 216 20.14 -43.99 -26.00
N LEU B 217 21.12 -43.10 -25.81
CA LEU B 217 21.85 -43.08 -24.55
C LEU B 217 20.91 -42.76 -23.39
N ASP B 218 20.00 -41.80 -23.58
CA ASP B 218 19.01 -41.49 -22.55
C ASP B 218 18.15 -42.71 -22.25
N LEU B 219 17.75 -43.43 -23.29
CA LEU B 219 16.92 -44.62 -23.11
C LEU B 219 17.64 -45.70 -22.31
N ILE B 220 18.94 -45.89 -22.58
CA ILE B 220 19.67 -46.98 -21.94
C ILE B 220 19.90 -46.68 -20.46
N LEU B 221 20.24 -45.43 -20.13
CA LEU B 221 20.56 -45.09 -18.75
C LEU B 221 19.31 -45.05 -17.87
N ARG B 222 18.20 -44.52 -18.39
CA ARG B 222 16.97 -44.49 -17.62
C ARG B 222 16.53 -45.91 -17.26
N LYS B 223 16.03 -46.07 -16.04
CA LYS B 223 15.67 -47.38 -15.53
C LYS B 223 14.66 -48.10 -16.42
N ARG C 35 -43.72 -52.43 -19.53
CA ARG C 35 -44.11 -51.03 -19.44
C ARG C 35 -43.90 -50.31 -20.78
N VAL C 36 -44.70 -49.27 -21.02
CA VAL C 36 -44.60 -48.46 -22.22
C VAL C 36 -44.46 -47.01 -21.81
N PHE C 37 -43.86 -46.21 -22.70
CA PHE C 37 -43.57 -44.81 -22.43
C PHE C 37 -44.44 -43.93 -23.32
N ASP C 38 -45.35 -43.17 -22.70
CA ASP C 38 -46.21 -42.24 -23.42
C ASP C 38 -45.55 -40.88 -23.43
N GLN C 39 -45.02 -40.48 -24.59
CA GLN C 39 -44.32 -39.20 -24.68
C GLN C 39 -45.26 -38.03 -24.41
N GLN C 40 -46.47 -38.06 -24.97
CA GLN C 40 -47.36 -36.92 -24.84
C GLN C 40 -47.79 -36.70 -23.40
N ARG C 41 -48.06 -37.78 -22.67
CA ARG C 41 -48.42 -37.62 -21.26
C ARG C 41 -47.26 -37.04 -20.46
N ALA C 42 -46.04 -37.52 -20.72
CA ALA C 42 -44.88 -37.00 -20.00
C ALA C 42 -44.63 -35.55 -20.35
N GLU C 43 -44.73 -35.20 -21.64
CA GLU C 43 -44.46 -33.82 -22.06
C GLU C 43 -45.48 -32.86 -21.46
N ALA C 44 -46.75 -33.24 -21.40
CA ALA C 44 -47.76 -32.38 -20.77
C ALA C 44 -47.43 -32.15 -19.32
N ALA C 45 -46.98 -33.19 -18.61
CA ALA C 45 -46.60 -33.04 -17.22
C ALA C 45 -45.39 -32.12 -17.07
N VAL C 46 -44.41 -32.25 -17.98
CA VAL C 46 -43.18 -31.45 -17.88
C VAL C 46 -43.48 -29.97 -18.13
N ARG C 47 -44.27 -29.67 -19.15
CA ARG C 47 -44.62 -28.27 -19.39
C ARG C 47 -45.40 -27.73 -18.21
N GLU C 48 -46.29 -28.55 -17.64
CA GLU C 48 -47.01 -28.16 -16.43
C GLU C 48 -46.06 -27.94 -15.26
N LEU C 49 -45.01 -28.76 -15.15
CA LEU C 49 -44.04 -28.60 -14.08
C LEU C 49 -43.24 -27.30 -14.23
N LEU C 50 -42.83 -26.97 -15.45
CA LEU C 50 -42.07 -25.74 -15.66
C LEU C 50 -42.90 -24.50 -15.34
N TYR C 51 -44.17 -24.50 -15.76
CA TYR C 51 -45.07 -23.43 -15.36
C TYR C 51 -45.22 -23.39 -13.85
N ALA C 52 -45.25 -24.57 -13.21
CA ALA C 52 -45.45 -24.64 -11.77
C ALA C 52 -44.33 -23.91 -11.04
N ILE C 53 -43.08 -24.09 -11.50
CA ILE C 53 -41.96 -23.41 -10.85
C ILE C 53 -41.85 -21.94 -11.20
N GLY C 54 -42.72 -21.45 -12.10
CA GLY C 54 -42.76 -20.03 -12.40
C GLY C 54 -41.95 -19.54 -13.58
N GLU C 55 -41.26 -20.43 -14.30
CA GLU C 55 -40.40 -20.01 -15.40
C GLU C 55 -41.20 -19.65 -16.65
N ASP C 56 -40.46 -19.09 -17.61
CA ASP C 56 -40.95 -18.70 -18.93
C ASP C 56 -40.54 -19.72 -19.97
N PRO C 57 -41.46 -20.56 -20.47
CA PRO C 57 -41.09 -21.56 -21.47
C PRO C 57 -40.61 -20.97 -22.79
N ASP C 58 -40.90 -19.70 -23.07
CA ASP C 58 -40.58 -19.13 -24.36
C ASP C 58 -39.13 -18.69 -24.49
N ARG C 59 -38.37 -18.62 -23.40
CA ARG C 59 -36.95 -18.33 -23.52
C ARG C 59 -36.26 -19.53 -24.16
N ASP C 60 -35.09 -19.28 -24.75
CA ASP C 60 -34.48 -20.31 -25.60
C ASP C 60 -34.00 -21.50 -24.81
N GLY C 61 -33.71 -21.34 -23.52
CA GLY C 61 -33.32 -22.47 -22.70
C GLY C 61 -34.45 -23.42 -22.38
N LEU C 62 -35.69 -22.96 -22.49
CA LEU C 62 -36.85 -23.79 -22.23
C LEU C 62 -37.70 -24.04 -23.47
N VAL C 63 -37.32 -23.50 -24.62
CA VAL C 63 -38.10 -23.74 -25.83
C VAL C 63 -38.21 -25.23 -26.10
N ALA C 64 -37.09 -25.94 -25.98
CA ALA C 64 -37.02 -27.36 -26.29
C ALA C 64 -36.82 -28.23 -25.07
N THR C 65 -36.70 -27.63 -23.88
CA THR C 65 -36.53 -28.45 -22.68
C THR C 65 -37.74 -29.35 -22.41
N PRO C 66 -39.00 -28.90 -22.58
CA PRO C 66 -40.13 -29.81 -22.25
C PRO C 66 -40.04 -31.13 -22.99
N SER C 67 -39.60 -31.10 -24.25
CA SER C 67 -39.47 -32.34 -25.00
C SER C 67 -38.28 -33.17 -24.51
N ARG C 68 -37.16 -32.51 -24.20
CA ARG C 68 -35.99 -33.28 -23.76
C ARG C 68 -36.22 -33.98 -22.43
N VAL C 69 -36.99 -33.39 -21.52
CA VAL C 69 -37.22 -34.08 -20.24
C VAL C 69 -37.94 -35.39 -20.46
N ALA C 70 -38.92 -35.42 -21.37
CA ALA C 70 -39.56 -36.68 -21.70
C ALA C 70 -38.56 -37.66 -22.29
N ARG C 71 -37.70 -37.19 -23.20
CA ARG C 71 -36.68 -38.05 -23.78
C ARG C 71 -35.66 -38.49 -22.74
N SER C 72 -35.22 -37.57 -21.87
CA SER C 72 -34.24 -37.92 -20.86
C SER C 72 -34.78 -38.97 -19.89
N TYR C 73 -36.05 -38.85 -19.52
CA TYR C 73 -36.68 -39.83 -18.65
C TYR C 73 -36.81 -41.18 -19.36
N ARG C 74 -36.98 -41.17 -20.69
CA ARG C 74 -37.02 -42.43 -21.44
C ARG C 74 -35.70 -43.18 -21.33
N GLU C 75 -34.58 -42.45 -21.49
CA GLU C 75 -33.27 -43.09 -21.38
C GLU C 75 -32.88 -43.33 -19.94
N MET C 76 -33.28 -42.43 -19.02
CA MET C 76 -32.96 -42.59 -17.61
C MET C 76 -33.72 -43.76 -16.99
N PHE C 77 -34.88 -44.13 -17.55
CA PHE C 77 -35.67 -45.26 -17.07
C PHE C 77 -35.81 -46.33 -18.15
N ALA C 78 -34.79 -46.45 -19.01
CA ALA C 78 -34.82 -47.43 -20.09
C ALA C 78 -34.88 -48.86 -19.58
N GLY C 79 -34.44 -49.10 -18.34
CA GLY C 79 -34.45 -50.45 -17.82
C GLY C 79 -35.85 -51.02 -17.68
N LEU C 80 -36.86 -50.15 -17.52
CA LEU C 80 -38.23 -50.62 -17.40
C LEU C 80 -38.75 -51.21 -18.71
N TYR C 81 -38.11 -50.92 -19.83
CA TYR C 81 -38.59 -51.30 -21.15
C TYR C 81 -37.83 -52.46 -21.76
N THR C 82 -36.67 -52.83 -21.21
CA THR C 82 -35.92 -53.99 -21.65
C THR C 82 -35.63 -54.85 -20.44
N ASP C 83 -35.77 -56.15 -20.58
CA ASP C 83 -35.51 -57.07 -19.47
C ASP C 83 -34.00 -57.16 -19.28
N PRO C 84 -33.46 -56.76 -18.13
CA PRO C 84 -31.99 -56.83 -17.97
C PRO C 84 -31.40 -58.22 -18.13
N ASP C 85 -32.13 -59.27 -17.75
CA ASP C 85 -31.57 -60.61 -17.74
C ASP C 85 -31.30 -61.14 -19.15
N SER C 86 -32.05 -60.68 -20.15
CA SER C 86 -31.92 -61.22 -21.50
C SER C 86 -30.66 -60.75 -22.22
N VAL C 87 -29.96 -59.74 -21.71
CA VAL C 87 -28.81 -59.19 -22.42
C VAL C 87 -27.64 -60.16 -22.41
N LEU C 88 -27.51 -60.98 -21.37
CA LEU C 88 -26.34 -61.84 -21.25
C LEU C 88 -26.26 -62.84 -22.41
N ASN C 89 -25.03 -63.07 -22.87
CA ASN C 89 -24.73 -64.00 -23.96
C ASN C 89 -24.07 -65.25 -23.40
N THR C 90 -23.90 -66.25 -24.27
CA THR C 90 -23.42 -67.58 -23.89
C THR C 90 -21.98 -67.81 -24.30
N MET C 91 -21.14 -68.16 -23.32
CA MET C 91 -19.75 -68.49 -23.59
C MET C 91 -19.32 -69.48 -22.52
N PHE C 92 -18.27 -70.25 -22.80
CA PHE C 92 -17.69 -71.16 -21.82
C PHE C 92 -16.19 -70.98 -21.79
N ASP C 93 -15.63 -70.94 -20.58
CA ASP C 93 -14.19 -70.83 -20.37
C ASP C 93 -13.66 -72.23 -20.07
N GLU C 94 -12.93 -72.80 -21.03
CA GLU C 94 -12.40 -74.15 -20.91
C GLU C 94 -11.04 -74.18 -20.22
N ASP C 95 -10.39 -73.03 -20.08
CA ASP C 95 -9.06 -72.96 -19.49
C ASP C 95 -9.10 -72.82 -17.97
N HIS C 96 -9.91 -71.89 -17.47
CA HIS C 96 -9.82 -71.44 -16.09
C HIS C 96 -11.15 -71.63 -15.38
N ASP C 97 -11.08 -71.73 -14.05
CA ASP C 97 -12.26 -71.82 -13.21
C ASP C 97 -12.20 -70.77 -12.09
N GLU C 98 -11.26 -69.81 -12.17
CA GLU C 98 -11.01 -68.81 -11.14
C GLU C 98 -11.99 -67.65 -11.26
N LEU C 99 -11.90 -66.73 -10.31
CA LEU C 99 -12.83 -65.60 -10.28
C LEU C 99 -12.70 -64.74 -11.53
N VAL C 100 -13.83 -64.35 -12.08
CA VAL C 100 -13.92 -63.34 -13.13
C VAL C 100 -14.36 -62.05 -12.44
N LEU C 101 -13.53 -61.01 -12.50
CA LEU C 101 -13.81 -59.76 -11.81
C LEU C 101 -13.89 -58.61 -12.81
N VAL C 102 -14.96 -57.83 -12.71
CA VAL C 102 -15.20 -56.68 -13.57
C VAL C 102 -15.40 -55.47 -12.68
N LYS C 103 -14.61 -54.42 -12.91
CA LYS C 103 -14.58 -53.29 -12.00
C LYS C 103 -14.78 -51.98 -12.76
N GLU C 104 -15.15 -50.95 -12.01
CA GLU C 104 -15.42 -49.62 -12.56
C GLU C 104 -16.43 -49.68 -13.69
N ILE C 105 -17.48 -50.47 -13.50
CA ILE C 105 -18.61 -50.48 -14.41
C ILE C 105 -19.36 -49.17 -14.22
N PRO C 106 -19.52 -48.33 -15.25
CA PRO C 106 -20.29 -47.10 -15.06
C PRO C 106 -21.68 -47.41 -14.56
N MET C 107 -22.11 -46.65 -13.55
CA MET C 107 -23.39 -46.90 -12.90
C MET C 107 -24.08 -45.55 -12.69
N TYR C 108 -25.18 -45.33 -13.40
CA TYR C 108 -25.98 -44.13 -13.23
C TYR C 108 -27.41 -44.53 -12.95
N SER C 109 -27.95 -44.09 -11.82
CA SER C 109 -29.28 -44.46 -11.38
C SER C 109 -29.96 -43.23 -10.81
N THR C 110 -31.20 -43.41 -10.35
CA THR C 110 -32.00 -42.33 -9.81
C THR C 110 -32.67 -42.78 -8.52
N CYS C 111 -32.55 -41.98 -7.46
CA CYS C 111 -33.28 -42.23 -6.24
C CYS C 111 -34.77 -42.18 -6.55
N GLU C 112 -35.51 -43.22 -6.15
CA GLU C 112 -36.93 -43.27 -6.45
C GLU C 112 -37.74 -42.32 -5.59
N HIS C 113 -37.23 -41.95 -4.41
CA HIS C 113 -37.98 -41.08 -3.51
C HIS C 113 -37.94 -39.62 -3.96
N HIS C 114 -36.84 -39.18 -4.55
CA HIS C 114 -36.67 -37.79 -4.92
C HIS C 114 -36.42 -37.59 -6.41
N LEU C 115 -36.31 -38.67 -7.18
CA LEU C 115 -36.00 -38.61 -8.62
C LEU C 115 -34.74 -37.79 -8.87
N VAL C 116 -33.72 -37.99 -8.03
CA VAL C 116 -32.44 -37.32 -8.15
C VAL C 116 -31.36 -38.37 -8.39
N ALA C 117 -30.43 -38.05 -9.28
CA ALA C 117 -29.43 -39.04 -9.69
C ALA C 117 -28.47 -39.36 -8.56
N PHE C 118 -28.09 -40.64 -8.47
CA PHE C 118 -26.92 -41.07 -7.72
C PHE C 118 -26.08 -41.93 -8.65
N HIS C 119 -24.79 -41.61 -8.75
CA HIS C 119 -23.94 -42.16 -9.80
C HIS C 119 -22.62 -42.61 -9.20
N GLY C 120 -22.05 -43.64 -9.81
CA GLY C 120 -20.77 -44.17 -9.36
C GLY C 120 -20.28 -45.30 -10.22
N VAL C 121 -19.82 -46.37 -9.59
CA VAL C 121 -19.32 -47.55 -10.30
C VAL C 121 -19.87 -48.80 -9.65
N ALA C 122 -19.82 -49.90 -10.41
CA ALA C 122 -20.21 -51.21 -9.92
C ALA C 122 -19.07 -52.19 -10.16
N HIS C 123 -18.95 -53.16 -9.26
CA HIS C 123 -17.92 -54.19 -9.34
C HIS C 123 -18.61 -55.53 -9.23
N VAL C 124 -18.44 -56.38 -10.24
CA VAL C 124 -19.12 -57.66 -10.32
C VAL C 124 -18.06 -58.75 -10.41
N GLY C 125 -18.10 -59.69 -9.47
CA GLY C 125 -17.21 -60.84 -9.52
C GLY C 125 -17.96 -62.14 -9.34
N TYR C 126 -17.77 -63.09 -10.24
CA TYR C 126 -18.43 -64.37 -10.13
C TYR C 126 -17.45 -65.49 -10.42
N ILE C 127 -17.66 -66.62 -9.77
CA ILE C 127 -16.89 -67.84 -10.01
C ILE C 127 -17.69 -68.74 -10.93
N PRO C 128 -17.19 -69.06 -12.13
CA PRO C 128 -17.97 -69.90 -13.03
C PRO C 128 -18.31 -71.24 -12.38
N GLY C 129 -19.45 -71.78 -12.75
CA GLY C 129 -19.90 -73.04 -12.20
C GLY C 129 -19.10 -74.21 -12.72
N ASP C 130 -19.61 -75.40 -12.45
CA ASP C 130 -18.95 -76.62 -12.92
C ASP C 130 -18.83 -76.63 -14.43
N ASP C 131 -19.88 -76.18 -15.13
CA ASP C 131 -19.92 -76.11 -16.58
C ASP C 131 -18.94 -75.08 -17.15
N GLY C 132 -18.36 -74.21 -16.32
CA GLY C 132 -17.44 -73.22 -16.82
C GLY C 132 -18.10 -72.04 -17.48
N ARG C 133 -19.39 -71.84 -17.24
CA ARG C 133 -20.14 -70.78 -17.89
C ARG C 133 -19.62 -69.40 -17.52
N VAL C 134 -19.45 -68.55 -18.53
CA VAL C 134 -19.01 -67.17 -18.38
C VAL C 134 -19.82 -66.29 -19.33
N THR C 135 -19.55 -64.99 -19.28
CA THR C 135 -20.24 -64.04 -20.14
C THR C 135 -19.34 -62.82 -20.40
N GLY C 136 -19.69 -62.06 -21.42
CA GLY C 136 -18.90 -60.91 -21.80
C GLY C 136 -19.01 -59.76 -20.81
N LEU C 137 -17.92 -58.98 -20.73
CA LEU C 137 -17.92 -57.81 -19.86
C LEU C 137 -18.95 -56.79 -20.29
N SER C 138 -19.07 -56.56 -21.61
CA SER C 138 -20.05 -55.59 -22.10
C SER C 138 -21.47 -55.99 -21.72
N LYS C 139 -21.75 -57.29 -21.65
CA LYS C 139 -23.08 -57.76 -21.29
C LYS C 139 -23.36 -57.52 -19.80
N ILE C 140 -22.36 -57.76 -18.96
CA ILE C 140 -22.48 -57.46 -17.53
C ILE C 140 -22.69 -55.96 -17.32
N ALA C 141 -21.97 -55.14 -18.09
CA ALA C 141 -22.14 -53.70 -17.97
C ALA C 141 -23.56 -53.29 -18.32
N ARG C 142 -24.12 -53.90 -19.36
CA ARG C 142 -25.47 -53.56 -19.78
C ARG C 142 -26.51 -54.01 -18.75
N LEU C 143 -26.30 -55.19 -18.14
CA LEU C 143 -27.24 -55.64 -17.12
C LEU C 143 -27.27 -54.65 -15.96
N VAL C 144 -26.09 -54.26 -15.47
CA VAL C 144 -26.01 -53.28 -14.39
C VAL C 144 -26.70 -51.99 -14.82
N ASP C 145 -26.49 -51.59 -16.07
CA ASP C 145 -27.08 -50.35 -16.57
C ASP C 145 -28.59 -50.42 -16.56
N LEU C 146 -29.16 -51.56 -16.98
CA LEU C 146 -30.61 -51.66 -17.11
C LEU C 146 -31.30 -51.72 -15.76
N TYR C 147 -30.75 -52.46 -14.80
CA TYR C 147 -31.28 -52.42 -13.44
C TYR C 147 -31.07 -51.04 -12.83
N ALA C 148 -29.97 -50.36 -13.20
CA ALA C 148 -29.68 -49.04 -12.66
C ALA C 148 -30.55 -47.95 -13.29
N LYS C 149 -30.99 -48.14 -14.53
CA LYS C 149 -31.81 -47.16 -15.23
C LYS C 149 -33.28 -47.34 -14.85
N ARG C 150 -33.55 -47.19 -13.56
CA ARG C 150 -34.90 -47.35 -13.02
C ARG C 150 -35.02 -46.48 -11.79
N PRO C 151 -36.24 -46.20 -11.34
CA PRO C 151 -36.41 -45.66 -9.98
C PRO C 151 -35.90 -46.69 -8.98
N GLN C 152 -34.84 -46.33 -8.26
CA GLN C 152 -34.06 -47.32 -7.54
C GLN C 152 -33.68 -46.84 -6.15
N VAL C 153 -33.36 -47.83 -5.31
CA VAL C 153 -32.65 -47.67 -4.05
C VAL C 153 -31.39 -48.53 -4.16
N GLN C 154 -30.25 -47.97 -3.75
CA GLN C 154 -28.97 -48.59 -4.09
C GLN C 154 -28.91 -50.05 -3.64
N GLU C 155 -29.42 -50.35 -2.44
CA GLU C 155 -29.36 -51.72 -1.97
C GLU C 155 -30.20 -52.65 -2.85
N ARG C 156 -31.38 -52.21 -3.26
CA ARG C 156 -32.20 -53.04 -4.13
C ARG C 156 -31.49 -53.28 -5.46
N LEU C 157 -30.80 -52.26 -5.97
CA LEU C 157 -30.06 -52.42 -7.21
C LEU C 157 -28.94 -53.45 -7.07
N THR C 158 -28.20 -53.38 -5.96
CA THR C 158 -27.10 -54.33 -5.77
C THR C 158 -27.64 -55.76 -5.68
N SER C 159 -28.74 -55.95 -4.93
CA SER C 159 -29.30 -57.28 -4.79
C SER C 159 -29.85 -57.80 -6.11
N GLN C 160 -30.46 -56.93 -6.91
CA GLN C 160 -31.03 -57.38 -8.18
C GLN C 160 -29.92 -57.82 -9.15
N ILE C 161 -28.82 -57.08 -9.21
CA ILE C 161 -27.71 -57.46 -10.09
C ILE C 161 -27.16 -58.82 -9.68
N ALA C 162 -26.93 -59.00 -8.37
CA ALA C 162 -26.40 -60.26 -7.88
C ALA C 162 -27.34 -61.41 -8.19
N ASP C 163 -28.64 -61.20 -7.96
CA ASP C 163 -29.59 -62.29 -8.22
C ASP C 163 -29.65 -62.64 -9.70
N ALA C 164 -29.61 -61.63 -10.57
CA ALA C 164 -29.66 -61.91 -12.01
C ALA C 164 -28.44 -62.72 -12.45
N LEU C 165 -27.25 -62.38 -11.92
CA LEU C 165 -26.05 -63.11 -12.29
C LEU C 165 -26.13 -64.57 -11.84
N MET C 166 -26.64 -64.81 -10.62
CA MET C 166 -26.82 -66.19 -10.16
C MET C 166 -27.76 -66.94 -11.10
N LYS C 167 -28.84 -66.28 -11.52
CA LYS C 167 -29.84 -66.92 -12.37
C LYS C 167 -29.28 -67.27 -13.74
N LYS C 168 -28.49 -66.38 -14.33
CA LYS C 168 -28.09 -66.60 -15.72
C LYS C 168 -26.84 -67.45 -15.84
N LEU C 169 -25.87 -67.25 -14.95
CA LEU C 169 -24.59 -67.95 -15.07
C LEU C 169 -24.58 -69.26 -14.30
N ASP C 170 -25.53 -69.47 -13.38
CA ASP C 170 -25.51 -70.59 -12.45
C ASP C 170 -24.09 -70.75 -11.91
N PRO C 171 -23.48 -69.68 -11.39
CA PRO C 171 -22.09 -69.79 -10.91
C PRO C 171 -22.03 -70.37 -9.50
N ARG C 172 -20.81 -70.67 -9.07
CA ARG C 172 -20.60 -71.09 -7.70
C ARG C 172 -20.81 -69.92 -6.74
N GLY C 173 -20.41 -68.71 -7.15
CA GLY C 173 -20.57 -67.54 -6.31
C GLY C 173 -20.61 -66.26 -7.10
N VAL C 174 -21.21 -65.24 -6.49
CA VAL C 174 -21.32 -63.90 -7.07
C VAL C 174 -21.13 -62.86 -5.99
N ILE C 175 -20.48 -61.74 -6.33
CA ILE C 175 -20.32 -60.62 -5.43
C ILE C 175 -20.57 -59.34 -6.22
N VAL C 176 -21.35 -58.42 -5.66
CA VAL C 176 -21.63 -57.14 -6.30
C VAL C 176 -21.42 -56.04 -5.29
N VAL C 177 -20.67 -55.01 -5.69
CA VAL C 177 -20.38 -53.85 -4.85
C VAL C 177 -20.64 -52.60 -5.67
N ILE C 178 -21.39 -51.66 -5.11
CA ILE C 178 -21.67 -50.39 -5.77
C ILE C 178 -21.16 -49.27 -4.88
N GLU C 179 -20.36 -48.39 -5.46
CA GLU C 179 -19.84 -47.19 -4.79
C GLU C 179 -20.36 -45.98 -5.53
N ALA C 180 -21.36 -45.30 -4.97
CA ALA C 180 -22.04 -44.22 -5.66
C ALA C 180 -22.15 -43.00 -4.77
N GLU C 181 -22.21 -41.83 -5.41
CA GLU C 181 -22.38 -40.55 -4.73
C GLU C 181 -23.85 -40.16 -4.77
N HIS C 182 -24.45 -39.96 -3.60
CA HIS C 182 -25.85 -39.57 -3.51
C HIS C 182 -25.96 -38.06 -3.35
N LEU C 183 -26.91 -37.47 -4.07
CA LEU C 183 -27.03 -36.04 -4.13
C LEU C 183 -28.26 -35.50 -3.42
N CYS C 184 -29.18 -36.37 -2.97
CA CYS C 184 -30.45 -35.90 -2.45
C CYS C 184 -30.25 -34.93 -1.28
N MET C 185 -29.49 -35.34 -0.28
CA MET C 185 -29.33 -34.52 0.91
C MET C 185 -28.23 -33.48 0.78
N ALA C 186 -27.21 -33.74 -0.04
CA ALA C 186 -26.20 -32.72 -0.28
C ALA C 186 -26.80 -31.48 -0.94
N MET C 187 -27.74 -31.68 -1.87
CA MET C 187 -28.43 -30.55 -2.49
C MET C 187 -29.18 -29.72 -1.45
N ARG C 188 -29.75 -30.37 -0.44
CA ARG C 188 -30.47 -29.68 0.61
C ARG C 188 -29.57 -29.25 1.75
N GLY C 189 -28.29 -28.99 1.46
CA GLY C 189 -27.30 -28.67 2.45
C GLY C 189 -27.44 -29.32 3.81
N VAL C 190 -27.72 -30.62 3.83
CA VAL C 190 -27.85 -31.38 5.07
C VAL C 190 -26.66 -32.30 5.30
N ARG C 191 -26.01 -32.78 4.25
CA ARG C 191 -24.90 -33.72 4.36
C ARG C 191 -23.71 -33.19 3.59
N LYS C 192 -22.54 -33.73 3.93
CA LYS C 192 -21.31 -33.28 3.29
C LYS C 192 -21.30 -33.66 1.81
N PRO C 193 -20.91 -32.74 0.92
CA PRO C 193 -20.74 -33.13 -0.49
C PRO C 193 -19.63 -34.15 -0.64
N GLY C 194 -19.80 -35.05 -1.60
CA GLY C 194 -18.78 -36.03 -1.88
C GLY C 194 -18.94 -37.35 -1.15
N SER C 195 -19.93 -37.47 -0.27
CA SER C 195 -20.13 -38.71 0.46
C SER C 195 -20.38 -39.87 -0.50
N VAL C 196 -19.80 -41.02 -0.18
CA VAL C 196 -19.86 -42.20 -1.02
C VAL C 196 -20.59 -43.30 -0.25
N THR C 197 -21.70 -43.79 -0.81
CA THR C 197 -22.41 -44.93 -0.25
C THR C 197 -21.89 -46.22 -0.90
N THR C 198 -21.60 -47.21 -0.06
CA THR C 198 -21.11 -48.51 -0.52
C THR C 198 -22.10 -49.58 -0.11
N THR C 199 -22.47 -50.43 -1.05
CA THR C 199 -23.39 -51.54 -0.82
C THR C 199 -22.76 -52.82 -1.34
N SER C 200 -23.14 -53.94 -0.75
CA SER C 200 -22.59 -55.24 -1.13
C SER C 200 -23.68 -56.28 -1.17
N ALA C 201 -23.49 -57.27 -2.04
CA ALA C 201 -24.35 -58.43 -2.12
C ALA C 201 -23.47 -59.63 -2.42
N VAL C 202 -23.61 -60.71 -1.65
CA VAL C 202 -22.80 -61.89 -1.80
C VAL C 202 -23.74 -63.07 -1.95
N ARG C 203 -23.44 -63.98 -2.87
CA ARG C 203 -24.30 -65.10 -3.17
C ARG C 203 -23.45 -66.35 -3.29
N GLY C 204 -24.05 -67.50 -2.99
CA GLY C 204 -23.37 -68.76 -3.19
C GLY C 204 -22.11 -68.89 -2.36
N LEU C 205 -21.00 -69.22 -3.03
CA LEU C 205 -19.78 -69.58 -2.31
C LEU C 205 -19.26 -68.38 -1.52
N PHE C 206 -19.36 -67.17 -2.08
CA PHE C 206 -18.92 -65.99 -1.33
C PHE C 206 -19.76 -65.80 -0.07
N LYS C 207 -21.00 -66.29 -0.09
CA LYS C 207 -21.88 -66.21 1.08
C LYS C 207 -21.53 -67.26 2.12
N THR C 208 -21.10 -68.45 1.70
CA THR C 208 -20.82 -69.53 2.63
C THR C 208 -19.42 -69.48 3.22
N ASN C 209 -18.45 -68.96 2.46
CA ASN C 209 -17.04 -68.95 2.83
C ASN C 209 -16.63 -67.53 3.18
N ALA C 210 -16.12 -67.32 4.40
CA ALA C 210 -15.67 -66.00 4.82
C ALA C 210 -14.30 -65.65 4.23
N ALA C 211 -13.42 -66.64 4.07
CA ALA C 211 -12.10 -66.36 3.52
C ALA C 211 -12.18 -65.86 2.07
N SER C 212 -12.98 -66.54 1.24
CA SER C 212 -13.11 -66.09 -0.15
C SER C 212 -13.79 -64.74 -0.24
N ARG C 213 -14.81 -64.51 0.60
CA ARG C 213 -15.47 -63.20 0.63
C ARG C 213 -14.50 -62.10 1.05
N ALA C 214 -13.67 -62.36 2.05
CA ALA C 214 -12.75 -61.33 2.52
C ALA C 214 -11.77 -60.92 1.42
N GLU C 215 -11.21 -61.90 0.71
CA GLU C 215 -10.28 -61.56 -0.36
C GLU C 215 -10.99 -60.83 -1.50
N ALA C 216 -12.17 -61.31 -1.90
CA ALA C 216 -12.89 -60.67 -3.01
C ALA C 216 -13.18 -59.20 -2.69
N LEU C 217 -13.60 -58.93 -1.44
CA LEU C 217 -13.83 -57.55 -1.04
C LEU C 217 -12.55 -56.74 -1.14
N ASP C 218 -11.43 -57.34 -0.73
CA ASP C 218 -10.13 -56.66 -0.88
C ASP C 218 -9.85 -56.35 -2.34
N LEU C 219 -10.16 -57.30 -3.23
CA LEU C 219 -9.87 -57.09 -4.64
C LEU C 219 -10.66 -55.91 -5.21
N ILE C 220 -11.91 -55.75 -4.78
CA ILE C 220 -12.76 -54.70 -5.33
C ILE C 220 -12.32 -53.32 -4.88
N LEU C 221 -11.95 -53.18 -3.60
CA LEU C 221 -11.64 -51.85 -3.06
C LEU C 221 -10.32 -51.31 -3.58
N ARG C 222 -9.31 -52.16 -3.76
CA ARG C 222 -8.02 -51.66 -4.22
C ARG C 222 -8.20 -50.92 -5.54
N LYS C 223 -7.53 -49.78 -5.66
CA LYS C 223 -7.64 -48.96 -6.86
C LYS C 223 -6.60 -49.37 -7.91
N ARG D 35 -18.36 -61.92 -45.31
CA ARG D 35 -17.59 -63.14 -45.18
C ARG D 35 -18.24 -64.04 -44.12
N VAL D 36 -18.06 -65.37 -44.27
CA VAL D 36 -18.63 -66.34 -43.34
C VAL D 36 -17.55 -67.33 -42.92
N PHE D 37 -17.48 -67.61 -41.62
CA PHE D 37 -16.52 -68.56 -41.08
C PHE D 37 -16.90 -69.99 -41.45
N ASP D 38 -15.90 -70.80 -41.76
CA ASP D 38 -16.07 -72.20 -42.16
C ASP D 38 -15.50 -73.06 -41.03
N GLN D 39 -16.36 -73.46 -40.11
CA GLN D 39 -15.91 -74.17 -38.92
C GLN D 39 -15.14 -75.43 -39.28
N GLN D 40 -15.71 -76.26 -40.16
CA GLN D 40 -15.13 -77.56 -40.45
C GLN D 40 -13.76 -77.42 -41.11
N ARG D 41 -13.62 -76.46 -42.03
CA ARG D 41 -12.33 -76.21 -42.66
C ARG D 41 -11.32 -75.74 -41.64
N ALA D 42 -11.74 -74.88 -40.71
CA ALA D 42 -10.82 -74.41 -39.68
C ALA D 42 -10.37 -75.54 -38.78
N GLU D 43 -11.30 -76.40 -38.34
CA GLU D 43 -10.94 -77.51 -37.47
C GLU D 43 -10.00 -78.49 -38.16
N ALA D 44 -10.26 -78.80 -39.43
CA ALA D 44 -9.38 -79.71 -40.15
C ALA D 44 -7.98 -79.12 -40.25
N ALA D 45 -7.88 -77.82 -40.53
CA ALA D 45 -6.57 -77.18 -40.64
C ALA D 45 -5.81 -77.24 -39.33
N VAL D 46 -6.52 -77.06 -38.21
CA VAL D 46 -5.86 -77.05 -36.90
C VAL D 46 -5.30 -78.44 -36.58
N ARG D 47 -6.06 -79.49 -36.87
CA ARG D 47 -5.54 -80.84 -36.62
C ARG D 47 -4.31 -81.12 -37.48
N GLU D 48 -4.33 -80.64 -38.73
CA GLU D 48 -3.14 -80.77 -39.58
C GLU D 48 -1.96 -80.02 -38.98
N LEU D 49 -2.23 -78.86 -38.37
CA LEU D 49 -1.17 -78.07 -37.75
C LEU D 49 -0.57 -78.80 -36.55
N LEU D 50 -1.42 -79.47 -35.75
CA LEU D 50 -0.91 -80.20 -34.60
C LEU D 50 -0.04 -81.37 -35.04
N TYR D 51 -0.45 -82.07 -36.11
CA TYR D 51 0.41 -83.12 -36.66
C TYR D 51 1.73 -82.54 -37.14
N ALA D 52 1.67 -81.38 -37.79
CA ALA D 52 2.88 -80.78 -38.37
C ALA D 52 3.91 -80.45 -37.30
N ILE D 53 3.47 -79.89 -36.17
CA ILE D 53 4.42 -79.48 -35.14
C ILE D 53 4.93 -80.64 -34.31
N GLY D 54 4.47 -81.86 -34.56
CA GLY D 54 4.97 -83.02 -33.86
C GLY D 54 4.15 -83.45 -32.67
N GLU D 55 3.04 -82.77 -32.38
CA GLU D 55 2.21 -83.12 -31.24
C GLU D 55 1.36 -84.35 -31.55
N ASP D 56 0.74 -84.89 -30.51
CA ASP D 56 -0.20 -85.98 -30.65
C ASP D 56 -1.61 -85.42 -30.52
N PRO D 57 -2.36 -85.27 -31.61
CA PRO D 57 -3.71 -84.70 -31.48
C PRO D 57 -4.64 -85.55 -30.64
N ASP D 58 -4.35 -86.83 -30.47
CA ASP D 58 -5.25 -87.73 -29.75
C ASP D 58 -5.07 -87.69 -28.23
N ARG D 59 -4.02 -87.06 -27.71
CA ARG D 59 -3.87 -86.95 -26.27
C ARG D 59 -4.96 -86.05 -25.70
N ASP D 60 -5.19 -86.18 -24.39
CA ASP D 60 -6.41 -85.62 -23.81
C ASP D 60 -6.43 -84.10 -23.87
N GLY D 61 -5.28 -83.46 -23.80
CA GLY D 61 -5.22 -82.01 -23.83
C GLY D 61 -5.28 -81.40 -25.20
N LEU D 62 -5.40 -82.22 -26.24
CA LEU D 62 -5.48 -81.72 -27.60
C LEU D 62 -6.67 -82.24 -28.40
N VAL D 63 -7.46 -83.17 -27.86
CA VAL D 63 -8.54 -83.76 -28.64
C VAL D 63 -9.55 -82.68 -29.02
N ALA D 64 -9.90 -81.81 -28.09
CA ALA D 64 -10.86 -80.74 -28.35
C ALA D 64 -10.19 -79.47 -28.85
N THR D 65 -8.87 -79.46 -29.00
CA THR D 65 -8.19 -78.25 -29.42
C THR D 65 -8.62 -77.79 -30.80
N PRO D 66 -8.74 -78.66 -31.82
CA PRO D 66 -9.15 -78.15 -33.13
C PRO D 66 -10.48 -77.42 -33.10
N SER D 67 -11.46 -77.92 -32.36
CA SER D 67 -12.75 -77.23 -32.29
C SER D 67 -12.65 -75.96 -31.47
N ARG D 68 -11.89 -75.99 -30.37
CA ARG D 68 -11.76 -74.80 -29.54
C ARG D 68 -11.01 -73.70 -30.29
N VAL D 69 -9.99 -74.08 -31.06
CA VAL D 69 -9.23 -73.07 -31.80
C VAL D 69 -10.09 -72.45 -32.89
N ALA D 70 -10.89 -73.27 -33.58
CA ALA D 70 -11.80 -72.74 -34.59
C ALA D 70 -12.80 -71.79 -33.95
N ARG D 71 -13.29 -72.14 -32.76
CA ARG D 71 -14.21 -71.26 -32.03
C ARG D 71 -13.52 -69.96 -31.64
N SER D 72 -12.26 -70.03 -31.19
CA SER D 72 -11.56 -68.80 -30.83
C SER D 72 -11.35 -67.93 -32.07
N TYR D 73 -11.08 -68.56 -33.21
CA TYR D 73 -10.87 -67.81 -34.45
C TYR D 73 -12.14 -67.12 -34.93
N ARG D 74 -13.31 -67.72 -34.71
CA ARG D 74 -14.54 -67.06 -35.12
C ARG D 74 -14.72 -65.75 -34.35
N GLU D 75 -14.41 -65.77 -33.04
CA GLU D 75 -14.48 -64.55 -32.23
C GLU D 75 -13.28 -63.63 -32.48
N MET D 76 -12.11 -64.22 -32.73
CA MET D 76 -10.89 -63.45 -32.99
C MET D 76 -10.97 -62.65 -34.30
N PHE D 77 -11.73 -63.13 -35.27
CA PHE D 77 -11.90 -62.45 -36.54
C PHE D 77 -13.36 -62.07 -36.76
N ALA D 78 -14.09 -61.80 -35.66
CA ALA D 78 -15.50 -61.49 -35.76
C ALA D 78 -15.76 -60.24 -36.59
N GLY D 79 -14.78 -59.33 -36.68
CA GLY D 79 -14.98 -58.13 -37.46
C GLY D 79 -15.15 -58.41 -38.94
N LEU D 80 -14.58 -59.51 -39.41
CA LEU D 80 -14.72 -59.87 -40.82
C LEU D 80 -16.13 -60.29 -41.17
N TYR D 81 -16.93 -60.69 -40.18
CA TYR D 81 -18.25 -61.26 -40.41
C TYR D 81 -19.39 -60.29 -40.10
N THR D 82 -19.11 -59.19 -39.39
CA THR D 82 -20.09 -58.16 -39.09
C THR D 82 -19.49 -56.83 -39.51
N ASP D 83 -20.33 -55.95 -40.07
CA ASP D 83 -19.84 -54.64 -40.51
C ASP D 83 -19.52 -53.77 -39.30
N PRO D 84 -18.26 -53.34 -39.10
CA PRO D 84 -17.96 -52.50 -37.93
C PRO D 84 -18.74 -51.19 -37.90
N ASP D 85 -19.00 -50.59 -39.06
CA ASP D 85 -19.58 -49.24 -39.09
C ASP D 85 -21.02 -49.24 -38.62
N SER D 86 -21.73 -50.35 -38.76
CA SER D 86 -23.16 -50.36 -38.47
C SER D 86 -23.48 -50.31 -36.98
N VAL D 87 -22.52 -50.53 -36.10
CA VAL D 87 -22.83 -50.55 -34.68
C VAL D 87 -23.14 -49.15 -34.14
N LEU D 88 -22.51 -48.11 -34.68
CA LEU D 88 -22.67 -46.78 -34.11
C LEU D 88 -24.13 -46.31 -34.21
N ASN D 89 -24.61 -45.68 -33.14
CA ASN D 89 -25.95 -45.13 -33.07
C ASN D 89 -25.91 -43.61 -33.10
N THR D 90 -27.08 -43.00 -33.23
CA THR D 90 -27.22 -41.57 -33.37
C THR D 90 -27.82 -40.95 -32.12
N MET D 91 -27.13 -39.96 -31.56
CA MET D 91 -27.60 -39.18 -30.42
C MET D 91 -27.00 -37.79 -30.53
N PHE D 92 -27.59 -36.84 -29.80
CA PHE D 92 -27.16 -35.45 -29.90
C PHE D 92 -26.92 -34.85 -28.52
N ASP D 93 -25.80 -34.15 -28.40
CA ASP D 93 -25.41 -33.46 -27.17
C ASP D 93 -25.78 -32.00 -27.29
N GLU D 94 -26.83 -31.58 -26.58
CA GLU D 94 -27.29 -30.21 -26.65
C GLU D 94 -26.60 -29.30 -25.64
N ASP D 95 -25.87 -29.87 -24.69
CA ASP D 95 -25.27 -29.10 -23.60
C ASP D 95 -23.92 -28.52 -23.96
N HIS D 96 -23.03 -29.35 -24.51
CA HIS D 96 -21.62 -29.00 -24.61
C HIS D 96 -21.11 -29.06 -26.04
N ASP D 97 -20.00 -28.35 -26.27
CA ASP D 97 -19.29 -28.36 -27.54
C ASP D 97 -17.84 -28.80 -27.36
N GLU D 98 -17.50 -29.32 -26.19
CA GLU D 98 -16.14 -29.71 -25.88
C GLU D 98 -15.79 -31.05 -26.50
N LEU D 99 -14.51 -31.42 -26.34
CA LEU D 99 -14.02 -32.69 -26.83
C LEU D 99 -14.71 -33.82 -26.08
N VAL D 100 -15.12 -34.85 -26.81
CA VAL D 100 -15.58 -36.10 -26.22
C VAL D 100 -14.40 -37.05 -26.28
N LEU D 101 -13.92 -37.48 -25.12
CA LEU D 101 -12.72 -38.29 -25.03
C LEU D 101 -13.04 -39.64 -24.41
N VAL D 102 -12.58 -40.71 -25.06
CA VAL D 102 -12.77 -42.07 -24.58
C VAL D 102 -11.41 -42.75 -24.47
N LYS D 103 -11.09 -43.27 -23.29
CA LYS D 103 -9.76 -43.80 -23.02
C LYS D 103 -9.87 -45.21 -22.46
N GLU D 104 -8.77 -45.95 -22.59
CA GLU D 104 -8.68 -47.35 -22.14
C GLU D 104 -9.81 -48.20 -22.73
N ILE D 105 -10.08 -48.01 -24.01
CA ILE D 105 -10.98 -48.89 -24.73
C ILE D 105 -10.24 -50.22 -24.94
N PRO D 106 -10.77 -51.36 -24.49
CA PRO D 106 -10.07 -52.62 -24.74
C PRO D 106 -9.83 -52.82 -26.22
N MET D 107 -8.60 -53.21 -26.57
CA MET D 107 -8.21 -53.40 -27.97
C MET D 107 -7.45 -54.71 -28.05
N TYR D 108 -8.05 -55.71 -28.70
CA TYR D 108 -7.39 -56.99 -28.94
C TYR D 108 -7.46 -57.26 -30.44
N SER D 109 -6.30 -57.46 -31.05
CA SER D 109 -6.19 -57.64 -32.49
C SER D 109 -5.20 -58.76 -32.76
N THR D 110 -5.00 -59.05 -34.04
CA THR D 110 -4.11 -60.12 -34.48
C THR D 110 -3.23 -59.58 -35.59
N CYS D 111 -1.92 -59.75 -35.43
CA CYS D 111 -0.99 -59.40 -36.50
C CYS D 111 -1.26 -60.29 -37.72
N GLU D 112 -1.42 -59.66 -38.88
CA GLU D 112 -1.74 -60.44 -40.08
C GLU D 112 -0.52 -61.22 -40.58
N HIS D 113 0.68 -60.78 -40.21
CA HIS D 113 1.91 -61.42 -40.68
C HIS D 113 2.23 -62.71 -39.93
N HIS D 114 1.93 -62.78 -38.64
CA HIS D 114 2.28 -63.94 -37.83
C HIS D 114 1.08 -64.59 -37.16
N LEU D 115 -0.12 -64.04 -37.31
CA LEU D 115 -1.32 -64.54 -36.64
C LEU D 115 -1.08 -64.66 -35.12
N VAL D 116 -0.43 -63.64 -34.57
CA VAL D 116 -0.16 -63.54 -33.15
C VAL D 116 -0.82 -62.26 -32.64
N ALA D 117 -1.40 -62.33 -31.45
CA ALA D 117 -2.15 -61.20 -30.92
C ALA D 117 -1.22 -60.05 -30.54
N PHE D 118 -1.70 -58.83 -30.76
CA PHE D 118 -1.15 -57.64 -30.13
C PHE D 118 -2.31 -56.89 -29.47
N HIS D 119 -2.14 -56.57 -28.18
CA HIS D 119 -3.27 -56.11 -27.38
C HIS D 119 -2.86 -54.90 -26.56
N GLY D 120 -3.83 -54.04 -26.30
CA GLY D 120 -3.59 -52.84 -25.52
C GLY D 120 -4.89 -52.09 -25.32
N VAL D 121 -4.85 -50.78 -25.53
CA VAL D 121 -6.01 -49.92 -25.40
C VAL D 121 -6.06 -48.98 -26.60
N ALA D 122 -7.25 -48.41 -26.81
CA ALA D 122 -7.47 -47.42 -27.84
C ALA D 122 -8.07 -46.19 -27.19
N HIS D 123 -7.76 -45.03 -27.74
CA HIS D 123 -8.26 -43.75 -27.24
C HIS D 123 -8.89 -43.03 -28.42
N VAL D 124 -10.17 -42.67 -28.28
CA VAL D 124 -10.91 -42.03 -29.37
C VAL D 124 -11.42 -40.69 -28.85
N GLY D 125 -11.08 -39.63 -29.57
CA GLY D 125 -11.58 -38.31 -29.25
C GLY D 125 -12.13 -37.61 -30.47
N TYR D 126 -13.35 -37.10 -30.37
CA TYR D 126 -13.97 -36.38 -31.46
C TYR D 126 -14.62 -35.11 -30.93
N ILE D 127 -14.62 -34.08 -31.77
CA ILE D 127 -15.29 -32.82 -31.46
C ILE D 127 -16.62 -32.82 -32.18
N PRO D 128 -17.75 -32.86 -31.48
CA PRO D 128 -19.04 -32.90 -32.19
C PRO D 128 -19.21 -31.67 -33.05
N GLY D 129 -19.94 -31.83 -34.14
CA GLY D 129 -20.19 -30.69 -34.99
C GLY D 129 -21.21 -29.78 -34.31
N ASP D 130 -21.65 -28.77 -35.06
CA ASP D 130 -22.64 -27.84 -34.51
C ASP D 130 -23.95 -28.56 -34.19
N ASP D 131 -24.32 -29.54 -35.01
CA ASP D 131 -25.54 -30.31 -34.72
C ASP D 131 -25.43 -31.11 -33.44
N GLY D 132 -24.22 -31.25 -32.90
CA GLY D 132 -24.03 -32.00 -31.67
C GLY D 132 -24.05 -33.50 -31.82
N ARG D 133 -23.89 -34.02 -33.04
CA ARG D 133 -23.97 -35.45 -33.24
C ARG D 133 -22.90 -36.16 -32.43
N VAL D 134 -23.32 -37.18 -31.70
CA VAL D 134 -22.45 -37.99 -30.83
C VAL D 134 -22.89 -39.44 -30.94
N THR D 135 -22.20 -40.31 -30.20
CA THR D 135 -22.53 -41.73 -30.18
C THR D 135 -22.16 -42.32 -28.84
N GLY D 136 -22.72 -43.50 -28.57
CA GLY D 136 -22.52 -44.14 -27.29
C GLY D 136 -21.12 -44.67 -27.11
N LEU D 137 -20.70 -44.73 -25.84
CA LEU D 137 -19.40 -45.31 -25.51
C LEU D 137 -19.34 -46.77 -25.90
N SER D 138 -20.39 -47.53 -25.59
CA SER D 138 -20.42 -48.94 -25.97
C SER D 138 -20.35 -49.13 -27.48
N LYS D 139 -20.94 -48.20 -28.24
CA LYS D 139 -20.89 -48.30 -29.70
C LYS D 139 -19.50 -47.98 -30.23
N ILE D 140 -18.81 -46.99 -29.65
CA ILE D 140 -17.44 -46.74 -30.07
C ILE D 140 -16.57 -47.95 -29.74
N ALA D 141 -16.81 -48.57 -28.58
CA ALA D 141 -16.04 -49.75 -28.21
C ALA D 141 -16.25 -50.89 -29.20
N ARG D 142 -17.50 -51.09 -29.66
CA ARG D 142 -17.77 -52.14 -30.63
C ARG D 142 -17.15 -51.84 -31.99
N LEU D 143 -17.14 -50.57 -32.39
CA LEU D 143 -16.49 -50.21 -33.65
C LEU D 143 -15.00 -50.51 -33.60
N VAL D 144 -14.34 -50.13 -32.50
CA VAL D 144 -12.92 -50.44 -32.34
C VAL D 144 -12.72 -51.94 -32.30
N ASP D 145 -13.60 -52.65 -31.59
CA ASP D 145 -13.46 -54.09 -31.44
C ASP D 145 -13.58 -54.81 -32.79
N LEU D 146 -14.53 -54.39 -33.63
CA LEU D 146 -14.78 -55.10 -34.88
C LEU D 146 -13.68 -54.84 -35.91
N TYR D 147 -13.20 -53.60 -36.01
CA TYR D 147 -12.05 -53.37 -36.87
C TYR D 147 -10.80 -54.07 -36.32
N ALA D 148 -10.67 -54.15 -35.00
CA ALA D 148 -9.49 -54.77 -34.40
C ALA D 148 -9.52 -56.29 -34.51
N LYS D 149 -10.70 -56.88 -34.56
CA LYS D 149 -10.86 -58.33 -34.60
C LYS D 149 -10.74 -58.83 -36.04
N ARG D 150 -9.56 -58.58 -36.61
CA ARG D 150 -9.25 -58.92 -37.98
C ARG D 150 -7.75 -59.17 -38.10
N PRO D 151 -7.28 -59.80 -39.17
CA PRO D 151 -5.86 -59.74 -39.50
C PRO D 151 -5.46 -58.31 -39.77
N GLN D 152 -4.60 -57.76 -38.91
CA GLN D 152 -4.39 -56.33 -38.86
C GLN D 152 -2.93 -55.97 -38.76
N VAL D 153 -2.64 -54.72 -39.11
CA VAL D 153 -1.43 -54.00 -38.74
C VAL D 153 -1.88 -52.76 -38.00
N GLN D 154 -1.18 -52.41 -36.91
CA GLN D 154 -1.72 -51.42 -35.99
C GLN D 154 -2.02 -50.09 -36.69
N GLU D 155 -1.16 -49.65 -37.61
CA GLU D 155 -1.41 -48.37 -38.27
C GLU D 155 -2.68 -48.41 -39.10
N ARG D 156 -2.91 -49.52 -39.84
CA ARG D 156 -4.15 -49.62 -40.60
C ARG D 156 -5.36 -49.57 -39.68
N LEU D 157 -5.27 -50.24 -38.53
CA LEU D 157 -6.39 -50.24 -37.60
C LEU D 157 -6.69 -48.84 -37.11
N THR D 158 -5.66 -48.06 -36.78
CA THR D 158 -5.88 -46.70 -36.28
C THR D 158 -6.55 -45.84 -37.33
N SER D 159 -6.08 -45.91 -38.57
CA SER D 159 -6.66 -45.11 -39.64
C SER D 159 -8.09 -45.52 -39.92
N GLN D 160 -8.38 -46.82 -39.89
CA GLN D 160 -9.73 -47.29 -40.18
C GLN D 160 -10.73 -46.78 -39.16
N ILE D 161 -10.37 -46.80 -37.88
CA ILE D 161 -11.26 -46.32 -36.83
C ILE D 161 -11.52 -44.82 -37.00
N ALA D 162 -10.47 -44.05 -37.26
CA ALA D 162 -10.62 -42.61 -37.43
C ALA D 162 -11.52 -42.30 -38.62
N ASP D 163 -11.34 -43.02 -39.73
CA ASP D 163 -12.16 -42.78 -40.91
C ASP D 163 -13.63 -43.12 -40.66
N ALA D 164 -13.89 -44.21 -39.93
CA ALA D 164 -15.27 -44.60 -39.66
C ALA D 164 -15.97 -43.57 -38.80
N LEU D 165 -15.29 -43.04 -37.79
CA LEU D 165 -15.90 -42.03 -36.92
C LEU D 165 -16.19 -40.76 -37.71
N MET D 166 -15.27 -40.36 -38.59
CA MET D 166 -15.51 -39.17 -39.42
C MET D 166 -16.75 -39.38 -40.29
N LYS D 167 -16.89 -40.56 -40.88
CA LYS D 167 -17.99 -40.78 -41.83
C LYS D 167 -19.33 -40.75 -41.11
N LYS D 168 -19.39 -41.35 -39.93
CA LYS D 168 -20.68 -41.52 -39.26
C LYS D 168 -21.09 -40.28 -38.48
N LEU D 169 -20.16 -39.69 -37.74
CA LEU D 169 -20.48 -38.59 -36.86
C LEU D 169 -20.36 -37.23 -37.54
N ASP D 170 -19.68 -37.18 -38.68
CA ASP D 170 -19.33 -35.95 -39.37
C ASP D 170 -18.84 -34.90 -38.37
N PRO D 171 -17.85 -35.21 -37.54
CA PRO D 171 -17.39 -34.25 -36.53
C PRO D 171 -16.46 -33.23 -37.15
N ARG D 172 -16.14 -32.21 -36.34
CA ARG D 172 -15.13 -31.26 -36.77
C ARG D 172 -13.76 -31.91 -36.84
N GLY D 173 -13.48 -32.81 -35.90
CA GLY D 173 -12.19 -33.48 -35.88
C GLY D 173 -12.28 -34.81 -35.16
N VAL D 174 -11.32 -35.67 -35.47
CA VAL D 174 -11.20 -36.98 -34.86
C VAL D 174 -9.73 -37.25 -34.58
N ILE D 175 -9.47 -37.91 -33.45
CA ILE D 175 -8.14 -38.35 -33.09
C ILE D 175 -8.25 -39.75 -32.53
N VAL D 176 -7.40 -40.65 -33.01
CA VAL D 176 -7.37 -42.03 -32.53
C VAL D 176 -5.92 -42.36 -32.21
N VAL D 177 -5.71 -42.93 -31.03
CA VAL D 177 -4.39 -43.32 -30.57
C VAL D 177 -4.52 -44.74 -30.06
N ILE D 178 -3.62 -45.61 -30.47
CA ILE D 178 -3.62 -46.99 -30.00
C ILE D 178 -2.28 -47.23 -29.33
N GLU D 179 -2.32 -47.72 -28.08
CA GLU D 179 -1.13 -48.09 -27.32
C GLU D 179 -1.23 -49.59 -27.11
N ALA D 180 -0.44 -50.37 -27.84
CA ALA D 180 -0.57 -51.80 -27.81
C ALA D 180 0.78 -52.47 -27.62
N GLU D 181 0.75 -53.65 -27.01
CA GLU D 181 1.92 -54.48 -26.81
C GLU D 181 1.93 -55.56 -27.90
N HIS D 182 3.01 -55.62 -28.67
CA HIS D 182 3.14 -56.62 -29.71
C HIS D 182 3.92 -57.81 -29.19
N LEU D 183 3.41 -59.00 -29.50
CA LEU D 183 4.00 -60.24 -29.02
C LEU D 183 4.71 -61.00 -30.12
N CYS D 184 4.59 -60.53 -31.36
CA CYS D 184 5.15 -61.27 -32.50
C CYS D 184 6.65 -61.47 -32.33
N MET D 185 7.37 -60.39 -32.02
CA MET D 185 8.82 -60.45 -31.91
C MET D 185 9.25 -60.91 -30.52
N ALA D 186 8.44 -60.66 -29.49
CA ALA D 186 8.73 -61.21 -28.18
C ALA D 186 8.67 -62.73 -28.19
N MET D 187 7.72 -63.30 -28.92
CA MET D 187 7.60 -64.76 -28.97
C MET D 187 8.85 -65.41 -29.58
N ARG D 188 9.43 -64.79 -30.60
CA ARG D 188 10.64 -65.33 -31.22
C ARG D 188 11.90 -64.81 -30.57
N GLY D 189 11.84 -64.52 -29.27
CA GLY D 189 12.94 -63.92 -28.54
C GLY D 189 13.80 -62.95 -29.30
N VAL D 190 13.20 -62.01 -30.01
CA VAL D 190 13.93 -60.98 -30.72
C VAL D 190 13.83 -59.63 -30.02
N ARG D 191 12.77 -59.38 -29.27
CA ARG D 191 12.53 -58.11 -28.61
C ARG D 191 12.25 -58.32 -27.13
N LYS D 192 12.48 -57.25 -26.38
CA LYS D 192 12.17 -57.28 -24.96
C LYS D 192 10.65 -57.37 -24.77
N PRO D 193 10.17 -58.23 -23.87
CA PRO D 193 8.74 -58.25 -23.59
C PRO D 193 8.29 -56.94 -22.94
N GLY D 194 7.04 -56.57 -23.22
CA GLY D 194 6.44 -55.39 -22.62
C GLY D 194 6.55 -54.12 -23.42
N SER D 195 7.27 -54.12 -24.54
CA SER D 195 7.37 -52.93 -25.36
C SER D 195 6.00 -52.51 -25.88
N VAL D 196 5.75 -51.20 -25.94
CA VAL D 196 4.47 -50.66 -26.35
C VAL D 196 4.67 -49.87 -27.64
N THR D 197 3.95 -50.25 -28.69
CA THR D 197 3.92 -49.51 -29.94
C THR D 197 2.76 -48.51 -29.89
N THR D 198 3.02 -47.27 -30.28
CA THR D 198 2.01 -46.22 -30.28
C THR D 198 1.77 -45.73 -31.69
N THR D 199 0.50 -45.66 -32.10
CA THR D 199 0.11 -45.16 -33.41
C THR D 199 -0.99 -44.13 -33.23
N SER D 200 -1.04 -43.18 -34.16
CA SER D 200 -2.03 -42.11 -34.09
C SER D 200 -2.57 -41.81 -35.49
N ALA D 201 -3.81 -41.34 -35.54
CA ALA D 201 -4.44 -40.90 -36.77
C ALA D 201 -5.28 -39.67 -36.45
N VAL D 202 -5.14 -38.62 -37.25
CA VAL D 202 -5.85 -37.37 -37.01
C VAL D 202 -6.64 -36.99 -38.26
N ARG D 203 -7.85 -36.51 -38.06
CA ARG D 203 -8.74 -36.16 -39.16
C ARG D 203 -9.39 -34.82 -38.83
N GLY D 204 -9.76 -34.09 -39.89
CA GLY D 204 -10.47 -32.84 -39.69
C GLY D 204 -9.68 -31.82 -38.90
N LEU D 205 -10.29 -31.29 -37.85
CA LEU D 205 -9.71 -30.15 -37.14
C LEU D 205 -8.37 -30.52 -36.52
N PHE D 206 -8.26 -31.73 -35.97
CA PHE D 206 -7.01 -32.13 -35.35
C PHE D 206 -5.88 -32.20 -36.38
N LYS D 207 -6.20 -32.44 -37.65
CA LYS D 207 -5.16 -32.45 -38.67
C LYS D 207 -4.76 -31.04 -39.09
N THR D 208 -5.71 -30.09 -39.11
CA THR D 208 -5.40 -28.76 -39.59
C THR D 208 -4.80 -27.87 -38.49
N ASN D 209 -5.17 -28.08 -37.23
CA ASN D 209 -4.73 -27.24 -36.13
C ASN D 209 -3.73 -28.04 -35.30
N ALA D 210 -2.50 -27.54 -35.20
CA ALA D 210 -1.49 -28.22 -34.39
C ALA D 210 -1.68 -27.98 -32.90
N ALA D 211 -2.18 -26.81 -32.51
CA ALA D 211 -2.45 -26.55 -31.11
C ALA D 211 -3.53 -27.48 -30.58
N SER D 212 -4.62 -27.64 -31.33
CA SER D 212 -5.70 -28.52 -30.89
C SER D 212 -5.23 -29.98 -30.84
N ARG D 213 -4.48 -30.42 -31.86
CA ARG D 213 -3.96 -31.78 -31.85
C ARG D 213 -2.99 -32.00 -30.71
N ALA D 214 -2.12 -31.02 -30.44
CA ALA D 214 -1.14 -31.19 -29.38
C ALA D 214 -1.82 -31.35 -28.03
N GLU D 215 -2.87 -30.55 -27.79
CA GLU D 215 -3.59 -30.65 -26.52
C GLU D 215 -4.25 -32.02 -26.37
N ALA D 216 -4.97 -32.46 -27.40
CA ALA D 216 -5.66 -33.74 -27.30
C ALA D 216 -4.68 -34.88 -27.02
N LEU D 217 -3.52 -34.84 -27.69
CA LEU D 217 -2.52 -35.88 -27.48
C LEU D 217 -2.05 -35.90 -26.03
N ASP D 218 -1.81 -34.74 -25.45
CA ASP D 218 -1.31 -34.68 -24.08
C ASP D 218 -2.31 -35.28 -23.10
N LEU D 219 -3.61 -35.03 -23.29
CA LEU D 219 -4.60 -35.59 -22.39
C LEU D 219 -4.59 -37.12 -22.44
N ILE D 220 -4.41 -37.68 -23.64
CA ILE D 220 -4.46 -39.13 -23.85
C ILE D 220 -3.24 -39.80 -23.24
N LEU D 221 -2.05 -39.20 -23.39
CA LEU D 221 -0.86 -39.88 -22.89
C LEU D 221 -0.83 -39.86 -21.36
N ARG D 222 -1.31 -38.77 -20.75
CA ARG D 222 -1.31 -38.63 -19.29
C ARG D 222 -2.52 -39.36 -18.74
N LYS D 223 -2.30 -40.55 -18.18
CA LYS D 223 -3.37 -41.34 -17.58
C LYS D 223 -3.46 -41.04 -16.08
N ARG E 35 -29.22 -8.35 27.68
CA ARG E 35 -27.89 -7.92 27.25
C ARG E 35 -28.05 -6.99 26.05
N VAL E 36 -27.81 -5.71 26.25
CA VAL E 36 -27.93 -4.68 25.21
C VAL E 36 -26.58 -4.01 25.05
N PHE E 37 -26.13 -3.89 23.81
CA PHE E 37 -24.81 -3.33 23.49
C PHE E 37 -24.90 -1.81 23.46
N ASP E 38 -24.26 -1.14 24.42
CA ASP E 38 -24.18 0.31 24.45
C ASP E 38 -22.90 0.73 23.73
N GLN E 39 -23.07 1.32 22.54
CA GLN E 39 -21.91 1.64 21.71
C GLN E 39 -21.11 2.80 22.28
N GLN E 40 -21.77 3.86 22.73
CA GLN E 40 -21.06 5.02 23.26
C GLN E 40 -20.30 4.64 24.52
N ARG E 41 -20.88 3.80 25.38
CA ARG E 41 -20.19 3.34 26.57
C ARG E 41 -18.95 2.54 26.22
N ALA E 42 -19.05 1.69 25.19
CA ALA E 42 -17.89 0.89 24.77
C ALA E 42 -16.77 1.78 24.25
N GLU E 43 -17.09 2.78 23.43
CA GLU E 43 -16.05 3.65 22.91
C GLU E 43 -15.37 4.43 24.03
N ALA E 44 -16.15 4.93 24.99
CA ALA E 44 -15.58 5.67 26.11
C ALA E 44 -14.63 4.80 26.92
N ALA E 45 -15.01 3.54 27.16
CA ALA E 45 -14.13 2.63 27.90
C ALA E 45 -12.83 2.39 27.15
N VAL E 46 -12.90 2.23 25.83
CA VAL E 46 -11.70 1.97 25.05
C VAL E 46 -10.79 3.19 25.06
N ARG E 47 -11.35 4.38 24.98
CA ARG E 47 -10.53 5.59 25.05
C ARG E 47 -9.85 5.68 26.42
N GLU E 48 -10.57 5.35 27.49
CA GLU E 48 -9.97 5.31 28.83
C GLU E 48 -8.86 4.26 28.89
N LEU E 49 -9.06 3.14 28.20
CA LEU E 49 -8.05 2.10 28.16
C LEU E 49 -6.78 2.58 27.45
N LEU E 50 -6.95 3.34 26.37
CA LEU E 50 -5.78 3.87 25.66
C LEU E 50 -5.02 4.85 26.55
N TYR E 51 -5.74 5.67 27.31
CA TYR E 51 -5.07 6.53 28.29
C TYR E 51 -4.35 5.68 29.34
N ALA E 52 -4.98 4.61 29.80
CA ALA E 52 -4.40 3.82 30.89
C ALA E 52 -3.06 3.22 30.48
N ILE E 53 -2.95 2.72 29.24
CA ILE E 53 -1.71 2.10 28.81
C ILE E 53 -0.64 3.11 28.45
N GLY E 54 -0.93 4.41 28.53
CA GLY E 54 0.04 5.44 28.28
C GLY E 54 0.04 6.03 26.88
N GLU E 55 -0.79 5.52 25.99
CA GLU E 55 -0.86 6.06 24.63
C GLU E 55 -1.68 7.35 24.62
N ASP E 56 -1.61 8.05 23.49
CA ASP E 56 -2.41 9.25 23.28
C ASP E 56 -3.56 8.91 22.35
N PRO E 57 -4.82 8.84 22.84
CA PRO E 57 -5.91 8.45 21.93
C PRO E 57 -6.11 9.41 20.77
N ASP E 58 -5.62 10.64 20.87
CA ASP E 58 -5.83 11.64 19.83
C ASP E 58 -4.82 11.56 18.69
N ARG E 59 -3.75 10.77 18.84
CA ARG E 59 -2.79 10.64 17.76
C ARG E 59 -3.44 9.92 16.58
N ASP E 60 -2.81 10.04 15.41
CA ASP E 60 -3.48 9.62 14.17
C ASP E 60 -3.68 8.11 14.11
N GLY E 61 -2.70 7.34 14.59
CA GLY E 61 -2.83 5.89 14.51
C GLY E 61 -3.85 5.30 15.48
N LEU E 62 -4.40 6.12 16.38
CA LEU E 62 -5.37 5.65 17.34
C LEU E 62 -6.63 6.50 17.40
N VAL E 63 -6.72 7.55 16.57
CA VAL E 63 -7.87 8.45 16.66
C VAL E 63 -9.16 7.72 16.28
N ALA E 64 -9.07 6.70 15.43
CA ALA E 64 -10.22 5.87 15.09
C ALA E 64 -10.24 4.55 15.84
N THR E 65 -9.28 4.33 16.75
CA THR E 65 -9.23 3.04 17.44
C THR E 65 -10.44 2.83 18.35
N PRO E 66 -10.87 3.80 19.16
CA PRO E 66 -12.02 3.53 20.04
C PRO E 66 -13.27 3.10 19.30
N SER E 67 -13.55 3.70 18.14
CA SER E 67 -14.73 3.31 17.39
C SER E 67 -14.58 1.93 16.75
N ARG E 68 -13.39 1.64 16.20
CA ARG E 68 -13.17 0.35 15.56
C ARG E 68 -13.20 -0.78 16.57
N VAL E 69 -12.66 -0.55 17.77
CA VAL E 69 -12.65 -1.58 18.79
C VAL E 69 -14.06 -1.87 19.28
N ALA E 70 -14.88 -0.82 19.45
CA ALA E 70 -16.25 -1.02 19.88
C ALA E 70 -17.03 -1.83 18.86
N ARG E 71 -16.87 -1.53 17.57
CA ARG E 71 -17.55 -2.32 16.54
C ARG E 71 -17.06 -3.75 16.55
N SER E 72 -15.75 -3.96 16.72
CA SER E 72 -15.23 -5.32 16.75
C SER E 72 -15.83 -6.08 17.92
N TYR E 73 -15.95 -5.42 19.08
CA TYR E 73 -16.51 -6.08 20.25
C TYR E 73 -17.97 -6.48 20.02
N ARG E 74 -18.69 -5.72 19.20
CA ARG E 74 -20.07 -6.08 18.89
C ARG E 74 -20.11 -7.46 18.22
N GLU E 75 -19.18 -7.71 17.30
CA GLU E 75 -19.09 -8.98 16.59
C GLU E 75 -18.44 -10.08 17.43
N MET E 76 -17.46 -9.73 18.27
CA MET E 76 -16.77 -10.73 19.08
C MET E 76 -17.70 -11.36 20.12
N PHE E 77 -18.70 -10.60 20.56
CA PHE E 77 -19.65 -11.05 21.57
C PHE E 77 -21.07 -11.11 21.00
N ALA E 78 -21.18 -11.41 19.70
CA ALA E 78 -22.49 -11.49 19.06
C ALA E 78 -23.38 -12.57 19.66
N GLY E 79 -22.78 -13.60 20.27
CA GLY E 79 -23.57 -14.66 20.87
C GLY E 79 -24.41 -14.18 22.04
N LEU E 80 -23.99 -13.10 22.69
CA LEU E 80 -24.76 -12.59 23.82
C LEU E 80 -26.09 -11.97 23.40
N TYR E 81 -26.24 -11.63 22.12
CA TYR E 81 -27.41 -10.91 21.67
C TYR E 81 -28.41 -11.74 20.88
N THR E 82 -28.03 -12.92 20.42
CA THR E 82 -28.94 -13.83 19.75
C THR E 82 -28.81 -15.21 20.35
N ASP E 83 -29.94 -15.89 20.54
CA ASP E 83 -29.92 -17.24 21.11
C ASP E 83 -29.34 -18.19 20.08
N PRO E 84 -28.22 -18.87 20.37
CA PRO E 84 -27.66 -19.79 19.37
C PRO E 84 -28.60 -20.92 18.98
N ASP E 85 -29.42 -21.41 19.91
CA ASP E 85 -30.23 -22.57 19.62
C ASP E 85 -31.28 -22.28 18.56
N SER E 86 -31.69 -21.01 18.45
CA SER E 86 -32.77 -20.63 17.54
C SER E 86 -32.35 -20.60 16.08
N VAL E 87 -31.04 -20.64 15.78
CA VAL E 87 -30.62 -20.54 14.39
C VAL E 87 -30.97 -21.82 13.63
N LEU E 88 -30.99 -22.96 14.32
CA LEU E 88 -31.18 -24.25 13.66
C LEU E 88 -32.53 -24.32 12.97
N ASN E 89 -32.56 -24.92 11.79
CA ASN E 89 -33.78 -25.12 11.03
C ASN E 89 -34.20 -26.58 11.15
N THR E 90 -35.41 -26.87 10.68
CA THR E 90 -36.00 -28.20 10.79
C THR E 90 -36.04 -28.85 9.41
N MET E 91 -35.46 -30.04 9.31
CA MET E 91 -35.47 -30.82 8.07
C MET E 91 -35.42 -32.28 8.45
N PHE E 92 -35.80 -33.15 7.52
CA PHE E 92 -35.77 -34.57 7.79
C PHE E 92 -35.07 -35.32 6.67
N ASP E 93 -34.17 -36.23 7.05
CA ASP E 93 -33.49 -37.12 6.11
C ASP E 93 -34.18 -38.47 6.26
N GLU E 94 -35.04 -38.82 5.31
CA GLU E 94 -35.79 -40.06 5.39
C GLU E 94 -35.08 -41.24 4.76
N ASP E 95 -34.05 -40.99 3.94
CA ASP E 95 -33.40 -42.05 3.20
C ASP E 95 -32.26 -42.75 3.94
N HIS E 96 -31.66 -42.12 4.95
CA HIS E 96 -30.36 -42.54 5.46
C HIS E 96 -30.42 -42.82 6.97
N ASP E 97 -29.46 -43.64 7.42
CA ASP E 97 -29.25 -43.91 8.83
C ASP E 97 -27.82 -43.64 9.30
N GLU E 98 -26.97 -43.02 8.48
CA GLU E 98 -25.59 -42.86 8.85
C GLU E 98 -25.34 -41.60 9.68
N LEU E 99 -24.12 -41.51 10.20
CA LEU E 99 -23.67 -40.36 10.98
C LEU E 99 -23.57 -39.12 10.11
N VAL E 100 -23.99 -37.99 10.66
CA VAL E 100 -23.75 -36.68 10.04
C VAL E 100 -22.53 -36.06 10.71
N LEU E 101 -21.46 -35.85 9.95
CA LEU E 101 -20.21 -35.32 10.49
C LEU E 101 -19.85 -34.01 9.78
N VAL E 102 -19.55 -32.98 10.57
CA VAL E 102 -19.17 -31.66 10.06
C VAL E 102 -17.84 -31.28 10.70
N LYS E 103 -16.83 -30.98 9.87
CA LYS E 103 -15.48 -30.78 10.36
C LYS E 103 -14.89 -29.47 9.87
N GLU E 104 -13.87 -28.99 10.61
CA GLU E 104 -13.21 -27.71 10.34
C GLU E 104 -14.20 -26.56 10.29
N ILE E 105 -15.14 -26.54 11.24
CA ILE E 105 -16.02 -25.39 11.43
C ILE E 105 -15.18 -24.27 12.03
N PRO E 106 -15.08 -23.11 11.38
CA PRO E 106 -14.29 -22.02 11.97
C PRO E 106 -14.78 -21.70 13.36
N MET E 107 -13.84 -21.53 14.29
CA MET E 107 -14.20 -21.28 15.68
C MET E 107 -13.30 -20.17 16.20
N TYR E 108 -13.89 -19.01 16.47
CA TYR E 108 -13.17 -17.88 17.03
C TYR E 108 -13.87 -17.43 18.30
N SER E 109 -13.15 -17.42 19.41
CA SER E 109 -13.73 -17.13 20.71
C SER E 109 -12.81 -16.21 21.48
N THR E 110 -13.24 -15.84 22.68
CA THR E 110 -12.52 -14.91 23.54
C THR E 110 -12.48 -15.50 24.95
N CYS E 111 -11.28 -15.58 25.52
CA CYS E 111 -11.15 -16.01 26.91
C CYS E 111 -11.85 -15.03 27.84
N GLU E 112 -12.70 -15.55 28.73
CA GLU E 112 -13.41 -14.65 29.63
C GLU E 112 -12.51 -14.08 30.71
N HIS E 113 -11.40 -14.76 31.00
CA HIS E 113 -10.51 -14.33 32.07
C HIS E 113 -9.61 -13.18 31.63
N HIS E 114 -9.19 -13.19 30.36
CA HIS E 114 -8.23 -12.21 29.86
C HIS E 114 -8.71 -11.44 28.64
N LEU E 115 -9.89 -11.76 28.11
CA LEU E 115 -10.42 -11.12 26.91
C LEU E 115 -9.40 -11.19 25.76
N VAL E 116 -8.77 -12.36 25.62
CA VAL E 116 -7.80 -12.64 24.58
C VAL E 116 -8.32 -13.78 23.73
N ALA E 117 -8.12 -13.69 22.42
CA ALA E 117 -8.70 -14.67 21.51
C ALA E 117 -8.04 -16.03 21.66
N PHE E 118 -8.86 -17.08 21.56
CA PHE E 118 -8.40 -18.43 21.28
C PHE E 118 -9.22 -18.94 20.09
N HIS E 119 -8.54 -19.43 19.07
CA HIS E 119 -9.16 -19.71 17.79
C HIS E 119 -8.69 -21.05 17.24
N GLY E 120 -9.58 -21.71 16.51
CA GLY E 120 -9.26 -22.99 15.91
C GLY E 120 -10.41 -23.50 15.06
N VAL E 121 -10.76 -24.77 15.23
CA VAL E 121 -11.87 -25.39 14.51
C VAL E 121 -12.70 -26.23 15.47
N ALA E 122 -13.93 -26.52 15.03
CA ALA E 122 -14.85 -27.37 15.76
C ALA E 122 -15.35 -28.48 14.85
N HIS E 123 -15.65 -29.62 15.45
CA HIS E 123 -16.14 -30.79 14.73
C HIS E 123 -17.40 -31.28 15.41
N VAL E 124 -18.49 -31.39 14.67
CA VAL E 124 -19.78 -31.78 15.22
C VAL E 124 -20.26 -33.03 14.49
N GLY E 125 -20.57 -34.07 15.25
CA GLY E 125 -21.14 -35.27 14.68
C GLY E 125 -22.40 -35.67 15.42
N TYR E 126 -23.50 -35.90 14.71
CA TYR E 126 -24.73 -36.32 15.35
C TYR E 126 -25.35 -37.47 14.58
N ILE E 127 -26.00 -38.35 15.32
CA ILE E 127 -26.73 -39.48 14.75
C ILE E 127 -28.21 -39.10 14.72
N PRO E 128 -28.82 -38.92 13.55
CA PRO E 128 -30.23 -38.51 13.52
C PRO E 128 -31.10 -39.52 14.22
N GLY E 129 -32.18 -39.03 14.83
CA GLY E 129 -33.09 -39.89 15.54
C GLY E 129 -33.91 -40.73 14.59
N ASP E 130 -34.86 -41.47 15.17
CA ASP E 130 -35.72 -42.34 14.39
C ASP E 130 -36.55 -41.54 13.39
N ASP E 131 -37.06 -40.38 13.81
CA ASP E 131 -37.80 -39.50 12.92
C ASP E 131 -36.94 -38.91 11.81
N GLY E 132 -35.63 -39.04 11.90
CA GLY E 132 -34.75 -38.52 10.86
C GLY E 132 -34.46 -37.05 10.89
N ARG E 133 -34.72 -36.37 12.01
CA ARG E 133 -34.51 -34.94 12.07
C ARG E 133 -33.04 -34.60 11.83
N VAL E 134 -32.81 -33.61 10.98
CA VAL E 134 -31.49 -33.09 10.65
C VAL E 134 -31.58 -31.58 10.56
N THR E 135 -30.46 -30.95 10.24
CA THR E 135 -30.40 -29.49 10.10
C THR E 135 -29.31 -29.18 9.09
N GLY E 136 -29.35 -27.95 8.58
CA GLY E 136 -28.39 -27.57 7.56
C GLY E 136 -26.99 -27.44 8.12
N LEU E 137 -26.00 -27.71 7.26
CA LEU E 137 -24.62 -27.59 7.69
C LEU E 137 -24.32 -26.16 8.13
N SER E 138 -24.77 -25.18 7.35
CA SER E 138 -24.55 -23.77 7.69
C SER E 138 -25.19 -23.43 9.02
N LYS E 139 -26.31 -24.08 9.35
CA LYS E 139 -26.97 -23.79 10.62
C LYS E 139 -26.13 -24.26 11.81
N ILE E 140 -25.52 -25.44 11.68
CA ILE E 140 -24.60 -25.90 12.74
C ILE E 140 -23.42 -24.95 12.86
N ALA E 141 -22.91 -24.47 11.72
CA ALA E 141 -21.80 -23.52 11.76
C ALA E 141 -22.21 -22.25 12.48
N ARG E 142 -23.44 -21.78 12.25
CA ARG E 142 -23.93 -20.59 12.93
C ARG E 142 -24.11 -20.85 14.41
N LEU E 143 -24.54 -22.06 14.78
CA LEU E 143 -24.69 -22.39 16.21
C LEU E 143 -23.34 -22.34 16.92
N VAL E 144 -22.33 -22.97 16.32
CA VAL E 144 -20.99 -22.96 16.90
C VAL E 144 -20.48 -21.53 16.99
N ASP E 145 -20.68 -20.74 15.94
CA ASP E 145 -20.14 -19.38 15.92
C ASP E 145 -20.73 -18.55 17.05
N LEU E 146 -22.04 -18.68 17.28
CA LEU E 146 -22.69 -17.83 18.26
C LEU E 146 -22.29 -18.22 19.68
N TYR E 147 -22.19 -19.52 19.97
CA TYR E 147 -21.67 -19.92 21.27
C TYR E 147 -20.22 -19.50 21.45
N ALA E 148 -19.45 -19.53 20.36
CA ALA E 148 -18.04 -19.16 20.46
C ALA E 148 -17.85 -17.65 20.57
N LYS E 149 -18.78 -16.86 20.05
CA LYS E 149 -18.66 -15.41 20.06
C LYS E 149 -19.18 -14.86 21.39
N ARG E 150 -18.54 -15.30 22.47
CA ARG E 150 -18.91 -14.90 23.82
C ARG E 150 -17.67 -14.96 24.68
N PRO E 151 -17.69 -14.31 25.85
CA PRO E 151 -16.67 -14.62 26.87
C PRO E 151 -16.80 -16.08 27.26
N GLN E 152 -15.76 -16.86 26.97
CA GLN E 152 -15.87 -18.31 26.98
C GLN E 152 -14.66 -18.97 27.65
N VAL E 153 -14.88 -20.21 28.06
CA VAL E 153 -13.83 -21.17 28.37
C VAL E 153 -14.05 -22.37 27.46
N GLN E 154 -12.97 -22.91 26.89
CA GLN E 154 -13.13 -23.87 25.80
C GLN E 154 -13.97 -25.07 26.22
N GLU E 155 -13.80 -25.58 27.45
CA GLU E 155 -14.59 -26.73 27.86
C GLU E 155 -16.06 -26.37 27.96
N ARG E 156 -16.37 -25.18 28.48
CA ARG E 156 -17.77 -24.74 28.50
C ARG E 156 -18.33 -24.62 27.10
N LEU E 157 -17.54 -24.09 26.16
CA LEU E 157 -18.02 -23.92 24.80
C LEU E 157 -18.36 -25.27 24.18
N THR E 158 -17.50 -26.27 24.35
CA THR E 158 -17.76 -27.58 23.78
C THR E 158 -19.02 -28.20 24.38
N SER E 159 -19.17 -28.10 25.70
CA SER E 159 -20.33 -28.68 26.36
C SER E 159 -21.62 -27.99 25.93
N GLN E 160 -21.59 -26.67 25.75
CA GLN E 160 -22.79 -25.96 25.34
C GLN E 160 -23.22 -26.36 23.94
N ILE E 161 -22.27 -26.52 23.02
CA ILE E 161 -22.63 -26.92 21.66
C ILE E 161 -23.28 -28.28 21.67
N ALA E 162 -22.71 -29.23 22.42
CA ALA E 162 -23.28 -30.57 22.47
C ALA E 162 -24.68 -30.55 23.06
N ASP E 163 -24.90 -29.75 24.10
CA ASP E 163 -26.22 -29.70 24.74
C ASP E 163 -27.27 -29.13 23.79
N ALA E 164 -26.92 -28.09 23.04
CA ALA E 164 -27.88 -27.48 22.13
C ALA E 164 -28.30 -28.45 21.04
N LEU E 165 -27.36 -29.20 20.47
CA LEU E 165 -27.70 -30.15 19.42
C LEU E 165 -28.60 -31.25 19.93
N MET E 166 -28.34 -31.77 21.14
CA MET E 166 -29.24 -32.75 21.73
C MET E 166 -30.64 -32.18 21.93
N LYS E 167 -30.72 -30.96 22.45
CA LYS E 167 -32.01 -30.38 22.79
C LYS E 167 -32.89 -30.17 21.55
N LYS E 168 -32.30 -29.66 20.47
CA LYS E 168 -33.06 -29.23 19.30
C LYS E 168 -33.31 -30.36 18.32
N LEU E 169 -32.33 -31.23 18.10
CA LEU E 169 -32.44 -32.27 17.07
C LEU E 169 -33.00 -33.57 17.60
N ASP E 170 -33.01 -33.75 18.93
CA ASP E 170 -33.36 -35.01 19.59
C ASP E 170 -32.69 -36.18 18.89
N PRO E 171 -31.38 -36.13 18.70
CA PRO E 171 -30.68 -37.21 18.00
C PRO E 171 -30.39 -38.37 18.93
N ARG E 172 -29.94 -39.48 18.33
CA ARG E 172 -29.49 -40.62 19.12
C ARG E 172 -28.17 -40.32 19.82
N GLY E 173 -27.29 -39.54 19.18
CA GLY E 173 -26.03 -39.18 19.81
C GLY E 173 -25.45 -37.91 19.23
N VAL E 174 -24.60 -37.27 20.02
CA VAL E 174 -23.90 -36.05 19.61
C VAL E 174 -22.48 -36.10 20.14
N ILE E 175 -21.52 -35.63 19.33
CA ILE E 175 -20.14 -35.51 19.74
C ILE E 175 -19.61 -34.18 19.23
N VAL E 176 -18.89 -33.44 20.07
CA VAL E 176 -18.33 -32.14 19.71
C VAL E 176 -16.86 -32.12 20.11
N VAL E 177 -16.00 -31.67 19.20
CA VAL E 177 -14.57 -31.56 19.45
C VAL E 177 -14.09 -30.19 19.01
N ILE E 178 -13.35 -29.51 19.87
CA ILE E 178 -12.77 -28.21 19.55
C ILE E 178 -11.26 -28.32 19.69
N GLU E 179 -10.53 -27.91 18.66
CA GLU E 179 -9.07 -27.84 18.66
C GLU E 179 -8.70 -26.38 18.46
N ALA E 180 -8.30 -25.69 19.53
CA ALA E 180 -8.07 -24.26 19.48
C ALA E 180 -6.71 -23.90 20.06
N GLU E 181 -6.16 -22.81 19.58
CA GLU E 181 -4.87 -22.31 20.04
C GLU E 181 -5.14 -21.18 21.02
N HIS E 182 -4.64 -21.33 22.25
CA HIS E 182 -4.80 -20.31 23.28
C HIS E 182 -3.57 -19.43 23.30
N LEU E 183 -3.80 -18.12 23.42
CA LEU E 183 -2.70 -17.16 23.34
C LEU E 183 -2.39 -16.51 24.67
N CYS E 184 -3.22 -16.71 25.69
CA CYS E 184 -3.08 -15.95 26.92
C CYS E 184 -1.72 -16.17 27.57
N MET E 185 -1.33 -17.43 27.76
CA MET E 185 -0.09 -17.71 28.44
C MET E 185 1.11 -17.67 27.50
N ALA E 186 0.90 -17.94 26.22
CA ALA E 186 1.99 -17.85 25.26
C ALA E 186 2.52 -16.43 25.14
N MET E 187 1.64 -15.42 25.17
CA MET E 187 2.15 -14.05 25.03
C MET E 187 3.08 -13.73 26.19
N ARG E 188 2.78 -14.25 27.39
CA ARG E 188 3.58 -13.98 28.58
C ARG E 188 4.73 -14.96 28.71
N GLY E 189 5.27 -15.42 27.57
CA GLY E 189 6.31 -16.42 27.52
C GLY E 189 6.25 -17.51 28.57
N VAL E 190 5.07 -18.10 28.75
CA VAL E 190 4.91 -19.20 29.66
C VAL E 190 4.76 -20.54 28.93
N ARG E 191 4.21 -20.53 27.72
CA ARG E 191 4.00 -21.75 26.96
C ARG E 191 4.58 -21.53 25.57
N LYS E 192 4.94 -22.62 24.91
CA LYS E 192 5.45 -22.50 23.55
C LYS E 192 4.32 -22.08 22.61
N PRO E 193 4.59 -21.18 21.67
CA PRO E 193 3.54 -20.79 20.71
C PRO E 193 3.12 -21.96 19.84
N GLY E 194 1.85 -21.95 19.44
CA GLY E 194 1.31 -22.97 18.58
C GLY E 194 0.65 -24.14 19.27
N SER E 195 0.69 -24.19 20.60
CA SER E 195 0.09 -25.30 21.33
C SER E 195 -1.42 -25.32 21.03
N VAL E 196 -1.97 -26.51 20.85
CA VAL E 196 -3.37 -26.68 20.50
C VAL E 196 -4.04 -27.45 21.64
N THR E 197 -5.08 -26.84 22.22
CA THR E 197 -5.90 -27.49 23.24
C THR E 197 -7.07 -28.20 22.58
N THR E 198 -7.33 -29.43 23.01
CA THR E 198 -8.42 -30.24 22.48
C THR E 198 -9.41 -30.55 23.60
N THR E 199 -10.69 -30.29 23.34
CA THR E 199 -11.77 -30.59 24.28
C THR E 199 -12.87 -31.34 23.55
N SER E 200 -13.59 -32.17 24.30
CA SER E 200 -14.64 -32.99 23.70
C SER E 200 -15.85 -33.01 24.64
N ALA E 201 -17.02 -33.21 24.04
CA ALA E 201 -18.27 -33.38 24.78
C ALA E 201 -19.08 -34.46 24.06
N VAL E 202 -19.59 -35.43 24.80
CA VAL E 202 -20.34 -36.54 24.23
C VAL E 202 -21.69 -36.65 24.91
N ARG E 203 -22.71 -36.93 24.11
CA ARG E 203 -24.07 -36.99 24.61
C ARG E 203 -24.76 -38.20 23.99
N GLY E 204 -25.76 -38.73 24.71
CA GLY E 204 -26.54 -39.82 24.16
C GLY E 204 -25.69 -41.05 23.89
N LEU E 205 -25.74 -41.53 22.64
CA LEU E 205 -25.10 -42.79 22.29
C LEU E 205 -23.60 -42.73 22.52
N PHE E 206 -22.96 -41.63 22.14
CA PHE E 206 -21.52 -41.50 22.31
C PHE E 206 -21.12 -41.44 23.77
N LYS E 207 -22.02 -40.95 24.64
CA LYS E 207 -21.72 -40.93 26.08
C LYS E 207 -21.92 -42.29 26.73
N THR E 208 -22.91 -43.05 26.30
CA THR E 208 -23.19 -44.32 26.96
C THR E 208 -22.29 -45.44 26.46
N ASN E 209 -21.91 -45.39 25.18
CA ASN E 209 -21.17 -46.47 24.53
C ASN E 209 -19.73 -46.00 24.30
N ALA E 210 -18.78 -46.73 24.88
CA ALA E 210 -17.37 -46.35 24.74
C ALA E 210 -16.81 -46.72 23.38
N ALA E 211 -17.25 -47.84 22.80
CA ALA E 211 -16.75 -48.22 21.47
C ALA E 211 -17.14 -47.19 20.43
N SER E 212 -18.39 -46.71 20.47
CA SER E 212 -18.83 -45.69 19.52
C SER E 212 -18.07 -44.38 19.71
N ARG E 213 -17.80 -43.99 20.95
CA ARG E 213 -17.05 -42.76 21.16
C ARG E 213 -15.65 -42.87 20.57
N ALA E 214 -15.00 -44.03 20.74
CA ALA E 214 -13.65 -44.20 20.23
C ALA E 214 -13.62 -44.11 18.70
N GLU E 215 -14.58 -44.75 18.04
CA GLU E 215 -14.63 -44.71 16.59
C GLU E 215 -14.89 -43.30 16.08
N ALA E 216 -15.88 -42.62 16.68
CA ALA E 216 -16.20 -41.27 16.25
C ALA E 216 -15.01 -40.33 16.43
N LEU E 217 -14.30 -40.45 17.55
CA LEU E 217 -13.12 -39.62 17.80
C LEU E 217 -12.06 -39.85 16.72
N ASP E 218 -11.87 -41.10 16.31
CA ASP E 218 -10.91 -41.41 15.25
C ASP E 218 -11.26 -40.71 13.94
N LEU E 219 -12.53 -40.70 13.56
CA LEU E 219 -12.91 -40.02 12.31
C LEU E 219 -12.64 -38.53 12.39
N ILE E 220 -12.88 -37.91 13.55
CA ILE E 220 -12.67 -36.48 13.69
C ILE E 220 -11.20 -36.12 13.66
N LEU E 221 -10.36 -36.91 14.33
CA LEU E 221 -8.95 -36.55 14.43
C LEU E 221 -8.22 -36.78 13.11
N ARG E 222 -8.51 -37.88 12.43
CA ARG E 222 -7.86 -38.17 11.16
C ARG E 222 -8.31 -37.17 10.10
N LYS E 223 -7.36 -36.64 9.34
CA LYS E 223 -7.67 -35.66 8.30
C LYS E 223 -7.62 -36.29 6.91
N ARG F 35 -40.12 -15.46 -9.54
CA ARG F 35 -41.02 -16.53 -9.96
C ARG F 35 -41.98 -16.90 -8.83
N VAL F 36 -43.07 -17.57 -9.17
CA VAL F 36 -44.07 -18.03 -8.21
C VAL F 36 -44.25 -19.52 -8.40
N PHE F 37 -44.16 -20.27 -7.30
CA PHE F 37 -44.22 -21.73 -7.35
C PHE F 37 -45.61 -22.21 -6.92
N ASP F 38 -46.15 -23.15 -7.69
CA ASP F 38 -47.44 -23.78 -7.44
C ASP F 38 -47.18 -25.25 -7.16
N GLN F 39 -47.65 -25.72 -6.00
CA GLN F 39 -47.30 -27.06 -5.55
C GLN F 39 -48.11 -28.14 -6.26
N GLN F 40 -49.43 -28.11 -6.10
CA GLN F 40 -50.28 -29.16 -6.66
C GLN F 40 -50.07 -29.31 -8.16
N ARG F 41 -49.80 -28.21 -8.87
CA ARG F 41 -49.49 -28.30 -10.29
C ARG F 41 -48.25 -29.13 -10.53
N ALA F 42 -47.21 -28.95 -9.71
CA ALA F 42 -46.01 -29.77 -9.83
C ALA F 42 -46.29 -31.22 -9.44
N GLU F 43 -47.02 -31.42 -8.34
CA GLU F 43 -47.30 -32.78 -7.86
C GLU F 43 -48.15 -33.56 -8.87
N ALA F 44 -49.14 -32.91 -9.47
CA ALA F 44 -49.95 -33.58 -10.48
C ALA F 44 -49.07 -34.01 -11.65
N ALA F 45 -48.13 -33.17 -12.05
CA ALA F 45 -47.21 -33.53 -13.13
C ALA F 45 -46.36 -34.72 -12.73
N VAL F 46 -45.92 -34.79 -11.47
CA VAL F 46 -45.05 -35.88 -11.05
C VAL F 46 -45.80 -37.21 -11.07
N ARG F 47 -47.03 -37.25 -10.55
CA ARG F 47 -47.81 -38.48 -10.61
C ARG F 47 -48.11 -38.85 -12.06
N GLU F 48 -48.41 -37.85 -12.90
CA GLU F 48 -48.60 -38.07 -14.33
C GLU F 48 -47.32 -38.62 -14.94
N LEU F 49 -46.18 -38.14 -14.47
CA LEU F 49 -44.89 -38.59 -14.96
C LEU F 49 -44.62 -40.05 -14.64
N LEU F 50 -45.00 -40.49 -13.44
CA LEU F 50 -44.76 -41.88 -13.06
C LEU F 50 -45.55 -42.84 -13.95
N TYR F 51 -46.82 -42.49 -14.24
CA TYR F 51 -47.60 -43.29 -15.17
C TYR F 51 -46.98 -43.30 -16.56
N ALA F 52 -46.48 -42.15 -17.00
CA ALA F 52 -45.92 -42.05 -18.35
C ALA F 52 -44.70 -42.94 -18.50
N ILE F 53 -43.84 -43.00 -17.47
CA ILE F 53 -42.63 -43.82 -17.56
C ILE F 53 -42.90 -45.30 -17.37
N GLY F 54 -44.14 -45.69 -17.13
CA GLY F 54 -44.51 -47.09 -17.01
C GLY F 54 -44.53 -47.64 -15.60
N GLU F 55 -44.21 -46.82 -14.61
CA GLU F 55 -44.19 -47.27 -13.22
C GLU F 55 -45.60 -47.30 -12.66
N ASP F 56 -45.70 -47.92 -11.47
CA ASP F 56 -46.95 -47.95 -10.71
C ASP F 56 -46.82 -46.99 -9.55
N PRO F 57 -47.49 -45.84 -9.58
CA PRO F 57 -47.34 -44.89 -8.45
C PRO F 57 -47.79 -45.44 -7.11
N ASP F 58 -48.62 -46.48 -7.10
CA ASP F 58 -49.18 -46.98 -5.85
C ASP F 58 -48.27 -47.94 -5.09
N ARG F 59 -47.19 -48.43 -5.70
CA ARG F 59 -46.29 -49.31 -4.95
C ARG F 59 -45.58 -48.51 -3.86
N ASP F 60 -45.05 -49.23 -2.87
CA ASP F 60 -44.61 -48.57 -1.64
C ASP F 60 -43.40 -47.68 -1.85
N GLY F 61 -42.52 -48.04 -2.79
CA GLY F 61 -41.37 -47.20 -3.06
C GLY F 61 -41.73 -45.83 -3.59
N LEU F 62 -42.82 -45.73 -4.33
CA LEU F 62 -43.22 -44.49 -4.99
C LEU F 62 -44.46 -43.84 -4.36
N VAL F 63 -44.96 -44.38 -3.25
CA VAL F 63 -46.17 -43.83 -2.66
C VAL F 63 -45.95 -42.37 -2.27
N ALA F 64 -44.82 -42.07 -1.65
CA ALA F 64 -44.49 -40.73 -1.21
C ALA F 64 -43.60 -39.99 -2.19
N THR F 65 -43.34 -40.58 -3.36
CA THR F 65 -42.46 -39.92 -4.32
C THR F 65 -43.08 -38.64 -4.85
N PRO F 66 -44.35 -38.59 -5.25
CA PRO F 66 -44.91 -37.34 -5.79
C PRO F 66 -44.78 -36.15 -4.85
N SER F 67 -44.95 -36.36 -3.54
CA SER F 67 -44.81 -35.26 -2.60
C SER F 67 -43.37 -34.84 -2.41
N ARG F 68 -42.45 -35.79 -2.31
CA ARG F 68 -41.04 -35.45 -2.12
C ARG F 68 -40.45 -34.78 -3.34
N VAL F 69 -40.87 -35.18 -4.55
CA VAL F 69 -40.32 -34.59 -5.76
C VAL F 69 -40.73 -33.11 -5.85
N ALA F 70 -41.97 -32.79 -5.48
CA ALA F 70 -42.38 -31.39 -5.48
C ALA F 70 -41.51 -30.57 -4.54
N ARG F 71 -41.21 -31.12 -3.36
CA ARG F 71 -40.33 -30.44 -2.42
C ARG F 71 -38.93 -30.27 -2.99
N SER F 72 -38.42 -31.31 -3.66
CA SER F 72 -37.08 -31.23 -4.24
C SER F 72 -36.98 -30.15 -5.30
N TYR F 73 -38.04 -29.97 -6.10
CA TYR F 73 -38.01 -28.87 -7.08
C TYR F 73 -38.02 -27.52 -6.38
N ARG F 74 -38.69 -27.42 -5.24
CA ARG F 74 -38.71 -26.17 -4.48
C ARG F 74 -37.30 -25.80 -4.05
N GLU F 75 -36.52 -26.78 -3.58
CA GLU F 75 -35.13 -26.52 -3.19
C GLU F 75 -34.21 -26.40 -4.40
N MET F 76 -34.49 -27.15 -5.47
CA MET F 76 -33.64 -27.11 -6.66
C MET F 76 -33.73 -25.77 -7.39
N PHE F 77 -34.85 -25.08 -7.29
CA PHE F 77 -35.03 -23.79 -7.95
C PHE F 77 -35.25 -22.67 -6.94
N ALA F 78 -34.66 -22.80 -5.75
CA ALA F 78 -34.82 -21.77 -4.74
C ALA F 78 -34.27 -20.44 -5.22
N GLY F 79 -33.31 -20.46 -6.14
CA GLY F 79 -32.74 -19.22 -6.67
C GLY F 79 -33.75 -18.40 -7.45
N LEU F 80 -34.74 -19.04 -8.03
CA LEU F 80 -35.78 -18.32 -8.76
C LEU F 80 -36.70 -17.55 -7.83
N TYR F 81 -36.73 -17.90 -6.53
CA TYR F 81 -37.69 -17.33 -5.60
C TYR F 81 -37.09 -16.31 -4.64
N THR F 82 -35.78 -16.23 -4.54
CA THR F 82 -35.10 -15.22 -3.75
C THR F 82 -34.01 -14.60 -4.62
N ASP F 83 -33.84 -13.28 -4.50
CA ASP F 83 -32.80 -12.60 -5.27
C ASP F 83 -31.45 -12.98 -4.69
N PRO F 84 -30.55 -13.63 -5.44
CA PRO F 84 -29.25 -13.99 -4.87
C PRO F 84 -28.44 -12.81 -4.37
N ASP F 85 -28.57 -11.65 -5.01
CA ASP F 85 -27.73 -10.51 -4.69
C ASP F 85 -28.04 -9.93 -3.30
N SER F 86 -29.26 -10.12 -2.81
CA SER F 86 -29.65 -9.46 -1.57
C SER F 86 -29.03 -10.08 -0.33
N VAL F 87 -28.48 -11.30 -0.43
CA VAL F 87 -27.97 -11.95 0.78
C VAL F 87 -26.70 -11.28 1.29
N LEU F 88 -25.90 -10.68 0.42
CA LEU F 88 -24.62 -10.13 0.83
C LEU F 88 -24.81 -9.02 1.86
N ASN F 89 -23.94 -9.02 2.86
CA ASN F 89 -23.95 -8.00 3.90
C ASN F 89 -22.79 -7.04 3.70
N THR F 90 -22.80 -5.96 4.47
CA THR F 90 -21.83 -4.87 4.35
C THR F 90 -20.88 -4.87 5.53
N MET F 91 -19.58 -4.89 5.24
CA MET F 91 -18.55 -4.80 6.26
C MET F 91 -17.35 -4.14 5.60
N PHE F 92 -16.45 -3.61 6.42
CA PHE F 92 -15.28 -2.92 5.89
C PHE F 92 -14.00 -3.38 6.57
N ASP F 93 -12.98 -3.67 5.76
CA ASP F 93 -11.66 -4.06 6.22
C ASP F 93 -10.72 -2.86 6.11
N GLU F 94 -10.39 -2.24 7.24
CA GLU F 94 -9.48 -1.12 7.21
C GLU F 94 -8.03 -1.54 7.38
N ASP F 95 -7.77 -2.80 7.72
CA ASP F 95 -6.41 -3.25 7.97
C ASP F 95 -5.67 -3.61 6.69
N HIS F 96 -6.33 -4.28 5.76
CA HIS F 96 -5.64 -4.98 4.69
C HIS F 96 -6.03 -4.45 3.32
N ASP F 97 -5.16 -4.72 2.34
CA ASP F 97 -5.40 -4.42 0.93
C ASP F 97 -5.26 -5.67 0.07
N GLU F 98 -5.14 -6.84 0.67
CA GLU F 98 -4.85 -8.04 -0.10
C GLU F 98 -6.11 -8.66 -0.70
N LEU F 99 -5.88 -9.68 -1.54
CA LEU F 99 -6.94 -10.43 -2.18
C LEU F 99 -7.73 -11.23 -1.15
N VAL F 100 -9.05 -11.25 -1.30
CA VAL F 100 -9.91 -12.15 -0.54
C VAL F 100 -10.25 -13.33 -1.44
N LEU F 101 -9.86 -14.54 -1.02
CA LEU F 101 -10.09 -15.75 -1.79
C LEU F 101 -10.90 -16.75 -0.97
N VAL F 102 -11.98 -17.25 -1.56
CA VAL F 102 -12.86 -18.22 -0.95
C VAL F 102 -12.95 -19.42 -1.89
N LYS F 103 -12.63 -20.61 -1.38
CA LYS F 103 -12.50 -21.79 -2.23
C LYS F 103 -13.33 -22.94 -1.68
N GLU F 104 -13.63 -23.89 -2.57
CA GLU F 104 -14.46 -25.05 -2.24
C GLU F 104 -15.81 -24.64 -1.66
N ILE F 105 -16.43 -23.65 -2.29
CA ILE F 105 -17.81 -23.27 -1.98
C ILE F 105 -18.69 -24.37 -2.53
N PRO F 106 -19.51 -25.05 -1.71
CA PRO F 106 -20.39 -26.08 -2.28
C PRO F 106 -21.27 -25.51 -3.38
N MET F 107 -21.37 -26.24 -4.49
CA MET F 107 -22.11 -25.75 -5.65
C MET F 107 -22.92 -26.90 -6.21
N TYR F 108 -24.25 -26.80 -6.10
CA TYR F 108 -25.16 -27.78 -6.64
C TYR F 108 -26.14 -27.07 -7.55
N SER F 109 -26.21 -27.48 -8.81
CA SER F 109 -27.03 -26.83 -9.81
C SER F 109 -27.75 -27.89 -10.64
N THR F 110 -28.55 -27.43 -11.58
CA THR F 110 -29.33 -28.29 -12.46
C THR F 110 -29.18 -27.80 -13.88
N CYS F 111 -28.86 -28.72 -14.79
CA CYS F 111 -28.84 -28.39 -16.21
C CYS F 111 -30.24 -28.00 -16.67
N GLU F 112 -30.33 -26.87 -17.37
CA GLU F 112 -31.63 -26.39 -17.85
C GLU F 112 -32.14 -27.19 -19.04
N HIS F 113 -31.28 -27.86 -19.80
CA HIS F 113 -31.74 -28.60 -20.96
C HIS F 113 -32.35 -29.95 -20.59
N HIS F 114 -31.81 -30.61 -19.57
CA HIS F 114 -32.24 -31.96 -19.20
C HIS F 114 -32.75 -32.06 -17.78
N LEU F 115 -32.69 -30.99 -16.98
CA LEU F 115 -33.09 -31.01 -15.57
C LEU F 115 -32.35 -32.12 -14.83
N VAL F 116 -31.05 -32.25 -15.12
CA VAL F 116 -30.17 -33.22 -14.47
C VAL F 116 -29.08 -32.46 -13.73
N ALA F 117 -28.73 -32.93 -12.55
CA ALA F 117 -27.80 -32.21 -11.70
C ALA F 117 -26.39 -32.23 -12.27
N PHE F 118 -25.68 -31.10 -12.11
CA PHE F 118 -24.23 -31.04 -12.20
C PHE F 118 -23.71 -30.34 -10.95
N HIS F 119 -22.73 -30.94 -10.29
CA HIS F 119 -22.33 -30.53 -8.95
C HIS F 119 -20.82 -30.47 -8.84
N GLY F 120 -20.34 -29.55 -8.00
CA GLY F 120 -18.92 -29.39 -7.79
C GLY F 120 -18.61 -28.33 -6.76
N VAL F 121 -17.65 -27.45 -7.05
CA VAL F 121 -17.28 -26.37 -6.15
C VAL F 121 -17.12 -25.07 -6.95
N ALA F 122 -17.14 -23.97 -6.22
CA ALA F 122 -16.91 -22.64 -6.79
C ALA F 122 -15.79 -21.96 -6.01
N HIS F 123 -15.04 -21.10 -6.69
CA HIS F 123 -13.95 -20.36 -6.09
C HIS F 123 -14.15 -18.89 -6.43
N VAL F 124 -14.22 -18.05 -5.41
CA VAL F 124 -14.50 -16.62 -5.58
C VAL F 124 -13.35 -15.82 -5.02
N GLY F 125 -12.79 -14.94 -5.84
CA GLY F 125 -11.76 -14.04 -5.36
C GLY F 125 -12.05 -12.61 -5.78
N TYR F 126 -12.01 -11.68 -4.82
CA TYR F 126 -12.23 -10.28 -5.11
C TYR F 126 -11.19 -9.45 -4.38
N ILE F 127 -10.78 -8.34 -4.99
CA ILE F 127 -9.87 -7.39 -4.36
C ILE F 127 -10.71 -6.20 -3.87
N PRO F 128 -10.79 -5.96 -2.57
CA PRO F 128 -11.64 -4.86 -2.08
C PRO F 128 -11.23 -3.51 -2.63
N GLY F 129 -12.22 -2.65 -2.79
CA GLY F 129 -11.99 -1.31 -3.28
C GLY F 129 -11.35 -0.41 -2.23
N ASP F 130 -11.29 0.88 -2.57
CA ASP F 130 -10.68 1.87 -1.69
C ASP F 130 -11.42 1.99 -0.36
N ASP F 131 -12.75 1.94 -0.40
CA ASP F 131 -13.53 2.00 0.84
C ASP F 131 -13.31 0.79 1.72
N GLY F 132 -12.69 -0.27 1.20
CA GLY F 132 -12.45 -1.46 1.98
C GLY F 132 -13.65 -2.36 2.13
N ARG F 133 -14.65 -2.19 1.28
CA ARG F 133 -15.87 -2.99 1.39
C ARG F 133 -15.57 -4.46 1.15
N VAL F 134 -16.11 -5.30 2.04
CA VAL F 134 -15.99 -6.74 1.98
C VAL F 134 -17.33 -7.35 2.42
N THR F 135 -17.41 -8.68 2.43
CA THR F 135 -18.62 -9.36 2.83
C THR F 135 -18.24 -10.69 3.45
N GLY F 136 -19.20 -11.28 4.18
CA GLY F 136 -18.92 -12.53 4.85
C GLY F 136 -18.78 -13.69 3.89
N LEU F 137 -17.98 -14.68 4.29
CA LEU F 137 -17.81 -15.88 3.47
C LEU F 137 -19.11 -16.64 3.32
N SER F 138 -19.86 -16.82 4.41
CA SER F 138 -21.13 -17.51 4.33
C SER F 138 -22.06 -16.78 3.39
N LYS F 139 -21.94 -15.45 3.32
CA LYS F 139 -22.79 -14.68 2.41
C LYS F 139 -22.42 -14.95 0.95
N ILE F 140 -21.13 -15.03 0.64
CA ILE F 140 -20.72 -15.39 -0.72
C ILE F 140 -21.16 -16.81 -1.03
N ALA F 141 -21.03 -17.72 -0.07
CA ALA F 141 -21.45 -19.11 -0.28
C ALA F 141 -22.93 -19.19 -0.62
N ARG F 142 -23.75 -18.39 0.08
CA ARG F 142 -25.18 -18.43 -0.19
C ARG F 142 -25.51 -17.80 -1.55
N LEU F 143 -24.77 -16.77 -1.95
CA LEU F 143 -24.97 -16.18 -3.26
C LEU F 143 -24.70 -17.20 -4.37
N VAL F 144 -23.61 -17.96 -4.24
CA VAL F 144 -23.33 -19.01 -5.21
C VAL F 144 -24.45 -20.03 -5.21
N ASP F 145 -24.95 -20.39 -4.03
CA ASP F 145 -25.98 -21.43 -3.95
C ASP F 145 -27.24 -20.99 -4.68
N LEU F 146 -27.66 -19.73 -4.49
CA LEU F 146 -28.93 -19.29 -5.06
C LEU F 146 -28.85 -19.15 -6.58
N TYR F 147 -27.73 -18.63 -7.09
CA TYR F 147 -27.55 -18.62 -8.54
C TYR F 147 -27.44 -20.04 -9.08
N ALA F 148 -26.86 -20.96 -8.31
CA ALA F 148 -26.74 -22.34 -8.77
C ALA F 148 -28.07 -23.09 -8.68
N LYS F 149 -28.95 -22.69 -7.76
CA LYS F 149 -30.21 -23.39 -7.55
C LYS F 149 -31.26 -22.86 -8.54
N ARG F 150 -30.93 -23.03 -9.81
CA ARG F 150 -31.78 -22.57 -10.91
C ARG F 150 -31.55 -23.49 -12.10
N PRO F 151 -32.46 -23.49 -13.07
CA PRO F 151 -32.11 -24.06 -14.39
C PRO F 151 -30.94 -23.27 -14.96
N GLN F 152 -29.80 -23.94 -15.12
CA GLN F 152 -28.56 -23.25 -15.36
C GLN F 152 -27.75 -23.94 -16.44
N VAL F 153 -26.84 -23.16 -17.04
CA VAL F 153 -25.70 -23.67 -17.78
C VAL F 153 -24.47 -23.09 -17.11
N GLN F 154 -23.44 -23.90 -16.94
CA GLN F 154 -22.34 -23.54 -16.04
C GLN F 154 -21.73 -22.18 -16.42
N GLU F 155 -21.59 -21.90 -17.72
CA GLU F 155 -20.99 -20.63 -18.13
C GLU F 155 -21.85 -19.45 -17.65
N ARG F 156 -23.17 -19.57 -17.78
CA ARG F 156 -24.05 -18.51 -17.30
C ARG F 156 -23.93 -18.35 -15.79
N LEU F 157 -23.81 -19.47 -15.07
CA LEU F 157 -23.70 -19.40 -13.61
C LEU F 157 -22.46 -18.63 -13.19
N THR F 158 -21.33 -18.93 -13.83
CA THR F 158 -20.09 -18.26 -13.46
C THR F 158 -20.17 -16.76 -13.72
N SER F 159 -20.69 -16.38 -14.89
CA SER F 159 -20.77 -14.96 -15.23
C SER F 159 -21.72 -14.23 -14.30
N GLN F 160 -22.84 -14.87 -13.93
CA GLN F 160 -23.81 -14.22 -13.06
C GLN F 160 -23.23 -13.96 -11.68
N ILE F 161 -22.46 -14.90 -11.14
CA ILE F 161 -21.85 -14.71 -9.83
C ILE F 161 -20.86 -13.55 -9.89
N ALA F 162 -20.02 -13.51 -10.94
CA ALA F 162 -19.03 -12.45 -11.07
C ALA F 162 -19.71 -11.09 -11.18
N ASP F 163 -20.80 -11.00 -11.94
CA ASP F 163 -21.50 -9.74 -12.08
C ASP F 163 -22.08 -9.27 -10.74
N ALA F 164 -22.63 -10.20 -9.96
CA ALA F 164 -23.24 -9.83 -8.69
C ALA F 164 -22.19 -9.28 -7.71
N LEU F 165 -21.03 -9.92 -7.64
CA LEU F 165 -19.98 -9.43 -6.74
C LEU F 165 -19.49 -8.05 -7.17
N MET F 166 -19.33 -7.85 -8.48
CA MET F 166 -18.95 -6.53 -8.98
C MET F 166 -19.96 -5.47 -8.58
N LYS F 167 -21.25 -5.80 -8.71
CA LYS F 167 -22.29 -4.82 -8.43
C LYS F 167 -22.31 -4.40 -6.97
N LYS F 168 -22.25 -5.37 -6.05
CA LYS F 168 -22.53 -5.11 -4.65
C LYS F 168 -21.30 -4.63 -3.89
N LEU F 169 -20.13 -5.22 -4.18
CA LEU F 169 -18.92 -4.92 -3.43
C LEU F 169 -18.14 -3.75 -4.02
N ASP F 170 -18.44 -3.37 -5.27
CA ASP F 170 -17.65 -2.41 -6.03
C ASP F 170 -16.15 -2.70 -5.89
N PRO F 171 -15.71 -3.93 -6.18
CA PRO F 171 -14.30 -4.26 -5.99
C PRO F 171 -13.45 -3.77 -7.15
N ARG F 172 -12.13 -3.82 -6.94
CA ARG F 172 -11.19 -3.55 -8.01
C ARG F 172 -11.21 -4.67 -9.05
N GLY F 173 -11.41 -5.90 -8.60
CA GLY F 173 -11.49 -7.04 -9.50
C GLY F 173 -12.23 -8.19 -8.86
N VAL F 174 -12.76 -9.06 -9.72
CA VAL F 174 -13.45 -10.27 -9.29
C VAL F 174 -13.07 -11.42 -10.23
N ILE F 175 -12.92 -12.61 -9.67
CA ILE F 175 -12.66 -13.81 -10.45
C ILE F 175 -13.50 -14.93 -9.86
N VAL F 176 -14.16 -15.69 -10.72
CA VAL F 176 -15.00 -16.81 -10.32
C VAL F 176 -14.59 -18.02 -11.15
N VAL F 177 -14.40 -19.15 -10.49
CA VAL F 177 -14.05 -20.40 -11.16
C VAL F 177 -14.97 -21.47 -10.61
N ILE F 178 -15.60 -22.24 -11.49
CA ILE F 178 -16.47 -23.34 -11.10
C ILE F 178 -15.93 -24.62 -11.71
N GLU F 179 -15.75 -25.64 -10.87
CA GLU F 179 -15.31 -26.97 -11.28
C GLU F 179 -16.43 -27.94 -10.92
N ALA F 180 -17.17 -28.40 -11.91
CA ALA F 180 -18.36 -29.21 -11.66
C ALA F 180 -18.35 -30.46 -12.53
N GLU F 181 -19.01 -31.51 -12.04
CA GLU F 181 -19.18 -32.75 -12.76
C GLU F 181 -20.57 -32.78 -13.38
N HIS F 182 -20.64 -32.95 -14.69
CA HIS F 182 -21.91 -32.99 -15.40
C HIS F 182 -22.35 -34.43 -15.62
N LEU F 183 -23.64 -34.68 -15.39
CA LEU F 183 -24.20 -36.02 -15.46
C LEU F 183 -25.11 -36.22 -16.66
N CYS F 184 -25.42 -35.17 -17.41
CA CYS F 184 -26.40 -35.28 -18.49
C CYS F 184 -25.96 -36.31 -19.53
N MET F 185 -24.72 -36.19 -20.01
CA MET F 185 -24.23 -37.05 -21.07
C MET F 185 -23.67 -38.36 -20.53
N ALA F 186 -23.12 -38.36 -19.32
CA ALA F 186 -22.72 -39.61 -18.68
C ALA F 186 -23.93 -40.50 -18.46
N MET F 187 -25.07 -39.88 -18.12
CA MET F 187 -26.31 -40.62 -17.96
C MET F 187 -26.70 -41.36 -19.23
N ARG F 188 -26.51 -40.73 -20.39
CA ARG F 188 -26.86 -41.34 -21.67
C ARG F 188 -25.70 -42.13 -22.27
N GLY F 189 -24.85 -42.73 -21.43
CA GLY F 189 -23.66 -43.42 -21.89
C GLY F 189 -22.99 -42.80 -23.10
N VAL F 190 -22.81 -41.47 -23.08
CA VAL F 190 -22.12 -40.77 -24.15
C VAL F 190 -20.75 -40.28 -23.72
N ARG F 191 -20.53 -40.01 -22.43
CA ARG F 191 -19.27 -39.50 -21.94
C ARG F 191 -18.77 -40.36 -20.79
N LYS F 192 -17.46 -40.29 -20.56
CA LYS F 192 -16.85 -41.03 -19.46
C LYS F 192 -17.33 -40.45 -18.12
N PRO F 193 -17.66 -41.30 -17.14
CA PRO F 193 -18.01 -40.77 -15.83
C PRO F 193 -16.83 -40.07 -15.17
N GLY F 194 -17.15 -39.04 -14.38
CA GLY F 194 -16.15 -38.32 -13.63
C GLY F 194 -15.55 -37.10 -14.31
N SER F 195 -15.90 -36.84 -15.56
CA SER F 195 -15.34 -35.68 -16.25
C SER F 195 -15.73 -34.41 -15.51
N VAL F 196 -14.80 -33.45 -15.46
CA VAL F 196 -14.98 -32.21 -14.72
C VAL F 196 -14.93 -31.06 -15.72
N THR F 197 -16.00 -30.26 -15.75
CA THR F 197 -16.06 -29.05 -16.56
C THR F 197 -15.59 -27.86 -15.74
N THR F 198 -14.72 -27.04 -16.32
CA THR F 198 -14.18 -25.86 -15.65
C THR F 198 -14.53 -24.60 -16.42
N THR F 199 -15.05 -23.60 -15.70
CA THR F 199 -15.40 -22.30 -16.28
C THR F 199 -14.83 -21.19 -15.42
N SER F 200 -14.57 -20.03 -16.04
CA SER F 200 -14.01 -18.90 -15.34
C SER F 200 -14.68 -17.61 -15.80
N ALA F 201 -14.74 -16.63 -14.89
CA ALA F 201 -15.25 -15.31 -15.20
C ALA F 201 -14.38 -14.29 -14.48
N VAL F 202 -13.95 -13.25 -15.21
CA VAL F 202 -13.07 -12.22 -14.67
C VAL F 202 -13.67 -10.85 -14.93
N ARG F 203 -13.58 -9.97 -13.94
CA ARG F 203 -14.14 -8.64 -14.01
C ARG F 203 -13.13 -7.65 -13.47
N GLY F 204 -13.21 -6.41 -13.91
CA GLY F 204 -12.37 -5.37 -13.35
C GLY F 204 -10.90 -5.67 -13.58
N LEU F 205 -10.14 -5.69 -12.49
CA LEU F 205 -8.69 -5.82 -12.60
C LEU F 205 -8.28 -7.10 -13.30
N PHE F 206 -8.93 -8.21 -12.94
CA PHE F 206 -8.57 -9.50 -13.52
C PHE F 206 -8.86 -9.55 -15.01
N LYS F 207 -9.82 -8.76 -15.48
CA LYS F 207 -10.09 -8.74 -16.91
C LYS F 207 -9.07 -7.90 -17.67
N THR F 208 -8.62 -6.78 -17.08
CA THR F 208 -7.73 -5.86 -17.78
C THR F 208 -6.26 -6.29 -17.69
N ASN F 209 -5.91 -7.00 -16.61
CA ASN F 209 -4.54 -7.40 -16.33
C ASN F 209 -4.42 -8.89 -16.62
N ALA F 210 -3.54 -9.26 -17.55
CA ALA F 210 -3.34 -10.68 -17.83
C ALA F 210 -2.49 -11.34 -16.76
N ALA F 211 -1.50 -10.61 -16.24
CA ALA F 211 -0.66 -11.15 -15.17
C ALA F 211 -1.47 -11.41 -13.91
N SER F 212 -2.35 -10.48 -13.53
CA SER F 212 -3.15 -10.66 -12.34
C SER F 212 -4.09 -11.85 -12.49
N ARG F 213 -4.69 -12.01 -13.67
CA ARG F 213 -5.56 -13.15 -13.91
C ARG F 213 -4.79 -14.46 -13.80
N ALA F 214 -3.56 -14.51 -14.33
CA ALA F 214 -2.78 -15.74 -14.26
C ALA F 214 -2.43 -16.09 -12.82
N GLU F 215 -2.06 -15.10 -12.02
CA GLU F 215 -1.74 -15.33 -10.61
C GLU F 215 -2.97 -15.79 -9.84
N ALA F 216 -4.09 -15.09 -9.99
CA ALA F 216 -5.29 -15.49 -9.27
C ALA F 216 -5.70 -16.91 -9.64
N LEU F 217 -5.61 -17.25 -10.92
CA LEU F 217 -5.95 -18.60 -11.35
C LEU F 217 -5.04 -19.63 -10.70
N ASP F 218 -3.73 -19.36 -10.67
CA ASP F 218 -2.78 -20.32 -10.11
C ASP F 218 -3.12 -20.67 -8.67
N LEU F 219 -3.51 -19.67 -7.88
CA LEU F 219 -3.90 -19.93 -6.50
C LEU F 219 -5.13 -20.84 -6.44
N ILE F 220 -6.06 -20.66 -7.37
CA ILE F 220 -7.30 -21.43 -7.32
C ILE F 220 -7.08 -22.89 -7.67
N LEU F 221 -6.27 -23.18 -8.69
CA LEU F 221 -6.13 -24.57 -9.10
C LEU F 221 -5.30 -25.39 -8.12
N ARG F 222 -4.33 -24.77 -7.44
CA ARG F 222 -3.45 -25.52 -6.53
C ARG F 222 -4.26 -26.17 -5.42
N VAL G 36 35.43 -16.17 43.13
CA VAL G 36 35.83 -15.15 42.16
C VAL G 36 36.71 -15.78 41.09
N PHE G 37 36.62 -15.25 39.87
CA PHE G 37 37.44 -15.68 38.75
C PHE G 37 38.71 -14.83 38.71
N ASP G 38 39.86 -15.47 38.84
CA ASP G 38 41.15 -14.78 38.79
C ASP G 38 41.65 -14.85 37.34
N GLN G 39 41.39 -13.79 36.57
CA GLN G 39 41.71 -13.82 35.16
C GLN G 39 43.22 -13.93 34.95
N GLN G 40 44.00 -13.13 35.68
CA GLN G 40 45.45 -13.14 35.46
C GLN G 40 46.02 -14.53 35.71
N ARG G 41 45.49 -15.24 36.71
CA ARG G 41 45.96 -16.59 36.98
C ARG G 41 45.61 -17.52 35.81
N ALA G 42 44.41 -17.37 35.26
CA ALA G 42 43.98 -18.21 34.14
C ALA G 42 44.83 -17.99 32.91
N GLU G 43 45.13 -16.73 32.59
CA GLU G 43 45.94 -16.45 31.40
C GLU G 43 47.33 -17.05 31.54
N ALA G 44 47.93 -16.95 32.74
CA ALA G 44 49.22 -17.55 32.97
C ALA G 44 49.17 -19.07 32.82
N ALA G 45 48.11 -19.69 33.33
CA ALA G 45 47.98 -21.14 33.20
C ALA G 45 47.85 -21.56 31.76
N VAL G 46 47.08 -20.83 30.96
CA VAL G 46 46.91 -21.20 29.56
C VAL G 46 48.21 -21.03 28.79
N ARG G 47 48.94 -19.95 29.07
CA ARG G 47 50.22 -19.75 28.38
C ARG G 47 51.22 -20.83 28.74
N GLU G 48 51.25 -21.23 30.02
CA GLU G 48 52.11 -22.33 30.43
C GLU G 48 51.69 -23.62 29.73
N LEU G 49 50.39 -23.79 29.54
CA LEU G 49 49.86 -24.97 28.85
C LEU G 49 50.29 -25.02 27.39
N LEU G 50 50.34 -23.86 26.73
CA LEU G 50 50.78 -23.83 25.34
C LEU G 50 52.24 -24.26 25.22
N TYR G 51 53.08 -23.83 26.16
CA TYR G 51 54.47 -24.29 26.18
C TYR G 51 54.55 -25.80 26.38
N ALA G 52 53.71 -26.34 27.27
CA ALA G 52 53.80 -27.77 27.58
C ALA G 52 53.49 -28.63 26.36
N ILE G 53 52.49 -28.25 25.57
CA ILE G 53 52.11 -29.05 24.41
C ILE G 53 53.04 -28.88 23.22
N GLY G 54 54.04 -28.02 23.31
CA GLY G 54 54.99 -27.84 22.25
C GLY G 54 54.71 -26.69 21.31
N GLU G 55 53.62 -25.96 21.53
CA GLU G 55 53.29 -24.84 20.67
C GLU G 55 54.16 -23.64 21.00
N ASP G 56 54.10 -22.63 20.13
CA ASP G 56 54.79 -21.38 20.34
C ASP G 56 53.76 -20.34 20.78
N PRO G 57 53.72 -19.94 22.05
CA PRO G 57 52.70 -18.95 22.47
C PRO G 57 52.84 -17.63 21.76
N ASP G 58 54.00 -17.33 21.18
CA ASP G 58 54.24 -16.05 20.52
C ASP G 58 53.71 -16.03 19.09
N ARG G 59 53.29 -17.18 18.56
CA ARG G 59 52.76 -17.23 17.21
C ARG G 59 51.45 -16.45 17.12
N ASP G 60 51.10 -16.09 15.89
CA ASP G 60 50.06 -15.10 15.67
C ASP G 60 48.70 -15.63 16.09
N GLY G 61 48.45 -16.91 15.88
CA GLY G 61 47.19 -17.50 16.28
C GLY G 61 47.07 -17.86 17.73
N LEU G 62 48.13 -17.65 18.51
CA LEU G 62 48.12 -18.04 19.92
C LEU G 62 48.46 -16.92 20.90
N VAL G 63 48.87 -15.74 20.43
CA VAL G 63 49.22 -14.67 21.36
C VAL G 63 47.99 -14.21 22.13
N ALA G 64 46.85 -14.07 21.44
CA ALA G 64 45.61 -13.69 22.09
C ALA G 64 44.89 -14.87 22.72
N THR G 65 45.38 -16.08 22.53
CA THR G 65 44.65 -17.27 22.95
C THR G 65 44.56 -17.35 24.47
N PRO G 66 45.63 -17.07 25.22
CA PRO G 66 45.51 -17.16 26.69
C PRO G 66 44.42 -16.27 27.27
N SER G 67 44.26 -15.06 26.73
CA SER G 67 43.20 -14.18 27.21
C SER G 67 41.82 -14.67 26.76
N ARG G 68 41.72 -15.12 25.50
CA ARG G 68 40.45 -15.59 24.97
C ARG G 68 40.02 -16.89 25.64
N VAL G 69 40.98 -17.76 25.96
CA VAL G 69 40.64 -19.01 26.63
C VAL G 69 40.14 -18.74 28.04
N ALA G 70 40.77 -17.79 28.74
CA ALA G 70 40.32 -17.43 30.08
C ALA G 70 38.89 -16.89 30.04
N ARG G 71 38.58 -16.05 29.06
CA ARG G 71 37.21 -15.55 28.92
C ARG G 71 36.25 -16.68 28.60
N SER G 72 36.68 -17.64 27.76
CA SER G 72 35.83 -18.78 27.44
C SER G 72 35.53 -19.60 28.68
N TYR G 73 36.51 -19.76 29.57
CA TYR G 73 36.29 -20.45 30.83
C TYR G 73 35.40 -19.67 31.78
N ARG G 74 35.47 -18.34 31.78
CA ARG G 74 34.56 -17.56 32.65
C ARG G 74 33.11 -17.90 32.29
N GLU G 75 32.75 -17.90 31.00
CA GLU G 75 31.38 -18.21 30.58
C GLU G 75 31.08 -19.71 30.67
N MET G 76 32.10 -20.54 30.41
CA MET G 76 31.94 -22.00 30.43
C MET G 76 31.67 -22.52 31.83
N PHE G 77 32.14 -21.81 32.87
CA PHE G 77 31.85 -22.16 34.25
C PHE G 77 31.06 -21.05 34.95
N ALA G 78 30.22 -20.34 34.19
CA ALA G 78 29.41 -19.26 34.74
C ALA G 78 28.45 -19.74 35.81
N GLY G 79 28.08 -21.02 35.78
CA GLY G 79 27.18 -21.54 36.80
C GLY G 79 27.77 -21.52 38.19
N LEU G 80 29.09 -21.55 38.29
CA LEU G 80 29.74 -21.52 39.60
C LEU G 80 29.59 -20.18 40.29
N TYR G 81 29.24 -19.13 39.54
CA TYR G 81 29.17 -17.78 40.06
C TYR G 81 27.77 -17.25 40.27
N THR G 82 26.76 -17.89 39.68
CA THR G 82 25.37 -17.51 39.86
C THR G 82 24.54 -18.73 40.25
N ASP G 83 23.63 -18.54 41.19
CA ASP G 83 22.73 -19.62 41.59
C ASP G 83 21.74 -19.84 40.45
N PRO G 84 21.71 -21.01 39.81
CA PRO G 84 20.76 -21.20 38.71
C PRO G 84 19.31 -21.01 39.14
N ASP G 85 18.97 -21.39 40.37
CA ASP G 85 17.59 -21.34 40.81
C ASP G 85 17.06 -19.90 40.88
N SER G 86 17.96 -18.93 41.03
CA SER G 86 17.55 -17.56 41.26
C SER G 86 16.98 -16.90 40.01
N VAL G 87 17.23 -17.46 38.84
CA VAL G 87 16.74 -16.85 37.60
C VAL G 87 15.23 -17.01 37.47
N LEU G 88 14.67 -18.09 38.00
CA LEU G 88 13.25 -18.36 37.82
C LEU G 88 12.40 -17.27 38.43
N ASN G 89 11.35 -16.89 37.71
CA ASN G 89 10.39 -15.90 38.17
C ASN G 89 9.09 -16.60 38.55
N THR G 90 8.19 -15.84 39.16
CA THR G 90 6.92 -16.36 39.64
C THR G 90 5.82 -15.83 38.75
N MET G 91 4.98 -16.73 38.24
CA MET G 91 3.85 -16.36 37.40
C MET G 91 2.74 -17.36 37.64
N PHE G 92 1.52 -16.99 37.27
CA PHE G 92 0.39 -17.89 37.49
C PHE G 92 -0.44 -18.03 36.21
N ASP G 93 -0.78 -19.28 35.89
CA ASP G 93 -1.63 -19.61 34.75
C ASP G 93 -3.04 -19.81 35.29
N GLU G 94 -3.91 -18.86 34.99
CA GLU G 94 -5.28 -18.87 35.51
C GLU G 94 -6.24 -19.65 34.63
N ASP G 95 -5.88 -19.90 33.38
CA ASP G 95 -6.77 -20.52 32.41
C ASP G 95 -6.69 -22.04 32.39
N HIS G 96 -5.47 -22.57 32.27
CA HIS G 96 -5.25 -23.97 31.94
C HIS G 96 -4.34 -24.59 32.99
N ASP G 97 -4.46 -25.91 33.13
CA ASP G 97 -3.59 -26.67 34.03
C ASP G 97 -2.89 -27.82 33.31
N GLU G 98 -2.88 -27.84 31.98
CA GLU G 98 -2.29 -28.96 31.28
C GLU G 98 -0.76 -28.83 31.26
N LEU G 99 -0.12 -29.82 30.69
CA LEU G 99 1.35 -29.85 30.65
C LEU G 99 1.90 -28.61 29.95
N VAL G 100 2.93 -28.04 30.55
CA VAL G 100 3.75 -27.00 29.94
C VAL G 100 5.02 -27.66 29.43
N LEU G 101 5.25 -27.61 28.12
CA LEU G 101 6.39 -28.30 27.52
C LEU G 101 7.31 -27.29 26.86
N VAL G 102 8.60 -27.40 27.17
CA VAL G 102 9.64 -26.52 26.63
C VAL G 102 10.68 -27.42 26.00
N LYS G 103 10.97 -27.19 24.72
CA LYS G 103 11.78 -28.12 23.96
C LYS G 103 12.94 -27.42 23.26
N GLU G 104 13.94 -28.24 22.91
CA GLU G 104 15.12 -27.79 22.19
C GLU G 104 15.82 -26.65 22.93
N ILE G 105 15.92 -26.77 24.24
CA ILE G 105 16.67 -25.81 25.05
C ILE G 105 18.15 -26.02 24.81
N PRO G 106 18.89 -25.02 24.33
CA PRO G 106 20.33 -25.20 24.14
C PRO G 106 21.01 -25.63 25.43
N MET G 107 21.89 -26.62 25.32
CA MET G 107 22.59 -27.17 26.48
C MET G 107 24.05 -27.33 26.10
N TYR G 108 24.92 -26.52 26.69
CA TYR G 108 26.36 -26.61 26.49
C TYR G 108 27.02 -26.78 27.85
N SER G 109 27.73 -27.89 28.03
CA SER G 109 28.33 -28.23 29.31
C SER G 109 29.74 -28.77 29.07
N THR G 110 30.42 -29.08 30.17
CA THR G 110 31.79 -29.56 30.13
C THR G 110 31.95 -30.76 31.04
N CYS G 111 32.51 -31.84 30.50
CA CYS G 111 32.83 -33.00 31.33
C CYS G 111 33.82 -32.61 32.40
N GLU G 112 33.50 -32.94 33.66
CA GLU G 112 34.38 -32.57 34.77
C GLU G 112 35.64 -33.41 34.80
N HIS G 113 35.63 -34.59 34.18
CA HIS G 113 36.80 -35.47 34.21
C HIS G 113 37.88 -35.04 33.22
N HIS G 114 37.48 -34.53 32.05
CA HIS G 114 38.44 -34.21 30.99
C HIS G 114 38.39 -32.75 30.54
N LEU G 115 37.47 -31.95 31.07
CA LEU G 115 37.30 -30.56 30.64
C LEU G 115 37.09 -30.46 29.13
N VAL G 116 36.28 -31.37 28.60
CA VAL G 116 35.93 -31.39 27.19
C VAL G 116 34.42 -31.22 27.09
N ALA G 117 33.98 -30.43 26.12
CA ALA G 117 32.56 -30.07 26.02
C ALA G 117 31.71 -31.26 25.58
N PHE G 118 30.49 -31.34 26.14
CA PHE G 118 29.42 -32.15 25.59
C PHE G 118 28.19 -31.25 25.45
N HIS G 119 27.57 -31.27 24.27
CA HIS G 119 26.57 -30.29 23.90
C HIS G 119 25.37 -30.95 23.26
N GLY G 120 24.20 -30.34 23.44
CA GLY G 120 22.98 -30.86 22.86
C GLY G 120 21.78 -29.99 23.14
N VAL G 121 20.66 -30.61 23.52
CA VAL G 121 19.45 -29.89 23.86
C VAL G 121 18.86 -30.51 25.11
N ALA G 122 17.99 -29.75 25.78
CA ALA G 122 17.26 -30.22 26.93
C ALA G 122 15.77 -30.00 26.70
N HIS G 123 14.95 -30.85 27.30
CA HIS G 123 13.50 -30.75 27.19
C HIS G 123 12.92 -30.79 28.59
N VAL G 124 12.14 -29.77 28.94
CA VAL G 124 11.56 -29.63 30.27
C VAL G 124 10.05 -29.59 30.15
N GLY G 125 9.36 -30.47 30.86
CA GLY G 125 7.92 -30.46 30.91
C GLY G 125 7.41 -30.53 32.34
N TYR G 126 6.52 -29.63 32.74
CA TYR G 126 6.01 -29.64 34.11
C TYR G 126 4.50 -29.43 34.09
N ILE G 127 3.83 -30.04 35.06
CA ILE G 127 2.39 -29.89 35.26
C ILE G 127 2.20 -28.88 36.40
N PRO G 128 1.60 -27.71 36.14
CA PRO G 128 1.45 -26.72 37.21
C PRO G 128 0.59 -27.26 38.35
N GLY G 129 0.89 -26.77 39.55
CA GLY G 129 0.14 -27.19 40.72
C GLY G 129 -1.24 -26.56 40.77
N ASP G 130 -1.90 -26.76 41.92
CA ASP G 130 -3.24 -26.21 42.11
C ASP G 130 -3.22 -24.68 42.06
N ASP G 131 -2.20 -24.07 42.68
CA ASP G 131 -2.06 -22.62 42.64
C ASP G 131 -1.76 -22.08 41.26
N GLY G 132 -1.39 -22.93 40.31
CA GLY G 132 -1.12 -22.48 38.96
C GLY G 132 0.25 -21.87 38.76
N ARG G 133 1.18 -22.07 39.68
CA ARG G 133 2.49 -21.46 39.55
C ARG G 133 3.19 -21.96 38.30
N VAL G 134 3.74 -21.02 37.54
CA VAL G 134 4.49 -21.30 36.33
C VAL G 134 5.68 -20.35 36.28
N THR G 135 6.47 -20.46 35.21
CA THR G 135 7.65 -19.62 35.05
C THR G 135 7.90 -19.40 33.56
N GLY G 136 8.70 -18.38 33.27
CA GLY G 136 8.95 -18.03 31.90
C GLY G 136 9.79 -19.06 31.18
N LEU G 137 9.56 -19.16 29.87
CA LEU G 137 10.33 -20.10 29.06
C LEU G 137 11.82 -19.71 29.08
N SER G 138 12.10 -18.42 28.93
CA SER G 138 13.48 -17.95 28.97
C SER G 138 14.11 -18.20 30.33
N LYS G 139 13.32 -18.16 31.41
CA LYS G 139 13.87 -18.41 32.74
C LYS G 139 14.25 -19.87 32.90
N ILE G 140 13.42 -20.79 32.40
CA ILE G 140 13.79 -22.20 32.43
C ILE G 140 15.03 -22.42 31.58
N ALA G 141 15.12 -21.75 30.43
CA ALA G 141 16.27 -21.89 29.57
C ALA G 141 17.55 -21.44 30.28
N ARG G 142 17.49 -20.33 31.02
CA ARG G 142 18.67 -19.84 31.72
C ARG G 142 19.04 -20.78 32.87
N LEU G 143 18.05 -21.38 33.52
CA LEU G 143 18.32 -22.35 34.56
C LEU G 143 19.08 -23.55 34.01
N VAL G 144 18.68 -24.06 32.84
CA VAL G 144 19.41 -25.16 32.23
C VAL G 144 20.84 -24.73 31.91
N ASP G 145 21.01 -23.53 31.38
CA ASP G 145 22.34 -23.08 30.98
C ASP G 145 23.26 -22.97 32.20
N LEU G 146 22.76 -22.42 33.31
CA LEU G 146 23.64 -22.15 34.45
C LEU G 146 24.07 -23.43 35.15
N TYR G 147 23.17 -24.41 35.30
CA TYR G 147 23.59 -25.70 35.81
C TYR G 147 24.53 -26.39 34.84
N ALA G 148 24.33 -26.18 33.53
CA ALA G 148 25.17 -26.82 32.53
C ALA G 148 26.55 -26.17 32.47
N LYS G 149 26.66 -24.90 32.86
CA LYS G 149 27.92 -24.18 32.80
C LYS G 149 28.73 -24.47 34.06
N ARG G 150 29.03 -25.74 34.26
CA ARG G 150 29.79 -26.22 35.40
C ARG G 150 30.54 -27.47 35.01
N PRO G 151 31.54 -27.88 35.78
CA PRO G 151 32.08 -29.23 35.62
C PRO G 151 30.98 -30.25 35.92
N GLN G 152 30.57 -31.01 34.91
CA GLN G 152 29.32 -31.76 35.00
C GLN G 152 29.46 -33.17 34.45
N VAL G 153 28.56 -34.03 34.89
CA VAL G 153 28.25 -35.29 34.24
C VAL G 153 26.76 -35.27 33.92
N GLN G 154 26.40 -35.74 32.72
CA GLN G 154 25.05 -35.48 32.20
C GLN G 154 23.96 -35.93 33.18
N GLU G 155 24.14 -37.07 33.85
CA GLU G 155 23.09 -37.54 34.75
C GLU G 155 22.90 -36.60 35.94
N ARG G 156 23.98 -36.05 36.50
CA ARG G 156 23.81 -35.09 37.59
C ARG G 156 23.03 -33.87 37.10
N LEU G 157 23.35 -33.40 35.88
CA LEU G 157 22.70 -32.22 35.35
C LEU G 157 21.19 -32.42 35.19
N THR G 158 20.78 -33.59 34.69
CA THR G 158 19.36 -33.83 34.49
C THR G 158 18.61 -33.80 35.81
N SER G 159 19.15 -34.45 36.84
CA SER G 159 18.48 -34.44 38.13
C SER G 159 18.46 -33.04 38.74
N GLN G 160 19.54 -32.28 38.59
CA GLN G 160 19.57 -30.95 39.20
C GLN G 160 18.50 -30.04 38.62
N ILE G 161 18.32 -30.09 37.29
CA ILE G 161 17.29 -29.26 36.66
C ILE G 161 15.91 -29.68 37.15
N ALA G 162 15.66 -30.99 37.20
CA ALA G 162 14.36 -31.48 37.64
C ALA G 162 14.09 -31.09 39.09
N ASP G 163 15.10 -31.20 39.95
CA ASP G 163 14.92 -30.87 41.36
C ASP G 163 14.64 -29.38 41.56
N ALA G 164 15.32 -28.52 40.81
CA ALA G 164 15.12 -27.08 40.96
C ALA G 164 13.69 -26.69 40.57
N LEU G 165 13.18 -27.25 39.49
CA LEU G 165 11.81 -26.93 39.08
C LEU G 165 10.81 -27.38 40.13
N MET G 166 11.03 -28.54 40.74
CA MET G 166 10.16 -29.00 41.82
C MET G 166 10.19 -27.99 42.96
N LYS G 167 11.39 -27.51 43.31
CA LYS G 167 11.52 -26.61 44.44
C LYS G 167 10.76 -25.32 44.21
N LYS G 168 10.90 -24.73 43.02
CA LYS G 168 10.43 -23.37 42.80
C LYS G 168 8.94 -23.35 42.45
N LEU G 169 8.50 -24.30 41.62
CA LEU G 169 7.13 -24.27 41.12
C LEU G 169 6.16 -25.07 41.98
N ASP G 170 6.68 -25.94 42.86
CA ASP G 170 5.87 -26.89 43.60
C ASP G 170 4.83 -27.51 42.67
N PRO G 171 5.26 -28.07 41.53
CA PRO G 171 4.31 -28.60 40.55
C PRO G 171 3.83 -30.00 40.92
N ARG G 172 2.83 -30.47 40.18
CA ARG G 172 2.39 -31.84 40.31
C ARG G 172 3.41 -32.81 39.73
N GLY G 173 4.07 -32.42 38.65
CA GLY G 173 5.08 -33.28 38.04
C GLY G 173 6.07 -32.52 37.20
N VAL G 174 7.24 -33.13 37.03
CA VAL G 174 8.30 -32.60 36.18
C VAL G 174 8.98 -33.74 35.43
N ILE G 175 9.38 -33.45 34.20
CA ILE G 175 10.13 -34.36 33.34
C ILE G 175 11.25 -33.58 32.67
N VAL G 176 12.46 -34.14 32.69
CA VAL G 176 13.61 -33.53 32.06
C VAL G 176 14.30 -34.59 31.21
N VAL G 177 14.64 -34.23 29.98
CA VAL G 177 15.33 -35.11 29.05
C VAL G 177 16.47 -34.32 28.44
N ILE G 178 17.67 -34.90 28.44
CA ILE G 178 18.84 -34.27 27.84
C ILE G 178 19.36 -35.19 26.75
N GLU G 179 19.54 -34.64 25.55
CA GLU G 179 20.14 -35.34 24.42
C GLU G 179 21.40 -34.58 24.02
N ALA G 180 22.56 -35.14 24.36
CA ALA G 180 23.84 -34.46 24.16
C ALA G 180 24.84 -35.38 23.49
N GLU G 181 25.76 -34.78 22.74
CA GLU G 181 26.84 -35.49 22.08
C GLU G 181 28.09 -35.35 22.95
N HIS G 182 28.66 -36.48 23.37
CA HIS G 182 29.86 -36.47 24.19
C HIS G 182 31.09 -36.63 23.31
N LEU G 183 32.09 -35.82 23.59
CA LEU G 183 33.30 -35.75 22.77
C LEU G 183 34.52 -36.34 23.44
N CYS G 184 34.44 -36.75 24.70
CA CYS G 184 35.65 -37.18 25.41
C CYS G 184 36.34 -38.33 24.68
N MET G 185 35.61 -39.39 24.35
CA MET G 185 36.23 -40.52 23.66
C MET G 185 36.25 -40.35 22.15
N ALA G 186 35.32 -39.57 21.57
CA ALA G 186 35.43 -39.24 20.15
C ALA G 186 36.70 -38.43 19.90
N MET G 187 37.05 -37.54 20.83
CA MET G 187 38.31 -36.75 20.74
C MET G 187 39.45 -37.77 20.73
N ARG G 188 39.40 -38.75 21.64
CA ARG G 188 40.36 -39.87 21.61
C ARG G 188 39.95 -40.74 20.42
N GLY G 189 40.61 -41.85 20.08
CA GLY G 189 40.11 -42.70 19.02
C GLY G 189 39.33 -43.85 19.58
N VAL G 190 38.42 -43.63 20.52
CA VAL G 190 37.71 -44.72 21.15
C VAL G 190 36.24 -44.82 20.74
N ARG G 191 35.59 -43.73 20.36
CA ARG G 191 34.16 -43.76 20.10
C ARG G 191 33.77 -43.21 18.74
N LYS G 192 32.57 -43.64 18.32
CA LYS G 192 32.01 -43.21 17.05
C LYS G 192 31.65 -41.73 17.10
N PRO G 193 31.95 -40.97 16.05
CA PRO G 193 31.46 -39.59 16.00
C PRO G 193 29.95 -39.56 15.85
N GLY G 194 29.34 -38.57 16.50
CA GLY G 194 27.91 -38.34 16.38
C GLY G 194 27.02 -39.06 17.36
N SER G 195 27.57 -39.96 18.18
CA SER G 195 26.73 -40.68 19.13
C SER G 195 26.10 -39.71 20.12
N VAL G 196 24.84 -39.96 20.46
CA VAL G 196 24.06 -39.06 21.32
C VAL G 196 23.69 -39.82 22.58
N THR G 197 24.04 -39.27 23.73
CA THR G 197 23.64 -39.82 25.02
C THR G 197 22.31 -39.19 25.46
N THR G 198 21.37 -40.02 25.90
CA THR G 198 20.06 -39.56 26.36
C THR G 198 19.87 -39.92 27.82
N THR G 199 19.49 -38.94 28.63
CA THR G 199 19.20 -39.13 30.05
C THR G 199 17.87 -38.48 30.37
N SER G 200 17.18 -39.03 31.36
CA SER G 200 15.86 -38.53 31.74
C SER G 200 15.73 -38.54 33.26
N ALA G 201 14.91 -37.63 33.75
CA ALA G 201 14.58 -37.55 35.17
C ALA G 201 13.11 -37.21 35.29
N VAL G 202 12.41 -37.96 36.15
CA VAL G 202 10.97 -37.79 36.34
C VAL G 202 10.70 -37.55 37.82
N ARG G 203 9.80 -36.62 38.09
CA ARG G 203 9.48 -36.21 39.45
C ARG G 203 7.97 -36.11 39.55
N GLY G 204 7.46 -36.31 40.77
CA GLY G 204 6.04 -36.14 41.02
C GLY G 204 5.18 -37.09 40.20
N LEU G 205 4.22 -36.51 39.49
CA LEU G 205 3.19 -37.31 38.85
C LEU G 205 3.79 -38.22 37.78
N PHE G 206 4.79 -37.74 37.05
CA PHE G 206 5.36 -38.54 35.97
C PHE G 206 6.01 -39.84 36.49
N LYS G 207 6.52 -39.83 37.72
CA LYS G 207 7.11 -41.05 38.26
C LYS G 207 6.04 -42.03 38.77
N THR G 208 4.96 -41.50 39.34
CA THR G 208 3.94 -42.38 39.92
C THR G 208 2.97 -42.90 38.86
N ASN G 209 2.76 -42.14 37.79
CA ASN G 209 1.83 -42.49 36.73
C ASN G 209 2.64 -42.88 35.51
N ALA G 210 2.46 -44.12 35.04
CA ALA G 210 3.19 -44.57 33.86
C ALA G 210 2.63 -43.98 32.57
N ALA G 211 1.31 -43.78 32.52
CA ALA G 211 0.69 -43.18 31.33
C ALA G 211 1.19 -41.75 31.12
N SER G 212 1.28 -40.96 32.19
CA SER G 212 1.71 -39.57 32.05
C SER G 212 3.15 -39.49 31.55
N ARG G 213 4.03 -40.36 32.09
CA ARG G 213 5.42 -40.38 31.63
C ARG G 213 5.53 -40.79 30.18
N ALA G 214 4.76 -41.81 29.77
CA ALA G 214 4.86 -42.32 28.42
C ALA G 214 4.40 -41.28 27.40
N GLU G 215 3.29 -40.60 27.67
CA GLU G 215 2.81 -39.59 26.74
C GLU G 215 3.78 -38.43 26.62
N ALA G 216 4.30 -37.95 27.75
CA ALA G 216 5.24 -36.84 27.71
C ALA G 216 6.46 -37.17 26.86
N LEU G 217 6.99 -38.39 27.01
CA LEU G 217 8.15 -38.79 26.22
C LEU G 217 7.85 -38.77 24.72
N ASP G 218 6.67 -39.25 24.31
CA ASP G 218 6.38 -39.30 22.88
C ASP G 218 6.42 -37.91 22.26
N LEU G 219 5.83 -36.92 22.93
CA LEU G 219 5.85 -35.56 22.38
C LEU G 219 7.27 -35.01 22.34
N ILE G 220 8.08 -35.32 23.35
CA ILE G 220 9.41 -34.75 23.48
C ILE G 220 10.34 -35.27 22.38
N LEU G 221 10.29 -36.57 22.11
CA LEU G 221 11.20 -37.16 21.14
C LEU G 221 10.80 -36.85 19.70
N ARG G 222 9.51 -36.87 19.39
CA ARG G 222 9.04 -36.65 18.04
C ARG G 222 9.53 -35.33 17.45
N ARG H 33 9.88 7.01 23.96
CA ARG H 33 9.38 7.62 25.18
C ARG H 33 8.68 6.59 26.07
N ILE H 34 9.24 6.37 27.27
CA ILE H 34 8.64 5.46 28.23
C ILE H 34 7.32 6.03 28.71
N ARG H 35 6.32 5.17 28.85
CA ARG H 35 4.96 5.60 29.14
C ARG H 35 4.53 5.12 30.53
N VAL H 36 3.29 5.39 30.87
CA VAL H 36 2.74 5.12 32.20
C VAL H 36 1.57 4.15 32.07
N PHE H 37 1.63 3.04 32.81
CA PHE H 37 0.54 2.10 32.90
C PHE H 37 -0.21 2.35 34.21
N ASP H 38 -1.49 2.70 34.11
CA ASP H 38 -2.32 2.99 35.27
C ASP H 38 -3.23 1.79 35.50
N GLN H 39 -2.85 0.94 36.46
CA GLN H 39 -3.60 -0.28 36.73
C GLN H 39 -5.06 0.04 37.05
N GLN H 40 -5.30 0.96 37.99
CA GLN H 40 -6.66 1.22 38.43
C GLN H 40 -7.50 1.82 37.30
N ARG H 41 -6.91 2.72 36.51
CA ARG H 41 -7.65 3.29 35.39
C ARG H 41 -8.03 2.23 34.38
N ALA H 42 -7.12 1.29 34.09
CA ALA H 42 -7.41 0.22 33.15
C ALA H 42 -8.51 -0.69 33.65
N GLU H 43 -8.46 -1.08 34.94
CA GLU H 43 -9.48 -1.98 35.47
C GLU H 43 -10.86 -1.34 35.41
N ALA H 44 -10.95 -0.05 35.75
CA ALA H 44 -12.23 0.63 35.68
C ALA H 44 -12.77 0.62 34.25
N ALA H 45 -11.89 0.83 33.28
CA ALA H 45 -12.32 0.81 31.88
C ALA H 45 -12.82 -0.58 31.49
N VAL H 46 -12.14 -1.63 31.94
CA VAL H 46 -12.53 -2.98 31.57
C VAL H 46 -13.89 -3.34 32.16
N ARG H 47 -14.13 -2.95 33.42
CA ARG H 47 -15.43 -3.20 34.01
C ARG H 47 -16.53 -2.45 33.26
N GLU H 48 -16.26 -1.21 32.86
CA GLU H 48 -17.21 -0.45 32.04
C GLU H 48 -17.45 -1.15 30.71
N LEU H 49 -16.40 -1.75 30.15
CA LEU H 49 -16.54 -2.46 28.89
C LEU H 49 -17.47 -3.66 29.03
N LEU H 50 -17.38 -4.37 30.16
CA LEU H 50 -18.26 -5.51 30.38
C LEU H 50 -19.72 -5.07 30.49
N TYR H 51 -19.98 -3.95 31.18
CA TYR H 51 -21.33 -3.41 31.23
C TYR H 51 -21.82 -3.03 29.83
N ALA H 52 -20.94 -2.40 29.04
CA ALA H 52 -21.34 -1.92 27.72
C ALA H 52 -21.76 -3.06 26.82
N ILE H 53 -21.03 -4.18 26.87
CA ILE H 53 -21.36 -5.31 26.01
C ILE H 53 -22.52 -6.14 26.52
N GLY H 54 -23.09 -5.78 27.68
CA GLY H 54 -24.24 -6.48 28.21
C GLY H 54 -23.92 -7.57 29.22
N GLU H 55 -22.65 -7.80 29.52
CA GLU H 55 -22.29 -8.81 30.49
C GLU H 55 -22.54 -8.31 31.91
N ASP H 56 -22.49 -9.24 32.86
CA ASP H 56 -22.60 -8.92 34.29
C ASP H 56 -21.22 -9.05 34.91
N PRO H 57 -20.54 -7.95 35.24
CA PRO H 57 -19.18 -8.08 35.81
C PRO H 57 -19.13 -8.86 37.11
N ASP H 58 -20.26 -8.99 37.81
CA ASP H 58 -20.29 -9.63 39.12
C ASP H 58 -20.42 -11.15 39.06
N ARG H 59 -20.69 -11.73 37.89
CA ARG H 59 -20.76 -13.19 37.81
C ARG H 59 -19.38 -13.79 38.05
N ASP H 60 -19.35 -15.07 38.39
CA ASP H 60 -18.13 -15.66 38.93
C ASP H 60 -17.01 -15.74 37.89
N GLY H 61 -17.36 -15.92 36.62
CA GLY H 61 -16.35 -15.98 35.58
C GLY H 61 -15.74 -14.66 35.19
N LEU H 62 -16.28 -13.55 35.72
CA LEU H 62 -15.80 -12.23 35.37
C LEU H 62 -15.41 -11.38 36.58
N VAL H 63 -15.50 -11.90 37.80
CA VAL H 63 -15.20 -11.08 38.97
C VAL H 63 -13.76 -10.59 38.92
N ALA H 64 -12.83 -11.50 38.66
CA ALA H 64 -11.42 -11.15 38.57
C ALA H 64 -11.00 -10.74 37.17
N THR H 65 -11.93 -10.73 36.21
CA THR H 65 -11.55 -10.44 34.83
C THR H 65 -11.02 -9.01 34.65
N PRO H 66 -11.64 -7.97 35.22
CA PRO H 66 -11.05 -6.62 35.05
C PRO H 66 -9.61 -6.55 35.50
N SER H 67 -9.28 -7.24 36.60
CA SER H 67 -7.91 -7.28 37.09
C SER H 67 -7.01 -8.10 36.18
N ARG H 68 -7.49 -9.26 35.72
CA ARG H 68 -6.68 -10.11 34.85
C ARG H 68 -6.44 -9.45 33.50
N VAL H 69 -7.44 -8.74 32.99
CA VAL H 69 -7.29 -8.05 31.71
C VAL H 69 -6.28 -6.92 31.81
N ALA H 70 -6.32 -6.17 32.92
CA ALA H 70 -5.33 -5.12 33.12
C ALA H 70 -3.92 -5.70 33.18
N ARG H 71 -3.76 -6.82 33.89
CA ARG H 71 -2.46 -7.46 33.96
C ARG H 71 -2.02 -7.94 32.57
N SER H 72 -2.95 -8.50 31.79
CA SER H 72 -2.59 -8.95 30.46
C SER H 72 -2.17 -7.78 29.58
N TYR H 73 -2.84 -6.63 29.72
CA TYR H 73 -2.47 -5.45 28.94
C TYR H 73 -1.09 -4.92 29.33
N ARG H 74 -0.71 -5.04 30.60
CA ARG H 74 0.64 -4.61 30.97
C ARG H 74 1.68 -5.42 30.24
N GLU H 75 1.48 -6.74 30.18
CA GLU H 75 2.41 -7.60 29.46
C GLU H 75 2.23 -7.47 27.97
N MET H 76 0.99 -7.26 27.51
CA MET H 76 0.72 -7.18 26.08
C MET H 76 1.34 -5.93 25.47
N PHE H 77 1.51 -4.87 26.27
CA PHE H 77 2.11 -3.62 25.83
C PHE H 77 3.39 -3.31 26.59
N ALA H 78 4.12 -4.37 26.98
CA ALA H 78 5.35 -4.18 27.74
C ALA H 78 6.38 -3.35 26.98
N GLY H 79 6.30 -3.32 25.65
CA GLY H 79 7.27 -2.56 24.88
C GLY H 79 7.19 -1.07 25.13
N LEU H 80 6.02 -0.57 25.54
CA LEU H 80 5.86 0.84 25.84
C LEU H 80 6.57 1.25 27.13
N TYR H 81 6.86 0.30 28.02
CA TYR H 81 7.38 0.59 29.35
C TYR H 81 8.86 0.31 29.52
N THR H 82 9.48 -0.38 28.58
CA THR H 82 10.93 -0.60 28.56
C THR H 82 11.42 -0.25 27.17
N ASP H 83 12.60 0.36 27.08
CA ASP H 83 13.15 0.69 25.77
C ASP H 83 13.58 -0.61 25.09
N PRO H 84 13.02 -0.97 23.93
CA PRO H 84 13.43 -2.22 23.29
C PRO H 84 14.91 -2.28 22.94
N ASP H 85 15.51 -1.14 22.58
CA ASP H 85 16.89 -1.15 22.12
C ASP H 85 17.87 -1.49 23.23
N SER H 86 17.53 -1.17 24.48
CA SER H 86 18.47 -1.32 25.58
C SER H 86 18.72 -2.76 25.99
N VAL H 87 17.89 -3.70 25.53
CA VAL H 87 18.07 -5.08 25.96
C VAL H 87 19.31 -5.71 25.36
N LEU H 88 19.71 -5.30 24.16
CA LEU H 88 20.83 -5.92 23.48
C LEU H 88 22.13 -5.73 24.25
N ASN H 89 22.94 -6.78 24.30
CA ASN H 89 24.23 -6.74 24.96
C ASN H 89 25.35 -6.73 23.91
N THR H 90 26.57 -6.51 24.40
CA THR H 90 27.75 -6.39 23.55
C THR H 90 28.62 -7.64 23.68
N MET H 91 28.94 -8.25 22.54
CA MET H 91 29.82 -9.40 22.50
C MET H 91 30.52 -9.38 21.14
N PHE H 92 31.64 -10.08 21.05
CA PHE H 92 32.43 -10.12 19.82
C PHE H 92 32.76 -11.55 19.46
N ASP H 93 32.61 -11.86 18.17
CA ASP H 93 32.89 -13.18 17.62
C ASP H 93 34.28 -13.12 17.00
N GLU H 94 35.25 -13.76 17.65
CA GLU H 94 36.62 -13.70 17.18
C GLU H 94 36.96 -14.74 16.13
N ASP H 95 36.14 -15.78 15.98
CA ASP H 95 36.45 -16.87 15.04
C ASP H 95 35.90 -16.60 13.65
N HIS H 96 34.62 -16.23 13.56
CA HIS H 96 33.89 -16.23 12.30
C HIS H 96 33.29 -14.86 12.01
N ASP H 97 33.05 -14.62 10.72
CA ASP H 97 32.39 -13.42 10.24
C ASP H 97 31.15 -13.76 9.42
N GLU H 98 30.68 -15.00 9.49
CA GLU H 98 29.58 -15.50 8.68
C GLU H 98 28.25 -15.05 9.25
N LEU H 99 27.20 -15.35 8.50
CA LEU H 99 25.86 -14.90 8.87
C LEU H 99 25.48 -15.52 10.21
N VAL H 100 24.90 -14.71 11.09
CA VAL H 100 24.26 -15.20 12.30
C VAL H 100 22.75 -15.22 12.05
N LEU H 101 22.14 -16.39 12.14
CA LEU H 101 20.72 -16.55 11.83
C LEU H 101 19.99 -16.99 13.09
N VAL H 102 18.88 -16.30 13.38
CA VAL H 102 18.04 -16.60 14.54
C VAL H 102 16.65 -16.87 14.01
N LYS H 103 16.08 -18.02 14.36
CA LYS H 103 14.85 -18.47 13.72
C LYS H 103 13.79 -18.85 14.75
N GLU H 104 12.55 -18.84 14.27
CA GLU H 104 11.39 -19.22 15.07
C GLU H 104 11.33 -18.40 16.37
N ILE H 105 11.57 -17.10 16.27
CA ILE H 105 11.45 -16.21 17.41
C ILE H 105 9.97 -16.01 17.73
N PRO H 106 9.52 -16.31 18.95
CA PRO H 106 8.11 -16.06 19.28
C PRO H 106 7.76 -14.60 19.04
N MET H 107 6.62 -14.37 18.41
CA MET H 107 6.17 -13.02 18.07
C MET H 107 4.69 -12.90 18.39
N TYR H 108 4.35 -12.13 19.40
CA TYR H 108 2.97 -11.86 19.78
C TYR H 108 2.79 -10.36 19.81
N SER H 109 1.86 -9.85 19.00
CA SER H 109 1.66 -8.43 18.84
C SER H 109 0.17 -8.15 18.86
N THR H 110 -0.19 -6.89 18.78
CA THR H 110 -1.59 -6.48 18.85
C THR H 110 -1.83 -5.47 17.74
N CYS H 111 -2.87 -5.69 16.94
CA CYS H 111 -3.27 -4.72 15.95
C CYS H 111 -3.67 -3.42 16.63
N GLU H 112 -3.10 -2.30 16.19
CA GLU H 112 -3.43 -1.02 16.82
C GLU H 112 -4.82 -0.54 16.43
N HIS H 113 -5.36 -1.02 15.30
CA HIS H 113 -6.68 -0.57 14.86
C HIS H 113 -7.80 -1.25 15.64
N HIS H 114 -7.63 -2.50 16.00
CA HIS H 114 -8.69 -3.27 16.64
C HIS H 114 -8.31 -3.84 18.00
N LEU H 115 -7.06 -3.65 18.45
CA LEU H 115 -6.59 -4.20 19.72
C LEU H 115 -6.83 -5.71 19.78
N VAL H 116 -6.54 -6.38 18.66
CA VAL H 116 -6.69 -7.83 18.53
C VAL H 116 -5.32 -8.42 18.24
N ALA H 117 -5.04 -9.58 18.81
CA ALA H 117 -3.73 -10.18 18.66
C ALA H 117 -3.49 -10.65 17.23
N PHE H 118 -2.26 -10.46 16.75
CA PHE H 118 -1.75 -11.19 15.59
C PHE H 118 -0.43 -11.80 16.02
N HIS H 119 -0.27 -13.10 15.80
CA HIS H 119 0.82 -13.85 16.40
C HIS H 119 1.45 -14.78 15.39
N GLY H 120 2.74 -15.01 15.56
CA GLY H 120 3.48 -15.88 14.66
C GLY H 120 4.92 -16.02 15.09
N VAL H 121 5.84 -15.90 14.15
CA VAL H 121 7.27 -15.99 14.42
C VAL H 121 7.99 -14.88 13.68
N ALA H 122 9.22 -14.61 14.12
CA ALA H 122 10.11 -13.68 13.47
C ALA H 122 11.43 -14.37 13.18
N HIS H 123 12.08 -13.94 12.10
CA HIS H 123 13.37 -14.47 11.69
C HIS H 123 14.32 -13.31 11.48
N VAL H 124 15.45 -13.32 12.17
CA VAL H 124 16.42 -12.25 12.14
C VAL H 124 17.75 -12.81 11.67
N GLY H 125 18.33 -12.21 10.64
CA GLY H 125 19.66 -12.59 10.20
C GLY H 125 20.54 -11.38 10.01
N TYR H 126 21.73 -11.39 10.61
CA TYR H 126 22.65 -10.27 10.48
C TYR H 126 24.05 -10.79 10.21
N ILE H 127 24.81 -10.04 9.43
CA ILE H 127 26.22 -10.34 9.14
C ILE H 127 27.08 -9.46 10.02
N PRO H 128 27.89 -10.02 10.93
CA PRO H 128 28.71 -9.17 11.81
C PRO H 128 29.64 -8.27 11.01
N GLY H 129 29.89 -7.08 11.56
CA GLY H 129 30.75 -6.11 10.94
C GLY H 129 32.22 -6.44 11.07
N ASP H 130 33.03 -5.46 10.69
CA ASP H 130 34.48 -5.60 10.79
C ASP H 130 34.92 -5.80 12.24
N ASP H 131 34.29 -5.08 13.16
CA ASP H 131 34.57 -5.22 14.58
C ASP H 131 34.16 -6.56 15.16
N GLY H 132 33.35 -7.34 14.42
CA GLY H 132 32.90 -8.62 14.92
C GLY H 132 31.76 -8.53 15.91
N ARG H 133 31.08 -7.39 15.99
CA ARG H 133 30.02 -7.20 16.96
C ARG H 133 28.89 -8.20 16.75
N VAL H 134 28.46 -8.82 17.84
CA VAL H 134 27.36 -9.76 17.84
C VAL H 134 26.55 -9.52 19.12
N THR H 135 25.48 -10.29 19.29
CA THR H 135 24.65 -10.19 20.48
C THR H 135 24.02 -11.55 20.74
N GLY H 136 23.53 -11.74 21.95
CA GLY H 136 22.97 -13.03 22.32
C GLY H 136 21.67 -13.30 21.60
N LEU H 137 21.41 -14.59 21.36
CA LEU H 137 20.14 -14.99 20.75
C LEU H 137 18.97 -14.62 21.64
N SER H 138 19.09 -14.86 22.94
CA SER H 138 18.03 -14.47 23.87
C SER H 138 17.79 -12.96 23.84
N LYS H 139 18.85 -12.19 23.61
CA LYS H 139 18.69 -10.74 23.60
C LYS H 139 17.97 -10.28 22.33
N ILE H 140 18.27 -10.90 21.19
CA ILE H 140 17.53 -10.58 19.97
C ILE H 140 16.06 -10.96 20.14
N ALA H 141 15.81 -12.10 20.79
CA ALA H 141 14.42 -12.52 21.02
C ALA H 141 13.67 -11.52 21.86
N ARG H 142 14.32 -10.99 22.91
CA ARG H 142 13.65 -10.02 23.76
C ARG H 142 13.41 -8.70 23.02
N LEU H 143 14.35 -8.29 22.17
CA LEU H 143 14.14 -7.06 21.41
C LEU H 143 12.93 -7.19 20.50
N VAL H 144 12.80 -8.33 19.80
CA VAL H 144 11.62 -8.56 18.98
C VAL H 144 10.37 -8.55 19.84
N ASP H 145 10.44 -9.18 21.01
CA ASP H 145 9.27 -9.28 21.86
C ASP H 145 8.78 -7.89 22.28
N LEU H 146 9.72 -7.00 22.62
CA LEU H 146 9.34 -5.68 23.11
C LEU H 146 8.78 -4.80 22.00
N TYR H 147 9.37 -4.85 20.80
CA TYR H 147 8.77 -4.12 19.69
C TYR H 147 7.41 -4.70 19.30
N ALA H 148 7.23 -6.01 19.43
CA ALA H 148 5.95 -6.61 19.07
C ALA H 148 4.89 -6.32 20.11
N LYS H 149 5.29 -6.12 21.36
CA LYS H 149 4.34 -5.91 22.46
C LYS H 149 3.99 -4.43 22.58
N ARG H 150 3.37 -3.94 21.50
CA ARG H 150 2.93 -2.56 21.37
C ARG H 150 1.73 -2.55 20.45
N PRO H 151 0.94 -1.46 20.44
CA PRO H 151 -0.01 -1.26 19.34
C PRO H 151 0.74 -1.18 18.03
N GLN H 152 0.51 -2.15 17.16
CA GLN H 152 1.41 -2.35 16.03
C GLN H 152 0.65 -2.64 14.74
N VAL H 153 1.35 -2.41 13.63
CA VAL H 153 1.02 -2.95 12.32
C VAL H 153 2.25 -3.71 11.86
N GLN H 154 2.03 -4.89 11.26
CA GLN H 154 3.13 -5.83 11.05
C GLN H 154 4.28 -5.20 10.27
N GLU H 155 3.97 -4.38 9.25
CA GLU H 155 5.04 -3.74 8.48
C GLU H 155 5.89 -2.81 9.33
N ARG H 156 5.26 -2.02 10.19
CA ARG H 156 6.04 -1.14 11.07
C ARG H 156 6.93 -1.98 11.98
N LEU H 157 6.39 -3.09 12.51
CA LEU H 157 7.15 -3.94 13.42
C LEU H 157 8.39 -4.51 12.76
N THR H 158 8.25 -4.99 11.52
CA THR H 158 9.41 -5.56 10.83
C THR H 158 10.49 -4.50 10.61
N SER H 159 10.09 -3.30 10.17
CA SER H 159 11.06 -2.25 9.91
C SER H 159 11.74 -1.79 11.20
N GLN H 160 10.98 -1.70 12.29
CA GLN H 160 11.56 -1.24 13.56
C GLN H 160 12.62 -2.19 14.09
N ILE H 161 12.37 -3.50 13.99
CA ILE H 161 13.35 -4.47 14.45
C ILE H 161 14.62 -4.36 13.65
N ALA H 162 14.50 -4.26 12.32
CA ALA H 162 15.67 -4.15 11.45
C ALA H 162 16.45 -2.88 11.74
N ASP H 163 15.75 -1.76 11.92
CA ASP H 163 16.43 -0.48 12.15
C ASP H 163 17.21 -0.50 13.46
N ALA H 164 16.62 -1.06 14.51
CA ALA H 164 17.30 -1.11 15.80
C ALA H 164 18.55 -1.99 15.73
N LEU H 165 18.45 -3.13 15.05
CA LEU H 165 19.62 -4.01 14.92
C LEU H 165 20.74 -3.33 14.15
N MET H 166 20.40 -2.60 13.07
CA MET H 166 21.40 -1.84 12.36
C MET H 166 22.06 -0.80 13.26
N LYS H 167 21.26 -0.10 14.06
CA LYS H 167 21.78 0.98 14.89
C LYS H 167 22.76 0.45 15.93
N LYS H 168 22.42 -0.66 16.58
CA LYS H 168 23.10 -1.16 17.77
C LYS H 168 24.31 -2.03 17.45
N LEU H 169 24.21 -2.90 16.44
CA LEU H 169 25.25 -3.86 16.10
C LEU H 169 26.24 -3.34 15.08
N ASP H 170 25.92 -2.24 14.40
CA ASP H 170 26.66 -1.69 13.27
C ASP H 170 27.04 -2.82 12.33
N PRO H 171 26.10 -3.67 11.92
CA PRO H 171 26.45 -4.80 11.06
C PRO H 171 26.53 -4.41 9.59
N ARG H 172 27.04 -5.34 8.79
CA ARG H 172 27.06 -5.12 7.34
C ARG H 172 25.64 -5.20 6.77
N GLY H 173 24.82 -6.10 7.29
CA GLY H 173 23.46 -6.24 6.80
C GLY H 173 22.57 -6.87 7.84
N VAL H 174 21.27 -6.61 7.70
CA VAL H 174 20.24 -7.16 8.57
C VAL H 174 19.05 -7.55 7.71
N ILE H 175 18.38 -8.63 8.08
CA ILE H 175 17.17 -9.06 7.41
C ILE H 175 16.18 -9.49 8.48
N VAL H 176 14.92 -9.07 8.34
CA VAL H 176 13.86 -9.44 9.27
C VAL H 176 12.67 -9.94 8.47
N VAL H 177 12.12 -11.09 8.88
CA VAL H 177 10.95 -11.68 8.25
C VAL H 177 10.00 -12.11 9.36
N ILE H 178 8.73 -11.71 9.26
CA ILE H 178 7.70 -12.06 10.24
C ILE H 178 6.60 -12.82 9.52
N GLU H 179 6.24 -13.98 10.07
CA GLU H 179 5.17 -14.83 9.55
C GLU H 179 4.10 -14.91 10.63
N ALA H 180 3.01 -14.17 10.48
CA ALA H 180 2.02 -14.04 11.53
C ALA H 180 0.61 -14.25 11.01
N GLU H 181 -0.27 -14.68 11.91
CA GLU H 181 -1.70 -14.84 11.63
C GLU H 181 -2.46 -13.64 12.18
N HIS H 182 -3.21 -12.97 11.32
CA HIS H 182 -4.05 -11.85 11.72
C HIS H 182 -5.46 -12.37 11.97
N LEU H 183 -6.06 -11.92 13.06
CA LEU H 183 -7.35 -12.46 13.48
C LEU H 183 -8.49 -11.48 13.31
N CYS H 184 -8.21 -10.21 12.98
CA CYS H 184 -9.27 -9.20 12.96
C CYS H 184 -10.39 -9.56 11.99
N MET H 185 -10.03 -9.90 10.74
CA MET H 185 -11.05 -10.19 9.76
C MET H 185 -11.51 -11.65 9.78
N ALA H 186 -10.65 -12.58 10.18
CA ALA H 186 -11.09 -13.97 10.32
C ALA H 186 -12.16 -14.10 11.38
N MET H 187 -12.02 -13.38 12.50
CA MET H 187 -13.06 -13.39 13.52
C MET H 187 -14.40 -12.87 12.96
N ARG H 188 -14.36 -11.89 12.07
CA ARG H 188 -15.58 -11.36 11.48
C ARG H 188 -15.99 -12.11 10.22
N GLY H 189 -15.70 -13.40 10.13
CA GLY H 189 -15.93 -14.20 8.94
C GLY H 189 -15.82 -13.51 7.58
N VAL H 190 -14.75 -12.75 7.40
CA VAL H 190 -14.47 -12.10 6.12
C VAL H 190 -13.33 -12.77 5.37
N ARG H 191 -12.38 -13.40 6.06
CA ARG H 191 -11.23 -14.02 5.44
C ARG H 191 -11.09 -15.46 5.94
N LYS H 192 -10.37 -16.28 5.18
CA LYS H 192 -10.19 -17.68 5.56
C LYS H 192 -9.37 -17.76 6.85
N PRO H 193 -9.76 -18.57 7.82
CA PRO H 193 -8.91 -18.76 9.00
C PRO H 193 -7.60 -19.45 8.62
N GLY H 194 -6.54 -19.09 9.33
CA GLY H 194 -5.23 -19.66 9.12
C GLY H 194 -4.36 -18.92 8.14
N SER H 195 -4.86 -17.87 7.49
CA SER H 195 -4.05 -17.14 6.53
C SER H 195 -2.85 -16.52 7.24
N VAL H 196 -1.71 -16.53 6.56
CA VAL H 196 -0.44 -16.08 7.13
C VAL H 196 0.03 -14.86 6.33
N THR H 197 0.23 -13.74 7.04
CA THR H 197 0.82 -12.55 6.46
C THR H 197 2.33 -12.60 6.64
N THR H 198 3.08 -12.33 5.57
CA THR H 198 4.53 -12.33 5.60
C THR H 198 5.06 -10.95 5.24
N THR H 199 5.98 -10.43 6.04
CA THR H 199 6.61 -9.15 5.81
C THR H 199 8.12 -9.30 5.93
N SER H 200 8.87 -8.47 5.21
CA SER H 200 10.32 -8.53 5.21
C SER H 200 10.90 -7.12 5.25
N ALA H 201 12.08 -7.00 5.82
CA ALA H 201 12.84 -5.75 5.85
C ALA H 201 14.31 -6.08 5.67
N VAL H 202 14.97 -5.35 4.78
CA VAL H 202 16.37 -5.59 4.46
C VAL H 202 17.14 -4.29 4.63
N ARG H 203 18.35 -4.39 5.19
CA ARG H 203 19.18 -3.22 5.44
C ARG H 203 20.60 -3.54 5.01
N GLY H 204 21.34 -2.51 4.66
CA GLY H 204 22.75 -2.70 4.35
C GLY H 204 22.96 -3.64 3.18
N LEU H 205 23.78 -4.67 3.39
CA LEU H 205 24.22 -5.51 2.28
C LEU H 205 23.04 -6.25 1.65
N PHE H 206 22.11 -6.73 2.48
CA PHE H 206 20.96 -7.45 1.94
C PHE H 206 20.10 -6.55 1.06
N LYS H 207 20.13 -5.24 1.31
CA LYS H 207 19.39 -4.26 0.52
C LYS H 207 20.09 -3.94 -0.80
N THR H 208 21.42 -3.94 -0.82
CA THR H 208 22.16 -3.58 -2.02
C THR H 208 22.36 -4.77 -2.96
N ASN H 209 22.43 -5.97 -2.39
CA ASN H 209 22.76 -7.20 -3.11
C ASN H 209 21.49 -8.03 -3.28
N ALA H 210 21.12 -8.33 -4.53
CA ALA H 210 19.93 -9.16 -4.76
C ALA H 210 20.24 -10.62 -4.47
N ALA H 211 21.47 -11.07 -4.75
CA ALA H 211 21.87 -12.43 -4.44
C ALA H 211 21.85 -12.67 -2.94
N SER H 212 22.34 -11.70 -2.16
CA SER H 212 22.38 -11.87 -0.71
C SER H 212 20.99 -11.99 -0.11
N ARG H 213 20.04 -11.17 -0.56
CA ARG H 213 18.69 -11.30 -0.02
C ARG H 213 18.10 -12.67 -0.39
N ALA H 214 18.32 -13.11 -1.63
CA ALA H 214 17.72 -14.36 -2.08
C ALA H 214 18.25 -15.54 -1.26
N GLU H 215 19.56 -15.58 -1.01
CA GLU H 215 20.14 -16.67 -0.23
C GLU H 215 19.61 -16.64 1.20
N ALA H 216 19.56 -15.46 1.82
CA ALA H 216 19.06 -15.37 3.19
C ALA H 216 17.61 -15.82 3.28
N LEU H 217 16.78 -15.41 2.32
CA LEU H 217 15.37 -15.83 2.33
C LEU H 217 15.25 -17.34 2.23
N ASP H 218 16.05 -17.98 1.36
CA ASP H 218 15.98 -19.42 1.22
C ASP H 218 16.27 -20.13 2.54
N LEU H 219 17.27 -19.64 3.29
CA LEU H 219 17.60 -20.24 4.57
C LEU H 219 16.43 -20.14 5.53
N ILE H 220 15.71 -19.03 5.48
CA ILE H 220 14.54 -18.80 6.34
C ILE H 220 13.38 -19.71 5.97
N LEU H 221 13.14 -19.93 4.68
CA LEU H 221 12.02 -20.78 4.30
C LEU H 221 12.29 -22.26 4.58
N ARG H 222 13.53 -22.72 4.38
CA ARG H 222 13.84 -24.13 4.56
C ARG H 222 13.59 -24.57 6.00
N ILE I 34 57.44 -71.55 9.73
CA ILE I 34 58.03 -70.31 9.23
C ILE I 34 57.43 -69.93 7.88
N ARG I 35 56.75 -68.79 7.85
CA ARG I 35 56.12 -68.29 6.63
C ARG I 35 56.98 -67.22 6.00
N VAL I 36 57.02 -67.22 4.66
CA VAL I 36 57.71 -66.17 3.91
C VAL I 36 56.98 -65.99 2.59
N PHE I 37 56.84 -64.74 2.16
CA PHE I 37 56.28 -64.44 0.83
C PHE I 37 57.39 -64.51 -0.20
N ASP I 38 57.20 -65.32 -1.23
CA ASP I 38 58.15 -65.48 -2.32
C ASP I 38 57.58 -64.75 -3.53
N GLN I 39 58.06 -63.52 -3.76
CA GLN I 39 57.57 -62.72 -4.88
C GLN I 39 57.78 -63.46 -6.20
N GLN I 40 59.00 -63.95 -6.42
CA GLN I 40 59.32 -64.55 -7.71
C GLN I 40 58.54 -65.85 -7.93
N ARG I 41 58.40 -66.66 -6.89
CA ARG I 41 57.64 -67.90 -7.03
C ARG I 41 56.18 -67.63 -7.37
N ALA I 42 55.59 -66.61 -6.73
CA ALA I 42 54.20 -66.26 -7.01
C ALA I 42 54.05 -65.78 -8.45
N GLU I 43 54.98 -64.95 -8.93
CA GLU I 43 54.88 -64.47 -10.31
C GLU I 43 54.98 -65.64 -11.29
N ALA I 44 55.89 -66.57 -11.02
CA ALA I 44 56.03 -67.74 -11.89
C ALA I 44 54.75 -68.55 -11.91
N ALA I 45 54.10 -68.72 -10.75
CA ALA I 45 52.85 -69.45 -10.71
C ALA I 45 51.77 -68.75 -11.54
N VAL I 46 51.70 -67.43 -11.46
CA VAL I 46 50.68 -66.69 -12.20
C VAL I 46 50.94 -66.81 -13.70
N ARG I 47 52.21 -66.74 -14.12
CA ARG I 47 52.53 -66.88 -15.53
C ARG I 47 52.15 -68.27 -16.04
N GLU I 48 52.41 -69.31 -15.23
CA GLU I 48 51.95 -70.66 -15.57
C GLU I 48 50.43 -70.70 -15.63
N LEU I 49 49.77 -69.94 -14.77
CA LEU I 49 48.31 -69.89 -14.76
C LEU I 49 47.79 -69.29 -16.06
N LEU I 50 48.45 -68.25 -16.57
CA LEU I 50 48.06 -67.64 -17.83
C LEU I 50 48.23 -68.60 -19.00
N TYR I 51 49.33 -69.37 -19.01
CA TYR I 51 49.49 -70.40 -20.03
C TYR I 51 48.39 -71.45 -19.95
N ALA I 52 48.06 -71.88 -18.73
CA ALA I 52 47.11 -72.98 -18.55
C ALA I 52 45.74 -72.61 -19.10
N ILE I 53 45.30 -71.37 -18.91
CA ILE I 53 43.99 -70.95 -19.40
C ILE I 53 43.97 -70.70 -20.89
N GLY I 54 45.10 -70.87 -21.59
CA GLY I 54 45.16 -70.72 -23.02
C GLY I 54 45.58 -69.35 -23.51
N GLU I 55 45.85 -68.42 -22.59
CA GLU I 55 46.26 -67.08 -22.92
C GLU I 55 47.74 -67.05 -23.31
N ASP I 56 48.15 -65.90 -23.85
CA ASP I 56 49.55 -65.64 -24.18
C ASP I 56 50.12 -64.68 -23.14
N PRO I 57 50.94 -65.14 -22.20
CA PRO I 57 51.42 -64.24 -21.14
C PRO I 57 52.24 -63.08 -21.65
N ASP I 58 52.81 -63.18 -22.85
CA ASP I 58 53.71 -62.15 -23.37
C ASP I 58 53.01 -60.99 -24.05
N ARG I 59 51.71 -61.08 -24.30
CA ARG I 59 51.03 -59.95 -24.92
C ARG I 59 51.01 -58.76 -23.97
N ASP I 60 50.78 -57.57 -24.55
CA ASP I 60 51.03 -56.35 -23.80
C ASP I 60 50.08 -56.18 -22.63
N GLY I 61 48.83 -56.64 -22.77
CA GLY I 61 47.87 -56.53 -21.69
C GLY I 61 48.17 -57.42 -20.51
N LEU I 62 49.16 -58.31 -20.62
CA LEU I 62 49.45 -59.25 -19.55
C LEU I 62 50.92 -59.34 -19.18
N VAL I 63 51.79 -58.53 -19.79
CA VAL I 63 53.21 -58.60 -19.48
C VAL I 63 53.45 -58.36 -17.99
N ALA I 64 52.79 -57.35 -17.43
CA ALA I 64 52.97 -56.99 -16.04
C ALA I 64 52.01 -57.70 -15.12
N THR I 65 51.12 -58.52 -15.65
CA THR I 65 50.08 -59.12 -14.81
C THR I 65 50.65 -60.06 -13.75
N PRO I 66 51.62 -60.93 -14.06
CA PRO I 66 52.16 -61.80 -12.99
C PRO I 66 52.73 -61.02 -11.83
N SER I 67 53.39 -59.89 -12.09
CA SER I 67 53.96 -59.10 -11.01
C SER I 67 52.86 -58.36 -10.25
N ARG I 68 51.87 -57.80 -10.95
CA ARG I 68 50.82 -57.07 -10.25
C ARG I 68 49.96 -58.00 -9.41
N VAL I 69 49.71 -59.21 -9.90
CA VAL I 69 48.94 -60.18 -9.13
C VAL I 69 49.72 -60.62 -7.91
N ALA I 70 51.03 -60.83 -8.07
CA ALA I 70 51.86 -61.22 -6.92
C ALA I 70 51.86 -60.13 -5.86
N ARG I 71 51.96 -58.86 -6.28
CA ARG I 71 51.90 -57.76 -5.33
C ARG I 71 50.56 -57.72 -4.62
N SER I 72 49.48 -57.97 -5.36
CA SER I 72 48.16 -57.96 -4.76
C SER I 72 48.02 -59.08 -3.73
N TYR I 73 48.59 -60.25 -4.02
CA TYR I 73 48.51 -61.37 -3.08
C TYR I 73 49.28 -61.08 -1.80
N ARG I 74 50.37 -60.31 -1.90
CA ARG I 74 51.12 -59.91 -0.71
C ARG I 74 50.26 -59.06 0.22
N GLU I 75 49.48 -58.14 -0.36
CA GLU I 75 48.61 -57.30 0.45
C GLU I 75 47.36 -58.06 0.89
N MET I 76 46.85 -58.96 0.03
CA MET I 76 45.64 -59.68 0.36
C MET I 76 45.86 -60.69 1.48
N PHE I 77 47.09 -61.18 1.63
CA PHE I 77 47.42 -62.16 2.67
C PHE I 77 48.43 -61.57 3.66
N ALA I 78 48.39 -60.25 3.84
CA ALA I 78 49.30 -59.60 4.78
C ALA I 78 49.08 -60.09 6.20
N GLY I 79 47.89 -60.58 6.52
CA GLY I 79 47.63 -61.05 7.87
C GLY I 79 48.48 -62.23 8.28
N LEU I 80 48.92 -63.02 7.30
CA LEU I 80 49.76 -64.17 7.64
C LEU I 80 51.15 -63.77 8.11
N TYR I 81 51.58 -62.54 7.81
CA TYR I 81 52.95 -62.11 8.10
C TYR I 81 53.05 -61.18 9.30
N THR I 82 51.92 -60.65 9.78
CA THR I 82 51.90 -59.83 10.98
C THR I 82 50.83 -60.39 11.92
N ASP I 83 51.13 -60.44 13.21
CA ASP I 83 50.16 -60.95 14.18
C ASP I 83 49.05 -59.92 14.36
N PRO I 84 47.79 -60.26 14.03
CA PRO I 84 46.72 -59.24 14.18
C PRO I 84 46.54 -58.74 15.61
N ASP I 85 46.77 -59.60 16.61
CA ASP I 85 46.44 -59.26 17.98
C ASP I 85 47.34 -58.18 18.57
N SER I 86 48.58 -58.08 18.11
CA SER I 86 49.53 -57.16 18.75
C SER I 86 49.24 -55.70 18.45
N VAL I 87 48.36 -55.40 17.50
CA VAL I 87 48.11 -54.03 17.08
C VAL I 87 47.38 -53.24 18.15
N LEU I 88 46.54 -53.88 18.95
CA LEU I 88 45.70 -53.17 19.90
C LEU I 88 46.54 -52.43 20.94
N ASN I 89 46.10 -51.22 21.28
CA ASN I 89 46.75 -50.38 22.28
C ASN I 89 45.90 -50.30 23.55
N THR I 90 46.46 -49.67 24.58
CA THR I 90 45.85 -49.60 25.90
C THR I 90 45.31 -48.21 26.19
N MET I 91 44.03 -48.14 26.55
CA MET I 91 43.37 -46.89 26.92
C MET I 91 42.27 -47.22 27.93
N PHE I 92 41.86 -46.21 28.69
CA PHE I 92 40.83 -46.39 29.71
C PHE I 92 39.76 -45.31 29.63
N ASP I 93 38.49 -45.71 29.73
CA ASP I 93 37.35 -44.81 29.69
C ASP I 93 36.90 -44.54 31.13
N GLU I 94 37.14 -43.32 31.59
CA GLU I 94 36.84 -42.93 32.95
C GLU I 94 35.43 -42.41 33.12
N ASP I 95 34.73 -42.06 32.05
CA ASP I 95 33.40 -41.46 32.19
C ASP I 95 32.29 -42.50 32.27
N HIS I 96 32.24 -43.40 31.30
CA HIS I 96 31.11 -44.30 31.11
C HIS I 96 31.61 -45.74 30.99
N ASP I 97 30.71 -46.68 31.25
CA ASP I 97 30.97 -48.10 31.12
C ASP I 97 30.02 -48.76 30.12
N GLU I 98 29.29 -47.99 29.35
CA GLU I 98 28.28 -48.54 28.44
C GLU I 98 28.99 -49.04 27.17
N LEU I 99 28.21 -49.65 26.28
CA LEU I 99 28.78 -50.29 25.10
C LEU I 99 29.52 -49.31 24.19
N VAL I 100 30.70 -49.75 23.74
CA VAL I 100 31.47 -49.09 22.69
C VAL I 100 31.20 -49.81 21.38
N LEU I 101 30.68 -49.10 20.40
CA LEU I 101 30.25 -49.68 19.14
C LEU I 101 31.07 -49.12 17.99
N VAL I 102 31.52 -50.02 17.13
CA VAL I 102 32.32 -49.67 15.95
C VAL I 102 31.61 -50.24 14.73
N LYS I 103 31.35 -49.38 13.74
CA LYS I 103 30.54 -49.77 12.60
C LYS I 103 31.25 -49.42 11.29
N GLU I 104 30.85 -50.13 10.24
CA GLU I 104 31.38 -49.93 8.89
C GLU I 104 32.91 -50.04 8.86
N ILE I 105 33.45 -51.02 9.57
CA ILE I 105 34.88 -51.28 9.47
C ILE I 105 35.17 -51.94 8.12
N PRO I 106 36.06 -51.37 7.30
CA PRO I 106 36.38 -52.02 6.02
C PRO I 106 36.86 -53.45 6.25
N MET I 107 36.32 -54.37 5.46
CA MET I 107 36.63 -55.79 5.58
C MET I 107 36.83 -56.38 4.19
N TYR I 108 38.06 -56.77 3.87
CA TYR I 108 38.38 -57.42 2.60
C TYR I 108 39.10 -58.72 2.89
N SER I 109 38.54 -59.83 2.38
CA SER I 109 39.07 -61.15 2.64
C SER I 109 39.00 -61.95 1.33
N THR I 110 39.50 -63.19 1.40
CA THR I 110 39.56 -64.07 0.25
C THR I 110 39.06 -65.44 0.66
N CYS I 111 38.12 -65.99 -0.11
CA CYS I 111 37.68 -67.37 0.13
C CYS I 111 38.86 -68.32 -0.05
N GLU I 112 39.07 -69.19 0.95
CA GLU I 112 40.19 -70.12 0.85
C GLU I 112 39.91 -71.23 -0.15
N HIS I 113 38.64 -71.52 -0.44
CA HIS I 113 38.28 -72.60 -1.33
C HIS I 113 38.47 -72.24 -2.80
N HIS I 114 38.24 -70.98 -3.16
CA HIS I 114 38.30 -70.55 -4.54
C HIS I 114 39.31 -69.44 -4.79
N LEU I 115 39.95 -68.93 -3.74
CA LEU I 115 40.88 -67.82 -3.86
C LEU I 115 40.24 -66.63 -4.57
N VAL I 116 38.98 -66.36 -4.23
CA VAL I 116 38.21 -65.25 -4.78
C VAL I 116 37.79 -64.33 -3.64
N ALA I 117 37.83 -63.03 -3.87
CA ALA I 117 37.55 -62.08 -2.80
C ALA I 117 36.08 -62.09 -2.41
N PHE I 118 35.82 -61.94 -1.11
CA PHE I 118 34.51 -61.56 -0.59
C PHE I 118 34.73 -60.36 0.34
N HIS I 119 33.96 -59.30 0.11
CA HIS I 119 34.24 -58.00 0.70
C HIS I 119 32.97 -57.37 1.27
N GLY I 120 33.15 -56.60 2.33
CA GLY I 120 32.03 -55.94 2.97
C GLY I 120 32.44 -55.04 4.12
N VAL I 121 31.72 -55.13 5.24
CA VAL I 121 32.02 -54.33 6.43
C VAL I 121 31.94 -55.25 7.64
N ALA I 122 32.54 -54.78 8.74
CA ALA I 122 32.50 -55.47 10.02
C ALA I 122 32.01 -54.49 11.08
N HIS I 123 31.31 -55.01 12.08
CA HIS I 123 30.79 -54.23 13.18
C HIS I 123 31.24 -54.87 14.49
N VAL I 124 31.93 -54.11 15.33
CA VAL I 124 32.50 -54.63 16.57
C VAL I 124 31.93 -53.82 17.73
N GLY I 125 31.33 -54.53 18.69
CA GLY I 125 30.85 -53.89 19.91
C GLY I 125 31.33 -54.63 21.14
N TYR I 126 31.90 -53.91 22.11
CA TYR I 126 32.39 -54.51 23.34
C TYR I 126 31.99 -53.65 24.52
N ILE I 127 31.74 -54.31 25.65
CA ILE I 127 31.42 -53.63 26.91
C ILE I 127 32.69 -53.60 27.76
N PRO I 128 33.22 -52.43 28.10
CA PRO I 128 34.45 -52.38 28.89
C PRO I 128 34.27 -53.05 30.25
N GLY I 129 35.37 -53.63 30.75
CA GLY I 129 35.38 -54.28 32.03
C GLY I 129 35.36 -53.29 33.17
N ASP I 130 35.59 -53.83 34.37
CA ASP I 130 35.62 -52.98 35.56
C ASP I 130 36.72 -51.94 35.45
N ASP I 131 37.88 -52.34 34.92
CA ASP I 131 38.97 -51.39 34.70
C ASP I 131 38.66 -50.34 33.65
N GLY I 132 37.62 -50.53 32.85
CA GLY I 132 37.28 -49.56 31.82
C GLY I 132 38.11 -49.62 30.56
N ARG I 133 38.83 -50.72 30.34
CA ARG I 133 39.73 -50.82 29.20
C ARG I 133 39.00 -50.70 27.86
N VAL I 134 39.57 -49.90 26.96
CA VAL I 134 39.07 -49.69 25.62
C VAL I 134 40.27 -49.62 24.67
N THR I 135 40.00 -49.42 23.38
CA THR I 135 41.09 -49.33 22.43
C THR I 135 40.64 -48.44 21.26
N GLY I 136 41.61 -48.06 20.43
CA GLY I 136 41.31 -47.16 19.32
C GLY I 136 40.51 -47.81 18.21
N LEU I 137 39.73 -46.96 17.51
CA LEU I 137 38.99 -47.43 16.36
C LEU I 137 39.92 -47.94 15.27
N SER I 138 40.99 -47.21 14.98
CA SER I 138 41.96 -47.66 14.00
C SER I 138 42.60 -48.99 14.41
N LYS I 139 42.77 -49.20 15.71
CA LYS I 139 43.37 -50.44 16.18
C LYS I 139 42.43 -51.62 15.99
N ILE I 140 41.14 -51.42 16.27
CA ILE I 140 40.14 -52.46 16.00
C ILE I 140 40.03 -52.71 14.50
N ALA I 141 40.09 -51.65 13.70
CA ALA I 141 40.02 -51.80 12.26
C ALA I 141 41.18 -52.64 11.74
N ARG I 142 42.38 -52.44 12.29
CA ARG I 142 43.52 -53.22 11.85
C ARG I 142 43.42 -54.68 12.28
N LEU I 143 42.89 -54.94 13.47
CA LEU I 143 42.71 -56.34 13.87
C LEU I 143 41.76 -57.06 12.93
N VAL I 144 40.65 -56.41 12.59
CA VAL I 144 39.72 -57.01 11.62
C VAL I 144 40.40 -57.20 10.28
N ASP I 145 41.14 -56.19 9.83
CA ASP I 145 41.77 -56.26 8.51
C ASP I 145 42.79 -57.38 8.45
N LEU I 146 43.59 -57.55 9.50
CA LEU I 146 44.66 -58.54 9.46
C LEU I 146 44.11 -59.97 9.53
N TYR I 147 43.10 -60.19 10.36
CA TYR I 147 42.42 -61.50 10.32
C TYR I 147 41.72 -61.73 8.98
N ALA I 148 41.21 -60.65 8.38
CA ALA I 148 40.52 -60.79 7.10
C ALA I 148 41.49 -60.99 5.95
N LYS I 149 42.72 -60.51 6.07
CA LYS I 149 43.71 -60.59 4.98
C LYS I 149 44.41 -61.94 5.03
N ARG I 150 43.61 -62.99 4.87
CA ARG I 150 44.09 -64.36 4.92
C ARG I 150 43.16 -65.22 4.07
N PRO I 151 43.58 -66.42 3.69
CA PRO I 151 42.61 -67.42 3.21
C PRO I 151 41.61 -67.72 4.31
N GLN I 152 40.35 -67.39 4.07
CA GLN I 152 39.37 -67.33 5.15
C GLN I 152 38.04 -67.94 4.73
N VAL I 153 37.25 -68.29 5.75
CA VAL I 153 35.82 -68.53 5.63
C VAL I 153 35.14 -67.54 6.58
N GLN I 154 34.06 -66.93 6.11
CA GLN I 154 33.55 -65.74 6.81
C GLN I 154 33.19 -66.03 8.27
N GLU I 155 32.57 -67.16 8.56
CA GLU I 155 32.21 -67.43 9.95
C GLU I 155 33.45 -67.60 10.85
N ARG I 156 34.46 -68.32 10.37
CA ARG I 156 35.68 -68.46 11.14
C ARG I 156 36.35 -67.11 11.34
N LEU I 157 36.30 -66.25 10.32
CA LEU I 157 36.86 -64.90 10.44
C LEU I 157 36.18 -64.12 11.56
N THR I 158 34.85 -64.19 11.61
CA THR I 158 34.09 -63.44 12.60
C THR I 158 34.39 -63.95 14.02
N SER I 159 34.46 -65.27 14.16
CA SER I 159 34.73 -65.87 15.47
C SER I 159 36.12 -65.50 15.98
N GLN I 160 37.10 -65.47 15.08
CA GLN I 160 38.47 -65.12 15.47
C GLN I 160 38.55 -63.67 15.94
N ILE I 161 37.85 -62.77 15.26
CA ILE I 161 37.82 -61.38 15.71
C ILE I 161 37.22 -61.31 17.10
N ALA I 162 36.12 -62.04 17.33
CA ALA I 162 35.46 -62.01 18.62
C ALA I 162 36.38 -62.53 19.73
N ASP I 163 37.07 -63.64 19.48
CA ASP I 163 37.94 -64.19 20.53
C ASP I 163 39.12 -63.26 20.81
N ALA I 164 39.71 -62.68 19.76
CA ALA I 164 40.85 -61.80 19.96
C ALA I 164 40.46 -60.60 20.81
N LEU I 165 39.27 -60.04 20.56
CA LEU I 165 38.79 -58.91 21.35
C LEU I 165 38.59 -59.32 22.81
N MET I 166 38.04 -60.51 23.04
CA MET I 166 37.88 -61.02 24.41
C MET I 166 39.22 -61.11 25.14
N LYS I 167 40.22 -61.74 24.51
CA LYS I 167 41.51 -61.95 25.15
C LYS I 167 42.25 -60.65 25.39
N LYS I 168 42.16 -59.72 24.43
CA LYS I 168 43.00 -58.53 24.46
C LYS I 168 42.41 -57.43 25.35
N LEU I 169 41.10 -57.21 25.27
CA LEU I 169 40.45 -56.15 26.01
C LEU I 169 39.94 -56.64 27.36
N ASP I 170 39.85 -57.96 27.54
CA ASP I 170 39.21 -58.60 28.68
C ASP I 170 37.91 -57.87 29.01
N PRO I 171 37.02 -57.71 28.02
CA PRO I 171 35.76 -57.01 28.25
C PRO I 171 34.73 -57.95 28.87
N ARG I 172 33.62 -57.36 29.29
CA ARG I 172 32.50 -58.17 29.78
C ARG I 172 31.86 -58.95 28.64
N GLY I 173 31.78 -58.35 27.46
CA GLY I 173 31.17 -59.01 26.31
C GLY I 173 31.67 -58.45 25.00
N VAL I 174 31.55 -59.26 23.96
CA VAL I 174 31.94 -58.88 22.61
C VAL I 174 30.91 -59.40 21.62
N ILE I 175 30.63 -58.61 20.59
CA ILE I 175 29.76 -59.03 19.50
C ILE I 175 30.40 -58.54 18.21
N VAL I 176 30.48 -59.42 17.21
CA VAL I 176 31.08 -59.09 15.92
C VAL I 176 30.11 -59.56 14.84
N VAL I 177 29.84 -58.70 13.87
CA VAL I 177 28.95 -59.01 12.76
C VAL I 177 29.63 -58.59 11.46
N ILE I 178 29.66 -59.49 10.48
CA ILE I 178 30.26 -59.24 9.18
C ILE I 178 29.18 -59.40 8.11
N GLU I 179 29.06 -58.38 7.26
CA GLU I 179 28.14 -58.38 6.13
C GLU I 179 29.00 -58.26 4.86
N ALA I 180 29.15 -59.35 4.12
CA ALA I 180 30.07 -59.38 3.00
C ALA I 180 29.39 -59.93 1.75
N GLU I 181 29.88 -59.48 0.60
CA GLU I 181 29.41 -59.94 -0.69
C GLU I 181 30.39 -60.98 -1.23
N HIS I 182 29.90 -62.18 -1.53
CA HIS I 182 30.72 -63.24 -2.06
C HIS I 182 30.61 -63.28 -3.57
N LEU I 183 31.75 -63.46 -4.23
CA LEU I 183 31.84 -63.40 -5.68
C LEU I 183 32.07 -64.78 -6.30
N CYS I 184 32.28 -65.80 -5.48
CA CYS I 184 32.68 -67.11 -6.00
C CYS I 184 31.65 -67.65 -6.98
N MET I 185 30.37 -67.64 -6.58
CA MET I 185 29.36 -68.19 -7.48
C MET I 185 28.88 -67.19 -8.53
N ALA I 186 28.97 -65.89 -8.27
CA ALA I 186 28.67 -64.94 -9.32
C ALA I 186 29.63 -65.13 -10.50
N MET I 187 30.90 -65.42 -10.21
CA MET I 187 31.85 -65.72 -11.28
C MET I 187 31.43 -66.97 -12.04
N ARG I 188 30.91 -67.97 -11.35
CA ARG I 188 30.48 -69.21 -11.99
C ARG I 188 29.04 -69.17 -12.46
N GLY I 189 28.53 -67.99 -12.80
CA GLY I 189 27.14 -67.85 -13.15
C GLY I 189 26.19 -68.78 -12.44
N VAL I 190 26.28 -68.88 -11.11
CA VAL I 190 25.36 -69.68 -10.33
C VAL I 190 24.41 -68.86 -9.47
N ARG I 191 24.82 -67.71 -8.96
CA ARG I 191 23.98 -66.92 -8.08
C ARG I 191 23.91 -65.49 -8.57
N LYS I 192 22.89 -64.77 -8.14
CA LYS I 192 22.77 -63.36 -8.50
C LYS I 192 23.87 -62.55 -7.83
N PRO I 193 24.54 -61.65 -8.55
CA PRO I 193 25.51 -60.77 -7.89
C PRO I 193 24.84 -59.82 -6.91
N GLY I 194 25.58 -59.46 -5.86
CA GLY I 194 25.11 -58.53 -4.86
C GLY I 194 24.51 -59.17 -3.62
N SER I 195 24.34 -60.49 -3.59
CA SER I 195 23.85 -61.14 -2.39
C SER I 195 24.83 -60.95 -1.25
N VAL I 196 24.31 -60.75 -0.04
CA VAL I 196 25.12 -60.44 1.13
C VAL I 196 24.98 -61.57 2.14
N THR I 197 26.12 -62.16 2.53
CA THR I 197 26.16 -63.14 3.61
C THR I 197 26.43 -62.41 4.92
N THR I 198 25.65 -62.74 5.95
CA THR I 198 25.78 -62.12 7.27
C THR I 198 26.13 -63.19 8.30
N THR I 199 27.14 -62.90 9.11
CA THR I 199 27.60 -63.78 10.16
C THR I 199 27.75 -63.01 11.46
N SER I 200 27.56 -63.70 12.58
CA SER I 200 27.65 -63.08 13.90
C SER I 200 28.37 -64.01 14.87
N ALA I 201 29.02 -63.39 15.85
CA ALA I 201 29.68 -64.11 16.94
C ALA I 201 29.48 -63.31 18.22
N VAL I 202 29.08 -63.98 19.30
CA VAL I 202 28.82 -63.33 20.58
C VAL I 202 29.62 -64.02 21.67
N ARG I 203 30.22 -63.22 22.55
CA ARG I 203 31.10 -63.72 23.60
C ARG I 203 30.74 -63.02 24.91
N GLY I 204 31.02 -63.70 26.02
CA GLY I 204 30.80 -63.08 27.31
C GLY I 204 29.36 -62.71 27.54
N LEU I 205 29.13 -61.45 27.89
CA LEU I 205 27.80 -61.04 28.33
C LEU I 205 26.78 -61.18 27.22
N PHE I 206 27.16 -60.86 25.98
CA PHE I 206 26.21 -60.96 24.90
C PHE I 206 25.75 -62.39 24.65
N LYS I 207 26.58 -63.38 24.96
CA LYS I 207 26.15 -64.76 24.70
C LYS I 207 25.17 -65.23 25.76
N THR I 208 25.31 -64.77 27.01
CA THR I 208 24.47 -65.24 28.09
C THR I 208 23.14 -64.48 28.17
N ASN I 209 23.12 -63.21 27.75
CA ASN I 209 21.96 -62.35 27.88
C ASN I 209 21.34 -62.12 26.51
N ALA I 210 20.07 -62.52 26.35
CA ALA I 210 19.38 -62.32 25.08
C ALA I 210 18.94 -60.87 24.90
N ALA I 211 18.57 -60.19 25.98
CA ALA I 211 18.20 -58.79 25.87
C ALA I 211 19.37 -57.95 25.38
N SER I 212 20.57 -58.20 25.91
CA SER I 212 21.74 -57.43 25.49
C SER I 212 22.00 -57.63 24.02
N ARG I 213 21.82 -58.86 23.52
CA ARG I 213 22.01 -59.13 22.10
C ARG I 213 20.99 -58.35 21.28
N ALA I 214 19.76 -58.24 21.77
CA ALA I 214 18.72 -57.58 20.99
C ALA I 214 19.05 -56.12 20.75
N GLU I 215 19.48 -55.40 21.81
CA GLU I 215 19.81 -53.99 21.62
C GLU I 215 21.05 -53.83 20.75
N ALA I 216 22.11 -54.58 21.04
CA ALA I 216 23.34 -54.45 20.26
C ALA I 216 23.12 -54.81 18.81
N LEU I 217 22.40 -55.92 18.56
CA LEU I 217 22.13 -56.32 17.17
C LEU I 217 21.33 -55.23 16.46
N ASP I 218 20.32 -54.68 17.14
CA ASP I 218 19.52 -53.61 16.53
C ASP I 218 20.41 -52.43 16.19
N LEU I 219 21.38 -52.12 17.06
CA LEU I 219 22.29 -51.01 16.80
C LEU I 219 23.13 -51.25 15.55
N ILE I 220 23.58 -52.48 15.32
CA ILE I 220 24.42 -52.77 14.17
C ILE I 220 23.63 -52.64 12.88
N LEU I 221 22.40 -53.14 12.84
CA LEU I 221 21.66 -53.14 11.59
C LEU I 221 21.16 -51.73 11.25
N ARG I 222 20.84 -50.92 12.26
CA ARG I 222 20.35 -49.56 12.01
C ARG I 222 21.43 -48.76 11.26
N ARG J 35 58.42 -30.03 18.49
CA ARG J 35 57.49 -29.99 19.61
C ARG J 35 57.66 -31.22 20.51
N VAL J 36 57.69 -31.00 21.82
CA VAL J 36 57.74 -32.07 22.80
C VAL J 36 56.64 -31.82 23.83
N PHE J 37 55.93 -32.88 24.20
CA PHE J 37 54.87 -32.79 25.19
C PHE J 37 55.48 -32.96 26.58
N ASP J 38 55.18 -32.01 27.46
CA ASP J 38 55.59 -32.05 28.85
C ASP J 38 54.34 -32.28 29.69
N GLN J 39 54.24 -33.47 30.30
CA GLN J 39 53.01 -33.81 31.01
C GLN J 39 52.88 -33.03 32.32
N GLN J 40 53.95 -33.00 33.13
CA GLN J 40 53.85 -32.35 34.43
C GLN J 40 53.59 -30.85 34.28
N ARG J 41 54.19 -30.22 33.28
CA ARG J 41 53.93 -28.80 33.05
C ARG J 41 52.46 -28.58 32.69
N ALA J 42 51.88 -29.46 31.88
CA ALA J 42 50.47 -29.33 31.54
C ALA J 42 49.59 -29.52 32.78
N GLU J 43 49.92 -30.50 33.62
CA GLU J 43 49.12 -30.75 34.83
C GLU J 43 49.14 -29.56 35.77
N ALA J 44 50.31 -28.94 35.96
CA ALA J 44 50.39 -27.77 36.82
C ALA J 44 49.52 -26.64 36.29
N ALA J 45 49.52 -26.45 34.96
CA ALA J 45 48.68 -25.43 34.36
C ALA J 45 47.20 -25.72 34.59
N VAL J 46 46.80 -26.99 34.48
CA VAL J 46 45.39 -27.33 34.64
C VAL J 46 44.93 -27.09 36.08
N ARG J 47 45.76 -27.47 37.06
CA ARG J 47 45.43 -27.20 38.46
C ARG J 47 45.35 -25.69 38.72
N GLU J 48 46.26 -24.92 38.11
CA GLU J 48 46.20 -23.47 38.23
C GLU J 48 44.90 -22.94 37.62
N LEU J 49 44.46 -23.51 36.50
CA LEU J 49 43.22 -23.08 35.88
C LEU J 49 42.01 -23.40 36.75
N LEU J 50 42.00 -24.58 37.38
CA LEU J 50 40.88 -24.93 38.25
C LEU J 50 40.78 -23.96 39.42
N TYR J 51 41.92 -23.59 39.99
CA TYR J 51 41.94 -22.57 41.03
C TYR J 51 41.42 -21.25 40.48
N ALA J 52 41.81 -20.90 39.25
CA ALA J 52 41.42 -19.62 38.68
C ALA J 52 39.91 -19.51 38.54
N ILE J 53 39.26 -20.60 38.12
CA ILE J 53 37.80 -20.58 37.94
C ILE J 53 37.05 -20.67 39.25
N GLY J 54 37.76 -20.77 40.38
CA GLY J 54 37.15 -20.79 41.69
C GLY J 54 36.88 -22.15 42.26
N GLU J 55 37.16 -23.22 41.52
CA GLU J 55 36.96 -24.56 42.04
C GLU J 55 38.09 -24.94 42.99
N ASP J 56 37.88 -26.03 43.71
CA ASP J 56 38.91 -26.59 44.58
C ASP J 56 39.46 -27.84 43.93
N PRO J 57 40.69 -27.82 43.37
CA PRO J 57 41.18 -29.04 42.71
C PRO J 57 41.33 -30.22 43.63
N ASP J 58 41.38 -29.99 44.95
CA ASP J 58 41.59 -31.06 45.91
C ASP J 58 40.32 -31.82 46.27
N ARG J 59 39.15 -31.33 45.88
CA ARG J 59 37.91 -32.07 46.15
C ARG J 59 37.87 -33.35 45.34
N ASP J 60 37.02 -34.28 45.76
CA ASP J 60 37.15 -35.65 45.31
C ASP J 60 36.78 -35.78 43.84
N GLY J 61 35.88 -34.94 43.35
CA GLY J 61 35.45 -35.00 41.96
C GLY J 61 36.41 -34.37 40.97
N LEU J 62 37.55 -33.85 41.43
CA LEU J 62 38.50 -33.23 40.53
C LEU J 62 39.96 -33.55 40.84
N VAL J 63 40.25 -34.44 41.79
CA VAL J 63 41.65 -34.76 42.08
C VAL J 63 42.32 -35.35 40.85
N ALA J 64 41.62 -36.26 40.17
CA ALA J 64 42.16 -36.94 39.01
C ALA J 64 41.94 -36.16 37.71
N THR J 65 41.33 -34.99 37.78
CA THR J 65 40.91 -34.33 36.55
C THR J 65 42.13 -33.67 35.89
N PRO J 66 43.02 -33.01 36.64
CA PRO J 66 44.21 -32.42 35.99
C PRO J 66 45.06 -33.44 35.26
N SER J 67 45.21 -34.65 35.79
CA SER J 67 45.99 -35.68 35.09
C SER J 67 45.25 -36.17 33.84
N ARG J 68 43.93 -36.33 33.94
CA ARG J 68 43.14 -36.75 32.79
C ARG J 68 43.16 -35.70 31.69
N VAL J 69 43.16 -34.41 32.08
CA VAL J 69 43.22 -33.34 31.08
C VAL J 69 44.57 -33.34 30.39
N ALA J 70 45.65 -33.56 31.13
CA ALA J 70 46.97 -33.61 30.51
C ALA J 70 47.06 -34.74 29.49
N ARG J 71 46.54 -35.92 29.84
CA ARG J 71 46.56 -37.03 28.90
C ARG J 71 45.68 -36.76 27.68
N SER J 72 44.50 -36.17 27.89
CA SER J 72 43.62 -35.88 26.76
C SER J 72 44.29 -34.92 25.79
N TYR J 73 45.06 -33.98 26.33
CA TYR J 73 45.79 -33.02 25.51
C TYR J 73 46.88 -33.70 24.69
N ARG J 74 47.46 -34.80 25.20
CA ARG J 74 48.46 -35.52 24.41
C ARG J 74 47.88 -36.03 23.10
N GLU J 75 46.67 -36.58 23.14
CA GLU J 75 46.01 -37.04 21.93
C GLU J 75 45.36 -35.91 21.15
N MET J 76 44.85 -34.89 21.83
CA MET J 76 44.19 -33.77 21.16
C MET J 76 45.15 -32.94 20.32
N PHE J 77 46.43 -32.93 20.67
CA PHE J 77 47.45 -32.23 19.91
C PHE J 77 48.51 -33.19 19.38
N ALA J 78 48.10 -34.43 19.11
CA ALA J 78 49.04 -35.42 18.63
C ALA J 78 49.67 -35.02 17.29
N GLY J 79 48.97 -34.19 16.52
CA GLY J 79 49.51 -33.78 15.24
C GLY J 79 50.79 -32.96 15.36
N LEU J 80 50.97 -32.29 16.49
CA LEU J 80 52.17 -31.49 16.70
C LEU J 80 53.43 -32.33 16.86
N TYR J 81 53.28 -33.61 17.18
CA TYR J 81 54.42 -34.45 17.52
C TYR J 81 54.83 -35.44 16.44
N THR J 82 53.97 -35.69 15.44
CA THR J 82 54.28 -36.55 14.32
C THR J 82 53.95 -35.84 13.01
N ASP J 83 54.81 -35.98 12.02
CA ASP J 83 54.59 -35.32 10.73
C ASP J 83 53.44 -35.99 9.98
N PRO J 84 52.35 -35.27 9.68
CA PRO J 84 51.23 -35.92 8.98
C PRO J 84 51.59 -36.50 7.61
N ASP J 85 52.52 -35.87 6.88
CA ASP J 85 52.78 -36.28 5.50
C ASP J 85 53.40 -37.66 5.39
N SER J 86 54.10 -38.12 6.42
CA SER J 86 54.82 -39.38 6.32
C SER J 86 53.90 -40.60 6.35
N VAL J 87 52.63 -40.44 6.73
CA VAL J 87 51.74 -41.59 6.86
C VAL J 87 51.41 -42.19 5.50
N LEU J 88 51.35 -41.39 4.44
CA LEU J 88 50.92 -41.88 3.14
C LEU J 88 51.87 -42.96 2.61
N ASN J 89 51.29 -43.99 1.99
CA ASN J 89 52.03 -45.08 1.39
C ASN J 89 51.98 -44.95 -0.13
N THR J 90 52.79 -45.76 -0.80
CA THR J 90 52.95 -45.68 -2.25
C THR J 90 52.30 -46.87 -2.93
N MET J 91 51.39 -46.58 -3.87
CA MET J 91 50.71 -47.58 -4.70
C MET J 91 50.30 -46.92 -5.99
N PHE J 92 50.07 -47.74 -7.01
CA PHE J 92 49.73 -47.22 -8.32
C PHE J 92 48.52 -47.92 -8.89
N ASP J 93 47.63 -47.12 -9.49
CA ASP J 93 46.42 -47.62 -10.15
C ASP J 93 46.71 -47.69 -11.64
N GLU J 94 46.90 -48.90 -12.15
CA GLU J 94 47.22 -49.12 -13.56
C GLU J 94 45.97 -49.25 -14.42
N ASP J 95 44.80 -49.44 -13.82
CA ASP J 95 43.59 -49.67 -14.60
C ASP J 95 42.89 -48.38 -14.98
N HIS J 96 42.62 -47.53 -14.00
CA HIS J 96 41.70 -46.42 -14.20
C HIS J 96 42.37 -45.10 -13.83
N ASP J 97 41.81 -44.01 -14.35
CA ASP J 97 42.27 -42.65 -14.07
C ASP J 97 41.18 -41.78 -13.47
N GLU J 98 40.07 -42.38 -13.03
CA GLU J 98 38.94 -41.62 -12.52
C GLU J 98 39.15 -41.18 -11.07
N LEU J 99 38.22 -40.36 -10.59
CA LEU J 99 38.34 -39.76 -9.27
C LEU J 99 38.35 -40.81 -8.17
N VAL J 100 39.25 -40.62 -7.20
CA VAL J 100 39.25 -41.38 -5.95
C VAL J 100 38.60 -40.47 -4.90
N LEU J 101 37.46 -40.90 -4.35
CA LEU J 101 36.72 -40.09 -3.39
C LEU J 101 36.56 -40.84 -2.08
N VAL J 102 36.91 -40.18 -0.98
CA VAL J 102 36.85 -40.73 0.36
C VAL J 102 35.98 -39.82 1.20
N LYS J 103 34.95 -40.37 1.84
CA LYS J 103 33.93 -39.56 2.49
C LYS J 103 33.71 -39.99 3.93
N GLU J 104 33.13 -39.06 4.70
CA GLU J 104 32.86 -39.26 6.13
C GLU J 104 34.13 -39.70 6.87
N ILE J 105 35.24 -39.05 6.56
CA ILE J 105 36.48 -39.22 7.33
C ILE J 105 36.26 -38.53 8.67
N PRO J 106 36.39 -39.23 9.80
CA PRO J 106 36.24 -38.55 11.10
C PRO J 106 37.22 -37.39 11.21
N MET J 107 36.71 -36.25 11.69
CA MET J 107 37.52 -35.05 11.82
C MET J 107 37.23 -34.41 13.18
N TYR J 108 38.22 -34.47 14.07
CA TYR J 108 38.14 -33.85 15.38
C TYR J 108 39.31 -32.90 15.55
N SER J 109 39.02 -31.63 15.82
CA SER J 109 40.04 -30.60 15.88
C SER J 109 39.75 -29.68 17.07
N THR J 110 40.63 -28.72 17.28
CA THR J 110 40.51 -27.79 18.39
C THR J 110 40.73 -26.39 17.87
N CYS J 111 39.80 -25.48 18.18
CA CYS J 111 39.98 -24.08 17.83
C CYS J 111 41.23 -23.55 18.53
N GLU J 112 42.11 -22.91 17.76
CA GLU J 112 43.33 -22.37 18.35
C GLU J 112 43.05 -21.12 19.17
N HIS J 113 41.95 -20.43 18.90
CA HIS J 113 41.66 -19.18 19.60
C HIS J 113 41.08 -19.43 21.00
N HIS J 114 40.27 -20.47 21.15
CA HIS J 114 39.58 -20.72 22.41
C HIS J 114 39.86 -22.09 23.00
N LEU J 115 40.64 -22.93 22.31
CA LEU J 115 40.92 -24.30 22.74
C LEU J 115 39.63 -25.07 23.00
N VAL J 116 38.67 -24.91 22.09
CA VAL J 116 37.38 -25.59 22.16
C VAL J 116 37.23 -26.46 20.93
N ALA J 117 36.68 -27.66 21.12
CA ALA J 117 36.60 -28.62 20.03
C ALA J 117 35.61 -28.16 18.96
N PHE J 118 35.96 -28.41 17.70
CA PHE J 118 35.01 -28.41 16.59
C PHE J 118 35.20 -29.70 15.82
N HIS J 119 34.08 -30.41 15.58
CA HIS J 119 34.14 -31.78 15.08
C HIS J 119 33.13 -31.99 13.97
N GLY J 120 33.49 -32.90 13.05
CA GLY J 120 32.64 -33.23 11.93
C GLY J 120 33.22 -34.32 11.07
N VAL J 121 33.18 -34.11 9.75
CA VAL J 121 33.72 -35.06 8.79
C VAL J 121 34.52 -34.32 7.74
N ALA J 122 35.38 -35.07 7.05
CA ALA J 122 36.15 -34.55 5.92
C ALA J 122 35.91 -35.44 4.71
N HIS J 123 35.97 -34.83 3.54
CA HIS J 123 35.80 -35.54 2.27
C HIS J 123 36.98 -35.18 1.38
N VAL J 124 37.70 -36.19 0.91
CA VAL J 124 38.92 -35.99 0.13
C VAL J 124 38.73 -36.67 -1.21
N GLY J 125 38.91 -35.92 -2.30
CA GLY J 125 38.87 -36.48 -3.63
C GLY J 125 40.05 -36.04 -4.47
N TYR J 126 40.76 -36.96 -5.11
CA TYR J 126 41.91 -36.62 -5.93
C TYR J 126 41.84 -37.41 -7.23
N ILE J 127 42.32 -36.79 -8.30
CA ILE J 127 42.39 -37.43 -9.62
C ILE J 127 43.84 -37.87 -9.83
N PRO J 128 44.15 -39.16 -9.91
CA PRO J 128 45.56 -39.57 -10.06
C PRO J 128 46.16 -39.00 -11.34
N GLY J 129 47.47 -38.73 -11.27
CA GLY J 129 48.21 -38.22 -12.40
C GLY J 129 48.49 -39.28 -13.42
N ASP J 130 49.37 -38.92 -14.37
CA ASP J 130 49.75 -39.87 -15.41
C ASP J 130 50.43 -41.09 -14.80
N ASP J 131 51.27 -40.90 -13.80
CA ASP J 131 51.93 -42.02 -13.14
C ASP J 131 50.95 -42.94 -12.41
N GLY J 132 49.72 -42.48 -12.19
CA GLY J 132 48.74 -43.29 -11.52
C GLY J 132 48.90 -43.41 -10.03
N ARG J 133 49.71 -42.55 -9.41
CA ARG J 133 49.96 -42.66 -7.99
C ARG J 133 48.67 -42.47 -7.18
N VAL J 134 48.45 -43.37 -6.22
CA VAL J 134 47.32 -43.34 -5.33
C VAL J 134 47.80 -43.71 -3.93
N THR J 135 46.87 -43.70 -2.97
CA THR J 135 47.21 -44.02 -1.59
C THR J 135 45.97 -44.62 -0.90
N GLY J 136 46.21 -45.28 0.22
CA GLY J 136 45.15 -45.97 0.93
C GLY J 136 44.15 -45.03 1.59
N LEU J 137 42.91 -45.51 1.73
CA LEU J 137 41.90 -44.71 2.41
C LEU J 137 42.30 -44.43 3.86
N SER J 138 42.75 -45.48 4.56
CA SER J 138 43.17 -45.34 5.96
C SER J 138 44.35 -44.40 6.12
N LYS J 139 45.24 -44.36 5.12
CA LYS J 139 46.38 -43.45 5.20
C LYS J 139 45.91 -42.01 5.05
N ILE J 140 44.95 -41.76 4.14
CA ILE J 140 44.38 -40.43 4.03
C ILE J 140 43.67 -40.05 5.33
N ALA J 141 42.99 -41.02 5.95
CA ALA J 141 42.29 -40.75 7.21
C ALA J 141 43.27 -40.30 8.28
N ARG J 142 44.45 -40.92 8.33
CA ARG J 142 45.47 -40.55 9.31
C ARG J 142 46.03 -39.17 9.04
N LEU J 143 46.20 -38.80 7.77
CA LEU J 143 46.65 -37.44 7.46
C LEU J 143 45.63 -36.40 7.91
N VAL J 144 44.34 -36.64 7.66
CA VAL J 144 43.33 -35.70 8.14
C VAL J 144 43.38 -35.63 9.67
N ASP J 145 43.52 -36.78 10.33
CA ASP J 145 43.51 -36.80 11.79
C ASP J 145 44.69 -36.03 12.37
N LEU J 146 45.87 -36.19 11.78
CA LEU J 146 47.05 -35.56 12.36
C LEU J 146 47.04 -34.05 12.13
N TYR J 147 46.62 -33.61 10.94
CA TYR J 147 46.46 -32.17 10.74
C TYR J 147 45.36 -31.60 11.63
N ALA J 148 44.31 -32.38 11.89
CA ALA J 148 43.21 -31.88 12.71
C ALA J 148 43.56 -31.82 14.20
N LYS J 149 44.45 -32.69 14.67
CA LYS J 149 44.84 -32.71 16.08
C LYS J 149 45.96 -31.71 16.35
N ARG J 150 45.62 -30.46 16.14
CA ARG J 150 46.51 -29.32 16.34
C ARG J 150 45.63 -28.14 16.74
N PRO J 151 46.22 -27.10 17.34
CA PRO J 151 45.51 -25.83 17.40
C PRO J 151 45.26 -25.36 15.98
N GLN J 152 43.98 -25.29 15.59
CA GLN J 152 43.62 -25.19 14.19
C GLN J 152 42.52 -24.16 13.97
N VAL J 153 42.45 -23.71 12.73
CA VAL J 153 41.29 -23.02 12.17
C VAL J 153 40.83 -23.85 10.97
N GLN J 154 39.51 -24.06 10.87
CA GLN J 154 39.01 -25.04 9.90
C GLN J 154 39.51 -24.73 8.50
N GLU J 155 39.59 -23.46 8.12
CA GLU J 155 40.01 -23.12 6.78
C GLU J 155 41.47 -23.51 6.56
N ARG J 156 42.34 -23.29 7.55
CA ARG J 156 43.72 -23.74 7.43
C ARG J 156 43.79 -25.26 7.34
N LEU J 157 42.96 -25.95 8.13
CA LEU J 157 42.97 -27.41 8.12
C LEU J 157 42.64 -27.96 6.74
N THR J 158 41.63 -27.39 6.08
CA THR J 158 41.25 -27.88 4.75
C THR J 158 42.38 -27.66 3.75
N SER J 159 43.01 -26.48 3.77
CA SER J 159 44.07 -26.19 2.82
C SER J 159 45.28 -27.07 3.05
N GLN J 160 45.61 -27.33 4.32
CA GLN J 160 46.78 -28.15 4.62
C GLN J 160 46.61 -29.58 4.10
N ILE J 161 45.42 -30.13 4.25
CA ILE J 161 45.16 -31.49 3.76
C ILE J 161 45.29 -31.54 2.25
N ALA J 162 44.69 -30.57 1.56
CA ALA J 162 44.76 -30.54 0.11
C ALA J 162 46.20 -30.37 -0.37
N ASP J 163 46.96 -29.52 0.31
CA ASP J 163 48.34 -29.27 -0.09
C ASP J 163 49.20 -30.53 0.03
N ALA J 164 49.01 -31.30 1.12
CA ALA J 164 49.81 -32.49 1.31
C ALA J 164 49.54 -33.53 0.22
N LEU J 165 48.27 -33.73 -0.13
CA LEU J 165 47.93 -34.67 -1.19
C LEU J 165 48.48 -34.20 -2.53
N MET J 166 48.39 -32.90 -2.80
CA MET J 166 49.01 -32.34 -4.00
C MET J 166 50.50 -32.60 -4.00
N LYS J 167 51.17 -32.37 -2.86
CA LYS J 167 52.62 -32.51 -2.82
C LYS J 167 53.06 -33.95 -3.05
N LYS J 168 52.38 -34.90 -2.40
CA LYS J 168 52.86 -36.27 -2.33
C LYS J 168 52.41 -37.13 -3.50
N LEU J 169 51.16 -36.99 -3.95
CA LEU J 169 50.63 -37.86 -4.99
C LEU J 169 50.89 -37.30 -6.38
N ASP J 170 51.29 -36.02 -6.47
CA ASP J 170 51.40 -35.30 -7.73
C ASP J 170 50.18 -35.59 -8.59
N PRO J 171 48.97 -35.42 -8.06
CA PRO J 171 47.76 -35.73 -8.82
C PRO J 171 47.41 -34.59 -9.76
N ARG J 172 46.45 -34.86 -10.64
CA ARG J 172 45.94 -33.80 -11.50
C ARG J 172 45.14 -32.79 -10.70
N GLY J 173 44.37 -33.24 -9.71
CA GLY J 173 43.58 -32.35 -8.89
C GLY J 173 43.26 -32.94 -7.54
N VAL J 174 42.95 -32.07 -6.59
CA VAL J 174 42.54 -32.47 -5.25
C VAL J 174 41.43 -31.54 -4.77
N ILE J 175 40.48 -32.12 -4.03
CA ILE J 175 39.39 -31.36 -3.42
C ILE J 175 39.19 -31.90 -2.01
N VAL J 176 39.08 -31.00 -1.04
CA VAL J 176 38.87 -31.36 0.35
C VAL J 176 37.70 -30.54 0.86
N VAL J 177 36.77 -31.19 1.55
CA VAL J 177 35.61 -30.52 2.11
C VAL J 177 35.47 -30.96 3.56
N ILE J 178 35.31 -30.00 4.47
CA ILE J 178 35.13 -30.28 5.88
C ILE J 178 33.78 -29.71 6.31
N GLU J 179 32.96 -30.55 6.94
CA GLU J 179 31.68 -30.15 7.51
C GLU J 179 31.77 -30.41 9.01
N ALA J 180 31.93 -29.35 9.80
CA ALA J 180 32.15 -29.45 11.23
C ALA J 180 31.23 -28.50 11.98
N GLU J 181 30.90 -28.86 13.21
CA GLU J 181 30.08 -28.04 14.08
C GLU J 181 31.01 -27.30 15.04
N HIS J 182 30.93 -25.96 15.07
CA HIS J 182 31.74 -25.14 15.95
C HIS J 182 30.94 -24.78 17.21
N LEU J 183 31.62 -24.84 18.36
CA LEU J 183 30.96 -24.65 19.63
C LEU J 183 31.32 -23.36 20.35
N CYS J 184 32.33 -22.62 19.89
CA CYS J 184 32.84 -21.48 20.66
C CYS J 184 31.75 -20.44 20.90
N MET J 185 31.09 -19.99 19.82
CA MET J 185 30.06 -18.96 19.96
C MET J 185 28.69 -19.53 20.31
N ALA J 186 28.41 -20.79 19.96
CA ALA J 186 27.17 -21.40 20.41
C ALA J 186 27.14 -21.46 21.93
N MET J 187 28.29 -21.70 22.56
CA MET J 187 28.37 -21.73 24.03
C MET J 187 27.95 -20.39 24.62
N ARG J 188 28.32 -19.30 23.96
CA ARG J 188 27.99 -17.95 24.42
C ARG J 188 26.68 -17.46 23.82
N GLY J 189 25.73 -18.35 23.58
CA GLY J 189 24.49 -18.02 22.92
C GLY J 189 24.54 -16.93 21.87
N VAL J 190 25.50 -17.01 20.94
CA VAL J 190 25.58 -16.06 19.85
C VAL J 190 25.11 -16.64 18.52
N ARG J 191 25.26 -17.94 18.30
CA ARG J 191 24.86 -18.60 17.07
C ARG J 191 23.99 -19.80 17.41
N LYS J 192 23.24 -20.25 16.43
CA LYS J 192 22.33 -21.36 16.62
C LYS J 192 23.10 -22.63 16.94
N PRO J 193 22.68 -23.40 17.95
CA PRO J 193 23.31 -24.71 18.18
C PRO J 193 23.02 -25.65 17.03
N GLY J 194 24.00 -26.48 16.70
CA GLY J 194 23.85 -27.44 15.64
C GLY J 194 24.24 -26.93 14.27
N SER J 195 24.55 -25.65 14.16
CA SER J 195 24.95 -25.08 12.88
C SER J 195 26.24 -25.73 12.39
N VAL J 196 26.33 -25.93 11.07
CA VAL J 196 27.47 -26.63 10.47
C VAL J 196 28.22 -25.66 9.57
N THR J 197 29.52 -25.54 9.82
CA THR J 197 30.43 -24.80 8.96
C THR J 197 31.00 -25.73 7.89
N THR J 198 30.98 -25.28 6.64
CA THR J 198 31.52 -26.05 5.53
C THR J 198 32.64 -25.24 4.87
N THR J 199 33.79 -25.87 4.68
CA THR J 199 34.93 -25.26 4.03
C THR J 199 35.42 -26.21 2.94
N SER J 200 36.04 -25.64 1.91
CA SER J 200 36.50 -26.44 0.78
C SER J 200 37.85 -25.91 0.32
N ALA J 201 38.63 -26.80 -0.27
CA ALA J 201 39.91 -26.45 -0.89
C ALA J 201 40.00 -27.23 -2.19
N VAL J 202 40.35 -26.54 -3.27
CA VAL J 202 40.47 -27.14 -4.59
C VAL J 202 41.85 -26.83 -5.13
N ARG J 203 42.48 -27.83 -5.74
CA ARG J 203 43.83 -27.70 -6.24
C ARG J 203 43.89 -28.32 -7.62
N GLY J 204 44.80 -27.82 -8.45
CA GLY J 204 44.98 -28.43 -9.75
C GLY J 204 43.71 -28.38 -10.58
N LEU J 205 43.30 -29.54 -11.09
CA LEU J 205 42.24 -29.58 -12.08
C LEU J 205 40.91 -29.08 -11.51
N PHE J 206 40.62 -29.40 -10.24
CA PHE J 206 39.36 -28.96 -9.64
C PHE J 206 39.29 -27.44 -9.56
N LYS J 207 40.43 -26.76 -9.47
CA LYS J 207 40.41 -25.30 -9.45
C LYS J 207 40.25 -24.73 -10.86
N THR J 208 40.86 -25.37 -11.86
CA THR J 208 40.89 -24.81 -13.20
C THR J 208 39.61 -25.12 -13.99
N ASN J 209 38.96 -26.24 -13.67
CA ASN J 209 37.77 -26.69 -14.38
C ASN J 209 36.57 -26.49 -13.47
N ALA J 210 35.61 -25.68 -13.91
CA ALA J 210 34.42 -25.45 -13.08
C ALA J 210 33.51 -26.67 -13.09
N ALA J 211 33.44 -27.38 -14.22
CA ALA J 211 32.63 -28.59 -14.31
C ALA J 211 33.15 -29.65 -13.35
N SER J 212 34.47 -29.81 -13.28
CA SER J 212 35.04 -30.81 -12.37
C SER J 212 34.73 -30.49 -10.93
N ARG J 213 34.83 -29.20 -10.55
CA ARG J 213 34.51 -28.81 -9.18
C ARG J 213 33.04 -29.06 -8.88
N ALA J 214 32.17 -28.73 -9.84
CA ALA J 214 30.74 -28.88 -9.63
C ALA J 214 30.38 -30.35 -9.44
N GLU J 215 30.96 -31.23 -10.25
CA GLU J 215 30.64 -32.65 -10.15
C GLU J 215 31.12 -33.21 -8.82
N ALA J 216 32.39 -32.97 -8.48
CA ALA J 216 32.94 -33.52 -7.24
C ALA J 216 32.16 -33.01 -6.03
N LEU J 217 31.82 -31.73 -6.02
CA LEU J 217 31.04 -31.18 -4.92
C LEU J 217 29.69 -31.89 -4.78
N ASP J 218 29.04 -32.14 -5.92
CA ASP J 218 27.74 -32.82 -5.88
C ASP J 218 27.86 -34.22 -5.27
N LEU J 219 28.89 -34.97 -5.63
CA LEU J 219 29.04 -36.31 -5.06
C LEU J 219 29.27 -36.23 -3.55
N ILE J 220 30.02 -35.22 -3.11
CA ILE J 220 30.39 -35.11 -1.70
C ILE J 220 29.17 -34.76 -0.84
N LEU J 221 28.32 -33.87 -1.34
CA LEU J 221 27.16 -33.44 -0.54
C LEU J 221 26.09 -34.52 -0.45
N ARG J 222 25.91 -35.31 -1.51
CA ARG J 222 24.92 -36.39 -1.45
C ARG J 222 25.29 -37.38 -0.35
N LYS J 223 24.27 -37.91 0.30
CA LYS J 223 24.48 -38.86 1.40
C LYS J 223 25.04 -40.18 0.89
N VAL K 36 -2.35 -3.08 -34.01
CA VAL K 36 -2.71 -3.26 -35.41
C VAL K 36 -3.56 -2.08 -35.88
N PHE K 37 -2.92 -0.96 -36.18
CA PHE K 37 -3.63 0.24 -36.59
C PHE K 37 -3.83 0.23 -38.10
N ASP K 38 -5.09 0.26 -38.52
CA ASP K 38 -5.47 0.22 -39.94
C ASP K 38 -5.85 1.63 -40.35
N GLN K 39 -4.84 2.40 -40.79
CA GLN K 39 -5.06 3.82 -41.03
C GLN K 39 -6.10 4.05 -42.12
N GLN K 40 -5.99 3.33 -43.24
CA GLN K 40 -6.93 3.53 -44.33
C GLN K 40 -8.36 3.21 -43.90
N ARG K 41 -8.52 2.16 -43.09
CA ARG K 41 -9.84 1.83 -42.56
C ARG K 41 -10.39 2.95 -41.69
N ALA K 42 -9.52 3.56 -40.87
CA ALA K 42 -9.96 4.67 -40.02
C ALA K 42 -10.40 5.87 -40.86
N GLU K 43 -9.62 6.21 -41.89
CA GLU K 43 -9.99 7.36 -42.72
C GLU K 43 -11.31 7.11 -43.44
N ALA K 44 -11.51 5.88 -43.94
CA ALA K 44 -12.76 5.56 -44.61
C ALA K 44 -13.93 5.71 -43.66
N ALA K 45 -13.77 5.28 -42.41
CA ALA K 45 -14.84 5.43 -41.42
C ALA K 45 -15.16 6.90 -41.17
N VAL K 46 -14.13 7.74 -41.08
CA VAL K 46 -14.36 9.17 -40.82
C VAL K 46 -15.09 9.81 -41.98
N ARG K 47 -14.73 9.43 -43.21
CA ARG K 47 -15.44 9.95 -44.37
C ARG K 47 -16.90 9.53 -44.33
N GLU K 48 -17.16 8.29 -43.92
CA GLU K 48 -18.53 7.80 -43.77
C GLU K 48 -19.28 8.59 -42.71
N LEU K 49 -18.60 8.96 -41.62
CA LEU K 49 -19.24 9.74 -40.57
C LEU K 49 -19.62 11.12 -41.09
N LEU K 50 -18.76 11.72 -41.91
CA LEU K 50 -19.06 13.03 -42.49
C LEU K 50 -20.29 12.95 -43.40
N TYR K 51 -20.40 11.89 -44.19
CA TYR K 51 -21.61 11.69 -44.99
C TYR K 51 -22.83 11.53 -44.09
N ALA K 52 -22.69 10.76 -43.02
CA ALA K 52 -23.81 10.45 -42.14
C ALA K 52 -24.36 11.69 -41.45
N ILE K 53 -23.46 12.59 -41.02
CA ILE K 53 -23.90 13.80 -40.31
C ILE K 53 -24.46 14.87 -41.24
N GLY K 54 -24.48 14.62 -42.54
CA GLY K 54 -25.04 15.56 -43.50
C GLY K 54 -24.04 16.45 -44.19
N GLU K 55 -22.76 16.32 -43.88
CA GLU K 55 -21.75 17.14 -44.53
C GLU K 55 -21.39 16.59 -45.92
N ASP K 56 -20.65 17.41 -46.67
CA ASP K 56 -20.08 17.04 -47.94
C ASP K 56 -18.59 16.80 -47.71
N PRO K 57 -18.11 15.55 -47.71
CA PRO K 57 -16.68 15.33 -47.39
C PRO K 57 -15.73 16.01 -48.37
N ASP K 58 -16.18 16.33 -49.58
CA ASP K 58 -15.31 16.90 -50.60
C ASP K 58 -15.13 18.41 -50.50
N ARG K 59 -15.93 19.11 -49.68
CA ARG K 59 -15.75 20.55 -49.58
C ARG K 59 -14.40 20.87 -48.94
N ASP K 60 -13.94 22.11 -49.17
CA ASP K 60 -12.54 22.41 -48.89
C ASP K 60 -12.25 22.36 -47.39
N GLY K 61 -13.24 22.67 -46.55
CA GLY K 61 -13.01 22.61 -45.12
C GLY K 61 -12.91 21.20 -44.58
N LEU K 62 -13.34 20.20 -45.34
CA LEU K 62 -13.37 18.82 -44.86
C LEU K 62 -12.55 17.87 -45.69
N VAL K 63 -11.93 18.33 -46.78
CA VAL K 63 -11.19 17.41 -47.66
C VAL K 63 -10.14 16.66 -46.87
N ALA K 64 -9.34 17.39 -46.08
CA ALA K 64 -8.25 16.77 -45.34
C ALA K 64 -8.70 16.18 -44.00
N THR K 65 -9.97 16.34 -43.64
CA THR K 65 -10.37 15.96 -42.28
C THR K 65 -10.25 14.46 -42.03
N PRO K 66 -10.67 13.56 -42.92
CA PRO K 66 -10.52 12.13 -42.62
C PRO K 66 -9.09 11.71 -42.33
N SER K 67 -8.11 12.25 -43.07
CA SER K 67 -6.73 11.88 -42.80
C SER K 67 -6.23 12.50 -41.51
N ARG K 68 -6.64 13.74 -41.23
CA ARG K 68 -6.20 14.41 -40.01
C ARG K 68 -6.78 13.73 -38.77
N VAL K 69 -8.05 13.30 -38.83
CA VAL K 69 -8.66 12.61 -37.70
C VAL K 69 -8.01 11.24 -37.51
N ALA K 70 -7.71 10.55 -38.61
CA ALA K 70 -7.03 9.26 -38.52
C ALA K 70 -5.66 9.42 -37.86
N ARG K 71 -4.91 10.46 -38.24
CA ARG K 71 -3.62 10.71 -37.60
C ARG K 71 -3.82 11.01 -36.12
N SER K 72 -4.83 11.80 -35.79
CA SER K 72 -5.10 12.11 -34.39
C SER K 72 -5.46 10.86 -33.61
N TYR K 73 -6.18 9.92 -34.25
CA TYR K 73 -6.54 8.68 -33.57
C TYR K 73 -5.33 7.83 -33.24
N ARG K 74 -4.27 7.88 -34.07
CA ARG K 74 -3.04 7.18 -33.72
C ARG K 74 -2.44 7.75 -32.44
N GLU K 75 -2.45 9.08 -32.29
CA GLU K 75 -1.87 9.70 -31.11
C GLU K 75 -2.76 9.58 -29.88
N MET K 76 -4.08 9.73 -30.03
CA MET K 76 -4.93 9.64 -28.84
C MET K 76 -5.04 8.20 -28.32
N PHE K 77 -4.82 7.20 -29.16
CA PHE K 77 -4.89 5.80 -28.75
C PHE K 77 -3.53 5.12 -28.82
N ALA K 78 -2.46 5.90 -28.63
CA ALA K 78 -1.12 5.34 -28.69
C ALA K 78 -0.89 4.31 -27.57
N GLY K 79 -1.64 4.41 -26.48
CA GLY K 79 -1.46 3.49 -25.38
C GLY K 79 -1.80 2.05 -25.72
N LEU K 80 -2.67 1.84 -26.70
CA LEU K 80 -3.05 0.49 -27.09
C LEU K 80 -1.91 -0.25 -27.77
N TYR K 81 -0.91 0.46 -28.29
CA TYR K 81 0.15 -0.15 -29.07
C TYR K 81 1.48 -0.24 -28.35
N THR K 82 1.66 0.48 -27.24
CA THR K 82 2.87 0.45 -26.45
C THR K 82 2.52 0.16 -25.00
N ASP K 83 3.35 -0.64 -24.35
CA ASP K 83 3.09 -0.97 -22.95
C ASP K 83 3.35 0.25 -22.08
N PRO K 84 2.33 0.80 -21.40
CA PRO K 84 2.62 1.98 -20.57
C PRO K 84 3.62 1.69 -19.46
N ASP K 85 3.55 0.48 -18.90
CA ASP K 85 4.29 0.13 -17.69
C ASP K 85 5.79 0.04 -17.92
N SER K 86 6.22 -0.25 -19.15
CA SER K 86 7.65 -0.43 -19.42
C SER K 86 8.42 0.88 -19.44
N VAL K 87 7.76 2.03 -19.47
CA VAL K 87 8.47 3.30 -19.59
C VAL K 87 9.28 3.62 -18.33
N LEU K 88 8.81 3.21 -17.16
CA LEU K 88 9.46 3.58 -15.92
C LEU K 88 10.88 3.04 -15.85
N ASN K 89 11.79 3.87 -15.32
CA ASN K 89 13.20 3.51 -15.16
C ASN K 89 13.49 3.22 -13.70
N THR K 90 14.69 2.70 -13.45
CA THR K 90 15.08 2.22 -12.12
C THR K 90 16.07 3.18 -11.48
N MET K 91 15.75 3.64 -10.27
CA MET K 91 16.61 4.51 -9.49
C MET K 91 16.29 4.29 -8.01
N PHE K 92 17.22 4.71 -7.16
CA PHE K 92 17.08 4.53 -5.72
C PHE K 92 17.37 5.84 -4.99
N ASP K 93 16.51 6.16 -4.02
CA ASP K 93 16.66 7.33 -3.17
C ASP K 93 17.27 6.86 -1.86
N GLU K 94 18.54 7.17 -1.65
CA GLU K 94 19.27 6.73 -0.47
C GLU K 94 19.13 7.67 0.72
N ASP K 95 18.62 8.89 0.51
CA ASP K 95 18.55 9.85 1.61
C ASP K 95 17.27 9.69 2.41
N HIS K 96 16.12 9.73 1.72
CA HIS K 96 14.83 9.87 2.37
C HIS K 96 13.88 8.79 1.86
N ASP K 97 12.86 8.51 2.67
CA ASP K 97 11.76 7.63 2.29
C ASP K 97 10.42 8.35 2.40
N GLU K 98 10.43 9.68 2.50
CA GLU K 98 9.22 10.46 2.68
C GLU K 98 8.47 10.57 1.35
N LEU K 99 7.31 11.20 1.40
CA LEU K 99 6.45 11.24 0.22
C LEU K 99 7.11 11.95 -0.95
N VAL K 100 7.01 11.33 -2.12
CA VAL K 100 7.33 11.93 -3.40
C VAL K 100 6.02 12.30 -4.06
N LEU K 101 5.82 13.59 -4.33
CA LEU K 101 4.57 14.07 -4.92
C LEU K 101 4.87 14.74 -6.25
N VAL K 102 4.12 14.33 -7.28
CA VAL K 102 4.23 14.85 -8.64
C VAL K 102 2.86 15.34 -9.05
N LYS K 103 2.77 16.60 -9.46
CA LYS K 103 1.48 17.24 -9.69
C LYS K 103 1.43 17.90 -11.06
N GLU K 104 0.19 18.15 -11.51
CA GLU K 104 -0.07 18.76 -12.81
C GLU K 104 0.58 17.98 -13.94
N ILE K 105 0.47 16.66 -13.89
CA ILE K 105 0.87 15.80 -15.00
C ILE K 105 -0.17 15.95 -16.11
N PRO K 106 0.22 16.34 -17.33
CA PRO K 106 -0.77 16.43 -18.41
C PRO K 106 -1.50 15.11 -18.59
N MET K 107 -2.82 15.19 -18.71
CA MET K 107 -3.69 14.01 -18.84
C MET K 107 -4.70 14.27 -19.94
N TYR K 108 -4.56 13.58 -21.06
CA TYR K 108 -5.53 13.66 -22.15
C TYR K 108 -5.99 12.25 -22.47
N SER K 109 -7.30 12.02 -22.38
CA SER K 109 -7.87 10.70 -22.61
C SER K 109 -9.16 10.87 -23.41
N THR K 110 -9.79 9.74 -23.74
CA THR K 110 -10.99 9.72 -24.54
C THR K 110 -12.03 8.81 -23.88
N CYS K 111 -13.24 9.32 -23.71
CA CYS K 111 -14.32 8.50 -23.21
C CYS K 111 -14.59 7.34 -24.16
N GLU K 112 -14.63 6.12 -23.62
CA GLU K 112 -14.88 4.96 -24.47
C GLU K 112 -16.34 4.86 -24.90
N HIS K 113 -17.26 5.46 -24.13
CA HIS K 113 -18.67 5.35 -24.45
C HIS K 113 -19.07 6.28 -25.59
N HIS K 114 -18.48 7.48 -25.64
CA HIS K 114 -18.86 8.49 -26.61
C HIS K 114 -17.73 8.95 -27.52
N LEU K 115 -16.51 8.45 -27.30
CA LEU K 115 -15.33 8.85 -28.08
C LEU K 115 -15.17 10.37 -28.08
N VAL K 116 -15.36 10.98 -26.91
CA VAL K 116 -15.20 12.41 -26.71
C VAL K 116 -14.07 12.62 -25.70
N ALA K 117 -13.23 13.61 -25.95
CA ALA K 117 -12.07 13.83 -25.11
C ALA K 117 -12.48 14.32 -23.72
N PHE K 118 -11.77 13.85 -22.69
CA PHE K 118 -11.78 14.49 -21.38
C PHE K 118 -10.33 14.72 -20.98
N HIS K 119 -10.02 15.94 -20.54
CA HIS K 119 -8.65 16.38 -20.37
C HIS K 119 -8.50 17.09 -19.03
N GLY K 120 -7.32 16.94 -18.44
CA GLY K 120 -7.04 17.57 -17.18
C GLY K 120 -5.63 17.32 -16.71
N VAL K 121 -5.48 16.99 -15.43
CA VAL K 121 -4.17 16.72 -14.83
C VAL K 121 -4.27 15.48 -13.95
N ALA K 122 -3.12 14.89 -13.69
CA ALA K 122 -3.01 13.75 -12.78
C ALA K 122 -1.98 14.08 -11.71
N HIS K 123 -2.19 13.52 -10.52
CA HIS K 123 -1.30 13.70 -9.39
C HIS K 123 -0.92 12.33 -8.86
N VAL K 124 0.38 12.07 -8.80
CA VAL K 124 0.91 10.77 -8.37
C VAL K 124 1.80 11.01 -7.16
N GLY K 125 1.49 10.34 -6.06
CA GLY K 125 2.33 10.38 -4.89
C GLY K 125 2.59 8.98 -4.39
N TYR K 126 3.85 8.63 -4.19
CA TYR K 126 4.21 7.29 -3.71
C TYR K 126 5.23 7.42 -2.60
N ILE K 127 5.14 6.51 -1.63
CA ILE K 127 6.05 6.46 -0.50
C ILE K 127 7.05 5.34 -0.79
N PRO K 128 8.33 5.64 -1.00
CA PRO K 128 9.28 4.57 -1.33
C PRO K 128 9.38 3.53 -0.22
N GLY K 129 9.63 2.30 -0.62
CA GLY K 129 9.79 1.20 0.30
C GLY K 129 11.15 1.23 0.98
N ASP K 130 11.44 0.15 1.69
CA ASP K 130 12.72 0.02 2.36
C ASP K 130 13.87 0.06 1.37
N ASP K 131 13.70 -0.58 0.21
CA ASP K 131 14.77 -0.54 -0.79
C ASP K 131 14.99 0.85 -1.35
N GLY K 132 14.07 1.79 -1.14
CA GLY K 132 14.22 3.14 -1.63
C GLY K 132 13.92 3.34 -3.10
N ARG K 133 13.23 2.41 -3.74
CA ARG K 133 12.98 2.52 -5.17
C ARG K 133 12.17 3.78 -5.50
N VAL K 134 12.62 4.50 -6.52
CA VAL K 134 11.95 5.70 -7.01
C VAL K 134 12.04 5.71 -8.54
N THR K 135 11.47 6.74 -9.14
CA THR K 135 11.49 6.90 -10.59
C THR K 135 11.39 8.37 -10.95
N GLY K 136 11.74 8.68 -12.19
CA GLY K 136 11.74 10.06 -12.65
C GLY K 136 10.35 10.61 -12.83
N LEU K 137 10.24 11.95 -12.69
CA LEU K 137 8.95 12.59 -12.91
C LEU K 137 8.47 12.39 -14.35
N SER K 138 9.36 12.55 -15.32
CA SER K 138 8.99 12.39 -16.72
C SER K 138 8.50 10.99 -17.01
N LYS K 139 9.06 9.98 -16.30
CA LYS K 139 8.65 8.61 -16.55
C LYS K 139 7.25 8.37 -15.98
N ILE K 140 6.96 8.92 -14.79
CA ILE K 140 5.62 8.81 -14.23
C ILE K 140 4.61 9.52 -15.14
N ALA K 141 4.99 10.69 -15.66
CA ALA K 141 4.08 11.42 -16.53
C ALA K 141 3.77 10.61 -17.79
N ARG K 142 4.78 9.93 -18.33
CA ARG K 142 4.58 9.16 -19.55
C ARG K 142 3.72 7.92 -19.28
N LEU K 143 3.89 7.29 -18.11
CA LEU K 143 3.03 6.17 -17.76
C LEU K 143 1.56 6.59 -17.72
N VAL K 144 1.31 7.75 -17.13
CA VAL K 144 -0.03 8.32 -17.14
C VAL K 144 -0.50 8.58 -18.56
N ASP K 145 0.41 9.08 -19.40
CA ASP K 145 0.04 9.42 -20.77
C ASP K 145 -0.41 8.18 -21.56
N LEU K 146 0.30 7.06 -21.40
CA LEU K 146 0.01 5.89 -22.21
C LEU K 146 -1.28 5.21 -21.75
N TYR K 147 -1.51 5.12 -20.44
CA TYR K 147 -2.81 4.63 -19.97
C TYR K 147 -3.95 5.57 -20.34
N ALA K 148 -3.68 6.88 -20.39
CA ALA K 148 -4.72 7.85 -20.72
C ALA K 148 -5.03 7.85 -22.22
N LYS K 149 -4.07 7.47 -23.06
CA LYS K 149 -4.26 7.44 -24.51
C LYS K 149 -4.88 6.11 -24.94
N ARG K 150 -6.09 5.89 -24.46
CA ARG K 150 -6.87 4.70 -24.75
C ARG K 150 -8.34 5.06 -24.66
N PRO K 151 -9.23 4.24 -25.20
CA PRO K 151 -10.64 4.34 -24.81
C PRO K 151 -10.74 4.03 -23.32
N GLN K 152 -11.19 5.03 -22.55
CA GLN K 152 -11.03 4.98 -21.11
C GLN K 152 -12.30 5.41 -20.38
N VAL K 153 -12.36 5.00 -19.12
CA VAL K 153 -13.24 5.57 -18.11
C VAL K 153 -12.36 6.07 -16.99
N GLN K 154 -12.64 7.28 -16.49
CA GLN K 154 -11.68 7.95 -15.62
C GLN K 154 -11.36 7.10 -14.39
N GLU K 155 -12.36 6.44 -13.80
CA GLU K 155 -12.08 5.64 -12.62
C GLU K 155 -11.18 4.45 -12.93
N ARG K 156 -11.42 3.77 -14.06
CA ARG K 156 -10.51 2.67 -14.43
C ARG K 156 -9.11 3.21 -14.72
N LEU K 157 -9.04 4.39 -15.35
CA LEU K 157 -7.74 4.97 -15.65
C LEU K 157 -6.94 5.22 -14.37
N THR K 158 -7.59 5.77 -13.34
CA THR K 158 -6.90 6.04 -12.09
C THR K 158 -6.40 4.75 -11.45
N SER K 159 -7.23 3.70 -11.44
CA SER K 159 -6.82 2.45 -10.83
C SER K 159 -5.65 1.82 -11.56
N GLN K 160 -5.65 1.91 -12.89
CA GLN K 160 -4.58 1.30 -13.68
C GLN K 160 -3.24 1.97 -13.40
N ILE K 161 -3.23 3.30 -13.30
CA ILE K 161 -2.00 4.02 -13.02
C ILE K 161 -1.46 3.62 -11.65
N ALA K 162 -2.34 3.57 -10.65
CA ALA K 162 -1.91 3.20 -9.31
C ALA K 162 -1.37 1.77 -9.29
N ASP K 163 -2.04 0.86 -10.00
CA ASP K 163 -1.61 -0.53 -10.02
C ASP K 163 -0.23 -0.67 -10.65
N ALA K 164 0.02 0.07 -11.74
CA ALA K 164 1.31 -0.01 -12.41
C ALA K 164 2.44 0.45 -11.50
N LEU K 165 2.21 1.55 -10.75
CA LEU K 165 3.24 2.05 -9.84
C LEU K 165 3.53 1.06 -8.72
N MET K 166 2.50 0.42 -8.17
CA MET K 166 2.74 -0.60 -7.16
C MET K 166 3.63 -1.70 -7.71
N LYS K 167 3.37 -2.14 -8.94
CA LYS K 167 4.10 -3.25 -9.54
C LYS K 167 5.58 -2.92 -9.74
N LYS K 168 5.88 -1.73 -10.27
CA LYS K 168 7.25 -1.46 -10.70
C LYS K 168 8.12 -0.94 -9.57
N LEU K 169 7.56 -0.11 -8.70
CA LEU K 169 8.34 0.52 -7.64
C LEU K 169 8.33 -0.32 -6.35
N ASP K 170 7.40 -1.27 -6.24
CA ASP K 170 7.13 -2.04 -5.02
C ASP K 170 7.18 -1.08 -3.84
N PRO K 171 6.44 0.02 -3.89
CA PRO K 171 6.50 1.02 -2.81
C PRO K 171 5.63 0.62 -1.63
N ARG K 172 5.78 1.38 -0.55
CA ARG K 172 4.89 1.20 0.59
C ARG K 172 3.48 1.65 0.28
N GLY K 173 3.33 2.73 -0.49
CA GLY K 173 2.00 3.23 -0.82
C GLY K 173 1.98 4.05 -2.09
N VAL K 174 0.79 4.15 -2.66
CA VAL K 174 0.54 4.96 -3.86
C VAL K 174 -0.80 5.66 -3.72
N ILE K 175 -0.86 6.89 -4.23
CA ILE K 175 -2.09 7.66 -4.33
C ILE K 175 -2.09 8.32 -5.69
N VAL K 176 -3.22 8.25 -6.40
CA VAL K 176 -3.37 8.86 -7.71
C VAL K 176 -4.68 9.63 -7.70
N VAL K 177 -4.63 10.87 -8.18
CA VAL K 177 -5.81 11.73 -8.26
C VAL K 177 -5.84 12.34 -9.66
N ILE K 178 -6.99 12.25 -10.31
CA ILE K 178 -7.17 12.82 -11.64
C ILE K 178 -8.29 13.85 -11.57
N GLU K 179 -8.00 15.05 -12.06
CA GLU K 179 -8.97 16.14 -12.17
C GLU K 179 -9.10 16.48 -13.65
N ALA K 180 -10.21 16.05 -14.26
CA ALA K 180 -10.41 16.21 -15.69
C ALA K 180 -11.77 16.82 -15.96
N GLU K 181 -11.88 17.54 -17.08
CA GLU K 181 -13.13 18.13 -17.51
C GLU K 181 -13.73 17.25 -18.60
N HIS K 182 -14.95 16.75 -18.37
CA HIS K 182 -15.65 15.90 -19.32
C HIS K 182 -16.62 16.70 -20.16
N LEU K 183 -16.63 16.42 -21.46
CA LEU K 183 -17.41 17.19 -22.41
C LEU K 183 -18.61 16.45 -22.96
N CYS K 184 -18.75 15.15 -22.66
CA CYS K 184 -19.81 14.38 -23.28
C CYS K 184 -21.19 14.97 -22.99
N MET K 185 -21.47 15.24 -21.72
CA MET K 185 -22.78 15.72 -21.30
C MET K 185 -22.92 17.22 -21.46
N ALA K 186 -21.81 17.96 -21.40
CA ALA K 186 -21.87 19.39 -21.69
C ALA K 186 -22.32 19.63 -23.13
N MET K 187 -21.90 18.77 -24.05
CA MET K 187 -22.33 18.88 -25.44
C MET K 187 -23.84 18.79 -25.55
N ARG K 188 -24.45 17.92 -24.76
CA ARG K 188 -25.89 17.71 -24.77
C ARG K 188 -26.62 18.58 -23.78
N GLY K 189 -26.06 19.75 -23.45
CA GLY K 189 -26.60 20.61 -22.41
C GLY K 189 -27.24 19.89 -21.25
N VAL K 190 -26.56 18.90 -20.67
CA VAL K 190 -27.12 18.17 -19.54
C VAL K 190 -26.46 18.53 -18.23
N ARG K 191 -25.19 18.90 -18.29
CA ARG K 191 -24.42 19.26 -17.10
C ARG K 191 -23.81 20.64 -17.30
N LYS K 192 -23.45 21.29 -16.20
CA LYS K 192 -22.90 22.63 -16.29
C LYS K 192 -21.55 22.63 -17.00
N PRO K 193 -21.32 23.58 -17.90
CA PRO K 193 -19.99 23.68 -18.52
C PRO K 193 -18.91 24.00 -17.50
N GLY K 194 -17.73 23.44 -17.72
CA GLY K 194 -16.59 23.69 -16.87
C GLY K 194 -16.46 22.76 -15.68
N SER K 195 -17.42 21.87 -15.49
CA SER K 195 -17.40 20.97 -14.33
C SER K 195 -16.16 20.10 -14.38
N VAL K 196 -15.57 19.83 -13.22
CA VAL K 196 -14.37 19.03 -13.11
C VAL K 196 -14.71 17.77 -12.33
N THR K 197 -14.44 16.61 -12.92
CA THR K 197 -14.61 15.32 -12.28
C THR K 197 -13.32 14.95 -11.56
N THR K 198 -13.44 14.50 -10.32
CA THR K 198 -12.29 14.12 -9.51
C THR K 198 -12.40 12.65 -9.16
N THR K 199 -11.33 11.91 -9.39
CA THR K 199 -11.25 10.50 -9.06
C THR K 199 -9.95 10.25 -8.31
N SER K 200 -9.95 9.25 -7.45
CA SER K 200 -8.77 8.93 -6.65
C SER K 200 -8.62 7.42 -6.57
N ALA K 201 -7.39 6.97 -6.39
CA ALA K 201 -7.07 5.58 -6.14
C ALA K 201 -5.97 5.54 -5.09
N VAL K 202 -6.16 4.71 -4.07
CA VAL K 202 -5.19 4.59 -2.98
C VAL K 202 -4.81 3.13 -2.85
N ARG K 203 -3.52 2.87 -2.66
CA ARG K 203 -3.01 1.51 -2.60
C ARG K 203 -2.04 1.40 -1.44
N GLY K 204 -1.92 0.20 -0.90
CA GLY K 204 -0.93 -0.02 0.14
C GLY K 204 -1.19 0.86 1.35
N LEU K 205 -0.16 1.61 1.76
CA LEU K 205 -0.24 2.35 3.01
C LEU K 205 -1.32 3.41 2.97
N PHE K 206 -1.49 4.08 1.84
CA PHE K 206 -2.49 5.14 1.77
C PHE K 206 -3.91 4.62 2.00
N LYS K 207 -4.19 3.36 1.68
CA LYS K 207 -5.52 2.86 1.95
C LYS K 207 -5.68 2.45 3.42
N THR K 208 -4.63 1.92 4.04
CA THR K 208 -4.73 1.40 5.40
C THR K 208 -4.60 2.48 6.46
N ASN K 209 -3.86 3.55 6.19
CA ASN K 209 -3.62 4.62 7.15
C ASN K 209 -4.43 5.82 6.67
N ALA K 210 -5.38 6.27 7.49
CA ALA K 210 -6.24 7.37 7.10
C ALA K 210 -5.52 8.71 7.17
N ALA K 211 -4.62 8.90 8.12
CA ALA K 211 -3.89 10.16 8.21
C ALA K 211 -3.03 10.40 6.98
N SER K 212 -2.33 9.37 6.51
CA SER K 212 -1.48 9.55 5.34
C SER K 212 -2.28 9.92 4.10
N ARG K 213 -3.43 9.27 3.91
CA ARG K 213 -4.28 9.63 2.78
C ARG K 213 -4.82 11.05 2.91
N ALA K 214 -5.22 11.44 4.13
CA ALA K 214 -5.83 12.75 4.31
C ALA K 214 -4.83 13.87 4.02
N GLU K 215 -3.61 13.78 4.56
CA GLU K 215 -2.65 14.84 4.29
C GLU K 215 -2.24 14.84 2.83
N ALA K 216 -1.95 13.66 2.27
CA ALA K 216 -1.52 13.60 0.88
C ALA K 216 -2.56 14.23 -0.03
N LEU K 217 -3.84 13.96 0.24
CA LEU K 217 -4.90 14.62 -0.52
C LEU K 217 -4.82 16.13 -0.34
N ASP K 218 -4.58 16.59 0.89
CA ASP K 218 -4.48 18.02 1.14
C ASP K 218 -3.40 18.67 0.30
N LEU K 219 -2.22 18.03 0.23
CA LEU K 219 -1.14 18.62 -0.57
C LEU K 219 -1.51 18.66 -2.05
N ILE K 220 -2.25 17.64 -2.51
CA ILE K 220 -2.59 17.53 -3.93
C ILE K 220 -3.59 18.61 -4.31
N LEU K 221 -4.60 18.83 -3.47
CA LEU K 221 -5.65 19.78 -3.84
C LEU K 221 -5.21 21.23 -3.74
N ARG K 222 -4.27 21.55 -2.84
CA ARG K 222 -3.73 22.90 -2.78
C ARG K 222 -2.96 23.20 -4.07
N LYS K 223 -3.07 24.43 -4.55
CA LYS K 223 -2.44 24.80 -5.82
C LYS K 223 -0.97 25.12 -5.62
N VAL L 36 31.95 9.78 -24.35
CA VAL L 36 32.39 8.64 -23.56
C VAL L 36 32.37 9.01 -22.08
N PHE L 37 31.57 8.28 -21.29
CA PHE L 37 31.46 8.49 -19.85
C PHE L 37 32.20 7.37 -19.14
N ASP L 38 33.19 7.73 -18.32
CA ASP L 38 34.00 6.78 -17.58
C ASP L 38 33.49 6.79 -16.14
N GLN L 39 32.72 5.77 -15.76
CA GLN L 39 32.15 5.72 -14.42
C GLN L 39 33.24 5.47 -13.37
N GLN L 40 34.10 4.47 -13.62
CA GLN L 40 35.13 4.13 -12.65
C GLN L 40 36.07 5.31 -12.42
N ARG L 41 36.40 6.03 -13.49
CA ARG L 41 37.25 7.22 -13.35
C ARG L 41 36.57 8.29 -12.52
N ALA L 42 35.28 8.51 -12.73
CA ALA L 42 34.56 9.52 -11.96
C ALA L 42 34.52 9.14 -10.48
N GLU L 43 34.24 7.87 -10.17
CA GLU L 43 34.18 7.45 -8.77
C GLU L 43 35.53 7.60 -8.10
N ALA L 44 36.61 7.26 -8.80
CA ALA L 44 37.94 7.43 -8.24
C ALA L 44 38.24 8.91 -7.94
N ALA L 45 37.80 9.80 -8.83
CA ALA L 45 38.02 11.23 -8.61
C ALA L 45 37.27 11.71 -7.37
N VAL L 46 36.03 11.24 -7.18
CA VAL L 46 35.26 11.69 -6.02
C VAL L 46 35.91 11.20 -4.73
N ARG L 47 36.42 9.97 -4.73
CA ARG L 47 37.10 9.46 -3.55
C ARG L 47 38.35 10.29 -3.24
N GLU L 48 39.09 10.70 -4.28
CA GLU L 48 40.21 11.61 -4.09
C GLU L 48 39.72 12.93 -3.51
N LEU L 49 38.55 13.39 -3.93
CA LEU L 49 37.99 14.62 -3.37
C LEU L 49 37.70 14.47 -1.89
N LEU L 50 37.17 13.32 -1.50
CA LEU L 50 36.87 13.08 -0.09
C LEU L 50 38.15 13.05 0.74
N TYR L 51 39.21 12.42 0.22
CA TYR L 51 40.50 12.48 0.90
C TYR L 51 41.02 13.91 0.99
N ALA L 52 40.91 14.67 -0.10
CA ALA L 52 41.48 16.02 -0.14
C ALA L 52 40.83 16.94 0.87
N ILE L 53 39.50 16.84 1.04
CA ILE L 53 38.80 17.73 1.96
C ILE L 53 38.98 17.32 3.42
N GLY L 54 39.73 16.25 3.68
CA GLY L 54 40.03 15.82 5.03
C GLY L 54 39.12 14.73 5.57
N GLU L 55 38.15 14.28 4.79
CA GLU L 55 37.26 13.22 5.24
C GLU L 55 37.92 11.86 5.10
N ASP L 56 37.29 10.86 5.72
CA ASP L 56 37.70 9.48 5.58
C ASP L 56 36.68 8.82 4.64
N PRO L 57 37.03 8.54 3.38
CA PRO L 57 36.04 7.97 2.46
C PRO L 57 35.50 6.62 2.90
N ASP L 58 36.18 5.90 3.77
CA ASP L 58 35.77 4.57 4.17
C ASP L 58 34.73 4.56 5.26
N ARG L 59 34.42 5.70 5.89
CA ARG L 59 33.38 5.72 6.91
C ARG L 59 32.02 5.43 6.29
N ASP L 60 31.06 5.10 7.16
CA ASP L 60 29.82 4.49 6.69
C ASP L 60 29.03 5.43 5.79
N GLY L 61 28.99 6.71 6.14
CA GLY L 61 28.17 7.65 5.40
C GLY L 61 28.74 8.10 4.07
N LEU L 62 29.96 7.70 3.74
CA LEU L 62 30.61 8.13 2.51
C LEU L 62 31.05 6.99 1.60
N VAL L 63 30.99 5.75 2.05
CA VAL L 63 31.56 4.65 1.27
C VAL L 63 30.84 4.53 -0.07
N ALA L 64 29.53 4.75 -0.07
CA ALA L 64 28.75 4.69 -1.30
C ALA L 64 28.67 6.03 -2.01
N THR L 65 29.19 7.09 -1.40
CA THR L 65 29.05 8.42 -1.99
C THR L 65 29.73 8.53 -3.35
N PRO L 66 30.96 8.04 -3.54
CA PRO L 66 31.57 8.16 -4.88
C PRO L 66 30.75 7.52 -5.99
N SER L 67 30.11 6.38 -5.74
CA SER L 67 29.29 5.76 -6.78
C SER L 67 28.03 6.56 -7.01
N ARG L 68 27.42 7.08 -5.95
CA ARG L 68 26.20 7.87 -6.10
C ARG L 68 26.48 9.17 -6.84
N VAL L 69 27.63 9.79 -6.56
CA VAL L 69 27.98 11.05 -7.23
C VAL L 69 28.26 10.81 -8.71
N ALA L 70 28.94 9.71 -9.03
CA ALA L 70 29.22 9.39 -10.42
C ALA L 70 27.93 9.13 -11.20
N ARG L 71 26.99 8.40 -10.59
CA ARG L 71 25.71 8.17 -11.26
C ARG L 71 24.95 9.47 -11.47
N SER L 72 24.99 10.37 -10.49
CA SER L 72 24.31 11.65 -10.64
C SER L 72 24.93 12.46 -11.77
N TYR L 73 26.25 12.39 -11.91
CA TYR L 73 26.92 13.13 -12.98
C TYR L 73 26.54 12.61 -14.36
N ARG L 74 26.24 11.31 -14.48
CA ARG L 74 25.82 10.78 -15.78
C ARG L 74 24.54 11.45 -16.26
N GLU L 75 23.60 11.67 -15.34
CA GLU L 75 22.35 12.31 -15.71
C GLU L 75 22.51 13.82 -15.90
N MET L 76 23.35 14.47 -15.09
CA MET L 76 23.50 15.91 -15.22
C MET L 76 24.25 16.32 -16.48
N PHE L 77 25.10 15.44 -17.02
CA PHE L 77 25.84 15.76 -18.24
C PHE L 77 25.44 14.85 -19.39
N ALA L 78 24.20 14.36 -19.35
CA ALA L 78 23.69 13.50 -20.42
C ALA L 78 23.63 14.24 -21.75
N GLY L 79 23.52 15.57 -21.71
CA GLY L 79 23.43 16.34 -22.94
C GLY L 79 24.68 16.26 -23.80
N LEU L 80 25.82 16.01 -23.18
CA LEU L 80 27.07 15.87 -23.94
C LEU L 80 27.10 14.61 -24.79
N TYR L 81 26.28 13.61 -24.44
CA TYR L 81 26.28 12.32 -25.09
C TYR L 81 25.11 12.07 -26.03
N THR L 82 24.08 12.91 -25.98
CA THR L 82 22.94 12.78 -26.89
C THR L 82 22.77 14.12 -27.59
N ASP L 83 22.52 14.07 -28.89
CA ASP L 83 22.33 15.28 -29.68
C ASP L 83 20.99 15.92 -29.35
N PRO L 84 20.95 17.15 -28.84
CA PRO L 84 19.64 17.79 -28.61
C PRO L 84 18.84 17.93 -29.90
N ASP L 85 19.52 18.09 -31.03
CA ASP L 85 18.84 18.41 -32.29
C ASP L 85 17.98 17.26 -32.79
N SER L 86 18.39 16.02 -32.53
CA SER L 86 17.69 14.87 -33.09
C SER L 86 16.37 14.55 -32.40
N VAL L 87 16.15 15.11 -31.20
CA VAL L 87 14.97 14.74 -30.43
C VAL L 87 13.70 15.31 -31.06
N LEU L 88 13.76 16.49 -31.66
CA LEU L 88 12.57 17.15 -32.16
C LEU L 88 11.90 16.32 -33.24
N ASN L 89 10.56 16.28 -33.20
CA ASN L 89 9.73 15.57 -34.16
C ASN L 89 9.04 16.54 -35.10
N THR L 90 8.41 15.98 -36.13
CA THR L 90 7.79 16.76 -37.20
C THR L 90 6.27 16.68 -37.09
N MET L 91 5.65 17.85 -37.01
CA MET L 91 4.19 17.98 -37.01
C MET L 91 3.84 19.34 -37.60
N PHE L 92 2.60 19.49 -38.06
CA PHE L 92 2.14 20.74 -38.64
C PHE L 92 0.81 21.12 -38.01
N ASP L 93 0.65 22.39 -37.68
CA ASP L 93 -0.56 22.96 -37.11
C ASP L 93 -1.38 23.51 -38.26
N GLU L 94 -2.49 22.84 -38.57
CA GLU L 94 -3.34 23.24 -39.69
C GLU L 94 -4.43 24.24 -39.30
N ASP L 95 -4.72 24.40 -38.02
CA ASP L 95 -5.79 25.30 -37.61
C ASP L 95 -5.30 26.72 -37.38
N HIS L 96 -4.26 26.88 -36.57
CA HIS L 96 -3.88 28.18 -36.05
C HIS L 96 -2.43 28.49 -36.39
N ASP L 97 -2.12 29.79 -36.42
CA ASP L 97 -0.76 30.26 -36.62
C ASP L 97 -0.31 31.21 -35.52
N GLU L 98 -1.02 31.27 -34.39
CA GLU L 98 -0.67 32.23 -33.36
C GLU L 98 0.54 31.73 -32.58
N LEU L 99 1.01 32.55 -31.65
CA LEU L 99 2.21 32.21 -30.90
C LEU L 99 1.99 30.92 -30.13
N VAL L 100 3.00 30.04 -30.19
CA VAL L 100 3.06 28.83 -29.38
C VAL L 100 3.93 29.17 -28.18
N LEU L 101 3.35 29.10 -26.98
CA LEU L 101 4.05 29.52 -25.77
C LEU L 101 4.19 28.31 -24.87
N VAL L 102 5.40 28.11 -24.35
CA VAL L 102 5.72 27.00 -23.46
C VAL L 102 6.27 27.56 -22.16
N LYS L 103 5.70 27.12 -21.04
CA LYS L 103 6.06 27.67 -19.75
C LYS L 103 6.38 26.53 -18.79
N GLU L 104 7.15 26.86 -17.76
CA GLU L 104 7.49 25.93 -16.70
C GLU L 104 8.17 24.67 -17.23
N ILE L 105 9.07 24.82 -18.19
CA ILE L 105 9.85 23.67 -18.61
C ILE L 105 10.89 23.36 -17.53
N PRO L 106 10.94 22.15 -16.98
CA PRO L 106 11.99 21.86 -15.99
C PRO L 106 13.36 22.16 -16.59
N MET L 107 14.19 22.87 -15.83
CA MET L 107 15.52 23.26 -16.27
C MET L 107 16.48 23.05 -15.10
N TYR L 108 17.35 22.05 -15.22
CA TYR L 108 18.36 21.77 -14.21
C TYR L 108 19.71 21.75 -14.90
N SER L 109 20.62 22.60 -14.45
CA SER L 109 21.92 22.75 -15.09
C SER L 109 22.98 22.87 -14.02
N THR L 110 24.23 23.00 -14.48
CA THR L 110 25.41 23.09 -13.63
C THR L 110 26.26 24.25 -14.11
N CYS L 111 26.63 25.12 -13.17
CA CYS L 111 27.59 26.17 -13.48
C CYS L 111 28.92 25.52 -13.87
N GLU L 112 29.46 25.92 -15.02
CA GLU L 112 30.72 25.32 -15.44
C GLU L 112 31.89 25.82 -14.61
N HIS L 113 31.76 26.99 -14.00
CA HIS L 113 32.85 27.59 -13.23
C HIS L 113 33.02 26.93 -11.87
N HIS L 114 31.92 26.51 -11.24
CA HIS L 114 31.98 25.95 -9.90
C HIS L 114 31.41 24.54 -9.78
N LEU L 115 30.85 23.98 -10.85
CA LEU L 115 30.20 22.66 -10.79
C LEU L 115 29.14 22.61 -9.69
N VAL L 116 28.35 23.68 -9.58
CA VAL L 116 27.25 23.75 -8.65
C VAL L 116 25.97 23.93 -9.45
N ALA L 117 24.91 23.22 -9.05
CA ALA L 117 23.67 23.26 -9.81
C ALA L 117 22.98 24.60 -9.67
N PHE L 118 22.36 25.06 -10.77
CA PHE L 118 21.37 26.12 -10.74
C PHE L 118 20.13 25.61 -11.46
N HIS L 119 18.97 25.79 -10.83
CA HIS L 119 17.75 25.12 -11.26
C HIS L 119 16.58 26.09 -11.31
N GLY L 120 15.67 25.86 -12.24
CA GLY L 120 14.49 26.68 -12.38
C GLY L 120 13.59 26.16 -13.47
N VAL L 121 13.09 27.09 -14.30
CA VAL L 121 12.24 26.76 -15.42
C VAL L 121 12.67 27.54 -16.65
N ALA L 122 12.23 27.06 -17.81
CA ALA L 122 12.49 27.70 -19.09
C ALA L 122 11.17 27.93 -19.79
N HIS L 123 11.12 28.98 -20.60
CA HIS L 123 9.94 29.35 -21.36
C HIS L 123 10.34 29.52 -22.81
N VAL L 124 9.67 28.78 -23.70
CA VAL L 124 9.96 28.77 -25.12
C VAL L 124 8.72 29.18 -25.88
N GLY L 125 8.86 30.21 -26.70
CA GLY L 125 7.77 30.63 -27.56
C GLY L 125 8.24 30.78 -28.99
N TYR L 126 7.53 30.16 -29.93
CA TYR L 126 7.89 30.23 -31.34
C TYR L 126 6.64 30.51 -32.16
N ILE L 127 6.83 31.24 -33.24
CA ILE L 127 5.78 31.59 -34.19
C ILE L 127 5.88 30.62 -35.36
N PRO L 128 4.89 29.77 -35.62
CA PRO L 128 5.03 28.81 -36.71
C PRO L 128 5.26 29.52 -38.04
N GLY L 129 6.03 28.88 -38.90
CA GLY L 129 6.32 29.46 -40.19
C GLY L 129 5.12 29.40 -41.12
N ASP L 130 5.38 29.75 -42.38
CA ASP L 130 4.33 29.68 -43.38
C ASP L 130 3.81 28.26 -43.54
N ASP L 131 4.72 27.28 -43.51
CA ASP L 131 4.33 25.88 -43.58
C ASP L 131 3.54 25.42 -42.36
N GLY L 132 3.53 26.20 -41.29
CA GLY L 132 2.82 25.80 -40.10
C GLY L 132 3.56 24.80 -39.24
N ARG L 133 4.86 24.66 -39.43
CA ARG L 133 5.63 23.67 -38.71
C ARG L 133 5.59 23.92 -37.20
N VAL L 134 5.38 22.84 -36.44
CA VAL L 134 5.35 22.87 -34.99
C VAL L 134 6.09 21.63 -34.50
N THR L 135 6.15 21.47 -33.18
CA THR L 135 6.76 20.30 -32.58
C THR L 135 6.10 20.05 -31.23
N GLY L 136 6.26 18.83 -30.73
CA GLY L 136 5.60 18.47 -29.49
C GLY L 136 6.22 19.19 -28.31
N LEU L 137 5.38 19.45 -27.30
CA LEU L 137 5.89 20.09 -26.09
C LEU L 137 6.91 19.19 -25.39
N SER L 138 6.65 17.88 -25.36
CA SER L 138 7.59 16.96 -24.74
C SER L 138 8.94 17.03 -25.44
N LYS L 139 8.94 17.27 -26.75
CA LYS L 139 10.23 17.41 -27.46
C LYS L 139 10.89 18.75 -27.13
N ILE L 140 10.11 19.81 -27.01
CA ILE L 140 10.68 21.10 -26.65
C ILE L 140 11.33 21.01 -25.27
N ALA L 141 10.66 20.32 -24.35
CA ALA L 141 11.19 20.16 -23.00
C ALA L 141 12.49 19.36 -23.00
N ARG L 142 12.57 18.30 -23.82
CA ARG L 142 13.79 17.52 -23.82
C ARG L 142 14.94 18.27 -24.49
N LEU L 143 14.64 19.09 -25.51
CA LEU L 143 15.69 19.90 -26.13
C LEU L 143 16.28 20.87 -25.11
N VAL L 144 15.42 21.53 -24.34
CA VAL L 144 15.90 22.36 -23.24
C VAL L 144 16.67 21.50 -22.25
N ASP L 145 16.17 20.30 -22.00
CA ASP L 145 16.79 19.39 -21.04
C ASP L 145 18.21 19.03 -21.43
N LEU L 146 18.44 18.71 -22.70
CA LEU L 146 19.75 18.23 -23.10
C LEU L 146 20.79 19.34 -23.10
N TYR L 147 20.41 20.54 -23.55
CA TYR L 147 21.32 21.67 -23.44
C TYR L 147 21.58 22.04 -21.99
N ALA L 148 20.59 21.86 -21.12
CA ALA L 148 20.78 22.20 -19.70
C ALA L 148 21.64 21.16 -18.98
N LYS L 149 21.63 19.91 -19.43
CA LYS L 149 22.44 18.86 -18.81
C LYS L 149 23.86 18.88 -19.38
N ARG L 150 24.52 20.00 -19.13
CA ARG L 150 25.88 20.27 -19.57
C ARG L 150 26.52 21.24 -18.59
N PRO L 151 27.84 21.32 -18.58
CA PRO L 151 28.49 22.48 -17.94
C PRO L 151 28.12 23.75 -18.70
N GLN L 152 27.40 24.64 -18.03
CA GLN L 152 26.71 25.71 -18.73
C GLN L 152 26.87 27.03 -17.98
N VAL L 153 26.65 28.11 -18.71
CA VAL L 153 26.38 29.44 -18.17
C VAL L 153 25.01 29.86 -18.69
N GLN L 154 24.20 30.44 -17.81
CA GLN L 154 22.78 30.61 -18.13
C GLN L 154 22.58 31.37 -19.43
N GLU L 155 23.38 32.41 -19.68
CA GLU L 155 23.20 33.17 -20.92
C GLU L 155 23.50 32.32 -22.16
N ARG L 156 24.57 31.54 -22.13
CA ARG L 156 24.86 30.66 -23.26
C ARG L 156 23.77 29.60 -23.43
N LEU L 157 23.26 29.07 -22.32
CA LEU L 157 22.21 28.06 -22.42
C LEU L 157 20.99 28.63 -23.12
N THR L 158 20.62 29.88 -22.78
CA THR L 158 19.47 30.50 -23.43
C THR L 158 19.68 30.68 -24.92
N SER L 159 20.87 31.13 -25.32
CA SER L 159 21.11 31.36 -26.73
C SER L 159 21.08 30.06 -27.52
N GLN L 160 21.62 28.98 -26.94
CA GLN L 160 21.65 27.70 -27.65
C GLN L 160 20.26 27.16 -27.91
N ILE L 161 19.37 27.29 -26.92
CA ILE L 161 17.99 26.83 -27.10
C ILE L 161 17.31 27.60 -28.22
N ALA L 162 17.46 28.92 -28.24
CA ALA L 162 16.84 29.73 -29.28
C ALA L 162 17.40 29.37 -30.65
N ASP L 163 18.70 29.19 -30.75
CA ASP L 163 19.31 28.89 -32.04
C ASP L 163 18.83 27.55 -32.58
N ALA L 164 18.74 26.54 -31.71
CA ALA L 164 18.29 25.22 -32.16
C ALA L 164 16.88 25.26 -32.69
N LEU L 165 15.99 26.00 -32.01
CA LEU L 165 14.60 26.12 -32.47
C LEU L 165 14.54 26.78 -33.85
N MET L 166 15.38 27.79 -34.08
CA MET L 166 15.43 28.42 -35.40
C MET L 166 15.79 27.41 -36.49
N LYS L 167 16.78 26.56 -36.22
CA LYS L 167 17.28 25.67 -37.28
C LYS L 167 16.23 24.67 -37.75
N LYS L 168 15.51 24.04 -36.82
CA LYS L 168 14.64 22.93 -37.22
C LYS L 168 13.26 23.39 -37.66
N LEU L 169 12.69 24.39 -36.97
CA LEU L 169 11.33 24.81 -37.23
C LEU L 169 11.24 25.88 -38.30
N ASP L 170 12.37 26.53 -38.62
CA ASP L 170 12.42 27.68 -39.51
C ASP L 170 11.25 28.59 -39.18
N PRO L 171 11.06 28.98 -37.92
CA PRO L 171 9.87 29.77 -37.56
C PRO L 171 10.03 31.24 -37.91
N ARG L 172 8.92 31.98 -37.79
CA ARG L 172 8.97 33.42 -37.99
C ARG L 172 9.73 34.10 -36.86
N GLY L 173 9.56 33.62 -35.62
CA GLY L 173 10.25 34.20 -34.48
C GLY L 173 10.36 33.22 -33.35
N VAL L 174 11.34 33.45 -32.48
CA VAL L 174 11.54 32.60 -31.30
C VAL L 174 11.92 33.49 -30.13
N ILE L 175 11.45 33.12 -28.94
CA ILE L 175 11.82 33.81 -27.70
C ILE L 175 12.03 32.76 -26.62
N VAL L 176 13.11 32.89 -25.86
CA VAL L 176 13.44 31.96 -24.80
C VAL L 176 13.76 32.76 -23.54
N VAL L 177 13.18 32.34 -22.41
CA VAL L 177 13.41 32.99 -21.13
C VAL L 177 13.69 31.90 -20.10
N ILE L 178 14.77 32.06 -19.34
CA ILE L 178 15.13 31.13 -18.28
C ILE L 178 15.17 31.89 -16.95
N GLU L 179 14.47 31.36 -15.96
CA GLU L 179 14.45 31.87 -14.61
C GLU L 179 15.01 30.78 -13.71
N ALA L 180 16.26 30.95 -13.26
CA ALA L 180 16.94 29.91 -12.52
C ALA L 180 17.50 30.47 -11.22
N GLU L 181 17.60 29.61 -10.22
CA GLU L 181 18.14 29.96 -8.92
C GLU L 181 19.57 29.47 -8.82
N HIS L 182 20.50 30.38 -8.59
CA HIS L 182 21.91 30.07 -8.47
C HIS L 182 22.33 29.98 -7.00
N LEU L 183 23.15 28.97 -6.70
CA LEU L 183 23.59 28.66 -5.35
C LEU L 183 25.06 28.96 -5.12
N CYS L 184 25.81 29.34 -6.16
CA CYS L 184 27.26 29.45 -6.03
C CYS L 184 27.67 30.44 -4.94
N MET L 185 27.10 31.64 -4.95
CA MET L 185 27.54 32.63 -3.97
C MET L 185 26.81 32.48 -2.64
N ALA L 186 25.58 31.94 -2.63
CA ALA L 186 24.93 31.64 -1.37
C ALA L 186 25.74 30.64 -0.57
N MET L 187 26.40 29.71 -1.26
CA MET L 187 27.28 28.75 -0.61
C MET L 187 28.37 29.45 0.18
N ARG L 188 28.95 30.51 -0.39
CA ARG L 188 30.02 31.24 0.26
C ARG L 188 29.48 32.38 1.13
N GLY L 189 28.29 32.21 1.69
CA GLY L 189 27.63 33.27 2.42
C GLY L 189 27.86 34.66 1.87
N VAL L 190 27.71 34.85 0.56
CA VAL L 190 27.86 36.17 -0.04
C VAL L 190 26.52 36.75 -0.45
N ARG L 191 25.58 35.91 -0.87
CA ARG L 191 24.26 36.39 -1.27
C ARG L 191 23.18 35.58 -0.54
N LYS L 192 22.00 36.20 -0.42
CA LYS L 192 20.87 35.51 0.19
C LYS L 192 20.39 34.41 -0.74
N PRO L 193 20.07 33.22 -0.22
CA PRO L 193 19.48 32.19 -1.07
C PRO L 193 18.12 32.61 -1.60
N GLY L 194 17.77 32.09 -2.77
CA GLY L 194 16.51 32.36 -3.42
C GLY L 194 16.53 33.43 -4.48
N SER L 195 17.66 34.13 -4.66
CA SER L 195 17.74 35.10 -5.74
C SER L 195 17.56 34.38 -7.07
N VAL L 196 16.87 35.02 -8.01
CA VAL L 196 16.54 34.40 -9.30
C VAL L 196 17.24 35.21 -10.39
N THR L 197 18.08 34.54 -11.17
CA THR L 197 18.68 35.15 -12.35
C THR L 197 17.78 34.87 -13.55
N THR L 198 17.49 35.91 -14.33
CA THR L 198 16.63 35.77 -15.50
C THR L 198 17.40 36.18 -16.75
N THR L 199 17.34 35.34 -17.78
CA THR L 199 17.99 35.61 -19.05
C THR L 199 17.02 35.39 -20.20
N SER L 200 17.25 36.10 -21.31
CA SER L 200 16.38 36.03 -22.47
C SER L 200 17.19 36.03 -23.76
N ALA L 201 16.59 35.42 -24.79
CA ALA L 201 17.13 35.42 -26.14
C ALA L 201 15.99 35.57 -27.12
N VAL L 202 16.14 36.47 -28.09
CA VAL L 202 15.10 36.74 -29.08
C VAL L 202 15.70 36.56 -30.46
N ARG L 203 14.95 35.90 -31.33
CA ARG L 203 15.42 35.56 -32.66
C ARG L 203 14.31 35.83 -33.67
N GLY L 204 14.71 36.06 -34.92
CA GLY L 204 13.73 36.22 -35.97
C GLY L 204 12.84 37.42 -35.74
N LEU L 205 11.52 37.18 -35.75
CA LEU L 205 10.59 38.30 -35.73
C LEU L 205 10.69 39.07 -34.42
N PHE L 206 10.81 38.37 -33.28
CA PHE L 206 10.83 39.08 -31.99
C PHE L 206 12.03 40.00 -31.85
N LYS L 207 13.15 39.72 -32.51
CA LYS L 207 14.29 40.61 -32.43
C LYS L 207 14.10 41.85 -33.30
N THR L 208 13.39 41.74 -34.42
CA THR L 208 13.20 42.90 -35.29
C THR L 208 12.03 43.78 -34.85
N ASN L 209 10.98 43.19 -34.27
CA ASN L 209 9.76 43.88 -33.86
C ASN L 209 9.67 43.93 -32.34
N ALA L 210 9.55 45.14 -31.79
CA ALA L 210 9.45 45.32 -30.34
C ALA L 210 8.04 45.01 -29.81
N ALA L 211 7.00 45.31 -30.59
CA ALA L 211 5.64 45.08 -30.11
C ALA L 211 5.38 43.60 -29.86
N SER L 212 5.78 42.74 -30.79
CA SER L 212 5.53 41.31 -30.62
C SER L 212 6.28 40.75 -29.42
N ARG L 213 7.55 41.14 -29.24
CA ARG L 213 8.29 40.64 -28.09
C ARG L 213 7.67 41.15 -26.78
N ALA L 214 7.21 42.41 -26.76
CA ALA L 214 6.70 42.99 -25.53
C ALA L 214 5.50 42.19 -25.02
N GLU L 215 4.56 41.85 -25.90
CA GLU L 215 3.42 41.04 -25.48
C GLU L 215 3.89 39.66 -25.03
N ALA L 216 4.77 39.02 -25.81
CA ALA L 216 5.25 37.68 -25.49
C ALA L 216 5.92 37.66 -24.12
N LEU L 217 6.72 38.69 -23.81
CA LEU L 217 7.37 38.75 -22.51
C LEU L 217 6.35 38.78 -21.39
N ASP L 218 5.28 39.55 -21.53
CA ASP L 218 4.26 39.61 -20.47
C ASP L 218 3.65 38.25 -20.20
N LEU L 219 3.39 37.47 -21.25
CA LEU L 219 2.78 36.16 -21.07
C LEU L 219 3.68 35.24 -20.26
N ILE L 220 4.99 35.34 -20.49
CA ILE L 220 5.92 34.44 -19.83
C ILE L 220 5.98 34.71 -18.31
N LEU L 221 5.97 35.97 -17.92
CA LEU L 221 6.12 36.38 -16.53
C LEU L 221 4.81 36.11 -15.80
N VAL M 36 -57.41 29.21 -20.79
CA VAL M 36 -57.90 30.14 -21.80
C VAL M 36 -57.73 31.59 -21.35
N PHE M 37 -57.21 32.42 -22.26
CA PHE M 37 -56.90 33.82 -21.98
C PHE M 37 -57.78 34.71 -22.86
N ASP M 38 -58.63 35.52 -22.22
CA ASP M 38 -59.54 36.41 -22.91
C ASP M 38 -58.89 37.80 -22.93
N GLN M 39 -58.33 38.18 -24.07
CA GLN M 39 -57.63 39.45 -24.18
C GLN M 39 -58.57 40.63 -23.97
N GLN M 40 -59.76 40.58 -24.60
CA GLN M 40 -60.68 41.71 -24.49
C GLN M 40 -61.22 41.87 -23.08
N ARG M 41 -61.49 40.75 -22.39
CA ARG M 41 -61.93 40.82 -21.01
C ARG M 41 -60.86 41.46 -20.11
N ALA M 42 -59.60 41.08 -20.32
CA ALA M 42 -58.52 41.67 -19.53
C ALA M 42 -58.40 43.16 -19.81
N GLU M 43 -58.48 43.55 -21.09
CA GLU M 43 -58.34 44.97 -21.44
C GLU M 43 -59.46 45.81 -20.85
N ALA M 44 -60.70 45.30 -20.90
CA ALA M 44 -61.80 46.03 -20.31
C ALA M 44 -61.61 46.21 -18.81
N ALA M 45 -61.14 45.15 -18.14
CA ALA M 45 -60.89 45.24 -16.70
C ALA M 45 -59.78 46.23 -16.40
N VAL M 46 -58.72 46.23 -17.21
CA VAL M 46 -57.59 47.11 -16.94
C VAL M 46 -57.99 48.57 -17.14
N ARG M 47 -58.77 48.86 -18.18
CA ARG M 47 -59.21 50.24 -18.38
C ARG M 47 -60.09 50.70 -17.23
N GLU M 48 -60.98 49.82 -16.76
CA GLU M 48 -61.81 50.14 -15.60
C GLU M 48 -60.94 50.36 -14.37
N LEU M 49 -59.86 49.58 -14.25
CA LEU M 49 -58.93 49.73 -13.13
C LEU M 49 -58.26 51.10 -13.15
N LEU M 50 -57.90 51.59 -14.34
CA LEU M 50 -57.29 52.91 -14.43
C LEU M 50 -58.27 53.99 -13.99
N TYR M 51 -59.54 53.85 -14.38
CA TYR M 51 -60.56 54.79 -13.92
C TYR M 51 -60.68 54.74 -12.39
N ALA M 52 -60.63 53.55 -11.81
CA ALA M 52 -60.83 53.40 -10.37
C ALA M 52 -59.76 54.13 -9.59
N ILE M 53 -58.50 54.04 -10.02
CA ILE M 53 -57.41 54.68 -9.29
C ILE M 53 -57.35 56.18 -9.52
N GLY M 54 -58.23 56.72 -10.37
CA GLY M 54 -58.30 58.15 -10.61
C GLY M 54 -57.55 58.65 -11.83
N GLU M 55 -56.90 57.77 -12.57
CA GLU M 55 -56.16 58.20 -13.75
C GLU M 55 -57.12 58.46 -14.91
N ASP M 56 -56.58 59.07 -15.96
CA ASP M 56 -57.32 59.28 -17.20
C ASP M 56 -56.81 58.29 -18.24
N PRO M 57 -57.57 57.25 -18.57
CA PRO M 57 -57.06 56.25 -19.55
C PRO M 57 -56.77 56.85 -20.92
N ASP M 58 -57.35 58.01 -21.24
CA ASP M 58 -57.21 58.60 -22.57
C ASP M 58 -55.93 59.41 -22.74
N ARG M 59 -55.19 59.71 -21.67
CA ARG M 59 -53.93 60.42 -21.83
C ARG M 59 -52.93 59.53 -22.55
N ASP M 60 -51.88 60.15 -23.11
CA ASP M 60 -51.05 59.45 -24.07
C ASP M 60 -50.23 58.35 -23.40
N GLY M 61 -49.80 58.57 -22.16
CA GLY M 61 -49.01 57.55 -21.48
C GLY M 61 -49.78 56.28 -21.15
N LEU M 62 -51.11 56.35 -21.16
CA LEU M 62 -51.93 55.22 -20.74
C LEU M 62 -52.88 54.71 -21.81
N VAL M 63 -52.91 55.31 -23.00
CA VAL M 63 -53.85 54.89 -24.03
C VAL M 63 -53.59 53.43 -24.40
N ALA M 64 -52.32 53.06 -24.60
CA ALA M 64 -51.96 51.70 -24.96
C ALA M 64 -51.79 50.80 -23.76
N THR M 65 -51.85 51.34 -22.55
CA THR M 65 -51.56 50.53 -21.36
C THR M 65 -52.53 49.38 -21.19
N PRO M 66 -53.85 49.55 -21.35
CA PRO M 66 -54.75 48.39 -21.16
C PRO M 66 -54.38 47.19 -22.02
N SER M 67 -53.97 47.43 -23.27
CA SER M 67 -53.55 46.32 -24.12
C SER M 67 -52.20 45.76 -23.68
N ARG M 68 -51.27 46.63 -23.31
CA ARG M 68 -49.94 46.19 -22.91
C ARG M 68 -49.99 45.36 -21.62
N VAL M 69 -50.87 45.74 -20.69
CA VAL M 69 -50.99 44.98 -19.45
C VAL M 69 -51.56 43.59 -19.74
N ALA M 70 -52.52 43.50 -20.65
CA ALA M 70 -53.07 42.20 -21.02
C ALA M 70 -52.01 41.31 -21.65
N ARG M 71 -51.18 41.87 -22.53
CA ARG M 71 -50.10 41.09 -23.14
C ARG M 71 -49.09 40.65 -22.10
N SER M 72 -48.73 41.54 -21.17
CA SER M 72 -47.78 41.18 -20.13
C SER M 72 -48.34 40.08 -19.24
N TYR M 73 -49.66 40.11 -18.99
CA TYR M 73 -50.30 39.06 -18.20
C TYR M 73 -50.28 37.73 -18.93
N ARG M 74 -50.32 37.75 -20.27
CA ARG M 74 -50.21 36.51 -21.03
C ARG M 74 -48.87 35.85 -20.76
N GLU M 75 -47.79 36.64 -20.70
CA GLU M 75 -46.47 36.11 -20.40
C GLU M 75 -46.31 35.83 -18.91
N MET M 76 -46.95 36.63 -18.05
CA MET M 76 -46.83 36.45 -16.60
C MET M 76 -47.53 35.19 -16.13
N PHE M 77 -48.58 34.76 -16.83
CA PHE M 77 -49.34 33.57 -16.46
C PHE M 77 -49.33 32.53 -17.58
N ALA M 78 -48.23 32.51 -18.36
CA ALA M 78 -48.12 31.54 -19.44
C ALA M 78 -48.10 30.11 -18.90
N GLY M 79 -47.68 29.93 -17.65
CA GLY M 79 -47.64 28.59 -17.07
C GLY M 79 -49.01 27.98 -16.91
N LEU M 80 -50.05 28.81 -16.79
CA LEU M 80 -51.40 28.29 -16.64
C LEU M 80 -51.91 27.64 -17.93
N TYR M 81 -51.32 27.97 -19.08
CA TYR M 81 -51.83 27.54 -20.37
C TYR M 81 -50.98 26.47 -21.03
N THR M 82 -49.77 26.23 -20.55
CA THR M 82 -48.91 25.17 -21.04
C THR M 82 -48.48 24.32 -19.87
N ASP M 83 -48.46 23.00 -20.06
CA ASP M 83 -48.07 22.10 -18.98
C ASP M 83 -46.57 22.20 -18.71
N PRO M 84 -46.15 22.62 -17.51
CA PRO M 84 -44.70 22.68 -17.25
C PRO M 84 -44.00 21.34 -17.37
N ASP M 85 -44.67 20.25 -17.03
CA ASP M 85 -43.99 18.95 -16.98
C ASP M 85 -43.63 18.45 -18.37
N SER M 86 -44.40 18.84 -19.39
CA SER M 86 -44.18 18.31 -20.74
C SER M 86 -42.94 18.89 -21.41
N VAL M 87 -42.34 19.94 -20.86
CA VAL M 87 -41.21 20.58 -21.55
C VAL M 87 -40.01 19.65 -21.52
N LEU M 88 -39.89 18.84 -20.46
CA LEU M 88 -38.73 17.98 -20.27
C LEU M 88 -38.60 16.94 -21.38
N ASN M 89 -37.35 16.71 -21.78
CA ASN M 89 -36.97 15.72 -22.78
C ASN M 89 -36.30 14.54 -22.10
N THR M 90 -36.10 13.49 -22.88
CA THR M 90 -35.58 12.22 -22.39
C THR M 90 -34.14 12.08 -22.85
N MET M 91 -33.24 11.85 -21.90
CA MET M 91 -31.82 11.67 -22.19
C MET M 91 -31.23 10.83 -21.08
N PHE M 92 -30.10 10.18 -21.37
CA PHE M 92 -29.46 9.30 -20.42
C PHE M 92 -27.98 9.63 -20.34
N ASP M 93 -27.47 9.72 -19.13
CA ASP M 93 -26.04 9.94 -18.89
C ASP M 93 -25.47 8.55 -18.61
N GLU M 94 -24.73 8.01 -19.58
CA GLU M 94 -24.16 6.69 -19.48
C GLU M 94 -22.80 6.68 -18.79
N ASP M 95 -22.19 7.85 -18.63
CA ASP M 95 -20.86 7.97 -18.05
C ASP M 95 -20.91 8.12 -16.53
N HIS M 96 -21.77 9.00 -16.04
CA HIS M 96 -21.73 9.44 -14.65
C HIS M 96 -23.07 9.23 -13.98
N ASP M 97 -23.04 9.10 -12.66
CA ASP M 97 -24.24 9.01 -11.84
C ASP M 97 -24.25 10.06 -10.74
N GLU M 98 -23.35 11.03 -10.79
CA GLU M 98 -23.24 12.03 -9.75
C GLU M 98 -24.30 13.13 -9.93
N LEU M 99 -24.35 14.04 -8.97
CA LEU M 99 -25.37 15.07 -8.94
C LEU M 99 -25.29 15.98 -10.16
N VAL M 100 -26.44 16.28 -10.73
CA VAL M 100 -26.61 17.31 -11.74
C VAL M 100 -27.09 18.57 -11.04
N LEU M 101 -26.32 19.64 -11.13
CA LEU M 101 -26.64 20.88 -10.43
C LEU M 101 -26.84 22.01 -11.44
N VAL M 102 -27.96 22.71 -11.31
CA VAL M 102 -28.33 23.83 -12.17
C VAL M 102 -28.54 25.04 -11.26
N LYS M 103 -27.83 26.13 -11.53
CA LYS M 103 -27.81 27.26 -10.62
C LYS M 103 -28.12 28.55 -11.36
N GLU M 104 -28.56 29.56 -10.59
CA GLU M 104 -28.92 30.86 -11.13
C GLU M 104 -29.92 30.72 -12.28
N ILE M 105 -30.89 29.84 -12.10
CA ILE M 105 -32.00 29.73 -13.03
C ILE M 105 -32.86 30.98 -12.83
N PRO M 106 -33.08 31.79 -13.86
CA PRO M 106 -33.95 32.97 -13.66
C PRO M 106 -35.32 32.56 -13.17
N MET M 107 -35.81 33.27 -12.16
CA MET M 107 -37.10 32.98 -11.55
C MET M 107 -37.88 34.29 -11.43
N TYR M 108 -38.94 34.43 -12.20
CA TYR M 108 -39.82 35.59 -12.12
C TYR M 108 -41.23 35.06 -11.91
N SER M 109 -41.85 35.46 -10.81
CA SER M 109 -43.15 34.96 -10.42
C SER M 109 -43.99 36.14 -9.94
N THR M 110 -45.24 35.87 -9.58
CA THR M 110 -46.16 36.91 -9.17
C THR M 110 -46.87 36.45 -7.89
N CYS M 111 -46.84 37.30 -6.87
CA CYS M 111 -47.57 37.02 -5.64
C CYS M 111 -49.05 36.90 -5.95
N GLU M 112 -49.67 35.81 -5.50
CA GLU M 112 -51.09 35.64 -5.77
C GLU M 112 -51.98 36.53 -4.90
N HIS M 113 -51.49 36.97 -3.75
CA HIS M 113 -52.31 37.81 -2.87
C HIS M 113 -52.37 39.26 -3.35
N HIS M 114 -51.28 39.78 -3.93
CA HIS M 114 -51.22 41.18 -4.31
C HIS M 114 -50.94 41.38 -5.80
N LEU M 115 -50.70 40.31 -6.55
CA LEU M 115 -50.36 40.41 -7.97
C LEU M 115 -49.17 41.34 -8.19
N VAL M 116 -48.16 41.21 -7.35
CA VAL M 116 -46.92 41.97 -7.44
C VAL M 116 -45.77 41.00 -7.65
N ALA M 117 -44.82 41.37 -8.49
CA ALA M 117 -43.74 40.46 -8.84
C ALA M 117 -42.82 40.23 -7.65
N PHE M 118 -42.35 38.98 -7.52
CA PHE M 118 -41.19 38.65 -6.70
C PHE M 118 -40.25 37.85 -7.57
N HIS M 119 -38.98 38.27 -7.61
CA HIS M 119 -38.04 37.79 -8.61
C HIS M 119 -36.69 37.47 -7.98
N GLY M 120 -36.02 36.47 -8.54
CA GLY M 120 -34.72 36.06 -8.06
C GLY M 120 -34.14 34.96 -8.91
N VAL M 121 -33.60 33.93 -8.26
CA VAL M 121 -33.01 32.79 -8.95
C VAL M 121 -33.48 31.50 -8.30
N ALA M 122 -33.35 30.41 -9.04
CA ALA M 122 -33.66 29.07 -8.58
C ALA M 122 -32.47 28.15 -8.77
N HIS M 123 -32.35 27.16 -7.90
CA HIS M 123 -31.27 26.17 -7.97
C HIS M 123 -31.90 24.80 -7.92
N VAL M 124 -31.63 23.98 -8.93
CA VAL M 124 -32.22 22.66 -9.06
C VAL M 124 -31.08 21.66 -9.12
N GLY M 125 -31.10 20.68 -8.22
CA GLY M 125 -30.14 19.61 -8.26
C GLY M 125 -30.82 18.25 -8.15
N TYR M 126 -30.50 17.33 -9.06
CA TYR M 126 -31.10 16.01 -9.03
C TYR M 126 -30.03 14.95 -9.24
N ILE M 127 -30.23 13.81 -8.60
CA ILE M 127 -29.34 12.66 -8.71
C ILE M 127 -29.94 11.69 -9.72
N PRO M 128 -29.28 11.39 -10.83
CA PRO M 128 -29.88 10.50 -11.82
C PRO M 128 -30.22 9.15 -11.20
N GLY M 129 -31.32 8.56 -11.69
CA GLY M 129 -31.78 7.30 -11.17
C GLY M 129 -30.92 6.12 -11.63
N ASP M 130 -31.44 4.93 -11.37
CA ASP M 130 -30.75 3.71 -11.77
C ASP M 130 -30.58 3.66 -13.29
N ASP M 131 -31.62 4.07 -14.03
CA ASP M 131 -31.57 4.13 -15.48
C ASP M 131 -30.62 5.19 -16.00
N GLY M 132 -30.13 6.09 -15.15
CA GLY M 132 -29.26 7.15 -15.59
C GLY M 132 -30.00 8.32 -16.20
N ARG M 133 -31.29 8.43 -15.94
CA ARG M 133 -32.13 9.45 -16.55
C ARG M 133 -31.66 10.86 -16.17
N VAL M 134 -31.59 11.73 -17.19
CA VAL M 134 -31.21 13.12 -17.03
C VAL M 134 -32.08 13.95 -17.98
N THR M 135 -31.88 15.27 -17.95
CA THR M 135 -32.58 16.16 -18.86
C THR M 135 -31.74 17.40 -19.09
N GLY M 136 -32.07 18.14 -20.13
CA GLY M 136 -31.30 19.33 -20.47
C GLY M 136 -31.52 20.47 -19.49
N LEU M 137 -30.46 21.27 -19.32
CA LEU M 137 -30.56 22.44 -18.44
C LEU M 137 -31.60 23.43 -18.93
N SER M 138 -31.62 23.67 -20.24
CA SER M 138 -32.62 24.59 -20.79
C SER M 138 -34.02 24.09 -20.51
N LYS M 139 -34.22 22.77 -20.47
CA LYS M 139 -35.54 22.23 -20.18
C LYS M 139 -35.90 22.40 -18.71
N ILE M 140 -34.93 22.23 -17.81
CA ILE M 140 -35.18 22.53 -16.40
C ILE M 140 -35.51 24.00 -16.23
N ALA M 141 -34.83 24.87 -16.99
CA ALA M 141 -35.09 26.30 -16.87
C ALA M 141 -36.54 26.62 -17.21
N ARG M 142 -37.08 25.99 -18.25
CA ARG M 142 -38.47 26.26 -18.62
C ARG M 142 -39.44 25.64 -17.62
N LEU M 143 -39.12 24.49 -17.03
CA LEU M 143 -40.01 23.93 -16.01
C LEU M 143 -40.12 24.89 -14.83
N VAL M 144 -38.98 25.40 -14.35
CA VAL M 144 -39.01 26.40 -13.29
C VAL M 144 -39.80 27.61 -13.77
N ASP M 145 -39.58 28.03 -15.02
CA ASP M 145 -40.23 29.22 -15.53
C ASP M 145 -41.74 29.06 -15.58
N LEU M 146 -42.23 27.90 -16.03
CA LEU M 146 -43.67 27.75 -16.23
C LEU M 146 -44.41 27.60 -14.89
N TYR M 147 -43.86 26.86 -13.94
CA TYR M 147 -44.47 26.84 -12.61
C TYR M 147 -44.39 28.22 -11.96
N ALA M 148 -43.31 28.95 -12.23
CA ALA M 148 -43.16 30.28 -11.65
C ALA M 148 -44.04 31.31 -12.35
N LYS M 149 -44.38 31.08 -13.62
CA LYS M 149 -45.17 32.00 -14.41
C LYS M 149 -46.66 31.72 -14.18
N ARG M 150 -47.04 31.84 -12.91
CA ARG M 150 -48.40 31.59 -12.45
C ARG M 150 -48.64 32.44 -11.21
N PRO M 151 -49.90 32.64 -10.81
CA PRO M 151 -50.16 33.16 -9.46
C PRO M 151 -49.63 32.16 -8.43
N GLN M 152 -48.62 32.61 -7.66
CA GLN M 152 -47.81 31.67 -6.90
C GLN M 152 -47.54 32.19 -5.50
N VAL M 153 -47.19 31.24 -4.63
CA VAL M 153 -46.55 31.50 -3.35
C VAL M 153 -45.21 30.77 -3.37
N GLN M 154 -44.16 31.44 -2.89
CA GLN M 154 -42.81 30.93 -3.16
C GLN M 154 -42.65 29.49 -2.70
N GLU M 155 -43.18 29.14 -1.53
CA GLU M 155 -43.01 27.76 -1.06
C GLU M 155 -43.76 26.78 -1.96
N ARG M 156 -44.97 27.14 -2.39
CA ARG M 156 -45.71 26.27 -3.31
C ARG M 156 -44.94 26.10 -4.62
N LEU M 157 -44.31 27.18 -5.09
CA LEU M 157 -43.50 27.10 -6.31
C LEU M 157 -42.35 26.11 -6.14
N THR M 158 -41.66 26.18 -5.00
CA THR M 158 -40.55 25.26 -4.76
C THR M 158 -41.04 23.82 -4.69
N SER M 159 -42.16 23.58 -4.00
CA SER M 159 -42.71 22.24 -3.89
C SER M 159 -43.12 21.69 -5.24
N GLN M 160 -43.74 22.53 -6.08
CA GLN M 160 -44.19 22.04 -7.38
C GLN M 160 -43.02 21.69 -8.28
N ILE M 161 -41.96 22.51 -8.25
CA ILE M 161 -40.79 22.24 -9.09
C ILE M 161 -40.16 20.91 -8.69
N ALA M 162 -39.99 20.70 -7.38
CA ALA M 162 -39.39 19.45 -6.91
C ALA M 162 -40.27 18.26 -7.25
N ASP M 163 -41.58 18.40 -7.10
CA ASP M 163 -42.50 17.30 -7.38
C ASP M 163 -42.46 16.92 -8.86
N ALA M 164 -42.41 17.92 -9.74
CA ALA M 164 -42.40 17.63 -11.16
C ALA M 164 -41.15 16.87 -11.57
N LEU M 165 -39.98 17.27 -11.06
CA LEU M 165 -38.75 16.58 -11.44
C LEU M 165 -38.74 15.14 -10.95
N MET M 166 -39.23 14.91 -9.72
CA MET M 166 -39.31 13.55 -9.22
C MET M 166 -40.21 12.70 -10.12
N LYS M 167 -41.36 13.26 -10.50
CA LYS M 167 -42.33 12.52 -11.30
C LYS M 167 -41.77 12.18 -12.67
N LYS M 168 -41.04 13.12 -13.30
CA LYS M 168 -40.65 12.95 -14.69
C LYS M 168 -39.33 12.20 -14.85
N LEU M 169 -38.34 12.48 -14.01
CA LEU M 169 -37.01 11.91 -14.17
C LEU M 169 -36.79 10.61 -13.41
N ASP M 170 -37.65 10.26 -12.46
CA ASP M 170 -37.40 9.15 -11.55
C ASP M 170 -35.98 9.19 -10.99
N PRO M 171 -35.56 10.30 -10.39
CA PRO M 171 -34.23 10.35 -9.79
C PRO M 171 -34.25 9.72 -8.41
N ARG M 172 -33.05 9.47 -7.88
CA ARG M 172 -32.96 9.01 -6.49
C ARG M 172 -33.30 10.15 -5.53
N GLY M 173 -32.90 11.37 -5.86
CA GLY M 173 -33.20 12.52 -5.02
C GLY M 173 -33.19 13.79 -5.82
N VAL M 174 -33.88 14.81 -5.27
CA VAL M 174 -33.93 16.13 -5.89
C VAL M 174 -33.92 17.17 -4.78
N ILE M 175 -33.29 18.31 -5.06
CA ILE M 175 -33.29 19.45 -4.15
C ILE M 175 -33.60 20.70 -4.96
N VAL M 176 -34.46 21.56 -4.42
CA VAL M 176 -34.80 22.82 -5.08
C VAL M 176 -34.67 23.93 -4.05
N VAL M 177 -33.99 25.01 -4.41
CA VAL M 177 -33.82 26.18 -3.54
C VAL M 177 -34.12 27.42 -4.36
N ILE M 178 -34.96 28.30 -3.83
CA ILE M 178 -35.31 29.55 -4.52
C ILE M 178 -34.93 30.72 -3.62
N GLU M 179 -34.19 31.68 -4.18
CA GLU M 179 -33.78 32.91 -3.50
C GLU M 179 -34.42 34.06 -4.27
N ALA M 180 -35.47 34.66 -3.71
CA ALA M 180 -36.24 35.67 -4.41
C ALA M 180 -36.46 36.90 -3.54
N GLU M 181 -36.59 38.05 -4.19
CA GLU M 181 -36.87 39.31 -3.53
C GLU M 181 -38.36 39.62 -3.63
N HIS M 182 -39.00 39.80 -2.49
CA HIS M 182 -40.41 40.13 -2.44
C HIS M 182 -40.59 41.63 -2.29
N LEU M 183 -41.53 42.18 -3.06
CA LEU M 183 -41.75 43.61 -3.11
C LEU M 183 -43.03 44.06 -2.44
N CYS M 184 -43.91 43.13 -2.06
CA CYS M 184 -45.22 43.52 -1.56
C CYS M 184 -45.09 44.44 -0.35
N MET M 185 -44.30 44.03 0.64
CA MET M 185 -44.14 44.77 1.89
C MET M 185 -43.07 45.84 1.81
N ALA M 186 -42.04 45.63 0.98
CA ALA M 186 -41.05 46.68 0.78
C ALA M 186 -41.66 47.92 0.14
N MET M 187 -42.61 47.73 -0.78
CA MET M 187 -43.27 48.86 -1.42
C MET M 187 -43.98 49.74 -0.39
N ARG M 188 -44.58 49.11 0.63
CA ARG M 188 -45.29 49.84 1.67
C ARG M 188 -44.38 50.26 2.82
N GLY M 189 -43.11 50.54 2.52
CA GLY M 189 -42.10 50.86 3.52
C GLY M 189 -42.23 50.19 4.86
N VAL M 190 -42.44 48.86 4.86
CA VAL M 190 -42.52 48.09 6.08
C VAL M 190 -41.27 47.26 6.31
N ARG M 191 -40.57 46.85 5.26
CA ARG M 191 -39.39 46.00 5.39
C ARG M 191 -38.25 46.66 4.63
N LYS M 192 -37.04 46.27 4.99
CA LYS M 192 -35.88 46.83 4.30
C LYS M 192 -35.88 46.40 2.85
N PRO M 193 -35.61 47.31 1.91
CA PRO M 193 -35.48 46.90 0.51
C PRO M 193 -34.33 45.94 0.32
N GLY M 194 -34.51 45.01 -0.61
CA GLY M 194 -33.47 44.06 -0.93
C GLY M 194 -33.52 42.76 -0.16
N SER M 195 -34.44 42.61 0.79
CA SER M 195 -34.50 41.36 1.54
C SER M 195 -34.77 40.19 0.62
N VAL M 196 -34.11 39.07 0.91
CA VAL M 196 -34.18 37.87 0.08
C VAL M 196 -34.82 36.75 0.90
N THR M 197 -35.91 36.19 0.38
CA THR M 197 -36.56 35.03 0.96
C THR M 197 -35.99 33.77 0.33
N THR M 198 -35.66 32.78 1.15
CA THR M 198 -35.13 31.51 0.70
C THR M 198 -36.08 30.38 1.07
N THR M 199 -36.39 29.53 0.11
CA THR M 199 -37.26 28.38 0.31
C THR M 199 -36.56 27.14 -0.22
N SER M 200 -36.87 25.99 0.37
CA SER M 200 -36.23 24.74 -0.01
C SER M 200 -37.26 23.61 -0.03
N ALA M 201 -37.01 22.63 -0.89
CA ALA M 201 -37.80 21.41 -0.97
C ALA M 201 -36.85 20.27 -1.23
N VAL M 202 -37.00 19.18 -0.48
CA VAL M 202 -36.14 18.00 -0.60
C VAL M 202 -37.01 16.78 -0.85
N ARG M 203 -36.57 15.92 -1.76
CA ARG M 203 -37.33 14.75 -2.15
C ARG M 203 -36.40 13.54 -2.20
N GLY M 204 -36.96 12.36 -1.98
CA GLY M 204 -36.18 11.15 -2.14
C GLY M 204 -34.98 11.09 -1.22
N LEU M 205 -33.80 10.86 -1.82
CA LEU M 205 -32.60 10.57 -1.04
C LEU M 205 -32.16 11.78 -0.23
N PHE M 206 -32.34 12.99 -0.76
CA PHE M 206 -32.02 14.19 -0.02
C PHE M 206 -32.92 14.34 1.20
N LYS M 207 -34.11 13.74 1.15
CA LYS M 207 -35.05 13.75 2.26
C LYS M 207 -34.64 12.79 3.37
N THR M 208 -34.05 11.65 3.02
CA THR M 208 -33.69 10.64 4.01
C THR M 208 -32.34 10.89 4.66
N ASN M 209 -31.41 11.50 3.95
CA ASN M 209 -30.03 11.69 4.39
C ASN M 209 -29.81 13.16 4.74
N ALA M 210 -29.40 13.43 5.98
CA ALA M 210 -29.13 14.80 6.41
C ALA M 210 -27.80 15.30 5.85
N ALA M 211 -26.81 14.42 5.72
CA ALA M 211 -25.53 14.83 5.13
C ALA M 211 -25.70 15.23 3.67
N SER M 212 -26.50 14.46 2.91
CA SER M 212 -26.68 14.76 1.49
C SER M 212 -27.32 16.13 1.27
N ARG M 213 -28.36 16.44 2.05
CA ARG M 213 -29.01 17.75 1.96
C ARG M 213 -28.07 18.87 2.36
N ALA M 214 -27.28 18.67 3.41
CA ALA M 214 -26.37 19.72 3.86
C ALA M 214 -25.30 20.02 2.82
N GLU M 215 -24.72 18.97 2.22
CA GLU M 215 -23.70 19.17 1.20
C GLU M 215 -24.30 19.85 -0.02
N ALA M 216 -25.47 19.39 -0.46
CA ALA M 216 -26.10 20.00 -1.63
C ALA M 216 -26.36 21.48 -1.38
N LEU M 217 -26.80 21.81 -0.15
CA LEU M 217 -27.03 23.20 0.21
C LEU M 217 -25.74 24.00 0.10
N ASP M 218 -24.62 23.39 0.52
CA ASP M 218 -23.33 24.08 0.43
C ASP M 218 -22.99 24.43 -1.00
N LEU M 219 -23.21 23.50 -1.95
CA LEU M 219 -22.91 23.80 -3.34
C LEU M 219 -23.75 24.97 -3.84
N ILE M 220 -25.01 25.04 -3.40
CA ILE M 220 -25.89 26.10 -3.87
C ILE M 220 -25.39 27.45 -3.37
N LEU M 221 -24.95 27.51 -2.11
CA LEU M 221 -24.42 28.73 -1.51
C LEU M 221 -23.01 29.01 -2.02
N ILE N 34 -30.23 22.80 -44.53
CA ILE N 34 -30.80 21.86 -43.57
C ILE N 34 -30.57 20.43 -44.06
N ARG N 35 -30.07 19.57 -43.17
CA ARG N 35 -29.70 18.20 -43.51
C ARG N 35 -30.43 17.24 -42.57
N VAL N 36 -30.22 15.94 -42.81
CA VAL N 36 -30.85 14.89 -42.01
C VAL N 36 -29.78 13.88 -41.61
N PHE N 37 -29.77 13.52 -40.32
CA PHE N 37 -28.79 12.61 -39.77
C PHE N 37 -29.13 11.17 -40.15
N ASP N 38 -28.14 10.44 -40.65
CA ASP N 38 -28.28 9.03 -41.03
C ASP N 38 -27.71 8.20 -39.88
N GLN N 39 -28.59 7.78 -38.97
CA GLN N 39 -28.12 7.11 -37.76
C GLN N 39 -27.36 5.83 -38.11
N GLN N 40 -27.96 4.98 -38.93
CA GLN N 40 -27.38 3.67 -39.23
C GLN N 40 -26.03 3.80 -39.93
N ARG N 41 -25.91 4.77 -40.84
CA ARG N 41 -24.63 5.00 -41.49
C ARG N 41 -23.58 5.42 -40.48
N ALA N 42 -23.95 6.27 -39.52
CA ALA N 42 -23.01 6.68 -38.49
C ALA N 42 -22.60 5.50 -37.61
N GLU N 43 -23.56 4.66 -37.20
CA GLU N 43 -23.22 3.53 -36.34
C GLU N 43 -22.28 2.58 -37.04
N ALA N 44 -22.53 2.32 -38.33
CA ALA N 44 -21.64 1.44 -39.08
C ALA N 44 -20.24 2.03 -39.16
N ALA N 45 -20.14 3.33 -39.39
CA ALA N 45 -18.83 3.97 -39.48
C ALA N 45 -18.08 3.86 -38.16
N VAL N 46 -18.78 4.04 -37.03
CA VAL N 46 -18.12 3.97 -35.74
C VAL N 46 -17.62 2.56 -35.46
N ARG N 47 -18.40 1.55 -35.84
CA ARG N 47 -17.94 0.17 -35.66
C ARG N 47 -16.69 -0.09 -36.49
N GLU N 48 -16.66 0.42 -37.73
CA GLU N 48 -15.46 0.31 -38.56
C GLU N 48 -14.28 1.03 -37.92
N LEU N 49 -14.55 2.17 -37.30
CA LEU N 49 -13.48 2.94 -36.65
C LEU N 49 -12.88 2.17 -35.48
N LEU N 50 -13.73 1.52 -34.68
CA LEU N 50 -13.23 0.76 -33.54
C LEU N 50 -12.36 -0.40 -33.98
N TYR N 51 -12.75 -1.08 -35.06
CA TYR N 51 -11.91 -2.13 -35.61
C TYR N 51 -10.58 -1.55 -36.11
N ALA N 52 -10.64 -0.40 -36.78
CA ALA N 52 -9.44 0.18 -37.39
C ALA N 52 -8.40 0.54 -36.34
N ILE N 53 -8.83 1.11 -35.21
CA ILE N 53 -7.87 1.53 -34.18
C ILE N 53 -7.32 0.37 -33.38
N GLY N 54 -7.75 -0.86 -33.65
CA GLY N 54 -7.22 -2.01 -32.97
C GLY N 54 -8.01 -2.47 -31.76
N GLU N 55 -9.09 -1.78 -31.42
CA GLU N 55 -9.92 -2.16 -30.28
C GLU N 55 -10.85 -3.31 -30.65
N ASP N 56 -11.48 -3.88 -29.63
CA ASP N 56 -12.44 -4.97 -29.81
C ASP N 56 -13.85 -4.41 -29.61
N PRO N 57 -14.63 -4.25 -30.69
CA PRO N 57 -15.98 -3.66 -30.52
C PRO N 57 -16.92 -4.47 -29.65
N ASP N 58 -16.68 -5.76 -29.47
CA ASP N 58 -17.60 -6.61 -28.74
C ASP N 58 -17.38 -6.62 -27.23
N ARG N 59 -16.30 -6.04 -26.72
CA ARG N 59 -16.11 -5.99 -25.28
C ARG N 59 -17.16 -5.07 -24.64
N ASP N 60 -17.34 -5.21 -23.33
CA ASP N 60 -18.52 -4.63 -22.69
C ASP N 60 -18.46 -3.11 -22.69
N GLY N 61 -17.26 -2.52 -22.64
CA GLY N 61 -17.15 -1.09 -22.69
C GLY N 61 -17.44 -0.46 -24.03
N LEU N 62 -17.68 -1.27 -25.06
CA LEU N 62 -17.86 -0.76 -26.42
C LEU N 62 -19.04 -1.35 -27.16
N VAL N 63 -19.76 -2.32 -26.60
CA VAL N 63 -20.89 -2.89 -27.31
C VAL N 63 -21.88 -1.80 -27.69
N ALA N 64 -22.20 -0.91 -26.74
CA ALA N 64 -23.13 0.18 -26.99
C ALA N 64 -22.45 1.42 -27.54
N THR N 65 -21.13 1.39 -27.73
CA THR N 65 -20.42 2.59 -28.15
C THR N 65 -20.83 3.08 -29.53
N PRO N 66 -20.97 2.22 -30.56
CA PRO N 66 -21.37 2.76 -31.87
C PRO N 66 -22.69 3.51 -31.85
N SER N 67 -23.68 3.03 -31.10
CA SER N 67 -24.96 3.74 -31.04
C SER N 67 -24.84 5.01 -30.20
N ARG N 68 -24.11 4.94 -29.09
CA ARG N 68 -23.97 6.11 -28.22
C ARG N 68 -23.19 7.21 -28.91
N VAL N 69 -22.15 6.85 -29.67
CA VAL N 69 -21.38 7.85 -30.38
C VAL N 69 -22.22 8.51 -31.47
N ALA N 70 -23.03 7.71 -32.17
CA ALA N 70 -23.90 8.28 -33.20
C ALA N 70 -24.88 9.28 -32.57
N ARG N 71 -25.44 8.95 -31.41
CA ARG N 71 -26.35 9.87 -30.75
C ARG N 71 -25.63 11.15 -30.35
N SER N 72 -24.40 11.02 -29.84
CA SER N 72 -23.66 12.22 -29.45
C SER N 72 -23.34 13.07 -30.67
N TYR N 73 -23.07 12.42 -31.82
CA TYR N 73 -22.85 13.16 -33.07
C TYR N 73 -24.11 13.89 -33.53
N ARG N 74 -25.29 13.29 -33.28
CA ARG N 74 -26.54 13.97 -33.62
C ARG N 74 -26.69 15.27 -32.83
N GLU N 75 -26.37 15.24 -31.54
CA GLU N 75 -26.46 16.44 -30.72
C GLU N 75 -25.29 17.38 -30.97
N MET N 76 -24.11 16.82 -31.27
CA MET N 76 -22.93 17.64 -31.52
C MET N 76 -23.06 18.45 -32.81
N PHE N 77 -23.82 17.95 -33.77
CA PHE N 77 -24.06 18.66 -35.02
C PHE N 77 -25.55 18.95 -35.19
N ALA N 78 -26.25 19.16 -34.07
CA ALA N 78 -27.68 19.43 -34.12
C ALA N 78 -28.00 20.68 -34.92
N GLY N 79 -27.04 21.61 -35.05
CA GLY N 79 -27.28 22.81 -35.83
C GLY N 79 -27.51 22.53 -37.29
N LEU N 80 -26.95 21.43 -37.80
CA LEU N 80 -27.14 21.10 -39.21
C LEU N 80 -28.56 20.64 -39.52
N TYR N 81 -29.32 20.22 -38.51
CA TYR N 81 -30.63 19.61 -38.72
C TYR N 81 -31.78 20.54 -38.40
N THR N 82 -31.53 21.64 -37.70
CA THR N 82 -32.54 22.66 -37.43
C THR N 82 -31.96 24.00 -37.84
N ASP N 83 -32.77 24.85 -38.45
CA ASP N 83 -32.31 26.15 -38.89
C ASP N 83 -32.06 27.04 -37.68
N PRO N 84 -30.83 27.52 -37.44
CA PRO N 84 -30.62 28.39 -36.27
C PRO N 84 -31.44 29.66 -36.30
N ASP N 85 -31.71 30.21 -37.49
CA ASP N 85 -32.41 31.49 -37.58
C ASP N 85 -33.86 31.38 -37.15
N SER N 86 -34.46 30.19 -37.31
CA SER N 86 -35.89 30.04 -37.06
C SER N 86 -36.23 30.03 -35.57
N VAL N 87 -35.24 29.87 -34.69
CA VAL N 87 -35.55 29.78 -33.27
C VAL N 87 -35.99 31.14 -32.69
N LEU N 88 -35.48 32.24 -33.23
CA LEU N 88 -35.77 33.56 -32.67
C LEU N 88 -37.26 33.89 -32.76
N ASN N 89 -37.78 34.48 -31.70
CA ASN N 89 -39.17 34.89 -31.61
C ASN N 89 -39.28 36.41 -31.69
N THR N 90 -40.51 36.89 -31.80
CA THR N 90 -40.81 38.30 -32.01
C THR N 90 -41.40 38.90 -30.73
N MET N 91 -40.78 39.98 -30.26
CA MET N 91 -41.27 40.73 -29.11
C MET N 91 -40.85 42.18 -29.29
N PHE N 92 -41.54 43.08 -28.57
CA PHE N 92 -41.25 44.50 -28.68
C PHE N 92 -41.09 45.11 -27.30
N ASP N 93 -40.05 45.91 -27.13
CA ASP N 93 -39.77 46.62 -25.89
C ASP N 93 -40.22 48.08 -26.04
N GLU N 94 -41.34 48.43 -25.41
CA GLU N 94 -41.85 49.79 -25.47
C GLU N 94 -41.29 50.69 -24.37
N ASP N 95 -40.61 50.12 -23.37
CA ASP N 95 -40.14 50.93 -22.24
C ASP N 95 -38.79 51.57 -22.55
N HIS N 96 -37.84 50.77 -23.05
CA HIS N 96 -36.45 51.20 -23.13
C HIS N 96 -35.94 51.00 -24.55
N ASP N 97 -34.91 51.78 -24.91
CA ASP N 97 -34.25 51.62 -26.21
C ASP N 97 -32.74 51.40 -26.08
N GLU N 98 -32.24 51.17 -24.87
CA GLU N 98 -30.80 51.03 -24.67
C GLU N 98 -30.32 49.63 -25.04
N LEU N 99 -29.01 49.42 -24.94
CA LEU N 99 -28.40 48.17 -25.36
C LEU N 99 -28.94 46.98 -24.57
N VAL N 100 -29.22 45.91 -25.31
CA VAL N 100 -29.54 44.61 -24.74
C VAL N 100 -28.27 43.76 -24.82
N LEU N 101 -27.74 43.35 -23.66
CA LEU N 101 -26.49 42.61 -23.60
C LEU N 101 -26.74 41.26 -22.96
N VAL N 102 -26.23 40.20 -23.60
CA VAL N 102 -26.41 38.84 -23.10
C VAL N 102 -25.03 38.20 -22.98
N LYS N 103 -24.68 37.70 -21.80
CA LYS N 103 -23.31 37.27 -21.56
C LYS N 103 -23.27 35.84 -21.01
N GLU N 104 -22.09 35.23 -21.17
CA GLU N 104 -21.83 33.87 -20.70
C GLU N 104 -22.85 32.90 -21.31
N ILE N 105 -23.13 33.07 -22.59
CA ILE N 105 -23.98 32.15 -23.35
C ILE N 105 -23.18 30.87 -23.57
N PRO N 106 -23.67 29.70 -23.13
CA PRO N 106 -22.92 28.46 -23.37
C PRO N 106 -22.67 28.26 -24.86
N MET N 107 -21.42 27.93 -25.19
CA MET N 107 -21.01 27.74 -26.58
C MET N 107 -20.16 26.50 -26.67
N TYR N 108 -20.68 25.47 -27.33
CA TYR N 108 -19.96 24.23 -27.57
C TYR N 108 -19.95 23.96 -29.07
N SER N 109 -18.76 23.87 -29.64
CA SER N 109 -18.62 23.69 -31.09
C SER N 109 -17.53 22.67 -31.34
N THR N 110 -17.32 22.37 -32.62
CA THR N 110 -16.34 21.38 -33.05
C THR N 110 -15.53 21.95 -34.20
N CYS N 111 -14.21 21.92 -34.07
CA CYS N 111 -13.34 22.29 -35.18
C CYS N 111 -13.58 21.32 -36.33
N GLU N 112 -13.78 21.86 -37.55
CA GLU N 112 -14.06 21.01 -38.70
C GLU N 112 -12.82 20.27 -39.19
N HIS N 113 -11.62 20.79 -38.91
CA HIS N 113 -10.40 20.16 -39.42
C HIS N 113 -10.03 18.89 -38.65
N HIS N 114 -10.31 18.85 -37.34
CA HIS N 114 -9.90 17.74 -36.50
C HIS N 114 -11.08 17.07 -35.79
N LEU N 115 -12.29 17.59 -35.95
CA LEU N 115 -13.48 17.06 -35.28
C LEU N 115 -13.23 16.94 -33.77
N VAL N 116 -12.60 17.97 -33.21
CA VAL N 116 -12.31 18.05 -31.78
C VAL N 116 -13.01 19.29 -31.23
N ALA N 117 -13.61 19.15 -30.06
CA ALA N 117 -14.42 20.22 -29.50
C ALA N 117 -13.56 21.40 -29.07
N PHE N 118 -14.09 22.61 -29.28
CA PHE N 118 -13.60 23.82 -28.62
C PHE N 118 -14.81 24.52 -28.01
N HIS N 119 -14.71 24.87 -26.74
CA HIS N 119 -15.87 25.30 -25.95
C HIS N 119 -15.51 26.53 -25.13
N GLY N 120 -16.50 27.37 -24.89
CA GLY N 120 -16.32 28.59 -24.12
C GLY N 120 -17.64 29.31 -23.91
N VAL N 121 -17.66 30.62 -24.13
CA VAL N 121 -18.87 31.40 -23.96
C VAL N 121 -19.02 32.34 -25.14
N ALA N 122 -20.24 32.84 -25.32
CA ALA N 122 -20.54 33.84 -26.33
C ALA N 122 -21.22 35.03 -25.67
N HIS N 123 -21.00 36.22 -26.23
CA HIS N 123 -21.60 37.44 -25.74
C HIS N 123 -22.26 38.17 -26.90
N VAL N 124 -23.56 38.43 -26.77
CA VAL N 124 -24.35 39.03 -27.84
C VAL N 124 -24.95 40.33 -27.32
N GLY N 125 -24.70 41.43 -28.01
CA GLY N 125 -25.31 42.70 -27.68
C GLY N 125 -25.90 43.36 -28.91
N TYR N 126 -27.15 43.78 -28.84
CA TYR N 126 -27.81 44.42 -29.97
C TYR N 126 -28.58 45.64 -29.50
N ILE N 127 -28.66 46.65 -30.38
CA ILE N 127 -29.39 47.89 -30.10
C ILE N 127 -30.75 47.78 -30.79
N PRO N 128 -31.85 47.73 -30.04
CA PRO N 128 -33.16 47.59 -30.68
C PRO N 128 -33.42 48.74 -31.64
N GLY N 129 -34.14 48.44 -32.71
CA GLY N 129 -34.47 49.44 -33.71
C GLY N 129 -35.54 50.39 -33.21
N ASP N 130 -36.02 51.22 -34.13
CA ASP N 130 -37.07 52.18 -33.80
C ASP N 130 -38.33 51.48 -33.34
N ASP N 131 -38.71 50.39 -34.00
CA ASP N 131 -39.88 49.61 -33.61
C ASP N 131 -39.69 48.91 -32.27
N GLY N 132 -38.47 48.84 -31.76
CA GLY N 132 -38.24 48.17 -30.49
C GLY N 132 -38.13 46.67 -30.58
N ARG N 133 -37.88 46.12 -31.76
CA ARG N 133 -37.84 44.66 -31.90
C ARG N 133 -36.76 44.07 -31.01
N VAL N 134 -37.13 43.02 -30.27
CA VAL N 134 -36.23 42.29 -29.39
C VAL N 134 -36.59 40.81 -29.47
N THR N 135 -35.83 39.98 -28.74
CA THR N 135 -36.07 38.55 -28.72
C THR N 135 -35.63 38.00 -27.37
N GLY N 136 -36.10 36.79 -27.08
CA GLY N 136 -35.80 36.19 -25.80
C GLY N 136 -34.34 35.80 -25.66
N LEU N 137 -33.85 35.85 -24.42
CA LEU N 137 -32.48 35.45 -24.16
C LEU N 137 -32.29 33.96 -24.47
N SER N 138 -33.25 33.14 -24.06
CA SER N 138 -33.18 31.70 -24.37
C SER N 138 -33.17 31.47 -25.87
N LYS N 139 -33.83 32.33 -26.63
CA LYS N 139 -33.87 32.18 -28.09
C LYS N 139 -32.52 32.54 -28.70
N ILE N 140 -31.87 33.60 -28.19
CA ILE N 140 -30.52 33.92 -28.65
C ILE N 140 -29.57 32.79 -28.30
N ALA N 141 -29.74 32.20 -27.12
CA ALA N 141 -28.89 31.10 -26.70
C ALA N 141 -29.02 29.91 -27.66
N ARG N 142 -30.25 29.63 -28.12
CA ARG N 142 -30.43 28.53 -29.07
C ARG N 142 -29.80 28.86 -30.42
N LEU N 143 -29.91 30.11 -30.85
CA LEU N 143 -29.28 30.50 -32.11
C LEU N 143 -27.77 30.32 -32.06
N VAL N 144 -27.14 30.77 -30.97
CA VAL N 144 -25.70 30.56 -30.82
C VAL N 144 -25.39 29.07 -30.77
N ASP N 145 -26.18 28.30 -30.03
CA ASP N 145 -25.91 26.88 -29.87
C ASP N 145 -26.01 26.15 -31.20
N LEU N 146 -27.02 26.47 -32.01
CA LEU N 146 -27.23 25.74 -33.25
C LEU N 146 -26.16 26.09 -34.28
N TYR N 147 -25.77 27.36 -34.38
CA TYR N 147 -24.65 27.70 -35.25
C TYR N 147 -23.36 27.06 -34.76
N ALA N 148 -23.21 26.93 -33.43
CA ALA N 148 -22.01 26.32 -32.88
C ALA N 148 -22.02 24.80 -33.04
N LYS N 149 -23.20 24.18 -33.10
CA LYS N 149 -23.33 22.73 -33.19
C LYS N 149 -23.23 22.30 -34.64
N ARG N 150 -22.08 22.58 -35.24
CA ARG N 150 -21.79 22.26 -36.63
C ARG N 150 -20.28 22.07 -36.76
N PRO N 151 -19.82 21.46 -37.84
CA PRO N 151 -18.39 21.58 -38.17
C PRO N 151 -18.08 23.06 -38.42
N GLN N 152 -17.24 23.63 -37.55
CA GLN N 152 -17.14 25.08 -37.47
C GLN N 152 -15.70 25.54 -37.36
N VAL N 153 -15.51 26.80 -37.71
CA VAL N 153 -14.35 27.58 -37.32
C VAL N 153 -14.88 28.78 -36.56
N GLN N 154 -14.22 29.11 -35.44
CA GLN N 154 -14.69 30.17 -34.51
C GLN N 154 -14.98 31.46 -35.26
N GLU N 155 -14.16 31.85 -36.22
CA GLU N 155 -14.31 33.16 -36.90
C GLU N 155 -15.60 33.15 -37.74
N ARG N 156 -15.89 32.03 -38.40
CA ARG N 156 -17.11 31.90 -39.23
C ARG N 156 -18.33 31.83 -38.31
N LEU N 157 -18.21 31.22 -37.14
CA LEU N 157 -19.30 31.16 -36.17
C LEU N 157 -19.68 32.54 -35.68
N THR N 158 -18.70 33.38 -35.36
CA THR N 158 -19.01 34.71 -34.88
C THR N 158 -19.72 35.53 -35.95
N SER N 159 -19.24 35.45 -37.20
CA SER N 159 -19.86 36.22 -38.27
C SER N 159 -21.29 35.75 -38.54
N GLN N 160 -21.52 34.44 -38.48
CA GLN N 160 -22.85 33.91 -38.78
C GLN N 160 -23.87 34.38 -37.76
N ILE N 161 -23.50 34.38 -36.48
CA ILE N 161 -24.42 34.79 -35.42
C ILE N 161 -24.79 36.27 -35.58
N ALA N 162 -23.79 37.11 -35.86
CA ALA N 162 -24.06 38.54 -36.02
C ALA N 162 -24.99 38.78 -37.21
N ASP N 163 -24.76 38.08 -38.32
CA ASP N 163 -25.60 38.27 -39.50
C ASP N 163 -27.04 37.86 -39.23
N ALA N 164 -27.23 36.74 -38.54
CA ALA N 164 -28.58 36.26 -38.25
C ALA N 164 -29.34 37.26 -37.37
N LEU N 165 -28.66 37.83 -36.38
CA LEU N 165 -29.31 38.79 -35.50
C LEU N 165 -29.72 40.05 -36.27
N MET N 166 -28.84 40.53 -37.16
CA MET N 166 -29.18 41.71 -37.97
C MET N 166 -30.42 41.43 -38.83
N LYS N 167 -30.45 40.27 -39.49
CA LYS N 167 -31.53 39.96 -40.41
C LYS N 167 -32.87 39.83 -39.70
N LYS N 168 -32.90 39.21 -38.52
CA LYS N 168 -34.18 38.88 -37.90
C LYS N 168 -34.73 40.05 -37.12
N LEU N 169 -33.87 40.78 -36.41
CA LEU N 169 -34.29 41.85 -35.51
C LEU N 169 -34.31 43.23 -36.16
N ASP N 170 -33.66 43.40 -37.31
CA ASP N 170 -33.43 44.70 -37.91
C ASP N 170 -32.99 45.73 -36.86
N PRO N 171 -31.96 45.43 -36.08
CA PRO N 171 -31.53 46.37 -35.03
C PRO N 171 -30.64 47.46 -35.62
N ARG N 172 -30.37 48.46 -34.78
CA ARG N 172 -29.42 49.49 -35.17
C ARG N 172 -28.00 48.96 -35.21
N GLY N 173 -27.64 48.07 -34.28
CA GLY N 173 -26.31 47.51 -34.26
C GLY N 173 -26.27 46.16 -33.58
N VAL N 174 -25.26 45.38 -33.91
CA VAL N 174 -25.04 44.06 -33.31
C VAL N 174 -23.55 43.85 -33.05
N ILE N 175 -23.23 43.20 -31.94
CA ILE N 175 -21.87 42.81 -31.60
C ILE N 175 -21.89 41.40 -31.01
N VAL N 176 -20.97 40.56 -31.49
CA VAL N 176 -20.83 39.19 -31.02
C VAL N 176 -19.36 38.93 -30.69
N VAL N 177 -19.12 38.33 -29.52
CA VAL N 177 -17.79 38.01 -29.07
C VAL N 177 -17.79 36.56 -28.59
N ILE N 178 -16.80 35.78 -29.05
CA ILE N 178 -16.66 34.39 -28.63
C ILE N 178 -15.29 34.23 -27.98
N GLU N 179 -15.28 33.70 -26.77
CA GLU N 179 -14.06 33.38 -26.03
C GLU N 179 -14.09 31.88 -25.78
N ALA N 180 -13.25 31.13 -26.50
CA ALA N 180 -13.30 29.69 -26.46
C ALA N 180 -11.92 29.08 -26.24
N GLU N 181 -11.91 27.88 -25.65
CA GLU N 181 -10.71 27.10 -25.44
C GLU N 181 -10.63 26.06 -26.55
N HIS N 182 -9.54 26.07 -27.31
CA HIS N 182 -9.33 25.11 -28.38
C HIS N 182 -8.47 23.97 -27.88
N LEU N 183 -8.87 22.75 -28.21
CA LEU N 183 -8.22 21.55 -27.71
C LEU N 183 -7.43 20.82 -28.79
N CYS N 184 -7.48 21.28 -30.04
CA CYS N 184 -6.86 20.51 -31.13
C CYS N 184 -5.38 20.26 -30.85
N MET N 185 -4.62 21.30 -30.53
CA MET N 185 -3.20 21.12 -30.25
C MET N 185 -2.93 20.62 -28.85
N ALA N 186 -3.82 20.88 -27.89
CA ALA N 186 -3.64 20.24 -26.59
C ALA N 186 -3.71 18.73 -26.72
N MET N 187 -4.62 18.23 -27.56
CA MET N 187 -4.71 16.80 -27.82
C MET N 187 -3.43 16.28 -28.49
N ARG N 188 -2.88 17.04 -29.44
CA ARG N 188 -1.64 16.64 -30.10
C ARG N 188 -0.40 17.19 -29.41
N GLY N 189 -0.46 17.35 -28.09
CA GLY N 189 0.65 17.89 -27.32
C GLY N 189 1.55 18.92 -27.96
N VAL N 190 0.97 19.96 -28.59
CA VAL N 190 1.76 21.03 -29.16
C VAL N 190 1.66 22.31 -28.35
N ARG N 191 0.51 22.57 -27.72
CA ARG N 191 0.31 23.77 -26.90
C ARG N 191 -0.27 23.38 -25.56
N LYS N 192 -0.08 24.27 -24.58
CA LYS N 192 -0.64 24.09 -23.26
C LYS N 192 -2.16 24.22 -23.30
N PRO N 193 -2.88 23.34 -22.60
CA PRO N 193 -4.34 23.50 -22.50
C PRO N 193 -4.73 24.78 -21.79
N GLY N 194 -5.91 25.29 -22.12
CA GLY N 194 -6.45 26.48 -21.49
C GLY N 194 -6.28 27.78 -22.24
N SER N 195 -5.57 27.78 -23.37
CA SER N 195 -5.45 28.98 -24.16
C SER N 195 -6.82 29.41 -24.66
N VAL N 196 -7.05 30.72 -24.71
CA VAL N 196 -8.33 31.29 -25.12
C VAL N 196 -8.15 32.07 -26.41
N THR N 197 -8.88 31.65 -27.44
CA THR N 197 -8.98 32.38 -28.70
C THR N 197 -10.20 33.29 -28.64
N THR N 198 -10.03 34.55 -29.02
CA THR N 198 -11.12 35.51 -28.97
C THR N 198 -11.42 36.05 -30.36
N THR N 199 -12.71 36.05 -30.73
CA THR N 199 -13.16 36.57 -32.01
C THR N 199 -14.30 37.56 -31.78
N SER N 200 -14.44 38.53 -32.69
CA SER N 200 -15.48 39.53 -32.58
C SER N 200 -16.06 39.81 -33.96
N ALA N 201 -17.33 40.22 -33.97
CA ALA N 201 -18.02 40.62 -35.18
C ALA N 201 -18.92 41.81 -34.84
N VAL N 202 -18.88 42.85 -35.67
CA VAL N 202 -19.64 44.07 -35.42
C VAL N 202 -20.47 44.37 -36.67
N ARG N 203 -21.72 44.77 -36.44
CA ARG N 203 -22.63 45.05 -37.54
C ARG N 203 -23.37 46.35 -37.24
N GLY N 204 -23.81 47.02 -38.30
CA GLY N 204 -24.63 48.21 -38.12
C GLY N 204 -23.90 49.31 -37.36
N LEU N 205 -24.53 49.80 -36.30
CA LEU N 205 -24.02 50.97 -35.59
C LEU N 205 -22.65 50.72 -34.97
N PHE N 206 -22.41 49.52 -34.47
CA PHE N 206 -21.09 49.22 -33.93
C PHE N 206 -20.02 49.27 -35.00
N LYS N 207 -20.41 49.00 -36.25
CA LYS N 207 -19.47 49.02 -37.36
C LYS N 207 -19.14 50.43 -37.80
N THR N 208 -20.12 51.35 -37.73
CA THR N 208 -19.90 52.69 -38.24
C THR N 208 -19.19 53.58 -37.22
N ASN N 209 -19.45 53.36 -35.93
CA ASN N 209 -18.90 54.19 -34.86
C ASN N 209 -17.89 53.37 -34.07
N ALA N 210 -16.65 53.84 -34.03
CA ALA N 210 -15.62 53.15 -33.25
C ALA N 210 -15.79 53.40 -31.76
N ALA N 211 -16.25 54.59 -31.36
CA ALA N 211 -16.48 54.86 -29.95
C ALA N 211 -17.55 53.95 -29.39
N SER N 212 -18.64 53.76 -30.14
CA SER N 212 -19.71 52.87 -29.67
C SER N 212 -19.21 51.43 -29.57
N ARG N 213 -18.41 50.99 -30.54
CA ARG N 213 -17.85 49.65 -30.48
C ARG N 213 -16.94 49.47 -29.27
N ALA N 214 -16.16 50.49 -28.94
CA ALA N 214 -15.23 50.38 -27.82
C ALA N 214 -15.98 50.19 -26.50
N GLU N 215 -17.08 50.93 -26.30
CA GLU N 215 -17.84 50.81 -25.07
C GLU N 215 -18.47 49.42 -24.91
N ALA N 216 -19.11 48.93 -25.97
CA ALA N 216 -19.73 47.60 -25.90
C ALA N 216 -18.67 46.54 -25.63
N LEU N 217 -17.51 46.66 -26.29
CA LEU N 217 -16.42 45.73 -26.07
C LEU N 217 -15.95 45.76 -24.62
N ASP N 218 -15.86 46.96 -24.04
CA ASP N 218 -15.40 47.09 -22.67
C ASP N 218 -16.33 46.37 -21.70
N LEU N 219 -17.64 46.47 -21.91
CA LEU N 219 -18.60 45.77 -21.06
C LEU N 219 -18.42 44.26 -21.14
N ILE N 220 -18.10 43.76 -22.34
CA ILE N 220 -17.94 42.33 -22.58
C ILE N 220 -16.71 41.77 -21.88
N LEU N 221 -15.60 42.51 -21.88
CA LEU N 221 -14.41 41.94 -21.28
C LEU N 221 -14.53 41.85 -19.75
N ARG N 222 -15.25 42.79 -19.13
CA ARG N 222 -15.41 42.77 -17.68
C ARG N 222 -16.02 41.43 -17.25
N LYS N 223 -15.41 40.81 -16.24
CA LYS N 223 -15.87 39.52 -15.74
C LYS N 223 -16.82 39.71 -14.56
N GLN O 40 -38.77 85.10 23.30
CA GLN O 40 -38.07 86.34 23.66
C GLN O 40 -37.32 86.15 24.97
N ARG O 41 -37.97 85.46 25.92
CA ARG O 41 -37.32 85.13 27.17
C ARG O 41 -36.13 84.21 26.95
N ALA O 42 -36.28 83.24 26.05
CA ALA O 42 -35.17 82.33 25.75
C ALA O 42 -33.99 83.06 25.14
N GLU O 43 -34.26 83.98 24.19
CA GLU O 43 -33.17 84.73 23.56
C GLU O 43 -32.45 85.59 24.59
N ALA O 44 -33.19 86.25 25.49
CA ALA O 44 -32.57 87.03 26.55
C ALA O 44 -31.74 86.13 27.47
N ALA O 45 -32.25 84.94 27.77
CA ALA O 45 -31.53 84.02 28.66
C ALA O 45 -30.18 83.62 28.06
N VAL O 46 -30.14 83.37 26.75
CA VAL O 46 -28.88 82.98 26.13
C VAL O 46 -27.88 84.14 26.21
N ARG O 47 -28.36 85.36 26.03
CA ARG O 47 -27.49 86.53 26.17
C ARG O 47 -26.94 86.62 27.59
N GLU O 48 -27.77 86.28 28.58
CA GLU O 48 -27.29 86.23 29.96
C GLU O 48 -26.18 85.21 30.12
N LEU O 49 -26.32 84.06 29.45
CA LEU O 49 -25.30 83.02 29.53
C LEU O 49 -24.00 83.44 28.88
N LEU O 50 -24.07 84.15 27.74
CA LEU O 50 -22.85 84.61 27.08
C LEU O 50 -22.09 85.62 27.93
N TYR O 51 -22.80 86.52 28.61
CA TYR O 51 -22.13 87.41 29.54
C TYR O 51 -21.47 86.62 30.66
N ALA O 52 -22.16 85.60 31.17
CA ALA O 52 -21.65 84.85 32.31
C ALA O 52 -20.34 84.15 31.97
N ILE O 53 -20.25 83.55 30.79
CA ILE O 53 -19.03 82.83 30.41
C ILE O 53 -17.90 83.76 30.00
N GLY O 54 -18.14 85.08 30.00
CA GLY O 54 -17.11 86.04 29.69
C GLY O 54 -17.09 86.53 28.26
N GLU O 55 -17.97 86.03 27.41
CA GLU O 55 -18.00 86.49 26.03
C GLU O 55 -18.72 87.84 25.93
N ASP O 56 -18.60 88.46 24.77
CA ASP O 56 -19.31 89.70 24.49
C ASP O 56 -20.49 89.37 23.59
N PRO O 57 -21.74 89.40 24.07
CA PRO O 57 -22.86 89.05 23.18
C PRO O 57 -22.97 89.95 21.98
N ASP O 58 -22.36 91.14 22.04
CA ASP O 58 -22.44 92.10 20.95
C ASP O 58 -21.43 91.85 19.85
N ARG O 59 -20.46 90.95 20.05
CA ARG O 59 -19.52 90.68 18.97
C ARG O 59 -20.26 89.98 17.83
N ASP O 60 -19.63 89.99 16.66
CA ASP O 60 -20.34 89.63 15.42
C ASP O 60 -20.69 88.15 15.39
N GLY O 61 -19.87 87.29 15.99
CA GLY O 61 -20.17 85.87 15.98
C GLY O 61 -21.23 85.42 16.94
N LEU O 62 -21.70 86.31 17.82
CA LEU O 62 -22.71 85.97 18.80
C LEU O 62 -23.95 86.83 18.72
N VAL O 63 -24.04 87.74 17.75
CA VAL O 63 -25.22 88.60 17.64
C VAL O 63 -26.46 87.75 17.35
N ALA O 64 -26.34 86.77 16.46
CA ALA O 64 -27.44 85.88 16.13
C ALA O 64 -27.49 84.64 17.02
N THR O 65 -26.49 84.47 17.90
CA THR O 65 -26.44 83.25 18.69
C THR O 65 -27.62 83.08 19.64
N PRO O 66 -28.08 84.10 20.36
CA PRO O 66 -29.19 83.88 21.30
C PRO O 66 -30.47 83.30 20.68
N SER O 67 -30.85 83.75 19.47
CA SER O 67 -32.06 83.20 18.85
C SER O 67 -31.81 81.79 18.34
N ARG O 68 -30.63 81.55 17.77
CA ARG O 68 -30.29 80.23 17.24
C ARG O 68 -30.20 79.20 18.36
N VAL O 69 -29.68 79.61 19.52
CA VAL O 69 -29.55 78.70 20.65
C VAL O 69 -30.91 78.33 21.22
N ALA O 70 -31.82 79.30 21.31
CA ALA O 70 -33.15 79.00 21.83
C ALA O 70 -33.85 77.95 20.96
N ARG O 71 -33.75 78.10 19.64
CA ARG O 71 -34.34 77.12 18.74
C ARG O 71 -33.66 75.77 18.86
N SER O 72 -32.33 75.74 19.03
CA SER O 72 -31.62 74.47 19.12
C SER O 72 -32.06 73.65 20.32
N TYR O 73 -32.37 74.30 21.45
CA TYR O 73 -32.82 73.55 22.62
C TYR O 73 -34.18 72.88 22.38
N ARG O 74 -35.06 73.56 21.64
CA ARG O 74 -36.37 73.00 21.27
C ARG O 74 -36.22 71.78 20.39
N GLU O 75 -35.30 71.83 19.40
CA GLU O 75 -35.10 70.65 18.57
C GLU O 75 -34.39 69.57 19.37
N MET O 76 -33.49 69.97 20.27
CA MET O 76 -32.78 69.00 21.09
C MET O 76 -33.70 68.28 22.07
N PHE O 77 -34.79 68.92 22.49
CA PHE O 77 -35.76 68.33 23.40
C PHE O 77 -37.13 68.20 22.75
N ALA O 78 -37.17 67.99 21.44
CA ALA O 78 -38.45 67.89 20.74
C ALA O 78 -39.31 66.75 21.27
N GLY O 79 -38.67 65.72 21.85
CA GLY O 79 -39.43 64.58 22.33
C GLY O 79 -40.34 64.91 23.51
N LEU O 80 -39.99 65.94 24.28
CA LEU O 80 -40.81 66.31 25.42
C LEU O 80 -42.14 66.94 25.02
N TYR O 81 -42.28 67.40 23.78
CA TYR O 81 -43.45 68.15 23.36
C TYR O 81 -44.43 67.33 22.53
N THR O 82 -44.01 66.16 22.04
CA THR O 82 -44.86 65.26 21.30
C THR O 82 -44.72 63.87 21.89
N ASP O 83 -45.82 63.12 21.96
CA ASP O 83 -45.77 61.75 22.46
C ASP O 83 -45.10 60.87 21.39
N PRO O 84 -43.95 60.25 21.68
CA PRO O 84 -43.31 59.41 20.65
C PRO O 84 -44.18 58.25 20.17
N ASP O 85 -45.03 57.71 21.04
CA ASP O 85 -45.78 56.50 20.68
C ASP O 85 -46.81 56.77 19.58
N SER O 86 -47.33 57.99 19.48
CA SER O 86 -48.40 58.29 18.56
C SER O 86 -47.95 58.36 17.10
N VAL O 87 -46.66 58.45 16.82
CA VAL O 87 -46.22 58.59 15.43
C VAL O 87 -46.43 57.31 14.64
N LEU O 88 -46.37 56.14 15.28
CA LEU O 88 -46.47 54.88 14.57
C LEU O 88 -47.82 54.74 13.90
N ASN O 89 -47.82 54.22 12.68
CA ASN O 89 -49.04 53.99 11.92
C ASN O 89 -49.35 52.50 11.90
N THR O 90 -50.57 52.17 11.47
CA THR O 90 -51.07 50.79 11.53
C THR O 90 -51.11 50.18 10.14
N MET O 91 -50.46 49.02 10.00
CA MET O 91 -50.46 48.28 8.75
C MET O 91 -50.35 46.81 9.10
N PHE O 92 -50.71 45.95 8.15
CA PHE O 92 -50.67 44.52 8.41
C PHE O 92 -49.96 43.80 7.28
N ASP O 93 -49.06 42.89 7.64
CA ASP O 93 -48.37 42.00 6.71
C ASP O 93 -49.06 40.65 6.85
N GLU O 94 -49.92 40.32 5.88
CA GLU O 94 -50.69 39.07 5.90
C GLU O 94 -49.93 37.93 5.25
N ASP O 95 -48.86 38.22 4.51
CA ASP O 95 -48.11 37.22 3.77
C ASP O 95 -47.04 36.53 4.61
N HIS O 96 -46.39 37.27 5.51
CA HIS O 96 -45.10 36.86 6.04
C HIS O 96 -45.15 36.63 7.55
N ASP O 97 -44.18 35.83 8.03
CA ASP O 97 -43.97 35.59 9.45
C ASP O 97 -42.54 35.91 9.88
N GLU O 98 -41.75 36.54 9.03
CA GLU O 98 -40.33 36.74 9.29
C GLU O 98 -40.07 37.99 10.14
N LEU O 99 -38.84 38.07 10.63
CA LEU O 99 -38.41 39.20 11.44
C LEU O 99 -38.38 40.48 10.62
N VAL O 100 -38.85 41.57 11.20
CA VAL O 100 -38.68 42.90 10.62
C VAL O 100 -37.53 43.60 11.32
N LEU O 101 -36.48 43.95 10.57
CA LEU O 101 -35.30 44.57 11.12
C LEU O 101 -35.05 45.91 10.47
N VAL O 102 -34.87 46.94 11.29
CA VAL O 102 -34.59 48.30 10.84
C VAL O 102 -33.29 48.73 11.51
N LYS O 103 -32.29 49.10 10.71
CA LYS O 103 -30.95 49.32 11.24
C LYS O 103 -30.38 50.66 10.79
N GLU O 104 -29.36 51.11 11.51
CA GLU O 104 -28.69 52.37 11.22
C GLU O 104 -29.67 53.54 11.26
N ILE O 105 -30.54 53.51 12.26
CA ILE O 105 -31.46 54.63 12.53
C ILE O 105 -30.68 55.79 13.15
N PRO O 106 -30.73 56.99 12.58
CA PRO O 106 -30.03 58.12 13.21
C PRO O 106 -30.50 58.31 14.65
N MET O 107 -29.55 58.50 15.54
CA MET O 107 -29.83 58.65 16.97
C MET O 107 -29.00 59.80 17.50
N TYR O 108 -29.64 60.91 17.85
CA TYR O 108 -28.97 62.05 18.46
C TYR O 108 -29.68 62.41 19.75
N SER O 109 -28.95 62.33 20.86
CA SER O 109 -29.53 62.51 22.18
C SER O 109 -28.59 63.36 23.03
N THR O 110 -29.03 63.64 24.26
CA THR O 110 -28.31 64.50 25.18
C THR O 110 -28.26 63.86 26.55
N CYS O 111 -27.06 63.79 27.12
CA CYS O 111 -26.92 63.32 28.49
C CYS O 111 -27.68 64.24 29.44
N GLU O 112 -28.51 63.64 30.29
CA GLU O 112 -29.32 64.47 31.18
C GLU O 112 -28.51 65.12 32.29
N HIS O 113 -27.34 64.56 32.62
CA HIS O 113 -26.55 65.10 33.72
C HIS O 113 -25.76 66.34 33.30
N HIS O 114 -25.29 66.37 32.05
CA HIS O 114 -24.40 67.44 31.60
C HIS O 114 -24.92 68.20 30.38
N LEU O 115 -26.04 67.81 29.80
CA LEU O 115 -26.55 68.44 28.58
C LEU O 115 -25.49 68.46 27.48
N VAL O 116 -24.79 67.33 27.32
CA VAL O 116 -23.76 67.17 26.29
C VAL O 116 -24.24 66.05 25.38
N ALA O 117 -24.03 66.22 24.08
CA ALA O 117 -24.56 65.27 23.13
C ALA O 117 -23.87 63.90 23.22
N PHE O 118 -24.66 62.84 23.05
CA PHE O 118 -24.15 61.52 22.72
C PHE O 118 -24.96 61.04 21.52
N HIS O 119 -24.25 60.62 20.46
CA HIS O 119 -24.90 60.38 19.17
C HIS O 119 -24.37 59.10 18.55
N GLY O 120 -25.22 58.43 17.79
CA GLY O 120 -24.86 57.19 17.12
C GLY O 120 -26.00 56.68 16.26
N VAL O 121 -26.27 55.37 16.34
CA VAL O 121 -27.35 54.75 15.59
C VAL O 121 -28.11 53.80 16.50
N ALA O 122 -29.33 53.47 16.07
CA ALA O 122 -30.17 52.51 16.78
C ALA O 122 -30.57 51.40 15.82
N HIS O 123 -30.77 50.21 16.38
CA HIS O 123 -31.17 49.04 15.60
C HIS O 123 -32.40 48.44 16.28
N VAL O 124 -33.49 48.30 15.53
CA VAL O 124 -34.76 47.82 16.07
C VAL O 124 -35.17 46.58 15.29
N GLY O 125 -35.46 45.50 16.02
CA GLY O 125 -35.99 44.30 15.39
C GLY O 125 -37.23 43.82 16.14
N TYR O 126 -38.32 43.56 15.42
CA TYR O 126 -39.54 43.05 16.04
C TYR O 126 -40.10 41.93 15.19
N ILE O 127 -40.70 40.94 15.85
CA ILE O 127 -41.35 39.83 15.16
C ILE O 127 -42.87 40.10 15.21
N PRO O 128 -43.52 40.33 14.07
CA PRO O 128 -44.95 40.70 14.12
C PRO O 128 -45.79 39.64 14.81
N GLY O 129 -46.86 40.09 15.45
CA GLY O 129 -47.76 39.20 16.14
C GLY O 129 -48.62 38.40 15.16
N ASP O 130 -49.57 37.67 15.75
CA ASP O 130 -50.44 36.82 14.94
C ASP O 130 -51.27 37.65 13.97
N ASP O 131 -51.77 38.80 14.41
CA ASP O 131 -52.55 39.67 13.54
C ASP O 131 -51.74 40.24 12.39
N GLY O 132 -50.42 40.11 12.44
CA GLY O 132 -49.58 40.64 11.39
C GLY O 132 -49.32 42.12 11.48
N ARG O 133 -49.58 42.74 12.63
CA ARG O 133 -49.41 44.17 12.77
C ARG O 133 -47.95 44.56 12.55
N VAL O 134 -47.75 45.60 11.74
CA VAL O 134 -46.45 46.17 11.43
C VAL O 134 -46.61 47.68 11.32
N THR O 135 -45.50 48.35 11.05
CA THR O 135 -45.51 49.80 10.93
C THR O 135 -44.41 50.22 9.97
N GLY O 136 -44.50 51.47 9.50
CA GLY O 136 -43.53 51.94 8.54
C GLY O 136 -42.16 52.11 9.14
N LEU O 137 -41.15 51.92 8.27
CA LEU O 137 -39.76 52.08 8.68
C LEU O 137 -39.51 53.51 9.16
N SER O 138 -40.01 54.48 8.40
CA SER O 138 -39.87 55.88 8.76
C SER O 138 -40.55 56.19 10.08
N LYS O 139 -41.64 55.48 10.40
CA LYS O 139 -42.34 55.75 11.65
C LYS O 139 -41.52 55.31 12.85
N ILE O 140 -40.88 54.14 12.76
CA ILE O 140 -40.00 53.69 13.84
C ILE O 140 -38.82 54.63 14.00
N ALA O 141 -38.29 55.14 12.89
CA ALA O 141 -37.17 56.07 12.97
C ALA O 141 -37.57 57.31 13.75
N ARG O 142 -38.78 57.83 13.50
CA ARG O 142 -39.22 59.01 14.23
C ARG O 142 -39.42 58.69 15.70
N LEU O 143 -39.90 57.49 16.01
CA LEU O 143 -40.06 57.10 17.41
C LEU O 143 -38.72 57.13 18.14
N VAL O 144 -37.69 56.55 17.51
CA VAL O 144 -36.36 56.61 18.11
C VAL O 144 -35.91 58.05 18.27
N ASP O 145 -36.16 58.88 17.26
CA ASP O 145 -35.72 60.26 17.32
C ASP O 145 -36.39 61.00 18.47
N LEU O 146 -37.69 60.78 18.67
CA LEU O 146 -38.41 61.53 19.69
C LEU O 146 -38.01 61.09 21.10
N TYR O 147 -37.85 59.79 21.33
CA TYR O 147 -37.34 59.35 22.62
C TYR O 147 -35.92 59.80 22.85
N ALA O 148 -35.09 59.84 21.80
CA ALA O 148 -33.70 60.23 21.97
C ALA O 148 -33.55 61.73 22.20
N LYS O 149 -34.47 62.53 21.66
CA LYS O 149 -34.38 63.99 21.78
C LYS O 149 -35.02 64.46 23.09
N ARG O 150 -34.41 64.00 24.18
CA ARG O 150 -34.81 64.32 25.53
C ARG O 150 -33.55 64.28 26.39
N PRO O 151 -33.58 64.86 27.59
CA PRO O 151 -32.54 64.54 28.58
C PRO O 151 -32.57 63.06 28.87
N GLN O 152 -31.49 62.37 28.52
CA GLN O 152 -31.54 60.92 28.44
C GLN O 152 -30.30 60.27 29.05
N VAL O 153 -30.45 59.00 29.40
CA VAL O 153 -29.37 58.07 29.65
C VAL O 153 -29.54 56.92 28.68
N GLN O 154 -28.44 56.48 28.05
CA GLN O 154 -28.57 55.55 26.92
C GLN O 154 -29.35 54.30 27.31
N GLU O 155 -29.15 53.81 28.54
CA GLU O 155 -29.90 52.63 28.97
C GLU O 155 -31.40 52.91 29.03
N ARG O 156 -31.79 54.06 29.58
CA ARG O 156 -33.21 54.39 29.63
C ARG O 156 -33.78 54.54 28.23
N LEU O 157 -33.02 55.15 27.31
CA LEU O 157 -33.50 55.34 25.96
C LEU O 157 -33.78 54.01 25.28
N THR O 158 -32.87 53.05 25.45
CA THR O 158 -33.04 51.75 24.81
C THR O 158 -34.28 51.04 25.33
N SER O 159 -34.46 51.05 26.65
CA SER O 159 -35.62 50.37 27.23
C SER O 159 -36.92 51.05 26.81
N GLN O 160 -36.93 52.38 26.75
CA GLN O 160 -38.15 53.09 26.38
C GLN O 160 -38.57 52.76 24.96
N ILE O 161 -37.60 52.66 24.03
CA ILE O 161 -37.92 52.33 22.66
C ILE O 161 -38.53 50.93 22.58
N ALA O 162 -37.93 49.97 23.29
CA ALA O 162 -38.44 48.61 23.29
C ALA O 162 -39.85 48.55 23.87
N ASP O 163 -40.10 49.28 24.95
CA ASP O 163 -41.42 49.26 25.57
C ASP O 163 -42.48 49.83 24.64
N ALA O 164 -42.15 50.93 23.94
CA ALA O 164 -43.12 51.54 23.05
C ALA O 164 -43.49 50.59 21.92
N LEU O 165 -42.51 49.91 21.34
CA LEU O 165 -42.78 48.96 20.26
C LEU O 165 -43.65 47.81 20.75
N MET O 166 -43.36 47.30 21.95
CA MET O 166 -44.21 46.25 22.53
C MET O 166 -45.63 46.76 22.73
N LYS O 167 -45.79 47.97 23.24
CA LYS O 167 -47.11 48.48 23.56
C LYS O 167 -47.96 48.67 22.32
N LYS O 168 -47.37 49.20 21.26
CA LYS O 168 -48.13 49.63 20.09
C LYS O 168 -48.36 48.50 19.09
N LEU O 169 -47.33 47.66 18.88
CA LEU O 169 -47.37 46.63 17.84
C LEU O 169 -47.88 45.29 18.36
N ASP O 170 -47.90 45.08 19.68
CA ASP O 170 -48.20 43.79 20.30
C ASP O 170 -47.47 42.67 19.56
N PRO O 171 -46.15 42.78 19.42
CA PRO O 171 -45.40 41.76 18.67
C PRO O 171 -45.07 40.55 19.54
N ARG O 172 -44.55 39.52 18.87
CA ARG O 172 -44.06 38.35 19.59
C ARG O 172 -42.77 38.67 20.34
N GLY O 173 -41.90 39.50 19.75
CA GLY O 173 -40.65 39.88 20.39
C GLY O 173 -40.15 41.20 19.86
N VAL O 174 -39.33 41.85 20.68
CA VAL O 174 -38.69 43.12 20.31
C VAL O 174 -37.26 43.13 20.83
N ILE O 175 -36.36 43.70 20.03
CA ILE O 175 -34.98 43.91 20.44
C ILE O 175 -34.54 45.30 19.96
N VAL O 176 -33.87 46.05 20.84
CA VAL O 176 -33.36 47.38 20.54
C VAL O 176 -31.91 47.44 20.97
N VAL O 177 -31.04 47.94 20.10
CA VAL O 177 -29.63 48.10 20.40
C VAL O 177 -29.23 49.50 19.96
N ILE O 178 -28.55 50.24 20.83
CA ILE O 178 -28.07 51.58 20.54
C ILE O 178 -26.55 51.56 20.67
N GLU O 179 -25.86 52.05 19.65
CA GLU O 179 -24.41 52.21 19.64
C GLU O 179 -24.10 53.69 19.45
N ALA O 180 -23.69 54.35 20.54
CA ALA O 180 -23.50 55.79 20.53
C ALA O 180 -22.16 56.16 21.14
N GLU O 181 -21.63 57.30 20.72
CA GLU O 181 -20.39 57.85 21.24
C GLU O 181 -20.74 58.91 22.29
N HIS O 182 -20.23 58.74 23.50
CA HIS O 182 -20.48 59.69 24.57
C HIS O 182 -19.34 60.69 24.65
N LEU O 183 -19.69 61.96 24.84
CA LEU O 183 -18.72 63.03 24.82
C LEU O 183 -18.46 63.64 26.19
N CYS O 184 -19.25 63.26 27.20
CA CYS O 184 -19.17 63.93 28.50
C CYS O 184 -17.78 63.83 29.10
N MET O 185 -17.25 62.61 29.19
CA MET O 185 -15.94 62.44 29.82
C MET O 185 -14.79 62.65 28.86
N ALA O 186 -14.99 62.42 27.56
CA ALA O 186 -13.92 62.73 26.61
C ALA O 186 -13.60 64.22 26.62
N MET O 187 -14.62 65.07 26.75
CA MET O 187 -14.40 66.51 26.86
C MET O 187 -13.56 66.86 28.08
N ARG O 188 -13.80 66.20 29.21
CA ARG O 188 -13.04 66.47 30.42
C ARG O 188 -11.79 65.62 30.54
N GLY O 189 -11.18 65.26 29.42
CA GLY O 189 -10.05 64.35 29.39
C GLY O 189 -10.06 63.25 30.42
N VAL O 190 -11.19 62.57 30.59
CA VAL O 190 -11.29 61.45 31.51
C VAL O 190 -11.34 60.11 30.79
N ARG O 191 -11.88 60.06 29.59
CA ARG O 191 -12.00 58.85 28.79
C ARG O 191 -11.46 59.10 27.39
N LYS O 192 -11.13 58.01 26.71
CA LYS O 192 -10.61 58.11 25.36
C LYS O 192 -11.68 58.66 24.41
N PRO O 193 -11.31 59.58 23.52
CA PRO O 193 -12.27 60.01 22.49
C PRO O 193 -12.57 58.86 21.53
N GLY O 194 -13.81 58.85 21.04
CA GLY O 194 -14.21 57.84 20.08
C GLY O 194 -14.85 56.60 20.67
N SER O 195 -14.90 56.48 21.99
CA SER O 195 -15.51 55.31 22.60
C SER O 195 -16.98 55.18 22.21
N VAL O 196 -17.42 53.95 21.93
CA VAL O 196 -18.79 53.69 21.53
C VAL O 196 -19.40 52.81 22.62
N THR O 197 -20.46 53.29 23.25
CA THR O 197 -21.20 52.53 24.23
C THR O 197 -22.33 51.78 23.54
N THR O 198 -22.50 50.51 23.87
CA THR O 198 -23.56 49.68 23.30
C THR O 198 -24.48 49.22 24.41
N THR O 199 -25.78 49.42 24.21
CA THR O 199 -26.80 49.01 25.16
C THR O 199 -27.89 48.24 24.41
N SER O 200 -28.55 47.32 25.11
CA SER O 200 -29.58 46.50 24.49
C SER O 200 -30.75 46.35 25.43
N ALA O 201 -31.93 46.16 24.84
CA ALA O 201 -33.16 45.88 25.58
C ALA O 201 -33.93 44.85 24.78
N VAL O 202 -34.42 43.80 25.46
CA VAL O 202 -35.13 42.71 24.81
C VAL O 202 -36.48 42.53 25.49
N ARG O 203 -37.50 42.27 24.69
CA ARG O 203 -38.86 42.12 25.20
C ARG O 203 -39.48 40.90 24.54
N GLY O 204 -40.43 40.28 25.22
CA GLY O 204 -41.13 39.16 24.61
C GLY O 204 -40.20 38.01 24.29
N LEU O 205 -40.24 37.58 23.03
CA LEU O 205 -39.55 36.34 22.65
C LEU O 205 -38.05 36.46 22.83
N PHE O 206 -37.46 37.61 22.48
CA PHE O 206 -36.04 37.78 22.65
C PHE O 206 -35.65 37.81 24.13
N LYS O 207 -36.58 38.19 25.00
CA LYS O 207 -36.32 38.21 26.43
C LYS O 207 -36.40 36.82 27.06
N THR O 208 -37.32 35.98 26.58
CA THR O 208 -37.51 34.66 27.16
C THR O 208 -36.57 33.62 26.55
N ASN O 209 -36.17 33.79 25.30
CA ASN O 209 -35.37 32.84 24.56
C ASN O 209 -33.95 33.39 24.41
N ALA O 210 -32.96 32.65 24.94
CA ALA O 210 -31.58 33.10 24.80
C ALA O 210 -31.05 32.86 23.40
N ALA O 211 -31.46 31.74 22.78
CA ALA O 211 -31.03 31.47 21.41
C ALA O 211 -31.55 32.52 20.45
N SER O 212 -32.82 32.91 20.60
CA SER O 212 -33.39 33.91 19.70
C SER O 212 -32.73 35.27 19.88
N ARG O 213 -32.49 35.70 21.13
CA ARG O 213 -31.81 36.97 21.32
C ARG O 213 -30.41 36.92 20.75
N ALA O 214 -29.72 35.79 20.93
CA ALA O 214 -28.35 35.66 20.46
C ALA O 214 -28.27 35.80 18.95
N GLU O 215 -29.22 35.17 18.23
CA GLU O 215 -29.18 35.28 16.78
C GLU O 215 -29.40 36.73 16.37
N ALA O 216 -30.44 37.36 16.93
CA ALA O 216 -30.77 38.74 16.54
C ALA O 216 -29.61 39.68 16.84
N LEU O 217 -28.97 39.54 17.99
CA LEU O 217 -27.83 40.39 18.33
C LEU O 217 -26.71 40.24 17.33
N ASP O 218 -26.44 39.01 16.89
CA ASP O 218 -25.40 38.79 15.90
C ASP O 218 -25.75 39.48 14.59
N LEU O 219 -27.02 39.43 14.19
CA LEU O 219 -27.46 40.12 12.99
C LEU O 219 -27.27 41.63 13.13
N ILE O 220 -27.45 42.16 14.33
CA ILE O 220 -27.35 43.60 14.55
C ILE O 220 -25.90 44.05 14.36
N LEU O 221 -24.95 43.24 14.84
CA LEU O 221 -23.53 43.58 14.77
C LEU O 221 -22.97 43.48 13.35
N ARG O 222 -23.51 42.59 12.53
CA ARG O 222 -23.10 42.51 11.14
C ARG O 222 -23.52 43.78 10.41
N LYS O 223 -22.57 44.41 9.72
CA LYS O 223 -22.83 45.69 9.05
C LYS O 223 -23.75 45.51 7.85
N VAL P 36 -59.66 60.59 -7.19
CA VAL P 36 -60.29 59.86 -6.08
C VAL P 36 -60.35 58.37 -6.38
N PHE P 37 -59.88 57.58 -5.41
CA PHE P 37 -59.86 56.13 -5.53
C PHE P 37 -61.26 55.58 -5.21
N ASP P 38 -61.85 54.87 -6.17
CA ASP P 38 -63.09 54.14 -5.97
C ASP P 38 -62.73 52.69 -5.68
N GLN P 39 -62.80 52.30 -4.41
CA GLN P 39 -62.32 50.97 -4.02
C GLN P 39 -63.14 49.86 -4.67
N GLN P 40 -64.47 49.98 -4.64
CA GLN P 40 -65.31 48.90 -5.17
C GLN P 40 -65.07 48.73 -6.67
N ARG P 41 -64.87 49.83 -7.39
CA ARG P 41 -64.61 49.73 -8.83
C ARG P 41 -63.33 48.97 -9.09
N ALA P 42 -62.28 49.20 -8.29
CA ALA P 42 -61.03 48.49 -8.46
C ALA P 42 -61.21 46.99 -8.18
N GLU P 43 -61.93 46.64 -7.11
CA GLU P 43 -62.10 45.23 -6.78
C GLU P 43 -62.85 44.49 -7.88
N ALA P 44 -63.88 45.10 -8.44
CA ALA P 44 -64.61 44.45 -9.53
C ALA P 44 -63.71 44.20 -10.73
N ALA P 45 -62.87 45.17 -11.06
CA ALA P 45 -61.95 45.00 -12.20
C ALA P 45 -60.97 43.87 -11.96
N VAL P 46 -60.44 43.75 -10.73
CA VAL P 46 -59.46 42.72 -10.45
C VAL P 46 -60.08 41.32 -10.57
N ARG P 47 -61.30 41.15 -10.08
CA ARG P 47 -61.97 39.86 -10.20
C ARG P 47 -62.21 39.50 -11.65
N GLU P 48 -62.62 40.50 -12.46
CA GLU P 48 -62.78 40.27 -13.90
C GLU P 48 -61.46 39.89 -14.54
N LEU P 49 -60.36 40.50 -14.09
CA LEU P 49 -59.04 40.18 -14.62
C LEU P 49 -58.66 38.74 -14.30
N LEU P 50 -59.00 38.27 -13.11
CA LEU P 50 -58.69 36.88 -12.74
C LEU P 50 -59.45 35.90 -13.62
N TYR P 51 -60.71 36.20 -13.94
CA TYR P 51 -61.44 35.37 -14.88
C TYR P 51 -60.77 35.35 -16.25
N ALA P 52 -60.28 36.51 -16.70
CA ALA P 52 -59.69 36.61 -18.03
C ALA P 52 -58.47 35.72 -18.15
N ILE P 53 -57.65 35.68 -17.11
CA ILE P 53 -56.44 34.85 -17.12
C ILE P 53 -56.75 33.37 -16.89
N GLY P 54 -58.00 33.00 -16.74
CA GLY P 54 -58.36 31.61 -16.62
C GLY P 54 -58.37 31.07 -15.23
N GLU P 55 -58.05 31.89 -14.25
CA GLU P 55 -58.03 31.46 -12.86
C GLU P 55 -59.46 31.34 -12.34
N ASP P 56 -59.57 30.74 -11.16
CA ASP P 56 -60.85 30.64 -10.47
C ASP P 56 -60.85 31.65 -9.32
N PRO P 57 -61.55 32.78 -9.44
CA PRO P 57 -61.49 33.78 -8.36
C PRO P 57 -62.02 33.27 -7.02
N ASP P 58 -62.83 32.22 -7.01
CA ASP P 58 -63.41 31.71 -5.78
C ASP P 58 -62.49 30.76 -5.02
N ARG P 59 -61.35 30.39 -5.60
CA ARG P 59 -60.39 29.55 -4.89
C ARG P 59 -59.82 30.31 -3.69
N ASP P 60 -59.29 29.57 -2.73
CA ASP P 60 -58.97 30.17 -1.44
C ASP P 60 -57.79 31.11 -1.57
N GLY P 61 -56.81 30.73 -2.40
CA GLY P 61 -55.64 31.58 -2.60
C GLY P 61 -55.97 32.93 -3.21
N LEU P 62 -57.06 33.02 -3.95
CA LEU P 62 -57.43 34.25 -4.63
C LEU P 62 -58.73 34.86 -4.14
N VAL P 63 -59.35 34.31 -3.09
CA VAL P 63 -60.66 34.80 -2.67
C VAL P 63 -60.54 36.25 -2.18
N ALA P 64 -59.50 36.55 -1.41
CA ALA P 64 -59.27 37.89 -0.92
C ALA P 64 -58.37 38.71 -1.84
N THR P 65 -57.94 38.14 -2.96
CA THR P 65 -57.02 38.86 -3.84
C THR P 65 -57.65 40.13 -4.40
N PRO P 66 -58.90 40.15 -4.86
CA PRO P 66 -59.44 41.41 -5.42
C PRO P 66 -59.40 42.58 -4.45
N SER P 67 -59.70 42.35 -3.18
CA SER P 67 -59.65 43.45 -2.21
C SER P 67 -58.20 43.83 -1.91
N ARG P 68 -57.32 42.84 -1.78
CA ARG P 68 -55.93 43.11 -1.47
C ARG P 68 -55.23 43.85 -2.61
N VAL P 69 -55.56 43.53 -3.86
CA VAL P 69 -54.95 44.23 -4.97
C VAL P 69 -55.39 45.69 -4.99
N ALA P 70 -56.67 45.94 -4.72
CA ALA P 70 -57.15 47.31 -4.66
C ALA P 70 -56.47 48.09 -3.55
N ARG P 71 -56.31 47.47 -2.37
CA ARG P 71 -55.61 48.13 -1.27
C ARG P 71 -54.15 48.40 -1.62
N SER P 72 -53.50 47.44 -2.28
CA SER P 72 -52.11 47.65 -2.67
C SER P 72 -52.01 48.79 -3.67
N TYR P 73 -52.99 48.91 -4.58
CA TYR P 73 -52.97 50.01 -5.54
C TYR P 73 -53.16 51.35 -4.84
N ARG P 74 -53.89 51.37 -3.73
CA ARG P 74 -54.05 52.62 -2.99
C ARG P 74 -52.70 53.14 -2.53
N GLU P 75 -51.86 52.25 -2.01
CA GLU P 75 -50.52 52.63 -1.59
C GLU P 75 -49.60 52.79 -2.79
N MET P 76 -49.79 51.98 -3.83
CA MET P 76 -48.93 52.03 -5.01
C MET P 76 -49.11 53.32 -5.81
N PHE P 77 -50.30 53.92 -5.79
CA PHE P 77 -50.56 55.16 -6.50
C PHE P 77 -50.97 56.27 -5.55
N ALA P 78 -50.46 56.23 -4.32
CA ALA P 78 -50.79 57.27 -3.34
C ALA P 78 -50.33 58.64 -3.80
N GLY P 79 -49.31 58.70 -4.67
CA GLY P 79 -48.82 59.99 -5.15
C GLY P 79 -49.85 60.74 -5.97
N LEU P 80 -50.80 60.03 -6.58
CA LEU P 80 -51.82 60.69 -7.38
C LEU P 80 -52.77 61.53 -6.52
N TYR P 81 -52.81 61.29 -5.21
CA TYR P 81 -53.80 61.92 -4.34
C TYR P 81 -53.22 63.04 -3.49
N THR P 82 -51.89 63.13 -3.37
CA THR P 82 -51.22 64.19 -2.62
C THR P 82 -50.17 64.85 -3.50
N ASP P 83 -50.05 66.16 -3.38
CA ASP P 83 -49.04 66.90 -4.13
C ASP P 83 -47.65 66.62 -3.54
N PRO P 84 -46.72 66.03 -4.30
CA PRO P 84 -45.39 65.75 -3.73
C PRO P 84 -44.64 67.00 -3.27
N ASP P 85 -44.85 68.14 -3.92
CA ASP P 85 -44.06 69.32 -3.60
C ASP P 85 -44.37 69.87 -2.21
N SER P 86 -45.59 69.64 -1.72
CA SER P 86 -46.04 70.23 -0.46
C SER P 86 -45.43 69.58 0.78
N VAL P 87 -44.82 68.41 0.66
CA VAL P 87 -44.30 67.77 1.86
C VAL P 87 -43.06 68.48 2.41
N LEU P 88 -42.29 69.15 1.56
CA LEU P 88 -41.07 69.79 2.03
C LEU P 88 -41.37 70.86 3.07
N ASN P 89 -40.54 70.91 4.10
CA ASN P 89 -40.64 71.91 5.15
C ASN P 89 -39.50 72.92 5.00
N THR P 90 -39.58 73.98 5.79
CA THR P 90 -38.66 75.10 5.73
C THR P 90 -37.71 75.09 6.93
N MET P 91 -36.41 75.13 6.64
CA MET P 91 -35.38 75.20 7.67
C MET P 91 -34.21 75.94 7.06
N PHE P 92 -33.33 76.46 7.90
CA PHE P 92 -32.18 77.20 7.39
C PHE P 92 -30.89 76.73 8.03
N ASP P 93 -29.86 76.56 7.19
CA ASP P 93 -28.51 76.19 7.63
C ASP P 93 -27.63 77.44 7.64
N GLU P 94 -27.34 77.94 8.84
CA GLU P 94 -26.52 79.13 8.98
C GLU P 94 -25.04 78.82 9.11
N ASP P 95 -24.67 77.57 9.35
CA ASP P 95 -23.26 77.26 9.63
C ASP P 95 -22.45 77.05 8.37
N HIS P 96 -22.96 76.26 7.43
CA HIS P 96 -22.15 75.79 6.33
C HIS P 96 -22.72 76.21 4.98
N ASP P 97 -21.87 76.12 3.97
CA ASP P 97 -22.18 76.43 2.57
C ASP P 97 -21.96 75.24 1.65
N GLU P 98 -21.79 74.04 2.21
CA GLU P 98 -21.43 72.89 1.40
C GLU P 98 -22.66 72.27 0.73
N LEU P 99 -22.39 71.29 -0.13
CA LEU P 99 -23.44 70.51 -0.78
C LEU P 99 -24.19 69.66 0.25
N VAL P 100 -25.50 69.60 0.11
CA VAL P 100 -26.32 68.66 0.88
C VAL P 100 -26.58 67.45 0.00
N LEU P 101 -26.10 66.28 0.42
CA LEU P 101 -26.23 65.05 -0.34
C LEU P 101 -26.99 63.99 0.44
N VAL P 102 -28.01 63.41 -0.21
CA VAL P 102 -28.87 62.39 0.36
C VAL P 102 -28.83 61.20 -0.57
N LYS P 103 -28.47 60.02 -0.05
CA LYS P 103 -28.23 58.86 -0.90
C LYS P 103 -29.02 57.66 -0.40
N GLU P 104 -29.22 56.69 -1.32
CA GLU P 104 -29.92 55.44 -1.01
C GLU P 104 -31.31 55.71 -0.46
N ILE P 105 -32.00 56.68 -1.07
CA ILE P 105 -33.39 56.94 -0.75
C ILE P 105 -34.24 55.81 -1.33
N PRO P 106 -35.03 55.11 -0.52
CA PRO P 106 -35.89 54.05 -1.08
C PRO P 106 -36.78 54.60 -2.18
N MET P 107 -36.83 53.90 -3.30
CA MET P 107 -37.59 54.36 -4.47
C MET P 107 -38.35 53.16 -5.03
N TYR P 108 -39.68 53.19 -4.92
CA TYR P 108 -40.54 52.13 -5.47
C TYR P 108 -41.58 52.77 -6.38
N SER P 109 -41.60 52.34 -7.64
CA SER P 109 -42.47 52.95 -8.64
C SER P 109 -43.08 51.86 -9.52
N THR P 110 -43.94 52.31 -10.44
CA THR P 110 -44.65 51.43 -11.34
C THR P 110 -44.53 51.97 -12.76
N CYS P 111 -44.12 51.11 -13.69
CA CYS P 111 -44.11 51.48 -15.09
C CYS P 111 -45.54 51.74 -15.57
N GLU P 112 -45.78 52.88 -16.22
CA GLU P 112 -47.12 53.21 -16.69
C GLU P 112 -47.53 52.37 -17.89
N HIS P 113 -46.56 51.80 -18.61
CA HIS P 113 -46.88 51.04 -19.81
C HIS P 113 -47.40 49.65 -19.47
N HIS P 114 -46.87 49.01 -18.43
CA HIS P 114 -47.22 47.64 -18.09
C HIS P 114 -47.77 47.46 -16.69
N LEU P 115 -47.81 48.51 -15.88
CA LEU P 115 -48.24 48.42 -14.49
C LEU P 115 -47.42 47.35 -13.75
N VAL P 116 -46.11 47.35 -14.01
CA VAL P 116 -45.16 46.44 -13.38
C VAL P 116 -44.15 47.26 -12.61
N ALA P 117 -43.77 46.79 -11.42
CA ALA P 117 -42.91 47.57 -10.55
C ALA P 117 -41.50 47.65 -11.10
N PHE P 118 -40.89 48.82 -10.93
CA PHE P 118 -39.44 48.99 -11.03
C PHE P 118 -38.98 49.72 -9.77
N HIS P 119 -37.96 49.16 -9.11
CA HIS P 119 -37.59 49.61 -7.77
C HIS P 119 -36.09 49.76 -7.66
N GLY P 120 -35.66 50.71 -6.83
CA GLY P 120 -34.25 50.95 -6.62
C GLY P 120 -34.00 52.03 -5.58
N VAL P 121 -33.07 52.94 -5.87
CA VAL P 121 -32.74 54.03 -4.96
C VAL P 121 -32.65 55.34 -5.73
N ALA P 122 -32.74 56.44 -4.99
CA ALA P 122 -32.57 57.78 -5.54
C ALA P 122 -31.50 58.52 -4.74
N HIS P 123 -30.80 59.42 -5.42
CA HIS P 123 -29.75 60.21 -4.79
C HIS P 123 -30.01 61.67 -5.14
N VAL P 124 -30.17 62.51 -4.12
CA VAL P 124 -30.52 63.91 -4.32
C VAL P 124 -29.44 64.77 -3.68
N GLY P 125 -28.89 65.69 -4.46
CA GLY P 125 -27.95 66.64 -3.94
C GLY P 125 -28.32 68.06 -4.35
N TYR P 126 -28.39 68.98 -3.39
CA TYR P 126 -28.73 70.36 -3.68
C TYR P 126 -27.76 71.26 -2.94
N ILE P 127 -27.46 72.40 -3.56
CA ILE P 127 -26.60 73.43 -2.97
C ILE P 127 -27.52 74.52 -2.42
N PRO P 128 -27.58 74.74 -1.11
CA PRO P 128 -28.47 75.79 -0.59
C PRO P 128 -28.12 77.16 -1.15
N GLY P 129 -29.13 78.00 -1.28
CA GLY P 129 -28.93 79.35 -1.76
C GLY P 129 -28.30 80.24 -0.72
N ASP P 130 -28.24 81.53 -1.06
CA ASP P 130 -27.65 82.52 -0.16
C ASP P 130 -28.41 82.59 1.15
N ASP P 131 -29.74 82.54 1.09
CA ASP P 131 -30.56 82.52 2.29
C ASP P 131 -30.39 81.25 3.12
N GLY P 132 -29.75 80.23 2.56
CA GLY P 132 -29.49 79.01 3.31
C GLY P 132 -30.65 78.06 3.45
N ARG P 133 -31.69 78.20 2.64
CA ARG P 133 -32.86 77.35 2.79
C ARG P 133 -32.52 75.89 2.55
N VAL P 134 -33.02 75.04 3.44
CA VAL P 134 -32.84 73.60 3.39
C VAL P 134 -34.16 72.94 3.78
N THR P 135 -34.17 71.61 3.78
CA THR P 135 -35.35 70.84 4.13
C THR P 135 -34.91 69.54 4.77
N GLY P 136 -35.84 68.89 5.45
CA GLY P 136 -35.50 67.68 6.16
C GLY P 136 -35.20 66.52 5.22
N LEU P 137 -34.32 65.63 5.69
CA LEU P 137 -34.00 64.43 4.93
C LEU P 137 -35.23 63.56 4.73
N SER P 138 -36.04 63.39 5.79
CA SER P 138 -37.25 62.60 5.66
C SER P 138 -38.19 63.24 4.66
N LYS P 139 -38.17 64.58 4.56
CA LYS P 139 -39.07 65.26 3.63
C LYS P 139 -38.64 65.02 2.18
N ILE P 140 -37.33 65.03 1.92
CA ILE P 140 -36.85 64.67 0.58
C ILE P 140 -37.22 63.23 0.26
N ALA P 141 -37.11 62.34 1.25
CA ALA P 141 -37.49 60.95 1.03
C ALA P 141 -38.96 60.84 0.65
N ARG P 142 -39.82 61.61 1.32
CA ARG P 142 -41.23 61.57 1.02
C ARG P 142 -41.54 62.16 -0.35
N LEU P 143 -40.82 63.22 -0.75
CA LEU P 143 -41.08 63.79 -2.06
C LEU P 143 -40.77 62.77 -3.16
N VAL P 144 -39.62 62.11 -3.07
CA VAL P 144 -39.27 61.07 -4.03
C VAL P 144 -40.32 59.95 -3.99
N ASP P 145 -40.77 59.61 -2.79
CA ASP P 145 -41.74 58.55 -2.62
C ASP P 145 -43.05 58.87 -3.31
N LEU P 146 -43.54 60.10 -3.17
CA LEU P 146 -44.86 60.43 -3.70
C LEU P 146 -44.83 60.56 -5.22
N TYR P 147 -43.79 61.17 -5.77
CA TYR P 147 -43.66 61.19 -7.23
C TYR P 147 -43.48 59.77 -7.77
N ALA P 148 -42.80 58.91 -7.00
CA ALA P 148 -42.53 57.57 -7.49
C ALA P 148 -43.77 56.68 -7.45
N LYS P 149 -44.68 56.92 -6.51
CA LYS P 149 -45.85 56.06 -6.37
C LYS P 149 -46.98 56.56 -7.27
N ARG P 150 -46.69 56.53 -8.56
CA ARG P 150 -47.60 56.93 -9.62
C ARG P 150 -47.28 56.10 -10.84
N PRO P 151 -48.19 56.03 -11.82
CA PRO P 151 -47.79 55.53 -13.15
C PRO P 151 -46.69 56.41 -13.69
N GLN P 152 -45.51 55.82 -13.89
CA GLN P 152 -44.30 56.60 -14.09
C GLN P 152 -43.44 56.01 -15.20
N VAL P 153 -42.57 56.88 -15.72
CA VAL P 153 -41.40 56.51 -16.50
C VAL P 153 -40.20 57.10 -15.79
N GLN P 154 -39.11 56.32 -15.67
CA GLN P 154 -38.05 56.71 -14.76
C GLN P 154 -37.50 58.11 -15.07
N GLU P 155 -37.34 58.45 -16.35
CA GLU P 155 -36.83 59.77 -16.69
C GLU P 155 -37.78 60.88 -16.26
N ARG P 156 -39.09 60.70 -16.46
CA ARG P 156 -40.03 61.70 -16.00
C ARG P 156 -40.00 61.80 -14.47
N LEU P 157 -39.83 60.67 -13.79
CA LEU P 157 -39.73 60.68 -12.34
C LEU P 157 -38.53 61.49 -11.87
N THR P 158 -37.38 61.28 -12.50
CA THR P 158 -36.17 62.00 -12.10
C THR P 158 -36.31 63.50 -12.34
N SER P 159 -36.83 63.89 -13.50
CA SER P 159 -36.96 65.31 -13.80
C SER P 159 -37.95 65.98 -12.85
N GLN P 160 -39.03 65.29 -12.50
CA GLN P 160 -40.02 65.87 -11.61
C GLN P 160 -39.43 66.11 -10.22
N ILE P 161 -38.62 65.18 -9.73
CA ILE P 161 -37.99 65.36 -8.42
C ILE P 161 -37.07 66.58 -8.45
N ALA P 162 -36.26 66.69 -9.50
CA ALA P 162 -35.35 67.82 -9.60
C ALA P 162 -36.12 69.13 -9.70
N ASP P 163 -37.20 69.15 -10.49
CA ASP P 163 -37.97 70.37 -10.66
C ASP P 163 -38.59 70.84 -9.35
N ALA P 164 -39.11 69.89 -8.55
CA ALA P 164 -39.73 70.25 -7.28
C ALA P 164 -38.72 70.86 -6.32
N LEU P 165 -37.51 70.28 -6.26
CA LEU P 165 -36.49 70.82 -5.37
C LEU P 165 -36.10 72.23 -5.79
N MET P 166 -35.98 72.47 -7.10
CA MET P 166 -35.69 73.81 -7.59
C MET P 166 -36.77 74.78 -7.14
N LYS P 167 -38.04 74.40 -7.31
CA LYS P 167 -39.12 75.34 -7.01
C LYS P 167 -39.20 75.65 -5.51
N LYS P 168 -39.03 74.63 -4.66
CA LYS P 168 -39.35 74.81 -3.26
C LYS P 168 -38.20 75.44 -2.48
N LEU P 169 -36.96 75.02 -2.76
CA LEU P 169 -35.81 75.49 -1.99
C LEU P 169 -35.12 76.70 -2.59
N ASP P 170 -35.38 77.00 -3.86
CA ASP P 170 -34.66 78.00 -4.63
C ASP P 170 -33.15 77.85 -4.42
N PRO P 171 -32.59 76.66 -4.61
CA PRO P 171 -31.16 76.46 -4.37
C PRO P 171 -30.35 76.91 -5.57
N ARG P 172 -29.03 76.93 -5.37
CA ARG P 172 -28.13 77.24 -6.47
C ARG P 172 -28.11 76.12 -7.50
N GLY P 173 -28.19 74.87 -7.06
CA GLY P 173 -28.20 73.76 -7.99
C GLY P 173 -28.85 72.54 -7.38
N VAL P 174 -29.35 71.66 -8.27
CA VAL P 174 -29.97 70.41 -7.87
C VAL P 174 -29.53 69.31 -8.83
N ILE P 175 -29.29 68.12 -8.29
CA ILE P 175 -28.97 66.95 -9.11
C ILE P 175 -29.69 65.75 -8.52
N VAL P 176 -30.34 64.97 -9.38
CA VAL P 176 -31.11 63.80 -8.98
C VAL P 176 -30.67 62.63 -9.85
N VAL P 177 -30.39 61.49 -9.21
CA VAL P 177 -29.98 60.27 -9.91
C VAL P 177 -30.82 59.12 -9.36
N ILE P 178 -31.40 58.32 -10.24
CA ILE P 178 -32.17 57.16 -9.85
C ILE P 178 -31.52 55.93 -10.47
N GLU P 179 -31.24 54.94 -9.65
CA GLU P 179 -30.71 53.64 -10.07
C GLU P 179 -31.76 52.61 -9.72
N ALA P 180 -32.51 52.14 -10.72
CA ALA P 180 -33.65 51.28 -10.47
C ALA P 180 -33.57 50.03 -11.35
N GLU P 181 -34.18 48.96 -10.84
CA GLU P 181 -34.29 47.69 -11.56
C GLU P 181 -35.68 47.61 -12.18
N HIS P 182 -35.72 47.46 -13.50
CA HIS P 182 -36.97 47.33 -14.23
C HIS P 182 -37.24 45.86 -14.47
N LEU P 183 -38.48 45.46 -14.24
CA LEU P 183 -38.87 44.05 -14.32
C LEU P 183 -39.72 43.72 -15.53
N CYS P 184 -40.18 44.74 -16.28
CA CYS P 184 -41.07 44.49 -17.40
C CYS P 184 -40.43 43.55 -18.40
N MET P 185 -39.19 43.84 -18.80
CA MET P 185 -38.49 43.09 -19.81
C MET P 185 -37.78 41.87 -19.25
N ALA P 186 -37.36 41.91 -17.98
CA ALA P 186 -36.81 40.70 -17.36
C ALA P 186 -37.87 39.62 -17.26
N MET P 187 -39.12 39.99 -16.95
CA MET P 187 -40.21 39.03 -16.91
C MET P 187 -40.44 38.37 -18.25
N ARG P 188 -40.29 39.12 -19.34
CA ARG P 188 -40.44 38.58 -20.68
C ARG P 188 -39.13 38.04 -21.25
N GLY P 189 -38.25 37.55 -20.40
CA GLY P 189 -36.93 37.08 -20.81
C GLY P 189 -36.31 37.82 -21.96
N VAL P 190 -36.35 39.15 -21.92
CA VAL P 190 -35.70 39.98 -22.94
C VAL P 190 -34.42 40.64 -22.43
N ARG P 191 -34.31 40.92 -21.14
CA ARG P 191 -33.15 41.57 -20.58
C ARG P 191 -32.64 40.75 -19.41
N LYS P 192 -31.36 40.92 -19.11
CA LYS P 192 -30.75 40.19 -18.01
C LYS P 192 -31.37 40.63 -16.69
N PRO P 193 -31.71 39.69 -15.80
CA PRO P 193 -32.20 40.10 -14.48
C PRO P 193 -31.10 40.82 -13.71
N GLY P 194 -31.52 41.80 -12.91
CA GLY P 194 -30.61 42.57 -12.09
C GLY P 194 -30.06 43.80 -12.76
N SER P 195 -30.31 43.99 -14.04
CA SER P 195 -29.82 45.18 -14.73
C SER P 195 -30.40 46.44 -14.10
N VAL P 196 -29.58 47.48 -14.03
CA VAL P 196 -29.94 48.73 -13.37
C VAL P 196 -29.99 49.83 -14.42
N THR P 197 -31.13 50.51 -14.50
CA THR P 197 -31.27 51.69 -15.34
C THR P 197 -30.89 52.91 -14.53
N THR P 198 -30.06 53.79 -15.11
CA THR P 198 -29.61 55.01 -14.45
C THR P 198 -30.08 56.22 -15.24
N THR P 199 -30.70 57.17 -14.54
CA THR P 199 -31.17 58.42 -15.11
C THR P 199 -30.71 59.57 -14.22
N SER P 200 -30.51 60.74 -14.82
CA SER P 200 -30.02 61.90 -14.10
C SER P 200 -30.76 63.15 -14.55
N ALA P 201 -30.86 64.11 -13.63
CA ALA P 201 -31.44 65.40 -13.90
C ALA P 201 -30.61 66.45 -13.18
N VAL P 202 -30.23 67.51 -13.89
CA VAL P 202 -29.40 68.57 -13.33
C VAL P 202 -30.08 69.91 -13.56
N ARG P 203 -30.04 70.77 -12.55
CA ARG P 203 -30.73 72.05 -12.61
C ARG P 203 -29.80 73.12 -12.06
N GLY P 204 -30.00 74.35 -12.52
CA GLY P 204 -29.22 75.45 -11.98
C GLY P 204 -27.74 75.28 -12.23
N LEU P 205 -26.95 75.35 -11.15
CA LEU P 205 -25.51 75.38 -11.30
C LEU P 205 -24.98 74.10 -11.93
N PHE P 206 -25.56 72.95 -11.56
CA PHE P 206 -25.07 71.69 -12.09
C PHE P 206 -25.29 71.57 -13.60
N LYS P 207 -26.32 72.18 -14.16
CA LYS P 207 -26.49 72.11 -15.60
C LYS P 207 -25.62 73.12 -16.33
N THR P 208 -25.34 74.28 -15.71
CA THR P 208 -24.58 75.33 -16.40
C THR P 208 -23.09 75.04 -16.36
N ASN P 209 -22.62 74.36 -15.32
CA ASN P 209 -21.21 74.05 -15.13
C ASN P 209 -21.03 72.56 -15.40
N ALA P 210 -20.21 72.22 -16.39
CA ALA P 210 -19.97 70.81 -16.68
C ALA P 210 -19.03 70.17 -15.67
N ALA P 211 -18.04 70.94 -15.20
CA ALA P 211 -17.13 70.43 -14.18
C ALA P 211 -17.88 70.12 -12.89
N SER P 212 -18.77 71.02 -12.46
CA SER P 212 -19.54 70.81 -11.24
C SER P 212 -20.46 69.60 -11.38
N ARG P 213 -21.07 69.43 -12.55
CA ARG P 213 -21.92 68.26 -12.77
C ARG P 213 -21.10 66.98 -12.69
N ALA P 214 -19.90 66.98 -13.28
CA ALA P 214 -19.06 65.79 -13.27
C ALA P 214 -18.60 65.43 -11.87
N GLU P 215 -18.18 66.43 -11.09
CA GLU P 215 -17.71 66.18 -9.74
C GLU P 215 -18.83 65.65 -8.86
N ALA P 216 -20.01 66.26 -8.94
CA ALA P 216 -21.13 65.77 -8.15
C ALA P 216 -21.47 64.34 -8.53
N LEU P 217 -21.53 64.04 -9.83
CA LEU P 217 -21.86 62.68 -10.26
C LEU P 217 -20.88 61.66 -9.69
N ASP P 218 -19.59 62.00 -9.65
CA ASP P 218 -18.63 61.07 -9.07
C ASP P 218 -18.98 60.76 -7.62
N LEU P 219 -19.41 61.78 -6.85
CA LEU P 219 -19.79 61.54 -5.47
C LEU P 219 -21.02 60.65 -5.39
N ILE P 220 -21.99 60.86 -6.28
CA ILE P 220 -23.24 60.11 -6.15
C ILE P 220 -23.01 58.64 -6.52
N LEU P 221 -22.23 58.40 -7.57
CA LEU P 221 -22.07 57.02 -8.07
C LEU P 221 -21.25 56.17 -7.09
N ARG P 222 -20.19 56.73 -6.53
CA ARG P 222 -19.45 56.02 -5.49
C ARG P 222 -20.35 55.76 -4.30
N LYS P 223 -20.25 54.56 -3.73
CA LYS P 223 -21.01 54.22 -2.53
C LYS P 223 -20.07 54.01 -1.35
N VAL Q 36 18.96 66.33 45.50
CA VAL Q 36 19.35 67.49 44.70
C VAL Q 36 20.31 67.05 43.60
N PHE Q 37 20.02 67.45 42.37
CA PHE Q 37 20.85 67.08 41.23
C PHE Q 37 22.03 68.04 41.11
N ASP Q 38 23.23 67.49 41.08
CA ASP Q 38 24.47 68.26 41.01
C ASP Q 38 24.97 68.23 39.57
N GLN Q 39 24.73 69.32 38.84
CA GLN Q 39 25.12 69.36 37.44
C GLN Q 39 26.63 69.28 37.27
N GLN Q 40 27.38 70.03 38.08
CA GLN Q 40 28.83 70.05 37.92
C GLN Q 40 29.43 68.67 38.20
N ARG Q 41 28.91 67.98 39.21
CA ARG Q 41 29.40 66.63 39.51
C ARG Q 41 29.14 65.68 38.36
N ALA Q 42 27.96 65.78 37.73
CA ALA Q 42 27.66 64.93 36.60
C ALA Q 42 28.58 65.23 35.43
N GLU Q 43 28.82 66.51 35.14
CA GLU Q 43 29.66 66.86 34.00
C GLU Q 43 31.09 66.34 34.17
N ALA Q 44 31.65 66.46 35.37
CA ALA Q 44 32.99 65.94 35.59
C ALA Q 44 33.02 64.44 35.39
N ALA Q 45 32.01 63.73 35.87
CA ALA Q 45 31.96 62.28 35.70
C ALA Q 45 31.87 61.91 34.23
N VAL Q 46 31.05 62.62 33.45
CA VAL Q 46 30.87 62.27 32.04
C VAL Q 46 32.17 62.48 31.27
N ARG Q 47 32.88 63.58 31.54
CA ARG Q 47 34.15 63.81 30.85
C ARG Q 47 35.16 62.73 31.20
N GLU Q 48 35.18 62.30 32.47
CA GLU Q 48 36.05 61.19 32.86
C GLU Q 48 35.64 59.92 32.13
N LEU Q 49 34.34 59.73 31.92
CA LEU Q 49 33.86 58.56 31.20
C LEU Q 49 34.34 58.58 29.75
N LEU Q 50 34.33 59.75 29.12
CA LEU Q 50 34.78 59.85 27.74
C LEU Q 50 36.26 59.50 27.63
N TYR Q 51 37.06 59.95 28.61
CA TYR Q 51 38.47 59.57 28.64
C TYR Q 51 38.63 58.07 28.78
N ALA Q 52 37.83 57.44 29.65
CA ALA Q 52 37.99 56.02 29.93
C ALA Q 52 37.72 55.17 28.68
N ILE Q 53 36.70 55.53 27.91
CA ILE Q 53 36.33 54.73 26.73
C ILE Q 53 37.25 54.95 25.54
N GLY Q 54 38.24 55.83 25.65
CA GLY Q 54 39.18 56.05 24.58
C GLY Q 54 38.85 57.23 23.68
N GLU Q 55 37.76 57.94 23.94
CA GLU Q 55 37.39 59.08 23.13
C GLU Q 55 38.23 60.30 23.49
N ASP Q 56 38.14 61.32 22.64
CA ASP Q 56 38.78 62.61 22.90
C ASP Q 56 37.70 63.59 23.31
N PRO Q 57 37.61 63.98 24.59
CA PRO Q 57 36.52 64.88 24.99
C PRO Q 57 36.54 66.23 24.28
N ASP Q 58 37.69 66.64 23.75
CA ASP Q 58 37.82 67.95 23.14
C ASP Q 58 37.40 67.99 21.67
N ARG Q 59 37.18 66.86 21.03
CA ARG Q 59 36.72 66.89 19.64
C ARG Q 59 35.30 67.46 19.57
N ASP Q 60 34.91 67.87 18.36
CA ASP Q 60 33.72 68.70 18.21
C ASP Q 60 32.45 67.97 18.57
N GLY Q 61 32.40 66.65 18.35
CA GLY Q 61 31.19 65.92 18.65
C GLY Q 61 30.94 65.71 20.13
N LEU Q 62 31.97 65.83 20.96
CA LEU Q 62 31.85 65.50 22.37
C LEU Q 62 32.16 66.67 23.30
N VAL Q 63 32.45 67.86 22.78
CA VAL Q 63 32.82 68.95 23.68
C VAL Q 63 31.61 69.41 24.48
N ALA Q 64 30.44 69.45 23.86
CA ALA Q 64 29.20 69.80 24.55
C ALA Q 64 28.49 68.57 25.11
N THR Q 65 29.02 67.38 24.87
CA THR Q 65 28.37 66.17 25.35
C THR Q 65 28.32 66.09 26.87
N PRO Q 66 29.38 66.42 27.62
CA PRO Q 66 29.27 66.31 29.09
C PRO Q 66 28.12 67.11 29.67
N SER Q 67 27.84 68.31 29.16
CA SER Q 67 26.71 69.08 29.68
C SER Q 67 25.39 68.49 29.21
N ARG Q 68 25.33 68.03 27.95
CA ARG Q 68 24.08 67.48 27.45
C ARG Q 68 23.74 66.18 28.17
N VAL Q 69 24.74 65.38 28.51
CA VAL Q 69 24.49 64.11 29.20
C VAL Q 69 23.96 64.36 30.60
N ALA Q 70 24.51 65.35 31.30
CA ALA Q 70 24.02 65.67 32.63
C ALA Q 70 22.56 66.11 32.58
N ARG Q 71 22.21 66.97 31.62
CA ARG Q 71 20.81 67.40 31.48
C ARG Q 71 19.92 66.22 31.12
N SER Q 72 20.40 65.33 30.25
CA SER Q 72 19.60 64.17 29.87
C SER Q 72 19.34 63.29 31.08
N TYR Q 73 20.33 63.15 31.97
CA TYR Q 73 20.13 62.38 33.20
C TYR Q 73 19.15 63.08 34.15
N ARG Q 74 19.13 64.41 34.16
CA ARG Q 74 18.17 65.11 35.01
C ARG Q 74 16.74 64.78 34.62
N GLU Q 75 16.44 64.77 33.31
CA GLU Q 75 15.10 64.41 32.85
C GLU Q 75 14.88 62.91 32.87
N MET Q 76 15.94 62.12 32.62
CA MET Q 76 15.84 60.68 32.59
C MET Q 76 15.58 60.10 33.98
N PHE Q 77 16.00 60.78 35.04
CA PHE Q 77 15.74 60.38 36.41
C PHE Q 77 14.90 61.43 37.13
N ALA Q 78 14.05 62.14 36.38
CA ALA Q 78 13.20 63.17 36.98
C ALA Q 78 12.24 62.60 38.01
N GLY Q 79 11.91 61.32 37.93
CA GLY Q 79 11.00 60.72 38.89
C GLY Q 79 11.57 60.72 40.30
N LEU Q 80 12.89 60.73 40.43
CA LEU Q 80 13.51 60.74 41.75
C LEU Q 80 13.27 62.05 42.47
N TYR Q 81 12.91 63.12 41.74
CA TYR Q 81 12.77 64.45 42.30
C TYR Q 81 11.33 64.89 42.47
N THR Q 82 10.38 64.21 41.84
CA THR Q 82 8.96 64.51 42.00
C THR Q 82 8.22 63.22 42.33
N ASP Q 83 7.28 63.32 43.27
CA ASP Q 83 6.47 62.16 43.65
C ASP Q 83 5.46 61.88 42.54
N PRO Q 84 5.49 60.71 41.90
CA PRO Q 84 4.51 60.46 40.83
C PRO Q 84 3.07 60.56 41.28
N ASP Q 85 2.76 60.17 42.53
CA ASP Q 85 1.38 60.13 42.97
C ASP Q 85 0.77 61.53 43.07
N SER Q 86 1.60 62.56 43.25
CA SER Q 86 1.07 63.90 43.48
C SER Q 86 0.50 64.54 42.23
N VAL Q 87 0.81 64.01 41.05
CA VAL Q 87 0.35 64.65 39.81
C VAL Q 87 -1.15 64.43 39.61
N LEU Q 88 -1.69 63.30 40.07
CA LEU Q 88 -3.07 62.93 39.81
C LEU Q 88 -4.04 63.93 40.43
N ASN Q 89 -5.08 64.26 39.69
CA ASN Q 89 -6.12 65.18 40.15
C ASN Q 89 -7.41 64.43 40.45
N THR Q 90 -8.36 65.15 41.03
CA THR Q 90 -9.64 64.59 41.46
C THR Q 90 -10.77 65.08 40.56
N MET Q 91 -11.53 64.13 40.03
CA MET Q 91 -12.73 64.39 39.24
C MET Q 91 -13.66 63.21 39.41
N PHE Q 92 -14.93 63.41 39.07
CA PHE Q 92 -15.93 62.37 39.23
C PHE Q 92 -16.73 62.19 37.95
N ASP Q 93 -16.92 60.93 37.57
CA ASP Q 93 -17.73 60.56 36.42
C ASP Q 93 -19.11 60.18 36.95
N GLU Q 94 -20.08 61.06 36.76
CA GLU Q 94 -21.43 60.85 37.26
C GLU Q 94 -22.31 60.09 36.29
N ASP Q 95 -21.87 59.93 35.05
CA ASP Q 95 -22.72 59.29 34.04
C ASP Q 95 -22.56 57.78 34.04
N HIS Q 96 -21.32 57.30 33.97
CA HIS Q 96 -21.05 55.90 33.67
C HIS Q 96 -20.14 55.31 34.74
N ASP Q 97 -20.19 53.98 34.82
CA ASP Q 97 -19.30 53.22 35.69
C ASP Q 97 -18.48 52.20 34.92
N GLU Q 98 -18.48 52.29 33.59
CA GLU Q 98 -17.77 51.29 32.79
C GLU Q 98 -16.27 51.58 32.83
N LEU Q 99 -15.52 50.66 32.22
CA LEU Q 99 -14.08 50.74 32.27
C LEU Q 99 -13.58 52.03 31.62
N VAL Q 100 -12.62 52.66 32.29
CA VAL Q 100 -11.86 53.78 31.73
C VAL Q 100 -10.55 53.19 31.23
N LEU Q 101 -10.31 53.27 29.93
CA LEU Q 101 -9.14 52.64 29.31
C LEU Q 101 -8.27 53.70 28.66
N VAL Q 102 -6.99 53.67 29.00
CA VAL Q 102 -5.98 54.59 28.47
C VAL Q 102 -4.88 53.75 27.86
N LYS Q 103 -4.57 54.00 26.58
CA LYS Q 103 -3.66 53.14 25.85
C LYS Q 103 -2.55 53.93 25.19
N GLU Q 104 -1.46 53.23 24.87
CA GLU Q 104 -0.30 53.82 24.20
C GLU Q 104 0.23 55.02 24.98
N ILE Q 105 0.33 54.87 26.29
CA ILE Q 105 0.98 55.88 27.13
C ILE Q 105 2.48 55.79 26.86
N PRO Q 106 3.13 56.86 26.43
CA PRO Q 106 4.58 56.79 26.22
C PRO Q 106 5.27 56.35 27.51
N MET Q 107 6.20 55.39 27.38
CA MET Q 107 6.92 54.85 28.52
C MET Q 107 8.40 54.77 28.16
N TYR Q 108 9.21 55.61 28.79
CA TYR Q 108 10.65 55.61 28.59
C TYR Q 108 11.31 55.49 29.95
N SER Q 109 12.11 54.43 30.12
CA SER Q 109 12.72 54.13 31.41
C SER Q 109 14.17 53.73 31.19
N THR Q 110 14.85 53.42 32.29
CA THR Q 110 16.25 53.05 32.29
C THR Q 110 16.44 51.84 33.20
N CYS Q 111 17.10 50.80 32.68
CA CYS Q 111 17.46 49.66 33.51
C CYS Q 111 18.40 50.11 34.61
N GLU Q 112 18.08 49.74 35.85
CA GLU Q 112 18.93 50.16 36.97
C GLU Q 112 20.25 49.40 36.99
N HIS Q 113 20.31 48.24 36.33
CA HIS Q 113 21.50 47.42 36.34
C HIS Q 113 22.56 47.93 35.36
N HIS Q 114 22.15 48.46 34.20
CA HIS Q 114 23.09 48.87 33.16
C HIS Q 114 22.94 50.33 32.73
N LEU Q 115 21.99 51.08 33.29
CA LEU Q 115 21.73 52.46 32.87
C LEU Q 115 21.52 52.55 31.36
N VAL Q 116 20.78 51.59 30.83
CA VAL Q 116 20.44 51.51 29.41
C VAL Q 116 18.92 51.61 29.29
N ALA Q 117 18.46 52.33 28.29
CA ALA Q 117 17.03 52.57 28.14
C ALA Q 117 16.28 51.30 27.78
N PHE Q 118 15.07 51.15 28.33
CA PHE Q 118 14.06 50.25 27.80
C PHE Q 118 12.79 51.05 27.65
N HIS Q 119 12.20 51.02 26.45
CA HIS Q 119 11.14 51.95 26.07
C HIS Q 119 10.02 51.25 25.32
N GLY Q 120 8.81 51.76 25.49
CA GLY Q 120 7.65 51.20 24.83
C GLY Q 120 6.40 52.01 25.13
N VAL Q 121 5.31 51.33 25.46
CA VAL Q 121 4.06 51.98 25.82
C VAL Q 121 3.49 51.29 27.04
N ALA Q 122 2.57 51.98 27.71
CA ALA Q 122 1.85 51.46 28.86
C ALA Q 122 0.35 51.57 28.61
N HIS Q 123 -0.40 50.66 29.22
CA HIS Q 123 -1.86 50.63 29.10
C HIS Q 123 -2.44 50.56 30.50
N VAL Q 124 -3.30 51.50 30.84
CA VAL Q 124 -3.88 51.61 32.17
C VAL Q 124 -5.40 51.51 32.05
N GLY Q 125 -5.98 50.58 32.80
CA GLY Q 125 -7.43 50.46 32.86
C GLY Q 125 -7.91 50.37 34.29
N TYR Q 126 -8.90 51.19 34.65
CA TYR Q 126 -9.46 51.15 36.00
C TYR Q 126 -10.97 51.23 35.94
N ILE Q 127 -11.60 50.57 36.90
CA ILE Q 127 -13.06 50.58 37.05
C ILE Q 127 -13.39 51.59 38.15
N PRO Q 128 -14.07 52.69 37.86
CA PRO Q 128 -14.36 53.67 38.91
C PRO Q 128 -15.21 53.05 40.02
N GLY Q 129 -15.00 53.55 41.23
CA GLY Q 129 -15.76 53.09 42.38
C GLY Q 129 -17.17 53.62 42.38
N ASP Q 130 -17.88 53.38 43.50
CA ASP Q 130 -19.24 53.89 43.61
C ASP Q 130 -19.28 55.41 43.56
N ASP Q 131 -18.32 56.07 44.21
CA ASP Q 131 -18.27 57.52 44.15
C ASP Q 131 -17.97 58.03 42.74
N GLY Q 132 -17.51 57.15 41.85
CA GLY Q 132 -17.21 57.57 40.50
C GLY Q 132 -15.88 58.27 40.33
N ARG Q 133 -14.98 58.14 41.31
CA ARG Q 133 -13.72 58.88 41.24
C ARG Q 133 -12.94 58.48 39.99
N VAL Q 134 -12.45 59.49 39.27
CA VAL Q 134 -11.64 59.31 38.07
C VAL Q 134 -10.55 60.37 38.07
N THR Q 135 -9.71 60.32 37.04
CA THR Q 135 -8.61 61.27 36.89
C THR Q 135 -8.34 61.46 35.41
N GLY Q 136 -7.63 62.54 35.08
CA GLY Q 136 -7.38 62.85 33.70
C GLY Q 136 -6.39 61.89 33.05
N LEU Q 137 -6.56 61.72 31.74
CA LEU Q 137 -5.62 60.90 30.97
C LEU Q 137 -4.23 61.49 31.01
N SER Q 138 -4.12 62.80 30.85
CA SER Q 138 -2.82 63.44 30.92
C SER Q 138 -2.19 63.22 32.29
N LYS Q 139 -3.02 63.15 33.33
CA LYS Q 139 -2.47 62.95 34.67
C LYS Q 139 -1.94 61.53 34.83
N ILE Q 140 -2.68 60.53 34.32
CA ILE Q 140 -2.19 59.16 34.36
C ILE Q 140 -0.93 59.03 33.53
N ALA Q 141 -0.88 59.68 32.37
CA ALA Q 141 0.30 59.61 31.54
C ALA Q 141 1.52 60.16 32.27
N ARG Q 142 1.33 61.27 33.00
CA ARG Q 142 2.43 61.85 33.75
C ARG Q 142 2.83 60.95 34.91
N LEU Q 143 1.86 60.29 35.53
CA LEU Q 143 2.18 59.36 36.60
C LEU Q 143 3.05 58.22 36.09
N VAL Q 144 2.71 57.66 34.93
CA VAL Q 144 3.54 56.63 34.33
C VAL Q 144 4.93 57.17 34.02
N ASP Q 145 4.99 58.40 33.50
CA ASP Q 145 6.27 58.98 33.12
C ASP Q 145 7.19 59.13 34.32
N LEU Q 146 6.65 59.57 35.46
CA LEU Q 146 7.48 59.84 36.63
C LEU Q 146 7.98 58.55 37.27
N TYR Q 147 7.13 57.52 37.36
CA TYR Q 147 7.61 56.23 37.83
C TYR Q 147 8.64 55.64 36.86
N ALA Q 148 8.45 55.86 35.56
CA ALA Q 148 9.37 55.33 34.57
C ALA Q 148 10.70 56.07 34.55
N LYS Q 149 10.70 57.34 34.97
CA LYS Q 149 11.91 58.16 34.91
C LYS Q 149 12.75 57.91 36.16
N ARG Q 150 13.14 56.66 36.35
CA ARG Q 150 13.93 56.25 37.50
C ARG Q 150 14.76 55.04 37.10
N PRO Q 151 15.79 54.71 37.87
CA PRO Q 151 16.40 53.38 37.73
C PRO Q 151 15.36 52.31 38.05
N GLN Q 152 15.03 51.49 37.04
CA GLN Q 152 13.85 50.65 37.12
C GLN Q 152 14.12 49.25 36.61
N VAL Q 153 13.25 48.34 37.03
CA VAL Q 153 13.05 47.04 36.41
C VAL Q 153 11.58 46.96 36.02
N GLN Q 154 11.31 46.48 34.81
CA GLN Q 154 9.96 46.63 34.25
C GLN Q 154 8.90 46.02 35.17
N GLU Q 155 9.23 44.92 35.84
CA GLU Q 155 8.26 44.28 36.71
C GLU Q 155 7.86 45.21 37.85
N ARG Q 156 8.86 45.87 38.46
CA ARG Q 156 8.57 46.82 39.54
C ARG Q 156 7.74 48.00 39.03
N LEU Q 157 8.08 48.52 37.86
CA LEU Q 157 7.37 49.67 37.32
C LEU Q 157 5.89 49.37 37.13
N THR Q 158 5.56 48.19 36.61
CA THR Q 158 4.18 47.84 36.37
C THR Q 158 3.38 47.81 37.66
N SER Q 159 3.93 47.21 38.71
CA SER Q 159 3.22 47.13 39.98
C SER Q 159 3.07 48.51 40.62
N GLN Q 160 4.08 49.37 40.48
CA GLN Q 160 4.01 50.69 41.11
C GLN Q 160 2.88 51.52 40.52
N ILE Q 161 2.71 51.47 39.19
CA ILE Q 161 1.65 52.23 38.55
C ILE Q 161 0.28 51.73 39.02
N ALA Q 162 0.11 50.41 39.08
CA ALA Q 162 -1.16 49.84 39.53
C ALA Q 162 -1.43 50.21 40.98
N ASP Q 163 -0.40 50.15 41.83
CA ASP Q 163 -0.58 50.48 43.24
C ASP Q 163 -0.94 51.95 43.43
N ALA Q 164 -0.31 52.84 42.66
CA ALA Q 164 -0.61 54.26 42.80
C ALA Q 164 -2.05 54.57 42.41
N LEU Q 165 -2.53 53.96 41.32
CA LEU Q 165 -3.91 54.17 40.91
C LEU Q 165 -4.87 53.62 41.94
N MET Q 166 -4.56 52.45 42.50
CA MET Q 166 -5.40 51.87 43.55
C MET Q 166 -5.50 52.82 44.74
N LYS Q 167 -4.37 53.37 45.17
CA LYS Q 167 -4.34 54.25 46.33
C LYS Q 167 -5.12 55.54 46.09
N LYS Q 168 -4.95 56.13 44.91
CA LYS Q 168 -5.47 57.47 44.63
C LYS Q 168 -6.94 57.45 44.25
N LEU Q 169 -7.34 56.49 43.41
CA LEU Q 169 -8.67 56.47 42.83
C LEU Q 169 -9.66 55.65 43.64
N ASP Q 170 -9.18 54.82 44.55
CA ASP Q 170 -10.01 53.82 45.25
C ASP Q 170 -10.92 53.13 44.24
N PRO Q 171 -10.38 52.59 43.15
CA PRO Q 171 -11.25 51.99 42.13
C PRO Q 171 -11.64 50.56 42.51
N ARG Q 172 -12.60 50.03 41.75
CA ARG Q 172 -12.98 48.63 41.91
C ARG Q 172 -11.88 47.72 41.40
N GLY Q 173 -11.20 48.12 40.33
CA GLY Q 173 -10.13 47.32 39.78
C GLY Q 173 -9.15 48.18 39.00
N VAL Q 174 -7.94 47.65 38.85
CA VAL Q 174 -6.90 48.30 38.07
C VAL Q 174 -6.14 47.24 37.30
N ILE Q 175 -5.76 47.57 36.07
CA ILE Q 175 -4.94 46.70 35.25
C ILE Q 175 -3.89 47.56 34.55
N VAL Q 176 -2.64 47.12 34.59
CA VAL Q 176 -1.54 47.83 33.95
C VAL Q 176 -0.76 46.84 33.12
N VAL Q 177 -0.47 47.21 31.88
CA VAL Q 177 0.31 46.39 30.96
C VAL Q 177 1.38 47.27 30.34
N ILE Q 178 2.62 46.80 30.35
CA ILE Q 178 3.73 47.53 29.75
C ILE Q 178 4.34 46.64 28.67
N GLU Q 179 4.47 47.21 27.47
CA GLU Q 179 5.11 46.55 26.33
C GLU Q 179 6.34 47.38 25.97
N ALA Q 180 7.52 46.89 26.34
CA ALA Q 180 8.75 47.66 26.18
C ALA Q 180 9.83 46.81 25.51
N GLU Q 181 10.71 47.48 24.80
CA GLU Q 181 11.86 46.85 24.16
C GLU Q 181 13.06 47.04 25.07
N HIS Q 182 13.70 45.94 25.48
CA HIS Q 182 14.88 46.03 26.33
C HIS Q 182 16.12 46.00 25.45
N LEU Q 183 17.06 46.88 25.77
CA LEU Q 183 18.24 47.05 24.94
C LEU Q 183 19.51 46.53 25.60
N CYS Q 184 19.46 46.12 26.86
CA CYS Q 184 20.69 45.73 27.55
C CYS Q 184 21.38 44.57 26.84
N MET Q 185 20.64 43.49 26.56
CA MET Q 185 21.26 42.35 25.91
C MET Q 185 21.27 42.50 24.40
N ALA Q 186 20.31 43.22 23.83
CA ALA Q 186 20.36 43.50 22.39
C ALA Q 186 21.63 44.28 22.05
N MET Q 187 22.03 45.21 22.93
CA MET Q 187 23.26 45.96 22.72
C MET Q 187 24.48 45.05 22.69
N ARG Q 188 24.51 44.04 23.57
CA ARG Q 188 25.62 43.10 23.64
C ARG Q 188 25.43 41.91 22.73
N GLY Q 189 24.75 42.10 21.60
CA GLY Q 189 24.45 40.99 20.73
C GLY Q 189 24.18 39.70 21.47
N VAL Q 190 23.27 39.74 22.46
CA VAL Q 190 22.85 38.53 23.16
C VAL Q 190 21.41 38.12 22.86
N ARG Q 191 20.53 39.08 22.55
CA ARG Q 191 19.12 38.79 22.33
C ARG Q 191 18.66 39.36 20.99
N LYS Q 192 17.51 38.86 20.52
CA LYS Q 192 16.98 39.26 19.23
C LYS Q 192 16.61 40.75 19.23
N PRO Q 193 16.97 41.49 18.18
CA PRO Q 193 16.50 42.88 18.08
C PRO Q 193 15.00 42.94 17.85
N GLY Q 194 14.38 43.96 18.45
CA GLY Q 194 12.97 44.21 18.27
C GLY Q 194 12.06 43.49 19.23
N SER Q 195 12.60 42.58 20.04
CA SER Q 195 11.77 41.81 20.96
C SER Q 195 11.10 42.72 21.97
N VAL Q 196 9.85 42.38 22.31
CA VAL Q 196 9.03 43.18 23.19
C VAL Q 196 8.76 42.36 24.45
N THR Q 197 9.10 42.94 25.60
CA THR Q 197 8.77 42.38 26.89
C THR Q 197 7.41 42.89 27.34
N THR Q 198 6.55 41.98 27.80
CA THR Q 198 5.22 42.32 28.27
C THR Q 198 5.11 41.96 29.75
N THR Q 199 4.62 42.91 30.54
CA THR Q 199 4.39 42.71 31.96
C THR Q 199 2.97 43.17 32.28
N SER Q 200 2.38 42.58 33.30
CA SER Q 200 1.00 42.90 33.66
C SER Q 200 0.88 42.97 35.18
N ALA Q 201 -0.06 43.81 35.63
CA ALA Q 201 -0.40 43.91 37.02
C ALA Q 201 -1.91 44.10 37.12
N VAL Q 202 -2.55 43.31 37.96
CA VAL Q 202 -3.99 43.36 38.15
C VAL Q 202 -4.30 43.54 39.63
N ARG Q 203 -5.28 44.40 39.91
CA ARG Q 203 -5.64 44.74 41.26
C ARG Q 203 -7.16 44.70 41.38
N GLY Q 204 -7.63 44.44 42.59
CA GLY Q 204 -9.06 44.49 42.84
C GLY Q 204 -9.83 43.53 41.97
N LEU Q 205 -10.84 44.07 41.28
CA LEU Q 205 -11.80 43.23 40.57
C LEU Q 205 -11.15 42.43 39.44
N PHE Q 206 -10.20 43.02 38.73
CA PHE Q 206 -9.58 42.28 37.64
C PHE Q 206 -8.86 41.03 38.13
N LYS Q 207 -8.35 41.05 39.36
CA LYS Q 207 -7.64 39.89 39.89
C LYS Q 207 -8.63 38.84 40.40
N THR Q 208 -9.76 39.27 40.95
CA THR Q 208 -10.73 38.33 41.52
C THR Q 208 -11.65 37.74 40.46
N ASN Q 209 -11.93 38.49 39.39
CA ASN Q 209 -12.85 38.09 38.34
C ASN Q 209 -12.03 37.76 37.09
N ALA Q 210 -12.13 36.52 36.61
CA ALA Q 210 -11.40 36.15 35.41
C ALA Q 210 -12.04 36.70 34.15
N ALA Q 211 -13.37 36.78 34.12
CA ALA Q 211 -14.04 37.34 32.95
C ALA Q 211 -13.66 38.79 32.72
N SER Q 212 -13.64 39.60 33.79
CA SER Q 212 -13.27 41.01 33.62
C SER Q 212 -11.84 41.16 33.16
N ARG Q 213 -10.94 40.34 33.70
CA ARG Q 213 -9.54 40.37 33.25
C ARG Q 213 -9.45 40.01 31.77
N ALA Q 214 -10.17 38.97 31.36
CA ALA Q 214 -10.09 38.52 29.97
C ALA Q 214 -10.62 39.58 29.02
N GLU Q 215 -11.76 40.20 29.35
CA GLU Q 215 -12.33 41.21 28.47
C GLU Q 215 -11.41 42.41 28.37
N ALA Q 216 -10.96 42.93 29.52
CA ALA Q 216 -10.09 44.10 29.52
C ALA Q 216 -8.78 43.82 28.79
N LEU Q 217 -8.22 42.63 28.99
CA LEU Q 217 -6.98 42.26 28.30
C LEU Q 217 -7.21 42.26 26.79
N ASP Q 218 -8.35 41.72 26.35
CA ASP Q 218 -8.64 41.72 24.91
C ASP Q 218 -8.67 43.14 24.35
N LEU Q 219 -9.29 44.07 25.07
CA LEU Q 219 -9.33 45.45 24.56
C LEU Q 219 -7.93 46.04 24.46
N ILE Q 220 -7.06 45.73 25.43
CA ILE Q 220 -5.72 46.32 25.42
C ILE Q 220 -4.88 45.77 24.28
N LEU Q 221 -4.98 44.46 24.02
CA LEU Q 221 -4.15 43.85 22.97
C LEU Q 221 -4.62 44.23 21.57
N ARG Q 222 -5.94 44.22 21.33
CA ARG Q 222 -6.44 44.68 20.05
C ARG Q 222 -6.06 46.14 19.85
N LYS Q 223 -5.64 46.48 18.63
CA LYS Q 223 -5.13 47.82 18.37
C LYS Q 223 -4.96 48.09 16.88
N ILE R 34 -8.34 87.12 28.06
CA ILE R 34 -8.79 86.32 29.19
C ILE R 34 -10.07 86.92 29.76
N ARG R 35 -10.99 86.06 30.22
CA ARG R 35 -12.35 86.47 30.58
C ARG R 35 -12.71 85.88 31.94
N VAL R 36 -13.97 86.03 32.34
CA VAL R 36 -14.39 85.66 33.69
C VAL R 36 -15.69 84.87 33.63
N PHE R 37 -15.76 83.80 34.42
CA PHE R 37 -16.95 82.97 34.51
C PHE R 37 -17.69 83.28 35.81
N ASP R 38 -19.00 83.50 35.70
CA ASP R 38 -19.85 83.79 36.85
C ASP R 38 -20.83 82.63 36.99
N GLN R 39 -20.66 81.82 38.04
CA GLN R 39 -21.52 80.66 38.23
C GLN R 39 -22.96 81.07 38.44
N GLN R 40 -23.20 82.10 39.24
CA GLN R 40 -24.57 82.50 39.58
C GLN R 40 -25.28 83.12 38.38
N ARG R 41 -24.56 83.94 37.60
CA ARG R 41 -25.19 84.52 36.41
C ARG R 41 -25.56 83.43 35.40
N ALA R 42 -24.69 82.44 35.21
CA ALA R 42 -24.98 81.36 34.29
C ALA R 42 -26.19 80.55 34.75
N GLU R 43 -26.25 80.24 36.06
CA GLU R 43 -27.38 79.46 36.57
C GLU R 43 -28.68 80.24 36.41
N ALA R 44 -28.65 81.55 36.64
CA ALA R 44 -29.82 82.38 36.41
C ALA R 44 -30.25 82.32 34.94
N ALA R 45 -29.26 82.31 34.03
CA ALA R 45 -29.56 82.18 32.62
C ALA R 45 -30.25 80.85 32.33
N VAL R 46 -29.83 79.78 33.00
CA VAL R 46 -30.44 78.47 32.79
C VAL R 46 -31.89 78.48 33.22
N ARG R 47 -32.17 79.15 34.35
CA ARG R 47 -33.54 79.24 34.84
C ARG R 47 -34.43 79.99 33.86
N GLU R 48 -33.95 81.11 33.32
CA GLU R 48 -34.76 81.86 32.35
C GLU R 48 -34.96 81.08 31.05
N LEU R 49 -33.92 80.38 30.58
CA LEU R 49 -34.05 79.62 29.33
C LEU R 49 -35.09 78.52 29.47
N LEU R 50 -35.09 77.85 30.61
CA LEU R 50 -36.06 76.78 30.84
C LEU R 50 -37.49 77.32 30.91
N TYR R 51 -37.69 78.45 31.57
CA TYR R 51 -39.03 79.04 31.65
C TYR R 51 -39.56 79.43 30.29
N ALA R 52 -38.70 80.02 29.44
CA ALA R 52 -39.17 80.47 28.13
C ALA R 52 -39.60 79.28 27.27
N ILE R 53 -38.81 78.20 27.28
CA ILE R 53 -39.11 77.01 26.47
C ILE R 53 -40.17 76.12 27.10
N GLY R 54 -40.66 76.47 28.28
CA GLY R 54 -41.71 75.72 28.95
C GLY R 54 -41.23 74.74 30.00
N GLU R 55 -39.93 74.59 30.19
CA GLU R 55 -39.44 73.69 31.23
C GLU R 55 -39.58 74.38 32.60
N ASP R 56 -39.54 73.58 33.66
CA ASP R 56 -39.62 74.10 35.01
C ASP R 56 -38.29 73.93 35.74
N PRO R 57 -37.54 74.99 36.04
CA PRO R 57 -36.29 74.81 36.79
C PRO R 57 -36.50 74.20 38.16
N ASP R 58 -37.72 74.29 38.71
CA ASP R 58 -38.03 73.74 40.03
C ASP R 58 -38.33 72.26 39.96
N ARG R 59 -38.45 71.70 38.76
CA ARG R 59 -38.66 70.27 38.56
C ARG R 59 -37.44 69.50 39.03
N ASP R 60 -37.65 68.21 39.32
CA ASP R 60 -36.63 67.41 39.97
C ASP R 60 -36.36 66.14 39.16
N THR R 65 -28.03 68.47 38.88
CA THR R 65 -27.76 68.61 37.44
C THR R 65 -27.42 70.06 37.09
N PRO R 66 -28.17 71.03 37.64
CA PRO R 66 -27.85 72.44 37.31
C PRO R 66 -26.41 72.82 37.63
N SER R 67 -25.86 72.28 38.72
CA SER R 67 -24.46 72.56 39.05
C SER R 67 -23.54 71.90 38.02
N ARG R 68 -23.89 70.69 37.59
CA ARG R 68 -23.10 69.99 36.59
C ARG R 68 -23.13 70.75 35.27
N VAL R 69 -24.26 71.38 34.95
CA VAL R 69 -24.35 72.15 33.71
C VAL R 69 -23.44 73.37 33.77
N ALA R 70 -23.41 74.05 34.91
CA ALA R 70 -22.49 75.18 35.08
C ALA R 70 -21.05 74.72 34.95
N ARG R 71 -20.72 73.58 35.56
CA ARG R 71 -19.38 73.03 35.44
C ARG R 71 -19.10 72.64 33.99
N SER R 72 -20.09 72.08 33.29
CA SER R 72 -19.88 71.68 31.91
C SER R 72 -19.55 72.88 31.03
N TYR R 73 -20.20 74.02 31.26
CA TYR R 73 -19.86 75.21 30.50
C TYR R 73 -18.48 75.72 30.86
N ARG R 74 -18.07 75.59 32.13
CA ARG R 74 -16.71 75.95 32.49
C ARG R 74 -15.71 75.09 31.74
N GLU R 75 -16.00 73.79 31.59
CA GLU R 75 -15.10 72.92 30.86
C GLU R 75 -15.19 73.14 29.36
N MET R 76 -16.39 73.42 28.84
CA MET R 76 -16.54 73.65 27.41
C MET R 76 -15.88 74.95 26.97
N PHE R 77 -15.83 75.94 27.84
CA PHE R 77 -15.27 77.24 27.52
C PHE R 77 -14.06 77.52 28.39
N ALA R 78 -13.35 76.47 28.79
CA ALA R 78 -12.16 76.63 29.60
C ALA R 78 -11.10 77.44 28.88
N GLY R 79 -11.13 77.47 27.55
CA GLY R 79 -10.16 78.24 26.80
C GLY R 79 -10.29 79.74 27.02
N LEU R 80 -11.49 80.20 27.38
CA LEU R 80 -11.68 81.62 27.63
C LEU R 80 -10.98 82.08 28.90
N TYR R 81 -10.62 81.16 29.79
CA TYR R 81 -10.08 81.50 31.10
C TYR R 81 -8.58 81.30 31.20
N THR R 82 -7.98 80.62 30.24
CA THR R 82 -6.54 80.43 30.19
C THR R 82 -6.05 80.84 28.81
N ASP R 83 -4.91 81.52 28.76
CA ASP R 83 -4.33 81.89 27.48
C ASP R 83 -3.73 80.65 26.83
N PRO R 84 -4.22 80.22 25.66
CA PRO R 84 -3.65 79.00 25.05
C PRO R 84 -2.17 79.10 24.75
N ASP R 85 -1.66 80.27 24.38
CA ASP R 85 -0.27 80.38 23.94
C ASP R 85 0.70 80.14 25.09
N SER R 86 0.30 80.45 26.33
CA SER R 86 1.22 80.39 27.45
C SER R 86 1.52 78.95 27.90
N VAL R 87 0.74 77.97 27.45
CA VAL R 87 0.94 76.60 27.93
C VAL R 87 2.24 76.01 27.38
N LEU R 88 2.66 76.43 26.18
CA LEU R 88 3.83 75.84 25.55
C LEU R 88 5.09 76.12 26.36
N ASN R 89 5.95 75.11 26.45
CA ASN R 89 7.22 75.21 27.14
C ASN R 89 8.37 75.29 26.15
N THR R 90 9.56 75.57 26.68
CA THR R 90 10.76 75.79 25.87
C THR R 90 11.72 74.62 26.01
N MET R 91 12.11 74.05 24.87
CA MET R 91 13.08 72.98 24.82
C MET R 91 13.80 73.08 23.48
N PHE R 92 14.97 72.48 23.40
CA PHE R 92 15.76 72.50 22.16
C PHE R 92 16.24 71.11 21.82
N ASP R 93 16.11 70.76 20.54
CA ASP R 93 16.54 69.49 19.99
C ASP R 93 17.90 69.70 19.33
N GLU R 94 18.96 69.20 19.96
CA GLU R 94 20.30 69.35 19.42
C GLU R 94 20.66 68.24 18.43
N ASP R 95 19.85 67.18 18.35
CA ASP R 95 20.17 66.06 17.47
C ASP R 95 19.62 66.27 16.06
N HIS R 96 18.34 66.62 15.92
CA HIS R 96 17.68 66.59 14.62
C HIS R 96 17.04 67.93 14.26
N ASP R 97 16.83 68.11 12.96
CA ASP R 97 16.13 69.27 12.40
C ASP R 97 14.93 68.86 11.56
N GLU R 98 14.52 67.60 11.62
CA GLU R 98 13.45 67.06 10.78
C GLU R 98 12.08 67.39 11.34
N LEU R 99 11.06 67.06 10.55
CA LEU R 99 9.69 67.41 10.88
C LEU R 99 9.27 66.76 12.18
N VAL R 100 8.65 67.54 13.06
CA VAL R 100 8.02 67.05 14.27
C VAL R 100 6.54 66.91 13.99
N LEU R 101 6.01 65.69 14.10
CA LEU R 101 4.61 65.44 13.76
C LEU R 101 3.89 64.91 14.98
N VAL R 102 2.75 65.53 15.30
CA VAL R 102 1.91 65.17 16.42
C VAL R 102 0.52 64.91 15.86
N LYS R 103 -0.02 63.71 16.13
CA LYS R 103 -1.24 63.29 15.47
C LYS R 103 -2.27 62.82 16.48
N GLU R 104 -3.53 62.80 16.02
CA GLU R 104 -4.67 62.33 16.80
C GLU R 104 -4.79 63.09 18.11
N ILE R 105 -4.62 64.41 18.06
CA ILE R 105 -4.86 65.24 19.23
C ILE R 105 -6.36 65.33 19.51
N PRO R 106 -6.82 64.95 20.70
CA PRO R 106 -8.26 65.09 20.99
C PRO R 106 -8.70 66.53 20.79
N MET R 107 -9.84 66.69 20.13
CA MET R 107 -10.37 68.01 19.79
C MET R 107 -11.85 68.00 20.09
N TYR R 108 -12.28 68.75 21.10
CA TYR R 108 -13.68 68.90 21.44
C TYR R 108 -13.97 70.40 21.48
N SER R 109 -14.91 70.83 20.63
CA SER R 109 -15.18 72.25 20.48
C SER R 109 -16.70 72.45 20.45
N THR R 110 -17.10 73.70 20.33
CA THR R 110 -18.49 74.11 20.32
C THR R 110 -18.71 75.11 19.21
N CYS R 111 -19.74 74.86 18.39
CA CYS R 111 -20.14 75.82 17.38
C CYS R 111 -20.60 77.11 18.06
N GLU R 112 -20.08 78.25 17.60
CA GLU R 112 -20.45 79.52 18.22
C GLU R 112 -21.87 79.93 17.88
N HIS R 113 -22.42 79.43 16.77
CA HIS R 113 -23.75 79.84 16.33
C HIS R 113 -24.85 79.14 17.12
N HIS R 114 -24.64 77.87 17.47
CA HIS R 114 -25.68 77.06 18.10
C HIS R 114 -25.28 76.49 19.46
N LEU R 115 -24.04 76.70 19.90
CA LEU R 115 -23.55 76.11 21.15
C LEU R 115 -23.76 74.59 21.16
N VAL R 116 -23.46 73.96 20.02
CA VAL R 116 -23.56 72.51 19.85
C VAL R 116 -22.17 71.98 19.55
N ALA R 117 -21.84 70.82 20.11
CA ALA R 117 -20.49 70.30 19.99
C ALA R 117 -20.16 69.87 18.58
N PHE R 118 -18.92 70.14 18.15
CA PHE R 118 -18.31 69.48 17.01
C PHE R 118 -16.96 68.98 17.50
N HIS R 119 -16.69 67.69 17.29
CA HIS R 119 -15.56 67.03 17.92
C HIS R 119 -14.85 66.10 16.95
N GLY R 120 -13.55 65.95 17.15
CA GLY R 120 -12.75 65.10 16.30
C GLY R 120 -11.31 65.05 16.77
N VAL R 121 -10.38 65.19 15.83
CA VAL R 121 -8.96 65.16 16.14
C VAL R 121 -8.28 66.30 15.39
N ALA R 122 -7.09 66.64 15.87
CA ALA R 122 -6.25 67.65 15.23
C ALA R 122 -4.88 67.03 14.96
N HIS R 123 -4.23 67.50 13.90
CA HIS R 123 -2.92 67.02 13.52
C HIS R 123 -2.03 68.23 13.33
N VAL R 124 -0.91 68.28 14.05
CA VAL R 124 0.01 69.42 14.03
C VAL R 124 1.38 68.91 13.61
N GLY R 125 1.95 69.52 12.58
CA GLY R 125 3.30 69.22 12.17
C GLY R 125 4.10 70.50 12.00
N TYR R 126 5.29 70.59 12.61
CA TYR R 126 6.11 71.79 12.51
C TYR R 126 7.55 71.41 12.26
N ILE R 127 8.25 72.25 11.51
CA ILE R 127 9.67 72.10 11.20
C ILE R 127 10.47 73.01 12.12
N PRO R 128 11.31 72.48 13.01
CA PRO R 128 12.08 73.35 13.91
C PRO R 128 12.99 74.30 13.15
N GLY R 129 13.20 75.48 13.73
CA GLY R 129 14.07 76.48 13.16
C GLY R 129 15.54 76.17 13.36
N ASP R 130 16.38 77.17 13.04
CA ASP R 130 17.82 77.01 13.22
C ASP R 130 18.17 76.80 14.68
N ASP R 131 17.50 77.54 15.57
CA ASP R 131 17.75 77.38 17.00
C ASP R 131 17.33 76.01 17.52
N GLY R 132 16.55 75.26 16.75
CA GLY R 132 16.11 73.95 17.20
C GLY R 132 14.98 73.97 18.18
N ARG R 133 14.29 75.10 18.31
CA ARG R 133 13.22 75.23 19.30
C ARG R 133 12.12 74.22 19.04
N VAL R 134 11.70 73.54 20.10
CA VAL R 134 10.62 72.57 20.05
C VAL R 134 9.81 72.69 21.34
N THR R 135 8.78 71.88 21.45
CA THR R 135 7.94 71.87 22.63
C THR R 135 7.35 70.47 22.79
N GLY R 136 6.87 70.18 23.99
CA GLY R 136 6.33 68.87 24.26
C GLY R 136 5.00 68.63 23.56
N LEU R 137 4.74 67.37 23.22
CA LEU R 137 3.46 67.02 22.60
C LEU R 137 2.28 67.32 23.52
N SER R 138 2.41 67.00 24.81
CA SER R 138 1.33 67.29 25.75
C SER R 138 1.04 68.80 25.78
N LYS R 139 2.07 69.61 25.57
CA LYS R 139 1.89 71.05 25.57
C LYS R 139 1.15 71.51 24.31
N ILE R 140 1.48 70.90 23.16
CA ILE R 140 0.73 71.20 21.95
C ILE R 140 -0.72 70.75 22.11
N ALA R 141 -0.92 69.60 22.74
CA ALA R 141 -2.28 69.10 22.96
C ALA R 141 -3.09 70.07 23.81
N ARG R 142 -2.48 70.64 24.85
CA ARG R 142 -3.21 71.55 25.71
C ARG R 142 -3.57 72.84 24.95
N LEU R 143 -2.66 73.30 24.09
CA LEU R 143 -2.94 74.49 23.29
C LEU R 143 -4.11 74.25 22.35
N VAL R 144 -4.13 73.09 21.68
CA VAL R 144 -5.27 72.75 20.83
C VAL R 144 -6.54 72.68 21.65
N ASP R 145 -6.46 72.08 22.85
CA ASP R 145 -7.63 71.92 23.69
C ASP R 145 -8.20 73.26 24.12
N LEU R 146 -7.33 74.21 24.48
CA LEU R 146 -7.80 75.50 24.98
C LEU R 146 -8.38 76.34 23.85
N TYR R 147 -7.77 76.32 22.67
CA TYR R 147 -8.39 77.00 21.53
C TYR R 147 -9.70 76.32 21.14
N ALA R 148 -9.77 75.00 21.24
CA ALA R 148 -10.97 74.31 20.83
C ALA R 148 -12.10 74.49 21.83
N LYS R 149 -11.79 74.68 23.10
CA LYS R 149 -12.79 74.78 24.14
C LYS R 149 -13.28 76.22 24.29
N ARG R 150 -13.87 76.72 23.20
CA ARG R 150 -14.40 78.06 23.11
C ARG R 150 -15.56 78.04 22.13
N PRO R 151 -16.40 79.09 22.11
CA PRO R 151 -17.30 79.27 20.97
C PRO R 151 -16.47 79.44 19.69
N GLN R 152 -16.61 78.49 18.78
CA GLN R 152 -15.66 78.36 17.69
C GLN R 152 -16.34 78.10 16.36
N VAL R 153 -15.58 78.40 15.29
CA VAL R 153 -15.83 77.94 13.94
C VAL R 153 -14.59 77.19 13.50
N GLN R 154 -14.78 76.02 12.89
CA GLN R 154 -13.64 75.11 12.72
C GLN R 154 -12.48 75.75 11.97
N GLU R 155 -12.77 76.52 10.92
CA GLU R 155 -11.64 77.12 10.18
C GLU R 155 -10.88 78.13 11.04
N ARG R 156 -11.58 78.99 11.79
CA ARG R 156 -10.87 79.92 12.66
C ARG R 156 -10.06 79.17 13.70
N LEU R 157 -10.61 78.06 14.21
CA LEU R 157 -9.87 77.27 15.18
C LEU R 157 -8.57 76.75 14.60
N THR R 158 -8.62 76.23 13.36
CA THR R 158 -7.42 75.71 12.72
C THR R 158 -6.39 76.83 12.49
N SER R 159 -6.85 77.99 12.02
CA SER R 159 -5.94 79.08 11.75
C SER R 159 -5.30 79.59 13.04
N GLN R 160 -6.05 79.62 14.14
CA GLN R 160 -5.51 80.10 15.40
C GLN R 160 -4.41 79.19 15.92
N ILE R 161 -4.59 77.88 15.81
CA ILE R 161 -3.58 76.94 16.26
C ILE R 161 -2.30 77.11 15.44
N ALA R 162 -2.43 77.22 14.12
CA ALA R 162 -1.26 77.40 13.26
C ALA R 162 -0.56 78.70 13.58
N ASP R 163 -1.33 79.78 13.79
CA ASP R 163 -0.73 81.08 14.08
C ASP R 163 0.00 81.05 15.42
N ALA R 164 -0.59 80.42 16.44
CA ALA R 164 0.04 80.37 17.76
C ALA R 164 1.35 79.60 17.71
N LEU R 165 1.36 78.47 16.99
CA LEU R 165 2.58 77.68 16.89
C LEU R 165 3.68 78.46 16.17
N MET R 166 3.32 79.19 15.12
CA MET R 166 4.31 80.01 14.42
C MET R 166 4.92 81.04 15.36
N LYS R 167 4.08 81.72 16.14
CA LYS R 167 4.54 82.81 17.00
C LYS R 167 5.45 82.31 18.11
N LYS R 168 5.12 81.17 18.72
CA LYS R 168 5.80 80.76 19.94
C LYS R 168 7.07 79.98 19.63
N LEU R 169 7.03 79.11 18.62
CA LEU R 169 8.16 78.24 18.29
C LEU R 169 9.10 78.89 17.29
N ASP R 170 8.64 79.95 16.61
CA ASP R 170 9.34 80.58 15.49
C ASP R 170 9.87 79.51 14.55
N PRO R 171 9.02 78.59 14.09
CA PRO R 171 9.50 77.51 13.23
C PRO R 171 9.62 77.95 11.77
N ARG R 172 10.24 77.07 10.98
CA ARG R 172 10.31 77.32 9.54
C ARG R 172 8.93 77.17 8.90
N GLY R 173 8.14 76.20 9.37
CA GLY R 173 6.81 75.98 8.84
C GLY R 173 5.93 75.29 9.85
N VAL R 174 4.63 75.46 9.66
CA VAL R 174 3.61 74.82 10.51
C VAL R 174 2.46 74.35 9.63
N ILE R 175 1.90 73.20 9.98
CA ILE R 175 0.72 72.66 9.33
C ILE R 175 -0.23 72.10 10.39
N VAL R 176 -1.50 72.43 10.29
CA VAL R 176 -2.54 71.98 11.19
C VAL R 176 -3.71 71.48 10.37
N VAL R 177 -4.21 70.30 10.71
CA VAL R 177 -5.36 69.70 10.03
C VAL R 177 -6.32 69.22 11.11
N ILE R 178 -7.59 69.57 10.98
CA ILE R 178 -8.61 69.18 11.93
C ILE R 178 -9.66 68.36 11.18
N GLU R 179 -9.97 67.19 11.72
CA GLU R 179 -11.02 66.31 11.20
C GLU R 179 -12.07 66.17 12.29
N ALA R 180 -13.20 66.86 12.13
CA ALA R 180 -14.22 66.91 13.16
C ALA R 180 -15.59 66.60 12.57
N GLU R 181 -16.46 66.05 13.40
CA GLU R 181 -17.85 65.77 13.05
C GLU R 181 -18.74 66.87 13.61
N HIS R 182 -19.50 67.53 12.74
CA HIS R 182 -20.42 68.58 13.15
C HIS R 182 -21.81 68.00 13.34
N LEU R 183 -22.47 68.41 14.42
CA LEU R 183 -23.74 67.83 14.83
C LEU R 183 -24.92 68.76 14.65
N CYS R 184 -24.69 70.04 14.33
CA CYS R 184 -25.77 71.01 14.32
C CYS R 184 -26.89 70.62 13.36
N MET R 185 -26.55 70.30 12.11
CA MET R 185 -27.60 70.03 11.14
C MET R 185 -28.07 68.58 11.18
N ALA R 186 -27.21 67.64 11.61
CA ALA R 186 -27.67 66.28 11.82
C ALA R 186 -28.76 66.24 12.89
N MET R 187 -28.64 67.11 13.91
CA MET R 187 -29.67 67.21 14.93
C MET R 187 -31.02 67.58 14.34
N ARG R 188 -31.04 68.53 13.41
CA ARG R 188 -32.27 69.04 12.82
C ARG R 188 -32.73 68.20 11.63
N GLY R 189 -32.07 67.08 11.38
CA GLY R 189 -32.40 66.26 10.22
C GLY R 189 -32.34 67.04 8.93
N VAL R 190 -31.31 67.85 8.78
CA VAL R 190 -31.07 68.59 7.55
C VAL R 190 -29.94 67.95 6.74
N ARG R 191 -29.00 67.30 7.41
CA ARG R 191 -27.85 66.67 6.78
C ARG R 191 -27.71 65.23 7.26
N LYS R 192 -27.00 64.47 6.44
CA LYS R 192 -26.73 63.08 6.71
C LYS R 192 -25.86 62.94 7.94
N PRO R 193 -26.16 62.03 8.86
CA PRO R 193 -25.27 61.81 10.01
C PRO R 193 -23.93 61.22 9.63
N GLY R 194 -22.90 61.59 10.40
CA GLY R 194 -21.56 61.04 10.25
C GLY R 194 -20.62 61.81 9.36
N SER R 195 -21.08 62.85 8.68
CA SER R 195 -20.19 63.63 7.82
C SER R 195 -19.05 64.23 8.61
N VAL R 196 -17.86 64.23 8.00
CA VAL R 196 -16.63 64.71 8.63
C VAL R 196 -16.13 65.91 7.85
N THR R 197 -16.00 67.04 8.55
CA THR R 197 -15.41 68.25 7.97
C THR R 197 -13.92 68.28 8.26
N THR R 198 -13.12 68.57 7.22
CA THR R 198 -11.68 68.67 7.34
C THR R 198 -11.22 70.07 6.96
N THR R 199 -10.37 70.66 7.80
CA THR R 199 -9.81 71.98 7.58
C THR R 199 -8.30 71.91 7.73
N SER R 200 -7.59 72.79 7.03
CA SER R 200 -6.13 72.79 7.07
C SER R 200 -5.62 74.21 7.10
N ALA R 201 -4.45 74.38 7.71
CA ALA R 201 -3.75 75.66 7.72
C ALA R 201 -2.26 75.39 7.60
N VAL R 202 -1.61 76.10 6.67
CA VAL R 202 -0.18 75.95 6.42
C VAL R 202 0.51 77.30 6.51
N ARG R 203 1.70 77.30 7.11
CA ARG R 203 2.46 78.52 7.37
C ARG R 203 3.92 78.26 6.99
N GLY R 204 4.62 79.35 6.66
CA GLY R 204 6.05 79.22 6.39
C GLY R 204 6.35 78.32 5.21
N LEU R 205 7.21 77.33 5.44
CA LEU R 205 7.72 76.53 4.34
C LEU R 205 6.59 75.76 3.66
N PHE R 206 5.63 75.27 4.44
CA PHE R 206 4.53 74.49 3.86
C PHE R 206 3.72 75.33 2.89
N LYS R 207 3.70 76.64 3.07
CA LYS R 207 2.99 77.52 2.14
C LYS R 207 3.77 77.77 0.86
N THR R 208 5.10 77.82 0.93
CA THR R 208 5.87 78.13 -0.26
C THR R 208 6.14 76.90 -1.13
N ASN R 209 6.28 75.73 -0.53
CA ASN R 209 6.64 74.50 -1.24
C ASN R 209 5.43 73.58 -1.29
N ALA R 210 4.98 73.23 -2.50
CA ALA R 210 3.85 72.32 -2.62
C ALA R 210 4.25 70.87 -2.36
N ALA R 211 5.47 70.49 -2.75
CA ALA R 211 5.94 69.14 -2.48
C ALA R 211 6.06 68.88 -0.98
N SER R 212 6.63 69.84 -0.24
CA SER R 212 6.74 69.68 1.21
C SER R 212 5.36 69.62 1.85
N ARG R 213 4.43 70.44 1.33
CA ARG R 213 3.06 70.41 1.81
C ARG R 213 2.42 69.04 1.56
N ALA R 214 2.63 68.49 0.36
CA ALA R 214 2.01 67.22 0.02
C ALA R 214 2.52 66.08 0.90
N GLU R 215 3.83 66.03 1.12
CA GLU R 215 4.39 64.97 1.96
C GLU R 215 3.92 65.09 3.40
N ALA R 216 3.98 66.30 3.97
CA ALA R 216 3.52 66.48 5.34
C ALA R 216 2.05 66.11 5.48
N LEU R 217 1.22 66.54 4.52
CA LEU R 217 -0.19 66.19 4.55
C LEU R 217 -0.36 64.67 4.45
N ASP R 218 0.42 64.03 3.58
CA ASP R 218 0.37 62.57 3.46
C ASP R 218 0.60 61.88 4.79
N LEU R 219 1.57 62.38 5.56
CA LEU R 219 1.87 61.79 6.86
C LEU R 219 0.66 61.90 7.78
N ILE R 220 -0.07 63.02 7.71
CA ILE R 220 -1.21 63.24 8.59
C ILE R 220 -2.39 62.34 8.21
N LEU R 221 -2.65 62.17 6.92
CA LEU R 221 -3.84 61.44 6.50
C LEU R 221 -3.74 59.94 6.76
N ARG R 222 -2.54 59.38 6.67
CA ARG R 222 -2.38 57.93 6.81
C ARG R 222 -2.79 57.45 8.20
N ARG S 35 41.63 18.70 11.11
CA ARG S 35 41.82 18.37 9.70
C ARG S 35 42.30 19.60 8.91
N VAL S 36 42.96 19.35 7.78
CA VAL S 36 43.42 20.40 6.88
C VAL S 36 43.14 19.99 5.44
N PHE S 37 43.00 20.97 4.58
CA PHE S 37 42.51 20.82 3.21
C PHE S 37 43.68 20.90 2.23
N ASP S 38 43.80 19.89 1.36
CA ASP S 38 44.87 19.81 0.38
C ASP S 38 44.33 20.33 -0.95
N GLN S 39 44.70 21.56 -1.30
CA GLN S 39 44.17 22.17 -2.52
C GLN S 39 44.59 21.39 -3.76
N GLN S 40 45.90 21.14 -3.91
CA GLN S 40 46.38 20.51 -5.14
C GLN S 40 45.73 19.14 -5.33
N ARG S 41 45.54 18.40 -4.24
CA ARG S 41 44.88 17.10 -4.35
C ARG S 41 43.45 17.25 -4.86
N ALA S 42 42.72 18.23 -4.34
CA ALA S 42 41.35 18.44 -4.79
C ALA S 42 41.31 18.88 -6.25
N GLU S 43 42.20 19.79 -6.64
CA GLU S 43 42.20 20.27 -8.02
C GLU S 43 42.50 19.14 -9.00
N ALA S 44 43.48 18.29 -8.67
CA ALA S 44 43.79 17.16 -9.54
C ALA S 44 42.58 16.23 -9.65
N ALA S 45 41.87 16.00 -8.54
CA ALA S 45 40.69 15.16 -8.58
C ALA S 45 39.64 15.77 -9.49
N VAL S 46 39.50 17.10 -9.44
CA VAL S 46 38.49 17.76 -10.26
C VAL S 46 38.81 17.59 -11.74
N ARG S 47 40.08 17.69 -12.12
CA ARG S 47 40.42 17.51 -13.54
C ARG S 47 40.06 16.10 -14.00
N GLU S 48 40.34 15.09 -13.17
CA GLU S 48 39.96 13.73 -13.54
C GLU S 48 38.45 13.61 -13.68
N LEU S 49 37.71 14.29 -12.80
CA LEU S 49 36.26 14.25 -12.88
C LEU S 49 35.76 14.84 -14.19
N LEU S 50 36.37 15.94 -14.63
CA LEU S 50 35.99 16.54 -15.90
C LEU S 50 36.30 15.61 -17.07
N TYR S 51 37.45 14.93 -17.03
CA TYR S 51 37.77 13.94 -18.05
C TYR S 51 36.74 12.81 -18.06
N ALA S 52 36.34 12.35 -16.87
CA ALA S 52 35.42 11.22 -16.78
C ALA S 52 34.07 11.54 -17.40
N ILE S 53 33.55 12.76 -17.15
CA ILE S 53 32.25 13.15 -17.68
C ILE S 53 32.31 13.52 -19.15
N GLY S 54 33.49 13.47 -19.77
CA GLY S 54 33.62 13.72 -21.19
C GLY S 54 34.00 15.12 -21.60
N GLU S 55 34.19 16.03 -20.65
CA GLU S 55 34.55 17.40 -20.99
C GLU S 55 36.04 17.48 -21.34
N ASP S 56 36.41 18.64 -21.89
CA ASP S 56 37.80 18.98 -22.18
C ASP S 56 38.28 19.97 -21.13
N PRO S 57 39.10 19.55 -20.15
CA PRO S 57 39.52 20.51 -19.11
C PRO S 57 40.32 21.68 -19.65
N ASP S 58 40.91 21.55 -20.83
CA ASP S 58 41.77 22.61 -21.36
C ASP S 58 41.00 23.71 -22.07
N ARG S 59 39.70 23.53 -22.34
CA ARG S 59 38.94 24.61 -22.97
C ARG S 59 38.82 25.80 -22.02
N ASP S 60 38.55 26.97 -22.59
CA ASP S 60 38.71 28.20 -21.82
C ASP S 60 37.67 28.32 -20.71
N GLY S 61 36.51 27.70 -20.87
CA GLY S 61 35.52 27.75 -19.81
C GLY S 61 35.85 26.90 -18.61
N LEU S 62 36.72 25.90 -18.77
CA LEU S 62 37.01 24.96 -17.71
C LEU S 62 38.44 25.02 -17.21
N VAL S 63 39.28 25.91 -17.76
CA VAL S 63 40.68 25.92 -17.36
C VAL S 63 40.79 26.20 -15.87
N ALA S 64 40.00 27.14 -15.37
CA ALA S 64 40.06 27.56 -13.98
C ALA S 64 39.13 26.77 -13.07
N THR S 65 38.31 25.88 -13.62
CA THR S 65 37.31 25.20 -12.80
C THR S 65 37.95 24.38 -11.69
N PRO S 66 39.00 23.59 -11.93
CA PRO S 66 39.57 22.81 -10.81
C PRO S 66 40.00 23.67 -9.63
N SER S 67 40.58 24.85 -9.87
CA SER S 67 40.98 25.70 -8.76
C SER S 67 39.76 26.33 -8.07
N ARG S 68 38.77 26.74 -8.86
CA ARG S 68 37.58 27.35 -8.27
C ARG S 68 36.78 26.33 -7.47
N VAL S 69 36.71 25.09 -7.95
CA VAL S 69 35.98 24.05 -7.23
C VAL S 69 36.69 23.70 -5.93
N ALA S 70 38.02 23.62 -5.97
CA ALA S 70 38.78 23.35 -4.75
C ALA S 70 38.58 24.48 -3.74
N ARG S 71 38.57 25.73 -4.22
CA ARG S 71 38.30 26.85 -3.34
C ARG S 71 36.89 26.76 -2.78
N SER S 72 35.93 26.34 -3.62
CA SER S 72 34.56 26.20 -3.16
C SER S 72 34.44 25.11 -2.10
N TYR S 73 35.18 24.01 -2.26
CA TYR S 73 35.07 22.94 -1.26
C TYR S 73 35.67 23.34 0.08
N ARG S 74 36.73 24.15 0.09
CA ARG S 74 37.29 24.61 1.38
C ARG S 74 36.26 25.42 2.14
N GLU S 75 35.51 26.27 1.44
CA GLU S 75 34.45 27.04 2.11
C GLU S 75 33.23 26.15 2.38
N MET S 76 32.95 25.20 1.50
CA MET S 76 31.79 24.34 1.69
C MET S 76 31.97 23.41 2.88
N PHE S 77 33.21 23.03 3.18
CA PHE S 77 33.54 22.14 4.29
C PHE S 77 34.43 22.82 5.31
N ALA S 78 34.28 24.14 5.47
CA ALA S 78 35.12 24.88 6.40
C ALA S 78 34.99 24.39 7.83
N GLY S 79 33.86 23.75 8.17
CA GLY S 79 33.67 23.26 9.53
C GLY S 79 34.65 22.17 9.93
N LEU S 80 35.16 21.41 8.96
CA LEU S 80 36.11 20.35 9.27
C LEU S 80 37.45 20.91 9.74
N TYR S 81 37.72 22.18 9.48
CA TYR S 81 39.04 22.76 9.70
C TYR S 81 39.13 23.63 10.94
N THR S 82 37.99 24.03 11.50
CA THR S 82 37.94 24.80 12.74
C THR S 82 36.98 24.11 13.69
N ASP S 83 37.33 24.07 14.97
CA ASP S 83 36.47 23.42 15.95
C ASP S 83 35.23 24.27 16.17
N PRO S 84 34.02 23.76 15.87
CA PRO S 84 32.82 24.60 16.06
C PRO S 84 32.59 25.01 17.50
N ASP S 85 32.96 24.19 18.48
CA ASP S 85 32.62 24.50 19.87
C ASP S 85 33.43 25.68 20.40
N SER S 86 34.62 25.91 19.85
CA SER S 86 35.51 26.93 20.39
C SER S 86 35.06 28.37 20.08
N VAL S 87 34.13 28.57 19.15
CA VAL S 87 33.75 29.93 18.82
C VAL S 87 32.94 30.60 19.93
N LEU S 88 32.16 29.84 20.70
CA LEU S 88 31.28 30.46 21.69
C LEU S 88 32.10 31.22 22.73
N ASN S 89 31.61 32.40 23.10
CA ASN S 89 32.25 33.28 24.08
C ASN S 89 31.46 33.28 25.38
N THR S 90 32.02 33.95 26.38
CA THR S 90 31.47 33.98 27.72
C THR S 90 30.85 35.34 27.99
N MET S 91 29.57 35.35 28.37
CA MET S 91 28.84 36.54 28.77
C MET S 91 27.78 36.09 29.77
N PHE S 92 27.31 37.04 30.58
CA PHE S 92 26.37 36.73 31.65
C PHE S 92 25.19 37.69 31.57
N ASP S 93 23.99 37.15 31.74
CA ASP S 93 22.75 37.93 31.76
C ASP S 93 22.32 38.20 33.20
N GLU S 94 22.45 39.46 33.62
CA GLU S 94 22.13 39.87 34.98
C GLU S 94 20.69 40.34 35.14
N ASP S 95 19.98 40.64 34.05
CA ASP S 95 18.63 41.19 34.15
C ASP S 95 17.54 40.12 34.18
N HIS S 96 17.58 39.19 33.21
CA HIS S 96 16.47 38.29 32.95
C HIS S 96 16.95 36.84 32.96
N ASP S 97 16.03 35.91 33.17
CA ASP S 97 16.36 34.49 33.13
C ASP S 97 15.52 33.72 32.12
N GLU S 98 14.79 34.41 31.25
CA GLU S 98 13.88 33.77 30.30
C GLU S 98 14.62 33.26 29.06
N LEU S 99 13.83 32.69 28.15
CA LEU S 99 14.38 32.11 26.93
C LEU S 99 15.12 33.14 26.10
N VAL S 100 16.29 32.74 25.60
CA VAL S 100 17.01 33.45 24.55
C VAL S 100 16.74 32.71 23.26
N LEU S 101 16.10 33.37 22.30
CA LEU S 101 15.72 32.76 21.04
C LEU S 101 16.39 33.48 19.88
N VAL S 102 17.00 32.68 19.00
CA VAL S 102 17.70 33.15 17.81
C VAL S 102 17.02 32.50 16.62
N LYS S 103 16.58 33.32 15.67
CA LYS S 103 15.74 32.82 14.58
C LYS S 103 16.35 33.24 13.25
N GLU S 104 15.97 32.48 12.21
CA GLU S 104 16.44 32.74 10.85
C GLU S 104 17.96 32.79 10.80
N ILE S 105 18.59 31.86 11.50
CA ILE S 105 20.04 31.73 11.49
C ILE S 105 20.41 31.14 10.12
N PRO S 106 21.24 31.79 9.32
CA PRO S 106 21.60 31.19 8.02
C PRO S 106 22.20 29.80 8.20
N MET S 107 21.72 28.86 7.39
CA MET S 107 22.17 27.47 7.46
C MET S 107 22.36 26.95 6.03
N TYR S 108 23.61 26.69 5.66
CA TYR S 108 23.94 26.10 4.36
C TYR S 108 24.80 24.86 4.62
N SER S 109 24.35 23.71 4.14
CA SER S 109 25.04 22.45 4.39
C SER S 109 25.06 21.62 3.10
N THR S 110 25.70 20.45 3.17
CA THR S 110 25.85 19.58 2.02
C THR S 110 25.50 18.16 2.40
N CYS S 111 24.62 17.53 1.62
CA CYS S 111 24.31 16.12 1.82
C CYS S 111 25.56 15.28 1.58
N GLU S 112 25.87 14.42 2.54
CA GLU S 112 27.07 13.60 2.43
C GLU S 112 26.91 12.48 1.41
N HIS S 113 25.68 12.05 1.14
CA HIS S 113 25.44 10.93 0.24
C HIS S 113 25.61 11.30 -1.22
N HIS S 114 25.23 12.52 -1.62
CA HIS S 114 25.25 12.95 -3.00
C HIS S 114 26.11 14.18 -3.26
N LEU S 115 26.71 14.77 -2.21
CA LEU S 115 27.49 15.99 -2.34
C LEU S 115 26.68 17.09 -3.03
N VAL S 116 25.41 17.19 -2.65
CA VAL S 116 24.50 18.21 -3.14
C VAL S 116 24.05 19.05 -1.96
N ALA S 117 23.96 20.36 -2.17
CA ALA S 117 23.63 21.27 -1.07
C ALA S 117 22.17 21.12 -0.66
N PHE S 118 21.93 21.25 0.65
CA PHE S 118 20.60 21.52 1.18
C PHE S 118 20.72 22.73 2.11
N HIS S 119 19.87 23.72 1.89
CA HIS S 119 20.02 25.04 2.49
C HIS S 119 18.69 25.55 3.04
N GLY S 120 18.79 26.30 4.13
CA GLY S 120 17.62 26.88 4.76
C GLY S 120 17.98 27.77 5.93
N VAL S 121 17.24 27.62 7.04
CA VAL S 121 17.50 28.39 8.24
C VAL S 121 17.45 27.45 9.45
N ALA S 122 18.03 27.92 10.55
CA ALA S 122 18.01 27.22 11.82
C ALA S 122 17.48 28.16 12.88
N HIS S 123 16.87 27.58 13.92
CA HIS S 123 16.37 28.35 15.06
C HIS S 123 16.90 27.71 16.34
N VAL S 124 17.60 28.49 17.15
CA VAL S 124 18.25 27.99 18.36
C VAL S 124 17.67 28.76 19.53
N GLY S 125 17.14 28.04 20.51
CA GLY S 125 16.65 28.65 21.72
C GLY S 125 17.17 27.94 22.95
N TYR S 126 17.72 28.70 23.90
CA TYR S 126 18.26 28.14 25.12
C TYR S 126 17.80 28.96 26.31
N ILE S 127 17.61 28.27 27.44
CA ILE S 127 17.20 28.90 28.69
C ILE S 127 18.46 29.05 29.56
N PRO S 128 18.89 30.27 29.87
CA PRO S 128 20.11 30.43 30.68
C PRO S 128 19.96 29.77 32.04
N GLY S 129 21.09 29.28 32.56
CA GLY S 129 21.10 28.65 33.86
C GLY S 129 21.00 29.66 34.99
N ASP S 130 21.19 29.16 36.20
CA ASP S 130 21.15 30.02 37.37
C ASP S 130 22.26 31.08 37.32
N ASP S 131 23.45 30.68 36.88
CA ASP S 131 24.57 31.60 36.71
C ASP S 131 24.35 32.62 35.60
N GLY S 132 23.34 32.42 34.75
CA GLY S 132 23.06 33.38 33.71
C GLY S 132 23.95 33.30 32.50
N ARG S 133 24.68 32.21 32.31
CA ARG S 133 25.60 32.11 31.19
C ARG S 133 24.83 32.21 29.87
N VAL S 134 25.34 33.05 28.97
CA VAL S 134 24.77 33.26 27.65
C VAL S 134 25.91 33.38 26.66
N THR S 135 25.56 33.59 25.39
CA THR S 135 26.57 33.77 24.34
C THR S 135 26.01 34.66 23.25
N GLY S 136 26.92 35.20 22.43
CA GLY S 136 26.53 36.15 21.41
C GLY S 136 25.76 35.49 20.27
N LEU S 137 24.90 36.29 19.63
CA LEU S 137 24.15 35.81 18.49
C LEU S 137 25.11 35.40 17.38
N SER S 138 26.11 36.24 17.13
CA SER S 138 27.10 35.93 16.10
C SER S 138 27.85 34.64 16.44
N LYS S 139 28.07 34.38 17.72
CA LYS S 139 28.80 33.17 18.09
C LYS S 139 27.96 31.92 17.84
N ILE S 140 26.66 31.98 18.12
CA ILE S 140 25.79 30.85 17.82
C ILE S 140 25.71 30.63 16.31
N ALA S 141 25.64 31.72 15.55
CA ALA S 141 25.58 31.59 14.10
C ALA S 141 26.82 30.89 13.55
N ARG S 142 28.00 31.19 14.10
CA ARG S 142 29.21 30.54 13.63
C ARG S 142 29.20 29.07 14.00
N LEU S 143 28.64 28.73 15.18
CA LEU S 143 28.55 27.33 15.57
C LEU S 143 27.68 26.56 14.59
N VAL S 144 26.52 27.12 14.25
CA VAL S 144 25.64 26.47 13.29
C VAL S 144 26.34 26.35 11.95
N ASP S 145 27.01 27.42 11.51
CA ASP S 145 27.65 27.41 10.20
C ASP S 145 28.77 26.37 10.15
N LEU S 146 29.54 26.24 11.21
CA LEU S 146 30.69 25.34 11.18
C LEU S 146 30.26 23.87 11.23
N TYR S 147 29.29 23.53 12.06
CA TYR S 147 28.76 22.18 12.01
C TYR S 147 28.04 21.92 10.68
N ALA S 148 27.39 22.94 10.13
CA ALA S 148 26.64 22.76 8.89
C ALA S 148 27.56 22.67 7.68
N LYS S 149 28.72 23.31 7.72
CA LYS S 149 29.64 23.34 6.59
C LYS S 149 30.52 22.08 6.62
N ARG S 150 29.86 20.93 6.51
CA ARG S 150 30.50 19.63 6.54
C ARG S 150 29.68 18.68 5.70
N PRO S 151 30.23 17.52 5.31
CA PRO S 151 29.38 16.45 4.81
C PRO S 151 28.40 16.02 5.89
N GLN S 152 27.11 16.25 5.64
CA GLN S 152 26.13 16.21 6.71
C GLN S 152 24.87 15.47 6.28
N VAL S 153 24.12 15.04 7.30
CA VAL S 153 22.73 14.66 7.19
C VAL S 153 21.95 15.59 8.12
N GLN S 154 20.82 16.11 7.65
CA GLN S 154 20.17 17.20 8.38
C GLN S 154 19.87 16.81 9.82
N GLU S 155 19.40 15.59 10.06
CA GLU S 155 19.07 15.18 11.42
C GLU S 155 20.31 15.11 12.30
N ARG S 156 21.43 14.61 11.75
CA ARG S 156 22.66 14.60 12.54
C ARG S 156 23.10 16.01 12.90
N LEU S 157 22.98 16.94 11.96
CA LEU S 157 23.43 18.30 12.20
C LEU S 157 22.64 18.96 13.32
N THR S 158 21.33 18.72 13.35
CA THR S 158 20.51 19.34 14.39
C THR S 158 20.91 18.84 15.77
N SER S 159 21.15 17.54 15.91
CA SER S 159 21.57 16.99 17.20
C SER S 159 22.94 17.50 17.61
N GLN S 160 23.87 17.66 16.67
CA GLN S 160 25.20 18.13 17.04
C GLN S 160 25.15 19.54 17.61
N ILE S 161 24.34 20.41 17.00
CA ILE S 161 24.22 21.78 17.49
C ILE S 161 23.64 21.79 18.89
N ALA S 162 22.59 20.99 19.13
CA ALA S 162 21.98 20.95 20.44
C ALA S 162 22.96 20.45 21.50
N ASP S 163 23.74 19.42 21.18
CA ASP S 163 24.69 18.88 22.14
C ASP S 163 25.79 19.89 22.48
N ALA S 164 26.31 20.59 21.46
CA ALA S 164 27.37 21.55 21.70
C ALA S 164 26.88 22.68 22.60
N LEU S 165 25.66 23.16 22.35
CA LEU S 165 25.11 24.24 23.18
C LEU S 165 24.94 23.79 24.63
N MET S 166 24.48 22.56 24.85
CA MET S 166 24.36 22.04 26.20
C MET S 166 25.73 22.02 26.89
N LYS S 167 26.76 21.55 26.19
CA LYS S 167 28.08 21.41 26.79
C LYS S 167 28.69 22.77 27.15
N LYS S 168 28.55 23.77 26.29
CA LYS S 168 29.27 25.01 26.49
C LYS S 168 28.54 25.96 27.44
N LEU S 169 27.22 26.05 27.31
CA LEU S 169 26.45 27.02 28.06
C LEU S 169 25.95 26.49 29.39
N ASP S 170 25.97 25.17 29.60
CA ASP S 170 25.34 24.53 30.74
C ASP S 170 23.96 25.15 30.98
N PRO S 171 23.12 25.23 29.97
CA PRO S 171 21.81 25.86 30.15
C PRO S 171 20.84 24.88 30.79
N ARG S 172 19.69 25.41 31.19
CA ARG S 172 18.64 24.52 31.67
C ARG S 172 18.04 23.71 30.52
N GLY S 173 17.87 24.33 29.35
CA GLY S 173 17.32 23.61 28.22
C GLY S 173 17.73 24.25 26.92
N VAL S 174 17.72 23.45 25.86
CA VAL S 174 18.06 23.92 24.52
C VAL S 174 17.14 23.24 23.51
N ILE S 175 16.77 23.97 22.47
CA ILE S 175 15.97 23.44 21.36
C ILE S 175 16.52 23.99 20.06
N VAL S 176 16.66 23.10 19.07
CA VAL S 176 17.22 23.47 17.77
C VAL S 176 16.27 22.94 16.70
N VAL S 177 15.94 23.80 15.73
CA VAL S 177 15.07 23.45 14.62
C VAL S 177 15.71 23.91 13.32
N ILE S 178 15.77 23.01 12.35
CA ILE S 178 16.26 23.33 11.01
C ILE S 178 15.16 23.00 10.01
N GLU S 179 14.84 23.97 9.16
CA GLU S 179 13.94 23.78 8.03
C GLU S 179 14.74 24.13 6.77
N ALA S 180 15.08 23.11 5.99
CA ALA S 180 15.96 23.26 4.84
C ALA S 180 15.34 22.65 3.60
N GLU S 181 15.78 23.16 2.45
CA GLU S 181 15.35 22.67 1.14
C GLU S 181 16.41 21.72 0.60
N HIS S 182 16.00 20.50 0.27
CA HIS S 182 16.88 19.50 -0.30
C HIS S 182 16.76 19.46 -1.82
N LEU S 183 17.91 19.38 -2.49
CA LEU S 183 17.97 19.34 -3.94
C LEU S 183 18.41 17.98 -4.48
N CYS S 184 18.77 17.03 -3.62
CA CYS S 184 19.34 15.77 -4.10
C CYS S 184 18.41 15.10 -5.11
N MET S 185 17.13 14.97 -4.76
CA MET S 185 16.20 14.24 -5.62
C MET S 185 15.67 15.12 -6.74
N ALA S 186 15.61 16.44 -6.55
CA ALA S 186 15.23 17.32 -7.65
C ALA S 186 16.26 17.24 -8.78
N MET S 187 17.55 17.16 -8.44
CA MET S 187 18.59 17.09 -9.46
C MET S 187 18.46 15.84 -10.32
N ARG S 188 18.10 14.70 -9.71
CA ARG S 188 17.92 13.45 -10.43
C ARG S 188 16.49 13.28 -10.94
N GLY S 189 15.84 14.39 -11.27
CA GLY S 189 14.44 14.38 -11.67
C GLY S 189 13.54 13.37 -10.99
N VAL S 190 13.62 13.28 -9.66
CA VAL S 190 12.74 12.41 -8.90
C VAL S 190 11.70 13.20 -8.12
N ARG S 191 12.05 14.37 -7.61
CA ARG S 191 11.12 15.15 -6.80
C ARG S 191 11.11 16.58 -7.31
N LYS S 192 10.00 17.28 -7.05
CA LYS S 192 9.92 18.69 -7.37
C LYS S 192 10.77 19.51 -6.41
N PRO S 193 11.52 20.51 -6.90
CA PRO S 193 12.23 21.41 -5.98
C PRO S 193 11.26 22.22 -5.11
N GLY S 194 11.77 22.64 -3.96
CA GLY S 194 11.01 23.42 -3.01
C GLY S 194 10.43 22.64 -1.85
N SER S 195 10.58 21.32 -1.85
CA SER S 195 10.17 20.53 -0.69
C SER S 195 11.00 20.97 0.52
N VAL S 196 10.36 21.05 1.68
CA VAL S 196 11.03 21.52 2.89
C VAL S 196 11.06 20.39 3.91
N THR S 197 12.27 20.00 4.32
CA THR S 197 12.48 19.05 5.41
C THR S 197 12.65 19.82 6.71
N THR S 198 11.96 19.38 7.76
CA THR S 198 12.06 19.99 9.08
C THR S 198 12.55 18.97 10.10
N THR S 199 13.55 19.36 10.89
CA THR S 199 14.12 18.52 11.93
C THR S 199 14.20 19.28 13.25
N SER S 200 14.14 18.54 14.36
CA SER S 200 14.16 19.14 15.68
C SER S 200 15.05 18.32 16.61
N ALA S 201 15.63 19.00 17.60
CA ALA S 201 16.42 18.38 18.65
C ALA S 201 16.13 19.09 19.96
N VAL S 202 15.89 18.33 21.02
CA VAL S 202 15.54 18.88 22.32
C VAL S 202 16.47 18.36 23.40
N ARG S 203 16.90 19.26 24.29
CA ARG S 203 17.83 18.96 25.37
C ARG S 203 17.34 19.64 26.65
N GLY S 204 17.72 19.07 27.79
CA GLY S 204 17.38 19.68 29.07
C GLY S 204 15.88 19.75 29.29
N LEU S 205 15.39 20.95 29.62
CA LEU S 205 13.98 21.07 30.01
C LEU S 205 13.08 20.72 28.84
N PHE S 206 13.49 21.11 27.63
CA PHE S 206 12.66 20.85 26.46
C PHE S 206 12.46 19.36 26.23
N LYS S 207 13.41 18.52 26.67
CA LYS S 207 13.21 17.09 26.51
C LYS S 207 12.25 16.53 27.56
N THR S 208 12.28 17.08 28.78
CA THR S 208 11.48 16.54 29.87
C THR S 208 10.05 17.09 29.93
N ASN S 209 9.85 18.33 29.51
CA ASN S 209 8.55 19.01 29.63
C ASN S 209 7.95 19.16 28.24
N ALA S 210 6.74 18.60 28.05
CA ALA S 210 6.06 18.74 26.77
C ALA S 210 5.46 20.14 26.61
N ALA S 211 4.97 20.73 27.71
CA ALA S 211 4.44 22.09 27.65
C ALA S 211 5.50 23.08 27.24
N SER S 212 6.71 22.92 27.80
CA SER S 212 7.81 23.82 27.46
C SER S 212 8.15 23.71 25.98
N ARG S 213 8.10 22.49 25.44
CA ARG S 213 8.38 22.31 24.02
C ARG S 213 7.37 23.07 23.18
N ALA S 214 6.09 23.04 23.59
CA ALA S 214 5.04 23.65 22.79
C ALA S 214 5.20 25.16 22.66
N GLU S 215 5.51 25.84 23.76
CA GLU S 215 5.62 27.29 23.67
C GLU S 215 6.78 27.70 22.76
N ALA S 216 7.94 27.07 22.96
CA ALA S 216 9.11 27.42 22.16
C ALA S 216 8.88 27.17 20.68
N LEU S 217 8.23 26.04 20.35
CA LEU S 217 7.95 25.75 18.95
C LEU S 217 7.06 26.81 18.33
N ASP S 218 6.03 27.26 19.07
CA ASP S 218 5.16 28.31 18.57
C ASP S 218 5.94 29.58 18.27
N LEU S 219 6.87 29.93 19.17
CA LEU S 219 7.68 31.13 18.95
C LEU S 219 8.51 31.02 17.69
N ILE S 220 9.05 29.82 17.42
CA ILE S 220 9.92 29.65 16.26
C ILE S 220 9.12 29.78 14.97
N LEU S 221 7.94 29.20 14.92
CA LEU S 221 7.08 29.21 13.74
C LEU S 221 6.41 30.56 13.54
N ARG T 35 43.21 53.71 20.94
CA ARG T 35 42.34 53.98 22.09
C ARG T 35 42.26 52.72 22.96
N VAL T 36 42.22 52.89 24.28
CA VAL T 36 42.16 51.77 25.22
C VAL T 36 41.10 52.07 26.27
N PHE T 37 40.58 51.00 26.87
CA PHE T 37 39.50 51.08 27.84
C PHE T 37 40.05 50.89 29.26
N ASP T 38 39.67 51.78 30.16
CA ASP T 38 40.07 51.71 31.56
C ASP T 38 38.81 51.43 32.38
N GLN T 39 38.66 50.17 32.81
CA GLN T 39 37.45 49.80 33.54
C GLN T 39 37.38 50.50 34.89
N GLN T 40 38.49 50.57 35.62
CA GLN T 40 38.47 51.19 36.93
C GLN T 40 38.12 52.68 36.84
N ARG T 41 38.66 53.36 35.83
CA ARG T 41 38.34 54.77 35.64
C ARG T 41 36.86 54.96 35.31
N ALA T 42 36.31 54.07 34.49
CA ALA T 42 34.89 54.16 34.15
C ALA T 42 34.01 53.92 35.37
N GLU T 43 34.37 52.92 36.20
CA GLU T 43 33.55 52.63 37.37
C GLU T 43 33.51 53.83 38.31
N ALA T 44 34.64 54.49 38.51
CA ALA T 44 34.66 55.67 39.37
C ALA T 44 33.76 56.77 38.80
N ALA T 45 33.79 56.96 37.48
CA ALA T 45 32.93 57.96 36.87
C ALA T 45 31.45 57.62 37.04
N VAL T 46 31.09 56.35 36.92
CA VAL T 46 29.69 55.95 37.04
C VAL T 46 29.19 56.18 38.46
N ARG T 47 30.04 55.87 39.45
CA ARG T 47 29.66 56.12 40.84
C ARG T 47 29.44 57.60 41.10
N GLU T 48 30.32 58.46 40.55
CA GLU T 48 30.14 59.91 40.70
C GLU T 48 28.85 60.36 40.05
N LEU T 49 28.49 59.78 38.91
CA LEU T 49 27.25 60.15 38.23
C LEU T 49 26.04 59.75 39.07
N LEU T 50 26.09 58.59 39.73
CA LEU T 50 24.97 58.18 40.57
C LEU T 50 24.80 59.13 41.75
N TYR T 51 25.90 59.58 42.36
CA TYR T 51 25.80 60.59 43.41
C TYR T 51 25.17 61.87 42.87
N ALA T 52 25.53 62.24 41.64
CA ALA T 52 25.03 63.49 41.06
C ALA T 52 23.52 63.45 40.89
N ILE T 53 22.97 62.31 40.47
CA ILE T 53 21.52 62.23 40.28
C ILE T 53 20.78 62.03 41.60
N GLY T 54 21.49 61.92 42.72
CA GLY T 54 20.87 61.79 44.01
C GLY T 54 20.70 60.39 44.53
N GLU T 55 21.10 59.38 43.76
CA GLU T 55 20.98 58.01 44.22
C GLU T 55 22.09 57.69 45.22
N ASP T 56 21.93 56.55 45.91
CA ASP T 56 22.95 56.04 46.80
C ASP T 56 23.64 54.86 46.14
N PRO T 57 24.87 54.98 45.65
CA PRO T 57 25.50 53.82 44.99
C PRO T 57 25.68 52.65 45.93
N ASP T 58 25.66 52.87 47.24
CA ASP T 58 25.89 51.81 48.21
C ASP T 58 24.65 50.99 48.52
N ARG T 59 23.48 51.42 48.09
CA ARG T 59 22.30 50.60 48.33
C ARG T 59 22.40 49.31 47.51
N ASP T 60 21.61 48.31 47.92
CA ASP T 60 21.82 46.97 47.39
C ASP T 60 21.46 46.86 45.92
N GLY T 61 20.49 47.64 45.45
CA GLY T 61 20.08 47.58 44.07
C GLY T 61 20.97 48.32 43.10
N LEU T 62 21.98 49.02 43.58
CA LEU T 62 22.89 49.76 42.71
C LEU T 62 24.36 49.51 43.02
N VAL T 63 24.68 48.71 44.03
CA VAL T 63 26.07 48.53 44.44
C VAL T 63 26.89 47.96 43.28
N ALA T 64 26.31 47.02 42.54
CA ALA T 64 26.99 46.41 41.40
C ALA T 64 26.80 47.21 40.11
N THR T 65 25.93 48.22 40.12
CA THR T 65 25.62 48.91 38.87
C THR T 65 26.86 49.57 38.27
N PRO T 66 27.73 50.25 39.03
CA PRO T 66 28.92 50.86 38.39
C PRO T 66 29.77 49.86 37.62
N SER T 67 29.94 48.64 38.15
CA SER T 67 30.72 47.66 37.41
C SER T 67 29.95 47.18 36.19
N ARG T 68 28.63 47.01 36.33
CA ARG T 68 27.82 46.57 35.20
C ARG T 68 27.80 47.61 34.09
N VAL T 69 27.76 48.89 34.45
CA VAL T 69 27.76 49.95 33.44
C VAL T 69 29.12 50.03 32.75
N ALA T 70 30.21 49.90 33.51
CA ALA T 70 31.53 49.94 32.89
C ALA T 70 31.73 48.79 31.92
N ARG T 71 31.30 47.58 32.31
CA ARG T 71 31.39 46.44 31.39
C ARG T 71 30.50 46.63 30.18
N SER T 72 29.31 47.20 30.37
CA SER T 72 28.42 47.44 29.24
C SER T 72 29.04 48.42 28.26
N TYR T 73 29.76 49.43 28.76
CA TYR T 73 30.43 50.39 27.89
C TYR T 73 31.51 49.73 27.06
N ARG T 74 32.13 48.68 27.59
CA ARG T 74 33.12 47.93 26.82
C ARG T 74 32.49 47.34 25.57
N GLU T 75 31.26 46.82 25.70
CA GLU T 75 30.56 46.27 24.55
C GLU T 75 29.96 47.35 23.66
N MET T 76 29.49 48.44 24.25
CA MET T 76 28.83 49.50 23.50
C MET T 76 29.80 50.29 22.62
N PHE T 77 31.06 50.37 23.02
CA PHE T 77 32.07 51.12 22.27
C PHE T 77 33.18 50.20 21.76
N ALA T 78 32.85 48.94 21.48
CA ALA T 78 33.85 48.00 21.00
C ALA T 78 34.44 48.43 19.66
N GLY T 79 33.70 49.22 18.88
CA GLY T 79 34.20 49.67 17.60
C GLY T 79 35.42 50.56 17.71
N LEU T 80 35.55 51.27 18.84
CA LEU T 80 36.70 52.14 19.02
C LEU T 80 38.00 51.36 19.22
N TYR T 81 37.93 50.09 19.58
CA TYR T 81 39.11 49.32 19.95
C TYR T 81 39.55 48.33 18.89
N THR T 82 38.70 48.05 17.90
CA THR T 82 39.06 47.17 16.79
C THR T 82 38.75 47.89 15.49
N ASP T 83 39.60 47.70 14.49
CA ASP T 83 39.40 48.34 13.19
C ASP T 83 38.22 47.70 12.47
N PRO T 84 37.14 48.44 12.18
CA PRO T 84 36.02 47.81 11.47
C PRO T 84 36.40 47.27 10.11
N ASP T 85 37.33 47.92 9.40
CA ASP T 85 37.64 47.54 8.03
C ASP T 85 38.34 46.20 7.96
N SER T 86 39.06 45.79 9.01
CA SER T 86 39.84 44.57 8.95
C SER T 86 38.98 43.32 9.00
N VAL T 87 37.70 43.43 9.36
CA VAL T 87 36.86 42.24 9.49
C VAL T 87 36.52 41.66 8.12
N LEU T 88 36.44 42.50 7.09
CA LEU T 88 36.06 42.03 5.77
C LEU T 88 37.08 41.03 5.22
N ASN T 89 36.58 39.99 4.56
CA ASN T 89 37.42 39.00 3.93
C ASN T 89 37.39 39.20 2.42
N THR T 90 38.29 38.49 1.73
CA THR T 90 38.45 38.63 0.29
C THR T 90 37.90 37.38 -0.39
N MET T 91 36.96 37.58 -1.31
CA MET T 91 36.36 36.48 -2.06
C MET T 91 35.95 37.04 -3.41
N PHE T 92 35.78 36.17 -4.40
CA PHE T 92 35.44 36.65 -5.74
C PHE T 92 34.26 35.90 -6.34
N ASP T 93 33.36 36.67 -6.96
CA ASP T 93 32.20 36.14 -7.66
C ASP T 93 32.54 36.16 -9.15
N GLU T 94 32.80 34.99 -9.71
CA GLU T 94 33.21 34.85 -11.10
C GLU T 94 32.05 34.72 -12.07
N ASP T 95 30.85 34.42 -11.57
CA ASP T 95 29.69 34.16 -12.41
C ASP T 95 28.92 35.43 -12.75
N HIS T 96 28.63 36.24 -11.74
CA HIS T 96 27.68 37.33 -11.84
C HIS T 96 28.30 38.64 -11.40
N ASP T 97 27.70 39.73 -11.92
CA ASP T 97 28.08 41.09 -11.55
C ASP T 97 26.90 41.88 -11.02
N GLU T 98 25.79 41.22 -10.66
CA GLU T 98 24.57 41.89 -10.28
C GLU T 98 24.65 42.38 -8.84
N LEU T 99 23.64 43.14 -8.43
CA LEU T 99 23.65 43.74 -7.10
C LEU T 99 23.62 42.69 -6.01
N VAL T 100 24.49 42.85 -5.01
CA VAL T 100 24.46 42.06 -3.78
C VAL T 100 23.77 42.91 -2.72
N LEU T 101 22.65 42.40 -2.18
CA LEU T 101 21.87 43.15 -1.20
C LEU T 101 21.78 42.37 0.10
N VAL T 102 22.08 43.06 1.20
CA VAL T 102 22.01 42.51 2.55
C VAL T 102 21.10 43.40 3.38
N LYS T 103 20.09 42.80 4.00
CA LYS T 103 19.04 43.58 4.64
C LYS T 103 18.82 43.14 6.09
N GLU T 104 18.21 44.05 6.86
CA GLU T 104 17.89 43.83 8.27
C GLU T 104 19.14 43.47 9.06
N ILE T 105 20.25 44.16 8.79
CA ILE T 105 21.46 44.01 9.58
C ILE T 105 21.20 44.66 10.92
N PRO T 106 21.32 43.93 12.04
CA PRO T 106 21.12 44.58 13.34
C PRO T 106 22.08 45.76 13.48
N MET T 107 21.54 46.89 13.94
CA MET T 107 22.32 48.12 14.06
C MET T 107 21.98 48.75 15.40
N TYR T 108 22.93 48.73 16.34
CA TYR T 108 22.76 49.36 17.65
C TYR T 108 23.91 50.32 17.85
N SER T 109 23.60 51.58 18.09
CA SER T 109 24.61 52.63 18.20
C SER T 109 24.24 53.52 19.38
N THR T 110 25.07 54.52 19.62
CA THR T 110 24.89 55.43 20.74
C THR T 110 25.07 56.86 20.23
N CYS T 111 24.07 57.71 20.48
CA CYS T 111 24.20 59.12 20.14
C CYS T 111 25.37 59.72 20.91
N GLU T 112 26.28 60.38 20.19
CA GLU T 112 27.45 60.96 20.86
C GLU T 112 27.08 62.20 21.66
N HIS T 113 25.95 62.86 21.33
CA HIS T 113 25.58 64.08 22.03
C HIS T 113 25.00 63.81 23.41
N HIS T 114 24.25 62.72 23.56
CA HIS T 114 23.56 62.42 24.80
C HIS T 114 23.92 61.06 25.38
N LEU T 115 24.75 60.27 24.69
CA LEU T 115 25.10 58.92 25.12
C LEU T 115 23.84 58.08 25.37
N VAL T 116 22.87 58.21 24.46
CA VAL T 116 21.62 57.46 24.52
C VAL T 116 21.51 56.61 23.26
N ALA T 117 21.00 55.39 23.42
CA ALA T 117 20.95 54.44 22.32
C ALA T 117 19.96 54.87 21.25
N PHE T 118 20.33 54.64 19.98
CA PHE T 118 19.39 54.61 18.86
C PHE T 118 19.66 53.34 18.08
N HIS T 119 18.61 52.56 17.82
CA HIS T 119 18.76 51.20 17.32
C HIS T 119 17.77 50.94 16.20
N GLY T 120 18.19 50.08 15.27
CA GLY T 120 17.36 49.72 14.14
C GLY T 120 18.03 48.67 13.27
N VAL T 121 18.00 48.89 11.94
CA VAL T 121 18.62 47.97 11.00
C VAL T 121 19.40 48.76 9.96
N ALA T 122 20.32 48.07 9.30
CA ALA T 122 21.09 48.63 8.20
C ALA T 122 20.94 47.73 6.98
N HIS T 123 20.98 48.36 5.81
CA HIS T 123 20.84 47.67 4.53
C HIS T 123 22.01 48.08 3.64
N VAL T 124 22.76 47.10 3.15
CA VAL T 124 23.95 47.35 2.36
C VAL T 124 23.77 46.68 1.00
N GLY T 125 23.94 47.46 -0.06
CA GLY T 125 23.92 46.89 -1.41
C GLY T 125 25.09 47.38 -2.22
N TYR T 126 25.85 46.47 -2.83
CA TYR T 126 26.99 46.85 -3.66
C TYR T 126 27.01 46.02 -4.93
N ILE T 127 27.48 46.64 -6.01
CA ILE T 127 27.65 45.98 -7.30
C ILE T 127 29.12 45.61 -7.43
N PRO T 128 29.48 44.32 -7.51
CA PRO T 128 30.90 43.96 -7.62
C PRO T 128 31.51 44.57 -8.88
N GLY T 129 32.78 44.89 -8.79
CA GLY T 129 33.50 45.47 -9.90
C GLY T 129 33.82 44.43 -10.97
N ASP T 130 34.64 44.85 -11.93
CA ASP T 130 35.08 43.93 -12.98
C ASP T 130 35.86 42.78 -12.36
N ASP T 131 36.68 43.07 -11.36
CA ASP T 131 37.41 42.02 -10.65
C ASP T 131 36.50 41.09 -9.90
N GLY T 132 35.25 41.48 -9.67
CA GLY T 132 34.31 40.62 -8.98
C GLY T 132 34.49 40.50 -7.49
N ARG T 133 35.24 41.40 -6.87
CA ARG T 133 35.49 41.28 -5.43
C ARG T 133 34.19 41.39 -4.66
N VAL T 134 33.99 40.46 -3.72
CA VAL T 134 32.83 40.44 -2.84
C VAL T 134 33.30 40.03 -1.45
N THR T 135 32.35 39.98 -0.51
CA THR T 135 32.64 39.62 0.86
C THR T 135 31.40 38.99 1.48
N GLY T 136 31.62 38.29 2.60
CA GLY T 136 30.54 37.57 3.24
C GLY T 136 29.52 38.50 3.87
N LEU T 137 28.28 37.99 3.96
CA LEU T 137 27.21 38.74 4.60
C LEU T 137 27.54 39.01 6.05
N SER T 138 28.05 38.00 6.75
CA SER T 138 28.41 38.14 8.16
C SER T 138 29.49 39.18 8.37
N LYS T 139 30.42 39.31 7.42
CA LYS T 139 31.48 40.32 7.57
C LYS T 139 30.94 41.72 7.34
N ILE T 140 30.00 41.90 6.39
CA ILE T 140 29.36 43.20 6.25
C ILE T 140 28.59 43.53 7.53
N ALA T 141 27.94 42.51 8.10
CA ALA T 141 27.18 42.72 9.33
C ALA T 141 28.08 43.17 10.48
N ARG T 142 29.27 42.59 10.59
CA ARG T 142 30.17 42.99 11.66
C ARG T 142 30.75 44.39 11.41
N LEU T 143 31.01 44.72 10.15
CA LEU T 143 31.48 46.07 9.82
C LEU T 143 30.45 47.12 10.23
N VAL T 144 29.17 46.87 9.93
CA VAL T 144 28.13 47.78 10.38
C VAL T 144 28.13 47.87 11.90
N ASP T 145 28.29 46.73 12.57
CA ASP T 145 28.26 46.71 14.03
C ASP T 145 29.41 47.51 14.62
N LEU T 146 30.61 47.39 14.04
CA LEU T 146 31.79 48.02 14.62
C LEU T 146 31.78 49.53 14.43
N TYR T 147 31.38 50.00 13.25
CA TYR T 147 31.19 51.43 13.08
C TYR T 147 30.04 51.93 13.95
N ALA T 148 29.02 51.10 14.15
CA ALA T 148 27.88 51.50 14.96
C ALA T 148 28.20 51.48 16.46
N LYS T 149 29.15 50.66 16.88
CA LYS T 149 29.50 50.54 18.29
C LYS T 149 30.53 51.61 18.66
N ARG T 150 30.11 52.86 18.48
CA ARG T 150 30.93 54.03 18.75
C ARG T 150 30.00 55.17 19.12
N PRO T 151 30.52 56.22 19.76
CA PRO T 151 29.77 57.48 19.82
C PRO T 151 29.54 57.98 18.40
N GLN T 152 28.28 58.02 17.99
CA GLN T 152 27.95 58.17 16.59
C GLN T 152 26.78 59.15 16.39
N VAL T 153 26.71 59.65 15.16
CA VAL T 153 25.53 60.30 14.61
C VAL T 153 25.12 59.50 13.39
N GLN T 154 23.82 59.27 13.23
CA GLN T 154 23.37 58.25 12.28
C GLN T 154 23.90 58.49 10.87
N GLU T 155 23.92 59.74 10.40
CA GLU T 155 24.40 59.97 9.05
C GLU T 155 25.89 59.67 8.91
N ARG T 156 26.71 60.07 9.90
CA ARG T 156 28.12 59.75 9.82
C ARG T 156 28.32 58.23 9.83
N LEU T 157 27.48 57.52 10.59
CA LEU T 157 27.57 56.06 10.58
C LEU T 157 27.29 55.52 9.19
N THR T 158 26.26 56.05 8.51
CA THR T 158 25.92 55.58 7.18
C THR T 158 27.05 55.83 6.19
N SER T 159 27.64 57.04 6.23
CA SER T 159 28.71 57.35 5.30
C SER T 159 29.95 56.50 5.58
N GLN T 160 30.28 56.26 6.85
CA GLN T 160 31.45 55.47 7.17
C GLN T 160 31.32 54.04 6.69
N ILE T 161 30.13 53.45 6.85
CA ILE T 161 29.92 52.09 6.36
C ILE T 161 30.10 52.05 4.84
N ALA T 162 29.49 53.02 4.14
CA ALA T 162 29.60 53.04 2.69
C ALA T 162 31.04 53.23 2.25
N ASP T 163 31.78 54.10 2.93
CA ASP T 163 33.17 54.35 2.55
C ASP T 163 34.03 53.11 2.72
N ALA T 164 33.83 52.36 3.80
CA ALA T 164 34.63 51.16 4.03
C ALA T 164 34.44 50.13 2.93
N LEU T 165 33.18 49.91 2.51
CA LEU T 165 32.91 48.98 1.42
C LEU T 165 33.54 49.46 0.12
N MET T 166 33.47 50.75 -0.16
CA MET T 166 34.13 51.27 -1.36
C MET T 166 35.63 50.99 -1.31
N LYS T 167 36.27 51.25 -0.17
CA LYS T 167 37.71 51.08 -0.09
C LYS T 167 38.11 49.61 -0.26
N LYS T 168 37.37 48.70 0.37
CA LYS T 168 37.81 47.31 0.45
C LYS T 168 37.43 46.51 -0.79
N LEU T 169 36.22 46.72 -1.31
CA LEU T 169 35.72 45.91 -2.41
C LEU T 169 36.03 46.50 -3.78
N ASP T 170 36.39 47.78 -3.84
CA ASP T 170 36.52 48.51 -5.10
C ASP T 170 35.32 48.20 -5.98
N PRO T 171 34.10 48.37 -5.48
CA PRO T 171 32.92 48.02 -6.27
C PRO T 171 32.56 49.15 -7.24
N ARG T 172 31.63 48.84 -8.13
CA ARG T 172 31.10 49.87 -9.02
C ARG T 172 30.25 50.86 -8.26
N GLY T 173 29.48 50.40 -7.28
CA GLY T 173 28.63 51.27 -6.49
C GLY T 173 28.32 50.67 -5.14
N VAL T 174 27.94 51.54 -4.20
CA VAL T 174 27.53 51.14 -2.87
C VAL T 174 26.37 51.99 -2.41
N ILE T 175 25.43 51.37 -1.70
CA ILE T 175 24.30 52.07 -1.10
C ILE T 175 24.08 51.52 0.29
N VAL T 176 23.91 52.40 1.27
CA VAL T 176 23.68 52.01 2.65
C VAL T 176 22.49 52.81 3.17
N VAL T 177 21.55 52.12 3.81
CA VAL T 177 20.37 52.75 4.39
C VAL T 177 20.21 52.26 5.82
N ILE T 178 20.04 53.18 6.75
CA ILE T 178 19.85 52.85 8.15
C ILE T 178 18.49 53.39 8.57
N GLU T 179 17.67 52.53 9.17
CA GLU T 179 16.37 52.90 9.73
C GLU T 179 16.42 52.60 11.22
N ALA T 180 16.53 53.64 12.04
CA ALA T 180 16.73 53.51 13.47
C ALA T 180 15.75 54.40 14.22
N GLU T 181 15.42 53.99 15.45
CA GLU T 181 14.55 54.74 16.31
C GLU T 181 15.43 55.54 17.28
N HIS T 182 15.24 56.85 17.32
CA HIS T 182 16.00 57.73 18.21
C HIS T 182 15.19 57.99 19.47
N LEU T 183 15.85 57.95 20.62
CA LEU T 183 15.17 58.07 21.90
C LEU T 183 15.47 59.36 22.65
N CYS T 184 16.44 60.16 22.19
CA CYS T 184 16.86 61.31 22.99
C CYS T 184 15.71 62.28 23.23
N MET T 185 15.02 62.68 22.16
CA MET T 185 13.92 63.64 22.23
C MET T 185 12.59 62.98 22.54
N ALA T 186 12.44 61.70 22.18
CA ALA T 186 11.25 60.96 22.57
C ALA T 186 11.13 60.87 24.09
N MET T 187 12.27 60.72 24.78
CA MET T 187 12.25 60.69 26.24
C MET T 187 11.67 61.97 26.82
N ARG T 188 11.93 63.11 26.20
CA ARG T 188 11.41 64.39 26.67
C ARG T 188 10.06 64.72 26.04
N GLY T 189 9.26 63.70 25.71
CA GLY T 189 8.00 63.88 25.02
C GLY T 189 7.98 65.01 24.02
N VAL T 190 8.97 65.06 23.14
CA VAL T 190 9.05 66.13 22.14
C VAL T 190 8.60 65.55 20.80
N ARG T 191 8.84 64.25 20.59
CA ARG T 191 8.48 63.58 19.35
C ARG T 191 7.68 62.34 19.71
N LYS T 192 6.86 61.87 18.78
CA LYS T 192 6.04 60.68 19.04
C LYS T 192 6.92 59.45 19.19
N PRO T 193 6.62 58.57 20.16
CA PRO T 193 7.39 57.32 20.25
C PRO T 193 7.19 56.45 19.02
N GLY T 194 8.23 55.72 18.67
CA GLY T 194 8.19 54.83 17.53
C GLY T 194 8.66 55.44 16.22
N SER T 195 8.98 56.72 16.21
CA SER T 195 9.42 57.37 14.97
C SER T 195 10.71 56.74 14.47
N VAL T 196 10.83 56.64 13.15
CA VAL T 196 11.98 56.04 12.47
C VAL T 196 12.69 57.12 11.68
N THR T 197 13.97 57.29 11.96
CA THR T 197 14.85 58.15 11.18
C THR T 197 15.50 57.28 10.11
N THR T 198 15.50 57.78 8.87
CA THR T 198 16.08 57.08 7.74
C THR T 198 17.20 57.91 7.15
N THR T 199 18.35 57.28 6.96
CA THR T 199 19.51 57.92 6.34
C THR T 199 20.04 57.01 5.24
N SER T 200 20.63 57.63 4.22
CA SER T 200 21.13 56.88 3.08
C SER T 200 22.46 57.46 2.63
N ALA T 201 23.29 56.61 2.05
CA ALA T 201 24.57 57.03 1.48
C ALA T 201 24.76 56.26 0.17
N VAL T 202 25.13 56.97 -0.88
CA VAL T 202 25.32 56.38 -2.20
C VAL T 202 26.71 56.74 -2.69
N ARG T 203 27.39 55.76 -3.30
CA ARG T 203 28.75 55.93 -3.76
C ARG T 203 28.86 55.31 -5.15
N GLY T 204 29.78 55.83 -5.95
CA GLY T 204 30.02 55.22 -7.25
C GLY T 204 28.78 55.25 -8.13
N LEU T 205 28.41 54.07 -8.63
CA LEU T 205 27.35 53.98 -9.63
C LEU T 205 26.02 54.47 -9.05
N PHE T 206 25.73 54.13 -7.79
CA PHE T 206 24.49 54.61 -7.19
C PHE T 206 24.49 56.13 -7.09
N LYS T 207 25.67 56.74 -7.01
CA LYS T 207 25.74 58.21 -6.99
C LYS T 207 25.56 58.80 -8.38
N THR T 208 26.08 58.15 -9.41
CA THR T 208 26.06 58.71 -10.75
C THR T 208 24.76 58.44 -11.50
N ASN T 209 24.12 57.30 -11.21
CA ASN T 209 22.95 56.83 -11.95
C ASN T 209 21.71 56.97 -11.07
N ALA T 210 20.72 57.74 -11.53
CA ALA T 210 19.49 57.92 -10.76
C ALA T 210 18.61 56.67 -10.82
N ALA T 211 18.62 55.97 -11.95
CA ALA T 211 17.84 54.73 -12.06
C ALA T 211 18.32 53.70 -11.04
N SER T 212 19.63 53.57 -10.88
CA SER T 212 20.16 52.59 -9.94
C SER T 212 19.73 52.92 -8.51
N ARG T 213 19.73 54.21 -8.17
CA ARG T 213 19.23 54.62 -6.85
C ARG T 213 17.77 54.28 -6.68
N ALA T 214 16.96 54.52 -7.71
CA ALA T 214 15.53 54.28 -7.58
C ALA T 214 15.24 52.80 -7.36
N GLU T 215 15.89 51.93 -8.15
CA GLU T 215 15.62 50.50 -8.03
C GLU T 215 16.12 49.97 -6.68
N ALA T 216 17.35 50.31 -6.33
CA ALA T 216 17.93 49.79 -5.09
C ALA T 216 17.14 50.27 -3.87
N LEU T 217 16.77 51.55 -3.83
CA LEU T 217 16.00 52.06 -2.71
C LEU T 217 14.66 51.35 -2.60
N ASP T 218 13.98 51.14 -3.73
CA ASP T 218 12.72 50.40 -3.71
C ASP T 218 12.92 49.00 -3.16
N LEU T 219 14.03 48.35 -3.54
CA LEU T 219 14.34 47.02 -3.05
C LEU T 219 14.53 47.02 -1.54
N ILE T 220 15.18 48.06 -1.01
CA ILE T 220 15.47 48.10 0.43
C ILE T 220 14.20 48.38 1.23
N LEU T 221 13.36 49.30 0.75
CA LEU T 221 12.17 49.67 1.51
C LEU T 221 11.10 48.58 1.48
N ARG T 222 10.85 47.98 0.32
CA ARG T 222 9.87 46.91 0.25
C ARG T 222 10.28 45.76 1.17
N LYS T 223 9.28 45.17 1.84
CA LYS T 223 9.52 44.02 2.71
C LYS T 223 9.89 42.79 1.87
ZN ZN U . -6.55 -71.09 -23.65
ZN ZN V . 42.50 -54.27 -12.53
ZN ZN W . -33.18 -39.64 -2.07
ZN ZN X . 3.77 -59.83 -36.35
ZN ZN Y . -7.02 -16.46 29.18
ZN ZN Z . -27.77 -31.27 -19.83
CL CL AA . -8.67 -27.13 -6.52
ZN ZN BA . 34.99 -36.98 29.87
CL CL CA . 49.97 -18.39 13.16
ZN ZN DA . -6.88 -5.16 12.92
ZN ZN EA . 34.34 -69.45 -2.38
ZN ZN FA . 36.92 -20.57 18.74
CL CL GA . 27.08 -35.47 3.91
ZN ZN HA . -18.81 9.91 -22.40
ZN ZN IA . 29.05 29.26 -10.36
ZN ZN JA . -47.71 39.70 -1.40
ZN ZN KA . -8.83 21.77 -35.18
ZN ZN LA . -22.96 63.22 30.84
ZN ZN MA . -42.81 48.62 -18.61
ZN ZN NA . 19.86 45.85 32.04
ZN ZN OA . -23.76 75.24 14.50
ZN ZN PA . 21.40 13.44 -0.86
ZN ZN QA . 20.97 62.43 21.03
#